data_5FIR
#
_entry.id   5FIR
#
_cell.length_a   170.210
_cell.length_b   200.770
_cell.length_c   202.990
_cell.angle_alpha   90.00
_cell.angle_beta   90.00
_cell.angle_gamma   90.00
#
_symmetry.space_group_name_H-M   'P 21 21 21'
#
loop_
_entity.id
_entity.type
_entity.pdbx_description
1 polymer "5'-3' EXORIBONUCLEASE 2 HOMOLOG"
2 polymer PAXT-1
3 non-polymer 'SULFATE ION'
4 water water
#
loop_
_entity_poly.entity_id
_entity_poly.type
_entity_poly.pdbx_seq_one_letter_code
_entity_poly.pdbx_strand_id
1 'polypeptide(L)'
;(MSE)GVPAFFRWLTKKYPATVVNANEDRQRDQDGNRVPVDCTQPNPNFQEFDNLYLD(MSE)NGIIHPCTHPEDRPAPK
NEDE(MSE)FALIFEYIDRIYSIVRPRRLLY(MSE)AIDGVAPRAK(MSE)NQQRSRRFRASKE(MSE)AEKEASIEEQR
NRL(MSE)AEGIAVPPKKKEEAHFDSNCITPGTPF(MSE)ARLADALRYYIHDRVTNDASWANIEIILSDANVPGEGEHK
I(MSE)DYVRKQRGNPAHDPNTVHCLCGADADLI(MSE)LGIATHEANFNIIREEFVQREKNFIFLRIPVLREYLEKELS
(MSE)PNLPFKFDVERALDDWVFLCFFVGNDFLPHLPSLEIREGAIDRLIKLYKE(MSE)VYQ(MSE)KGYLTKDGIPEL
DRVE(MSE)I(MSE)KGLGRVEDEIFKRRQQDEERFQENQKDDIRLYESGWKDRYYRAKFDVGSDDIEFRHRVAWAYVEG
LCWVLRYYYQGCASWDWYFPYHYAPFASDFETVGEFQPDFTRPTKPFNPLEQL(MSE)SVFPAASKQHLPVEWQKL
(MSE)IQDDSPIIDLYPADFRIDLNGKKYAWQGVALLPFVDETRLLATLQSVYPTLTAEEKQRNTRGPNRIFIGRNHKSF
EFFQQVAESKSDDLVPLDPTLLNGVSGKIAYDSTATAPGLPFVSPVNHDECQDLPTNCGICVLYEDPE
;
A,C,E,G,I,K
2 'polypeptide(L)'
;GGGRGKLEDVEAEKKLWESDDAWELRKAF(MSE)LAHYDDYPKIQLQCLSQLFINVTLLGCEYSQTL(MSE)QKIRT
(MSE)GAGIAANK
;
B,D,F,H,J,L
#
loop_
_chem_comp.id
_chem_comp.type
_chem_comp.name
_chem_comp.formula
SO4 non-polymer 'SULFATE ION' 'O4 S -2'
#
# COMPACT_ATOMS: atom_id res chain seq x y z
N PRO A 4 17.72 -17.26 -45.01
CA PRO A 4 18.31 -16.30 -45.94
C PRO A 4 17.20 -15.66 -46.74
N ALA A 5 16.10 -15.37 -46.06
CA ALA A 5 14.86 -15.03 -46.75
C ALA A 5 15.08 -13.85 -47.67
N PHE A 6 15.62 -12.77 -47.11
CA PHE A 6 15.79 -11.54 -47.85
C PHE A 6 16.88 -11.67 -48.92
N PHE A 7 17.97 -12.37 -48.62
CA PHE A 7 19.06 -12.51 -49.58
C PHE A 7 18.65 -13.27 -50.83
N ARG A 8 18.18 -14.52 -50.67
CA ARG A 8 17.70 -15.29 -51.81
C ARG A 8 16.76 -14.47 -52.68
N TRP A 9 15.99 -13.55 -52.07
CA TRP A 9 15.14 -12.67 -52.87
C TRP A 9 15.99 -11.69 -53.67
N LEU A 10 16.93 -11.02 -52.99
CA LEU A 10 17.78 -10.01 -53.63
C LEU A 10 18.69 -10.62 -54.69
N THR A 11 19.39 -11.70 -54.33
CA THR A 11 20.33 -12.35 -55.23
C THR A 11 19.68 -12.81 -56.52
N LYS A 12 18.48 -13.41 -56.41
CA LYS A 12 17.75 -13.86 -57.58
C LYS A 12 17.28 -12.68 -58.44
N LYS A 13 16.89 -11.58 -57.80
CA LYS A 13 16.29 -10.46 -58.51
C LYS A 13 17.34 -9.59 -59.20
N TYR A 14 18.49 -9.39 -58.55
CA TYR A 14 19.57 -8.55 -59.06
C TYR A 14 20.86 -9.35 -59.03
N PRO A 15 21.01 -10.37 -59.89
CA PRO A 15 22.09 -11.35 -59.67
C PRO A 15 23.49 -10.78 -59.79
N ALA A 16 23.71 -9.75 -60.62
CA ALA A 16 25.01 -9.13 -60.78
C ALA A 16 25.55 -8.45 -59.54
N THR A 17 24.75 -8.23 -58.52
CA THR A 17 25.33 -7.58 -57.35
C THR A 17 26.25 -8.52 -56.59
N VAL A 18 26.26 -9.80 -56.91
CA VAL A 18 27.09 -10.77 -56.22
C VAL A 18 28.31 -11.10 -57.07
N VAL A 19 29.48 -11.05 -56.45
CA VAL A 19 30.74 -11.31 -57.12
C VAL A 19 31.59 -12.18 -56.18
N ASN A 20 32.15 -13.26 -56.70
CA ASN A 20 32.95 -14.16 -55.86
C ASN A 20 34.33 -13.59 -55.49
N ALA A 21 34.77 -13.94 -54.30
CA ALA A 21 36.10 -13.57 -53.83
C ALA A 21 37.14 -14.58 -54.31
N ASN A 22 38.28 -14.06 -54.71
CA ASN A 22 39.45 -14.90 -54.96
C ASN A 22 40.21 -14.97 -53.65
N GLU A 23 40.77 -16.14 -53.35
CA GLU A 23 41.42 -16.37 -52.07
C GLU A 23 42.62 -17.28 -52.24
N ASP A 24 43.66 -17.02 -51.44
CA ASP A 24 44.91 -17.75 -51.54
C ASP A 24 44.85 -19.07 -50.77
N ARG A 25 44.96 -20.17 -51.50
CA ARG A 25 45.03 -21.50 -50.91
C ARG A 25 46.15 -22.32 -51.58
N PRO A 35 50.61 -19.27 -46.67
CA PRO A 35 51.67 -18.24 -46.73
C PRO A 35 51.32 -17.06 -47.64
N VAL A 36 50.51 -16.10 -47.20
CA VAL A 36 49.94 -15.08 -48.08
C VAL A 36 50.52 -13.70 -47.73
N ASP A 37 51.06 -13.01 -48.75
CA ASP A 37 51.67 -11.69 -48.58
C ASP A 37 50.69 -10.59 -49.02
N CYS A 38 50.01 -9.96 -48.05
CA CYS A 38 48.91 -9.04 -48.32
C CYS A 38 49.34 -7.67 -48.84
N THR A 39 50.63 -7.38 -48.88
CA THR A 39 51.06 -6.12 -49.46
C THR A 39 50.90 -6.12 -50.96
N GLN A 40 50.76 -7.31 -51.55
CA GLN A 40 50.66 -7.47 -52.97
C GLN A 40 49.28 -7.02 -53.44
N PRO A 41 49.15 -6.63 -54.70
CA PRO A 41 47.85 -6.16 -55.19
C PRO A 41 46.76 -7.19 -54.92
N ASN A 42 45.57 -6.70 -54.63
CA ASN A 42 44.47 -7.58 -54.27
C ASN A 42 44.02 -8.35 -55.50
N PRO A 43 43.99 -9.69 -55.46
CA PRO A 43 43.49 -10.44 -56.62
C PRO A 43 41.99 -10.31 -56.81
N ASN A 44 41.29 -9.53 -56.01
CA ASN A 44 39.86 -9.42 -56.19
C ASN A 44 39.52 -8.34 -57.20
N PHE A 45 38.22 -8.14 -57.41
CA PHE A 45 37.82 -7.33 -58.53
C PHE A 45 38.21 -5.88 -58.34
N GLN A 46 38.63 -5.50 -57.12
CA GLN A 46 39.05 -4.15 -56.86
C GLN A 46 39.83 -4.12 -55.55
N GLU A 47 40.43 -2.96 -55.26
CA GLU A 47 41.13 -2.75 -54.02
C GLU A 47 40.20 -2.10 -53.03
N PHE A 48 40.45 -2.33 -51.76
CA PHE A 48 39.57 -1.87 -50.68
C PHE A 48 40.33 -0.96 -49.72
N ASP A 49 39.67 0.10 -49.25
CA ASP A 49 40.34 0.97 -48.29
C ASP A 49 39.96 0.64 -46.86
N ASN A 50 38.67 0.56 -46.57
CA ASN A 50 38.14 0.35 -45.23
C ASN A 50 37.45 -1.00 -45.10
N LEU A 51 37.82 -1.74 -44.06
CA LEU A 51 37.16 -2.99 -43.73
C LEU A 51 36.50 -2.84 -42.39
N TYR A 52 35.18 -3.05 -42.34
CA TYR A 52 34.43 -3.03 -41.09
C TYR A 52 34.00 -4.45 -40.75
N LEU A 53 34.20 -4.84 -39.49
CA LEU A 53 33.81 -6.15 -39.00
C LEU A 53 32.68 -5.98 -37.98
N ASP A 54 31.53 -6.58 -38.26
CA ASP A 54 30.52 -6.74 -37.21
C ASP A 54 30.92 -7.98 -36.43
N MSE A 55 31.58 -7.77 -35.29
CA MSE A 55 32.23 -8.82 -34.53
C MSE A 55 31.30 -9.89 -34.02
O MSE A 55 31.68 -11.04 -33.92
CB MSE A 55 32.97 -8.23 -33.32
CG MSE A 55 34.23 -7.45 -33.66
SE MSE A 55 35.51 -8.50 -34.67
CE MSE A 55 35.83 -9.87 -33.32
N ASN A 56 30.08 -9.52 -33.64
CA ASN A 56 29.20 -10.52 -33.06
C ASN A 56 29.01 -11.69 -34.02
N GLY A 57 28.96 -11.40 -35.33
CA GLY A 57 28.84 -12.44 -36.34
C GLY A 57 30.05 -13.34 -36.48
N ILE A 58 31.21 -12.91 -36.00
CA ILE A 58 32.36 -13.80 -35.99
C ILE A 58 32.46 -14.57 -34.69
N ILE A 59 32.11 -13.92 -33.58
CA ILE A 59 32.27 -14.53 -32.26
C ILE A 59 31.37 -15.75 -32.12
N HIS A 60 30.09 -15.62 -32.51
CA HIS A 60 29.16 -16.73 -32.33
C HIS A 60 29.67 -17.98 -33.05
N PRO A 61 29.98 -17.96 -34.35
CA PRO A 61 30.52 -19.17 -34.99
C PRO A 61 31.79 -19.69 -34.35
N CYS A 62 32.66 -18.80 -33.88
CA CYS A 62 33.98 -19.23 -33.42
C CYS A 62 33.97 -19.81 -32.00
N THR A 63 32.91 -19.57 -31.23
CA THR A 63 32.86 -20.07 -29.87
C THR A 63 31.92 -21.24 -29.68
N HIS A 64 30.75 -21.21 -30.33
CA HIS A 64 29.83 -22.34 -30.31
C HIS A 64 29.37 -22.65 -31.74
N PRO A 65 30.27 -23.11 -32.60
CA PRO A 65 29.87 -23.52 -33.94
C PRO A 65 28.90 -24.69 -33.83
N GLU A 66 27.79 -24.62 -34.56
CA GLU A 66 26.80 -25.70 -34.51
C GLU A 66 27.06 -26.81 -35.55
N ASP A 67 28.04 -26.66 -36.43
CA ASP A 67 28.33 -27.65 -37.47
C ASP A 67 29.62 -28.43 -37.26
N ARG A 68 30.62 -27.84 -36.60
CA ARG A 68 31.91 -28.47 -36.31
C ARG A 68 31.88 -29.00 -34.87
N PRO A 69 32.93 -29.66 -34.39
CA PRO A 69 33.10 -29.82 -32.94
C PRO A 69 33.59 -28.53 -32.30
N ALA A 70 32.98 -28.19 -31.16
CA ALA A 70 33.26 -26.92 -30.50
C ALA A 70 34.70 -26.85 -30.01
N PRO A 71 35.25 -25.64 -29.86
CA PRO A 71 36.62 -25.51 -29.36
C PRO A 71 36.75 -25.97 -27.91
N LYS A 72 37.95 -26.47 -27.57
CA LYS A 72 38.18 -27.04 -26.24
C LYS A 72 37.94 -26.02 -25.13
N ASN A 73 38.63 -24.89 -25.19
CA ASN A 73 38.59 -23.89 -24.13
C ASN A 73 38.54 -22.50 -24.74
N GLU A 74 38.51 -21.48 -23.87
CA GLU A 74 38.43 -20.10 -24.34
C GLU A 74 39.64 -19.73 -25.18
N ASP A 75 40.83 -20.23 -24.79
CA ASP A 75 42.01 -19.88 -25.55
C ASP A 75 41.89 -20.35 -26.98
N GLU A 76 41.31 -21.53 -27.20
CA GLU A 76 41.11 -22.00 -28.57
C GLU A 76 40.12 -21.10 -29.31
N MSE A 77 39.16 -20.50 -28.60
CA MSE A 77 38.14 -19.70 -29.26
C MSE A 77 38.71 -18.38 -29.68
O MSE A 77 38.45 -17.90 -30.78
CB MSE A 77 36.93 -19.46 -28.36
CG MSE A 77 36.43 -20.65 -27.59
SE MSE A 77 34.94 -20.23 -26.39
CE MSE A 77 34.46 -22.06 -25.87
N PHE A 78 39.47 -17.77 -28.77
CA PHE A 78 40.13 -16.51 -29.10
C PHE A 78 41.09 -16.69 -30.27
N ALA A 79 41.81 -17.82 -30.32
CA ALA A 79 42.70 -18.07 -31.45
C ALA A 79 41.94 -18.15 -32.75
N LEU A 80 40.78 -18.82 -32.74
CA LEU A 80 39.97 -18.92 -33.94
C LEU A 80 39.50 -17.56 -34.40
N ILE A 81 39.06 -16.71 -33.46
CA ILE A 81 38.65 -15.38 -33.85
C ILE A 81 39.82 -14.66 -34.51
N PHE A 82 41.02 -14.75 -33.90
CA PHE A 82 42.19 -14.16 -34.53
C PHE A 82 42.35 -14.70 -35.94
N GLU A 83 42.30 -16.01 -36.06
CA GLU A 83 42.44 -16.64 -37.37
C GLU A 83 41.38 -16.15 -38.33
N TYR A 84 40.18 -15.90 -37.83
CA TYR A 84 39.12 -15.54 -38.76
C TYR A 84 39.28 -14.11 -39.22
N ILE A 85 39.64 -13.21 -38.31
CA ILE A 85 39.94 -11.84 -38.73
C ILE A 85 41.07 -11.84 -39.76
N ASP A 86 42.16 -12.57 -39.46
CA ASP A 86 43.26 -12.72 -40.41
C ASP A 86 42.75 -13.15 -41.78
N ARG A 87 41.78 -14.06 -41.81
CA ARG A 87 41.25 -14.58 -43.06
C ARG A 87 40.48 -13.52 -43.85
N ILE A 88 39.54 -12.83 -43.19
CA ILE A 88 38.81 -11.75 -43.86
C ILE A 88 39.79 -10.69 -44.32
N TYR A 89 40.69 -10.28 -43.43
CA TYR A 89 41.66 -9.24 -43.77
C TYR A 89 42.48 -9.63 -45.02
N SER A 90 42.96 -10.87 -45.08
CA SER A 90 43.78 -11.23 -46.22
C SER A 90 42.99 -11.25 -47.52
N ILE A 91 41.65 -11.35 -47.43
CA ILE A 91 40.83 -11.31 -48.64
C ILE A 91 40.60 -9.87 -49.07
N VAL A 92 40.13 -9.04 -48.14
CA VAL A 92 39.72 -7.68 -48.45
C VAL A 92 40.91 -6.77 -48.60
N ARG A 93 41.99 -7.06 -47.88
CA ARG A 93 43.22 -6.28 -47.91
C ARG A 93 42.91 -4.78 -47.84
N PRO A 94 42.32 -4.32 -46.74
CA PRO A 94 42.01 -2.90 -46.59
C PRO A 94 43.32 -2.12 -46.56
N ARG A 95 43.41 -1.11 -47.39
CA ARG A 95 44.65 -0.33 -47.48
C ARG A 95 44.68 0.84 -46.51
N ARG A 96 43.57 1.14 -45.84
CA ARG A 96 43.53 2.33 -45.02
C ARG A 96 43.07 2.08 -43.59
N LEU A 97 41.91 1.47 -43.42
CA LEU A 97 41.26 1.34 -42.13
C LEU A 97 40.69 -0.07 -41.94
N LEU A 98 40.82 -0.56 -40.70
CA LEU A 98 40.18 -1.77 -40.21
C LEU A 98 39.44 -1.39 -38.95
N TYR A 99 38.10 -1.53 -38.96
CA TYR A 99 37.20 -1.14 -37.87
C TYR A 99 36.57 -2.39 -37.28
N MSE A 100 36.77 -2.60 -35.99
CA MSE A 100 36.25 -3.78 -35.32
C MSE A 100 35.24 -3.35 -34.28
O MSE A 100 35.56 -2.74 -33.26
CB MSE A 100 37.38 -4.58 -34.67
CG MSE A 100 38.25 -5.33 -35.64
SE MSE A 100 39.87 -5.95 -34.77
CE MSE A 100 38.95 -6.76 -33.28
N ALA A 101 33.99 -3.70 -34.53
CA ALA A 101 32.84 -3.19 -33.79
C ALA A 101 32.26 -4.34 -33.04
N ILE A 102 32.33 -4.29 -31.72
CA ILE A 102 31.60 -5.19 -30.84
C ILE A 102 30.35 -4.51 -30.31
N ASP A 103 29.29 -5.32 -30.09
CA ASP A 103 28.02 -4.87 -29.54
C ASP A 103 28.16 -4.32 -28.13
N GLY A 104 27.79 -3.06 -27.91
CA GLY A 104 27.64 -2.52 -26.58
C GLY A 104 26.20 -2.66 -26.13
N VAL A 105 25.84 -1.96 -25.05
CA VAL A 105 24.45 -2.07 -24.61
C VAL A 105 23.57 -1.41 -25.66
N ALA A 106 22.50 -2.10 -26.04
CA ALA A 106 21.62 -1.69 -27.12
C ALA A 106 20.52 -0.80 -26.60
N PRO A 107 19.81 -0.12 -27.49
CA PRO A 107 18.62 0.60 -27.04
C PRO A 107 17.59 -0.38 -26.51
N ARG A 108 16.62 0.14 -25.76
CA ARG A 108 15.58 -0.71 -25.19
C ARG A 108 14.90 -1.55 -26.27
N ALA A 109 14.60 -0.95 -27.43
CA ALA A 109 13.91 -1.68 -28.50
C ALA A 109 14.59 -3.00 -28.79
N LYS A 110 15.90 -3.00 -28.82
CA LYS A 110 16.63 -4.22 -29.13
C LYS A 110 16.63 -5.16 -27.93
N MSE A 111 16.61 -4.62 -26.72
CA MSE A 111 16.82 -5.41 -25.52
C MSE A 111 15.72 -6.46 -25.37
O MSE A 111 15.96 -7.60 -24.98
CB MSE A 111 16.89 -4.52 -24.27
CG MSE A 111 17.98 -3.46 -24.31
SE MSE A 111 18.66 -2.98 -22.56
CE MSE A 111 17.19 -1.91 -21.92
N ASN A 112 14.50 -6.04 -25.66
CA ASN A 112 13.42 -6.99 -25.59
C ASN A 112 13.64 -8.15 -26.57
N GLN A 113 14.16 -7.85 -27.74
CA GLN A 113 14.42 -8.97 -28.65
C GLN A 113 15.67 -9.76 -28.27
N GLN A 114 16.67 -9.10 -27.65
CA GLN A 114 17.82 -9.81 -27.08
C GLN A 114 17.38 -10.68 -25.90
N ARG A 115 16.52 -10.16 -25.03
CA ARG A 115 16.01 -10.98 -23.92
C ARG A 115 15.34 -12.24 -24.43
N SER A 116 14.45 -12.09 -25.41
CA SER A 116 13.81 -13.25 -26.01
C SER A 116 14.84 -14.26 -26.50
N ARG A 117 15.95 -13.79 -27.07
CA ARG A 117 16.89 -14.73 -27.63
C ARG A 117 17.67 -15.47 -26.54
N ARG A 118 18.10 -14.76 -25.48
CA ARG A 118 18.86 -15.46 -24.46
C ARG A 118 17.98 -16.39 -23.65
N PHE A 119 16.76 -15.96 -23.36
CA PHE A 119 15.82 -16.85 -22.68
C PHE A 119 15.55 -18.10 -23.52
N ARG A 120 15.40 -17.91 -24.83
CA ARG A 120 15.13 -19.03 -25.70
C ARG A 120 16.32 -19.97 -25.76
N ALA A 121 17.52 -19.43 -25.90
CA ALA A 121 18.71 -20.26 -25.97
C ALA A 121 18.88 -21.11 -24.73
N SER A 122 18.73 -20.52 -23.53
CA SER A 122 18.89 -21.30 -22.30
C SER A 122 17.87 -22.43 -22.23
N LYS A 123 16.70 -22.20 -22.80
CA LYS A 123 15.74 -23.29 -22.92
C LYS A 123 16.27 -24.39 -23.83
N GLU A 124 16.85 -24.03 -24.97
CA GLU A 124 17.37 -25.07 -25.87
C GLU A 124 18.57 -25.79 -25.27
N MSE A 125 19.54 -25.06 -24.71
CA MSE A 125 20.66 -25.69 -24.01
C MSE A 125 20.16 -26.68 -22.94
O MSE A 125 20.82 -27.67 -22.65
CB MSE A 125 21.57 -24.66 -23.35
CG MSE A 125 22.63 -24.02 -24.25
SE MSE A 125 23.19 -22.26 -23.53
CE MSE A 125 23.44 -22.75 -21.66
N ALA A 126 19.00 -26.41 -22.36
CA ALA A 126 18.45 -27.36 -21.40
C ALA A 126 17.76 -28.52 -22.10
N GLU A 127 17.11 -28.25 -23.22
CA GLU A 127 16.49 -29.32 -24.01
C GLU A 127 17.53 -30.16 -24.74
N LYS A 128 18.64 -29.55 -25.18
CA LYS A 128 19.78 -30.34 -25.64
C LYS A 128 20.11 -31.42 -24.62
N GLU A 129 20.50 -31.01 -23.41
CA GLU A 129 20.92 -31.97 -22.41
C GLU A 129 19.78 -32.89 -21.93
N ALA A 130 18.52 -32.46 -22.00
CA ALA A 130 17.46 -33.38 -21.61
C ALA A 130 17.32 -34.50 -22.63
N SER A 131 17.68 -34.25 -23.89
CA SER A 131 17.65 -35.30 -24.90
C SER A 131 18.92 -36.14 -24.87
N ILE A 132 20.06 -35.51 -24.60
CA ILE A 132 21.30 -36.25 -24.34
C ILE A 132 21.07 -37.26 -23.24
N GLU A 133 20.53 -36.82 -22.11
CA GLU A 133 20.23 -37.74 -21.03
C GLU A 133 19.20 -38.77 -21.45
N GLU A 134 18.29 -38.40 -22.35
CA GLU A 134 17.29 -39.38 -22.80
C GLU A 134 17.93 -40.44 -23.71
N GLN A 135 18.87 -40.04 -24.57
CA GLN A 135 19.51 -41.02 -25.42
C GLN A 135 20.32 -42.00 -24.57
N ARG A 136 21.21 -41.48 -23.72
CA ARG A 136 21.99 -42.31 -22.80
C ARG A 136 21.13 -43.38 -22.13
N ASN A 137 20.05 -42.96 -21.48
CA ASN A 137 19.21 -43.93 -20.78
C ASN A 137 18.49 -44.86 -21.75
N ARG A 138 18.25 -44.43 -22.98
CA ARG A 138 17.67 -45.36 -23.94
C ARG A 138 18.68 -46.42 -24.30
N LEU A 139 19.92 -46.00 -24.60
CA LEU A 139 20.97 -46.97 -24.93
C LEU A 139 21.19 -47.95 -23.78
N MSE A 140 21.25 -47.47 -22.56
CA MSE A 140 21.57 -48.33 -21.43
C MSE A 140 20.55 -49.45 -21.21
O MSE A 140 20.89 -50.50 -20.65
CB MSE A 140 21.71 -47.49 -20.17
CG MSE A 140 22.82 -46.49 -20.31
SE MSE A 140 23.37 -45.73 -18.63
CE MSE A 140 23.26 -43.83 -19.09
N ALA A 141 19.30 -49.25 -21.66
CA ALA A 141 18.28 -50.29 -21.58
C ALA A 141 18.21 -51.15 -22.84
N GLU A 142 18.76 -50.66 -23.96
CA GLU A 142 18.93 -51.48 -25.16
C GLU A 142 20.15 -52.40 -25.02
N GLY A 143 21.29 -51.84 -24.62
CA GLY A 143 22.48 -52.64 -24.39
C GLY A 143 23.70 -52.10 -25.10
N ILE A 144 23.86 -50.78 -25.06
CA ILE A 144 25.00 -50.10 -25.67
C ILE A 144 25.66 -49.28 -24.58
N ALA A 145 26.98 -49.39 -24.46
CA ALA A 145 27.70 -48.58 -23.49
C ALA A 145 27.57 -47.10 -23.83
N VAL A 146 27.81 -46.26 -22.83
CA VAL A 146 27.68 -44.81 -22.98
C VAL A 146 28.75 -44.11 -22.17
N PRO A 147 29.16 -42.92 -22.62
CA PRO A 147 30.24 -42.20 -21.93
C PRO A 147 29.68 -41.20 -20.94
N PRO A 148 30.50 -40.76 -19.94
CA PRO A 148 30.08 -39.76 -18.94
C PRO A 148 30.36 -38.31 -19.37
N GLU A 153 28.08 -26.79 -16.23
CA GLU A 153 29.36 -27.27 -15.70
C GLU A 153 30.28 -27.69 -16.85
N ALA A 154 31.17 -26.77 -17.24
CA ALA A 154 32.14 -26.96 -18.34
C ALA A 154 31.46 -26.99 -19.71
N HIS A 155 30.30 -26.34 -19.83
CA HIS A 155 29.65 -26.09 -21.10
C HIS A 155 29.79 -24.61 -21.45
N PHE A 156 29.69 -24.29 -22.73
CA PHE A 156 29.79 -22.89 -23.12
C PHE A 156 28.41 -22.28 -23.26
N ASP A 157 28.22 -21.16 -22.58
CA ASP A 157 26.96 -20.42 -22.57
C ASP A 157 27.04 -19.29 -23.59
N SER A 158 26.43 -19.52 -24.76
CA SER A 158 26.42 -18.52 -25.82
C SER A 158 25.83 -17.19 -25.35
N ASN A 159 25.09 -17.17 -24.24
CA ASN A 159 24.63 -15.92 -23.67
C ASN A 159 25.76 -15.06 -23.13
N CYS A 160 26.92 -15.66 -22.83
CA CYS A 160 28.03 -14.85 -22.31
C CYS A 160 28.52 -13.84 -23.33
N ILE A 161 28.13 -14.02 -24.59
CA ILE A 161 28.39 -13.05 -25.64
C ILE A 161 27.35 -11.95 -25.57
N THR A 162 27.48 -11.07 -24.56
CA THR A 162 26.60 -9.97 -24.21
C THR A 162 27.39 -8.92 -23.43
N PRO A 163 27.19 -7.62 -23.67
CA PRO A 163 28.00 -6.62 -22.95
C PRO A 163 27.85 -6.73 -21.45
N GLY A 164 28.96 -6.58 -20.75
CA GLY A 164 29.03 -6.61 -19.31
C GLY A 164 29.60 -7.87 -18.73
N THR A 165 29.59 -8.97 -19.48
CA THR A 165 30.05 -10.22 -18.90
C THR A 165 31.56 -10.25 -18.78
N PRO A 166 32.05 -11.10 -17.90
CA PRO A 166 33.49 -11.29 -17.82
C PRO A 166 34.09 -11.66 -19.15
N PHE A 167 33.43 -12.57 -19.85
CA PHE A 167 33.94 -13.03 -21.14
C PHE A 167 34.15 -11.87 -22.08
N MSE A 168 33.16 -10.99 -22.21
CA MSE A 168 33.31 -9.91 -23.16
C MSE A 168 34.51 -9.05 -22.78
O MSE A 168 35.23 -8.54 -23.62
CB MSE A 168 32.08 -9.00 -23.25
CG MSE A 168 31.00 -9.43 -24.21
SE MSE A 168 31.57 -10.25 -25.87
CE MSE A 168 30.41 -9.28 -27.09
N ALA A 169 34.75 -8.92 -21.48
CA ALA A 169 35.87 -8.11 -21.05
C ALA A 169 37.17 -8.76 -21.46
N ARG A 170 37.21 -10.10 -21.38
CA ARG A 170 38.39 -10.86 -21.73
C ARG A 170 38.62 -10.90 -23.24
N LEU A 171 37.54 -10.91 -24.02
CA LEU A 171 37.69 -10.84 -25.46
C LEU A 171 38.29 -9.51 -25.87
N ALA A 172 37.90 -8.45 -25.17
CA ALA A 172 38.40 -7.13 -25.51
C ALA A 172 39.91 -7.04 -25.30
N ASP A 173 40.39 -7.68 -24.23
CA ASP A 173 41.82 -7.74 -23.99
C ASP A 173 42.54 -8.60 -25.01
N ALA A 174 41.93 -9.70 -25.44
CA ALA A 174 42.57 -10.49 -26.49
C ALA A 174 42.63 -9.70 -27.79
N LEU A 175 41.58 -8.95 -28.11
CA LEU A 175 41.62 -8.16 -29.33
C LEU A 175 42.68 -7.06 -29.27
N ARG A 176 42.96 -6.50 -28.09
CA ARG A 176 44.04 -5.52 -28.00
C ARG A 176 45.38 -6.17 -28.30
N TYR A 177 45.66 -7.31 -27.65
CA TYR A 177 46.86 -8.04 -27.98
C TYR A 177 46.88 -8.35 -29.47
N TYR A 178 45.76 -8.80 -30.03
CA TYR A 178 45.70 -9.08 -31.45
C TYR A 178 46.11 -7.86 -32.28
N ILE A 179 45.54 -6.70 -31.98
CA ILE A 179 45.82 -5.51 -32.79
C ILE A 179 47.27 -5.12 -32.67
N HIS A 180 47.83 -5.14 -31.47
CA HIS A 180 49.24 -4.81 -31.35
C HIS A 180 50.11 -5.82 -32.07
N ASP A 181 49.82 -7.11 -31.92
CA ASP A 181 50.65 -8.12 -32.56
C ASP A 181 50.65 -7.96 -34.06
N ARG A 182 49.48 -7.85 -34.68
CA ARG A 182 49.47 -7.76 -36.12
C ARG A 182 50.04 -6.43 -36.58
N VAL A 183 49.73 -5.33 -35.90
CA VAL A 183 50.28 -4.06 -36.35
C VAL A 183 51.81 -3.99 -36.18
N THR A 184 52.37 -4.77 -35.25
CA THR A 184 53.82 -4.84 -35.12
C THR A 184 54.45 -5.82 -36.11
N ASN A 185 53.81 -6.98 -36.29
CA ASN A 185 54.46 -8.09 -36.95
C ASN A 185 53.99 -8.32 -38.37
N ASP A 186 52.76 -7.93 -38.70
CA ASP A 186 52.24 -8.16 -40.05
C ASP A 186 52.61 -6.98 -40.94
N ALA A 187 53.34 -7.27 -42.02
CA ALA A 187 53.88 -6.20 -42.85
C ALA A 187 52.78 -5.38 -43.51
N SER A 188 51.62 -5.99 -43.81
CA SER A 188 50.56 -5.27 -44.52
C SER A 188 49.83 -4.29 -43.62
N TRP A 189 49.85 -4.51 -42.32
CA TRP A 189 49.27 -3.61 -41.34
C TRP A 189 50.12 -2.38 -41.12
N ALA A 190 51.27 -2.29 -41.79
CA ALA A 190 52.27 -1.28 -41.47
C ALA A 190 51.77 0.16 -41.62
N ASN A 191 50.81 0.42 -42.52
CA ASN A 191 50.31 1.78 -42.77
C ASN A 191 48.80 1.95 -42.61
N ILE A 192 48.11 1.09 -41.89
CA ILE A 192 46.68 1.25 -41.72
C ILE A 192 46.38 1.75 -40.32
N GLU A 193 45.20 2.34 -40.18
CA GLU A 193 44.61 2.67 -38.89
C GLU A 193 43.70 1.51 -38.48
N ILE A 194 43.65 1.25 -37.19
CA ILE A 194 42.75 0.26 -36.63
C ILE A 194 41.91 0.90 -35.51
N ILE A 195 40.59 0.83 -35.63
CA ILE A 195 39.68 1.27 -34.57
C ILE A 195 39.03 0.04 -33.93
N LEU A 196 38.94 0.05 -32.59
CA LEU A 196 38.32 -1.04 -31.84
C LEU A 196 37.19 -0.48 -30.97
N SER A 197 35.97 -0.92 -31.22
CA SER A 197 34.80 -0.47 -30.43
C SER A 197 34.27 -1.66 -29.63
N ASP A 198 34.74 -1.81 -28.39
CA ASP A 198 34.40 -2.95 -27.55
C ASP A 198 33.03 -2.75 -26.86
N ALA A 199 32.63 -3.78 -26.09
CA ALA A 199 31.29 -3.85 -25.54
C ALA A 199 31.00 -2.80 -24.49
N ASN A 200 31.99 -2.04 -24.03
CA ASN A 200 31.68 -0.95 -23.12
C ASN A 200 31.35 0.36 -23.85
N VAL A 201 31.44 0.36 -25.18
CA VAL A 201 31.01 1.49 -25.99
C VAL A 201 29.58 1.21 -26.44
N PRO A 202 28.58 1.94 -25.93
CA PRO A 202 27.20 1.56 -26.22
C PRO A 202 26.88 1.65 -27.70
N GLY A 203 26.02 0.73 -28.13
CA GLY A 203 25.55 0.63 -29.50
C GLY A 203 25.87 -0.70 -30.13
N GLU A 204 24.96 -1.20 -30.96
CA GLU A 204 25.29 -2.41 -31.69
C GLU A 204 26.43 -2.14 -32.66
N GLY A 205 27.21 -3.17 -32.91
CA GLY A 205 28.34 -3.01 -33.80
C GLY A 205 27.94 -2.37 -35.11
N GLU A 206 26.90 -2.90 -35.74
CA GLU A 206 26.52 -2.35 -37.02
C GLU A 206 26.16 -0.88 -36.90
N HIS A 207 25.59 -0.45 -35.78
CA HIS A 207 25.19 0.95 -35.76
C HIS A 207 26.38 1.82 -35.39
N LYS A 208 27.32 1.26 -34.65
CA LYS A 208 28.59 1.96 -34.47
C LYS A 208 29.29 2.16 -35.80
N ILE A 209 29.29 1.14 -36.65
CA ILE A 209 29.88 1.26 -37.97
C ILE A 209 29.11 2.27 -38.78
N MSE A 210 27.78 2.13 -38.81
CA MSE A 210 26.92 3.09 -39.50
C MSE A 210 27.28 4.53 -39.09
O MSE A 210 27.46 5.42 -39.93
CB MSE A 210 25.45 2.80 -39.20
CG MSE A 210 24.44 3.72 -39.88
SE MSE A 210 24.59 3.74 -41.83
CE MSE A 210 24.07 5.59 -42.22
N ASP A 211 27.44 4.74 -37.79
CA ASP A 211 27.68 6.08 -37.27
C ASP A 211 29.08 6.55 -37.57
N TYR A 212 30.07 5.65 -37.53
CA TYR A 212 31.42 6.05 -37.92
C TYR A 212 31.40 6.60 -39.34
N VAL A 213 30.83 5.85 -40.28
CA VAL A 213 30.74 6.29 -41.67
C VAL A 213 30.01 7.62 -41.77
N ARG A 214 28.89 7.76 -41.07
CA ARG A 214 28.07 8.97 -41.21
C ARG A 214 28.81 10.21 -40.73
N LYS A 215 29.44 10.15 -39.57
CA LYS A 215 30.16 11.31 -39.03
C LYS A 215 31.40 11.62 -39.85
N GLN A 216 32.02 10.61 -40.45
CA GLN A 216 33.11 10.84 -41.37
C GLN A 216 32.59 11.57 -42.61
N ARG A 217 31.53 11.02 -43.22
CA ARG A 217 30.94 11.63 -44.40
C ARG A 217 30.65 13.12 -44.17
N GLY A 218 30.32 13.49 -42.94
CA GLY A 218 29.93 14.84 -42.62
C GLY A 218 31.03 15.85 -42.41
N ASN A 219 32.25 15.45 -42.47
CA ASN A 219 33.48 16.22 -42.34
C ASN A 219 34.11 16.47 -43.70
N PRO A 220 34.57 17.68 -43.97
CA PRO A 220 35.07 17.97 -45.32
C PRO A 220 36.31 17.18 -45.71
N ALA A 221 37.11 16.72 -44.76
CA ALA A 221 38.32 16.00 -45.13
C ALA A 221 38.04 14.60 -45.64
N HIS A 222 36.89 14.03 -45.32
CA HIS A 222 36.58 12.67 -45.74
C HIS A 222 36.75 12.50 -47.24
N ASP A 223 37.38 11.36 -47.64
CA ASP A 223 37.55 11.01 -49.06
C ASP A 223 36.27 10.37 -49.53
N PRO A 224 35.52 11.07 -50.40
CA PRO A 224 34.23 10.52 -50.82
C PRO A 224 34.36 9.29 -51.68
N ASN A 225 35.58 8.96 -52.10
CA ASN A 225 35.86 7.77 -52.88
C ASN A 225 36.49 6.67 -52.06
N THR A 226 36.47 6.75 -50.73
CA THR A 226 37.00 5.62 -49.99
C THR A 226 36.18 4.40 -50.40
N VAL A 227 36.86 3.27 -50.50
CA VAL A 227 36.25 2.00 -50.86
C VAL A 227 35.98 1.24 -49.57
N HIS A 228 34.69 1.09 -49.24
CA HIS A 228 34.22 0.50 -48.00
C HIS A 228 33.89 -0.97 -48.20
N CYS A 229 34.20 -1.81 -47.20
CA CYS A 229 33.78 -3.20 -47.22
C CYS A 229 33.37 -3.61 -45.82
N LEU A 230 32.14 -4.09 -45.69
CA LEU A 230 31.52 -4.44 -44.40
C LEU A 230 31.28 -5.94 -44.34
N CYS A 231 31.71 -6.57 -43.26
CA CYS A 231 31.66 -8.02 -43.12
C CYS A 231 30.60 -8.47 -42.11
N GLY A 232 29.64 -9.25 -42.57
CA GLY A 232 28.56 -9.66 -41.68
C GLY A 232 27.44 -10.31 -42.46
N ALA A 233 26.65 -11.14 -41.78
CA ALA A 233 25.64 -11.88 -42.50
C ALA A 233 24.25 -11.27 -42.43
N ASP A 234 23.99 -10.32 -41.53
CA ASP A 234 22.64 -9.80 -41.40
C ASP A 234 22.23 -9.13 -42.71
N ALA A 235 20.96 -9.27 -43.06
CA ALA A 235 20.47 -8.66 -44.29
C ALA A 235 20.40 -7.14 -44.17
N ASP A 236 20.25 -6.60 -42.95
CA ASP A 236 20.19 -5.15 -42.77
C ASP A 236 21.37 -4.46 -43.42
N LEU A 237 22.51 -5.15 -43.49
CA LEU A 237 23.74 -4.55 -43.98
C LEU A 237 23.59 -4.06 -45.41
N ILE A 238 22.70 -4.67 -46.20
CA ILE A 238 22.37 -4.14 -47.53
C ILE A 238 21.80 -2.72 -47.41
N MSE A 239 20.88 -2.51 -46.47
CA MSE A 239 20.25 -1.17 -46.38
C MSE A 239 21.21 -0.18 -45.73
O MSE A 239 21.29 0.98 -46.16
CB MSE A 239 18.93 -1.18 -45.61
CG MSE A 239 18.39 -2.52 -45.22
SE MSE A 239 17.46 -3.42 -46.65
CE MSE A 239 17.29 -5.13 -45.76
N LEU A 240 21.89 -0.62 -44.68
CA LEU A 240 22.99 0.18 -44.13
C LEU A 240 23.85 0.74 -45.26
N GLY A 241 24.26 -0.14 -46.19
CA GLY A 241 25.11 0.31 -47.28
C GLY A 241 24.45 1.38 -48.13
N ILE A 242 23.16 1.21 -48.44
CA ILE A 242 22.43 2.26 -49.15
C ILE A 242 22.36 3.53 -48.31
N ALA A 243 22.07 3.40 -47.03
CA ALA A 243 21.80 4.61 -46.24
C ALA A 243 23.08 5.41 -45.98
N THR A 244 24.25 4.79 -46.01
CA THR A 244 25.47 5.57 -45.90
C THR A 244 25.54 6.59 -47.01
N HIS A 245 24.89 6.32 -48.14
CA HIS A 245 25.03 7.13 -49.35
C HIS A 245 26.47 7.14 -49.85
N GLU A 246 27.30 6.22 -49.38
CA GLU A 246 28.66 6.22 -49.87
C GLU A 246 28.74 5.56 -51.25
N ALA A 247 29.51 6.19 -52.13
CA ALA A 247 29.57 5.80 -53.54
C ALA A 247 29.93 4.33 -53.73
N ASN A 248 31.03 3.87 -53.14
CA ASN A 248 31.58 2.53 -53.37
C ASN A 248 31.53 1.74 -52.08
N PHE A 249 30.36 1.16 -51.79
CA PHE A 249 30.13 0.38 -50.58
C PHE A 249 29.90 -1.10 -50.89
N ASN A 250 30.45 -1.97 -50.04
CA ASN A 250 30.40 -3.39 -50.32
C ASN A 250 30.23 -4.21 -49.06
N ILE A 251 29.61 -5.38 -49.19
CA ILE A 251 29.49 -6.36 -48.13
C ILE A 251 30.29 -7.59 -48.54
N ILE A 252 30.98 -8.20 -47.58
CA ILE A 252 31.60 -9.51 -47.78
C ILE A 252 30.97 -10.46 -46.78
N ARG A 253 30.56 -11.64 -47.25
CA ARG A 253 29.92 -12.62 -46.38
C ARG A 253 30.21 -14.01 -46.94
N GLU A 254 29.91 -15.02 -46.12
CA GLU A 254 30.12 -16.38 -46.56
C GLU A 254 28.98 -16.82 -47.45
N GLU A 255 29.29 -17.68 -48.40
CA GLU A 255 28.28 -18.21 -49.30
C GLU A 255 27.18 -18.90 -48.48
N PHE A 256 25.92 -18.71 -48.90
CA PHE A 256 24.77 -19.19 -48.13
C PHE A 256 24.76 -20.71 -48.06
N VAL A 257 24.88 -21.34 -49.22
CA VAL A 257 25.04 -22.78 -49.37
C VAL A 257 26.32 -22.96 -50.17
N GLN A 258 27.28 -23.69 -49.59
CA GLN A 258 28.50 -23.99 -50.33
C GLN A 258 29.12 -25.28 -49.80
N ARG A 259 29.88 -25.95 -50.68
CA ARG A 259 30.59 -27.16 -50.30
C ARG A 259 31.75 -26.85 -49.35
N GLU A 260 32.47 -25.75 -49.57
CA GLU A 260 33.48 -25.29 -48.62
C GLU A 260 33.24 -23.84 -48.17
N LYS A 261 34.17 -23.28 -47.40
CA LYS A 261 34.09 -21.86 -47.06
C LYS A 261 34.44 -21.02 -48.29
N ASN A 262 33.46 -20.24 -48.76
CA ASN A 262 33.61 -19.35 -49.91
C ASN A 262 32.94 -18.03 -49.60
N PHE A 263 33.60 -16.94 -49.96
CA PHE A 263 33.11 -15.60 -49.68
C PHE A 263 32.66 -14.91 -50.95
N ILE A 264 31.72 -13.98 -50.79
CA ILE A 264 31.20 -13.23 -51.92
C ILE A 264 31.11 -11.78 -51.50
N PHE A 265 31.16 -10.88 -52.49
CA PHE A 265 30.96 -9.47 -52.22
C PHE A 265 29.58 -9.08 -52.72
N LEU A 266 28.82 -8.39 -51.89
CA LEU A 266 27.60 -7.71 -52.34
C LEU A 266 28.01 -6.30 -52.73
N ARG A 267 27.78 -5.94 -53.96
CA ARG A 267 28.25 -4.67 -54.45
C ARG A 267 27.10 -3.66 -54.47
N ILE A 268 26.99 -2.88 -53.40
CA ILE A 268 25.99 -1.82 -53.30
C ILE A 268 25.97 -0.91 -54.51
N PRO A 269 27.11 -0.53 -55.12
CA PRO A 269 27.03 0.35 -56.30
C PRO A 269 26.20 -0.25 -57.40
N VAL A 270 26.32 -1.55 -57.60
CA VAL A 270 25.55 -2.29 -58.61
C VAL A 270 24.07 -2.33 -58.24
N LEU A 271 23.77 -2.59 -56.95
CA LEU A 271 22.39 -2.55 -56.50
C LEU A 271 21.80 -1.16 -56.72
N ARG A 272 22.61 -0.12 -56.55
CA ARG A 272 22.10 1.22 -56.79
C ARG A 272 21.59 1.34 -58.22
N GLU A 273 22.39 0.92 -59.20
CA GLU A 273 21.96 1.05 -60.60
C GLU A 273 20.69 0.25 -60.85
N TYR A 274 20.61 -0.97 -60.28
CA TYR A 274 19.38 -1.74 -60.41
C TYR A 274 18.21 -0.97 -59.84
N LEU A 275 18.35 -0.48 -58.60
CA LEU A 275 17.27 0.22 -57.94
C LEU A 275 16.96 1.54 -58.64
N GLU A 276 17.98 2.17 -59.22
CA GLU A 276 17.78 3.39 -59.97
C GLU A 276 16.81 3.18 -61.14
N LYS A 277 16.90 2.04 -61.82
CA LYS A 277 15.89 1.71 -62.83
C LYS A 277 14.57 1.26 -62.22
N GLU A 278 14.60 0.46 -61.15
CA GLU A 278 13.35 0.01 -60.54
C GLU A 278 12.48 1.19 -60.10
N LEU A 279 13.10 2.22 -59.52
CA LEU A 279 12.39 3.28 -58.82
C LEU A 279 12.21 4.54 -59.66
N SER A 280 12.44 4.47 -60.97
CA SER A 280 12.15 5.61 -61.83
C SER A 280 10.64 5.74 -62.04
N MSE A 281 10.15 6.98 -61.97
CA MSE A 281 8.74 7.25 -62.19
C MSE A 281 8.51 8.39 -63.15
O MSE A 281 9.00 9.49 -62.94
CB MSE A 281 8.04 7.57 -60.90
CG MSE A 281 8.00 6.45 -59.93
SE MSE A 281 7.97 7.30 -58.21
CE MSE A 281 9.76 8.11 -58.25
N PRO A 282 7.73 8.12 -64.18
CA PRO A 282 7.33 9.18 -65.12
C PRO A 282 6.26 10.07 -64.52
N ASN A 283 6.27 11.34 -64.96
CA ASN A 283 5.23 12.33 -64.61
C ASN A 283 5.19 12.61 -63.11
N LEU A 284 6.35 12.64 -62.48
CA LEU A 284 6.43 12.88 -61.04
C LEU A 284 6.05 14.32 -60.72
N PRO A 285 5.19 14.56 -59.70
CA PRO A 285 4.75 15.94 -59.42
C PRO A 285 5.83 16.84 -58.81
N PHE A 286 6.85 16.29 -58.16
CA PHE A 286 7.96 17.11 -57.67
C PHE A 286 9.29 16.47 -58.02
N LYS A 287 10.27 17.33 -58.31
CA LYS A 287 11.60 17.00 -58.80
C LYS A 287 12.09 15.60 -58.41
N PHE A 288 12.52 14.82 -59.41
CA PHE A 288 13.01 13.47 -59.17
C PHE A 288 14.37 13.51 -58.50
N ASP A 289 14.47 12.89 -57.31
CA ASP A 289 15.73 12.74 -56.59
C ASP A 289 16.03 11.25 -56.44
N VAL A 290 16.98 10.73 -57.22
CA VAL A 290 17.32 9.31 -57.10
C VAL A 290 17.78 8.98 -55.68
N GLU A 291 18.61 9.85 -55.09
CA GLU A 291 19.09 9.62 -53.72
C GLU A 291 17.95 9.53 -52.73
N ARG A 292 16.86 10.25 -52.98
CA ARG A 292 15.74 10.25 -52.05
C ARG A 292 14.77 9.10 -52.29
N ALA A 293 14.70 8.59 -53.52
CA ALA A 293 13.89 7.41 -53.77
C ALA A 293 14.54 6.17 -53.18
N LEU A 294 15.87 6.09 -53.20
CA LEU A 294 16.53 4.99 -52.52
C LEU A 294 16.19 5.00 -51.05
N ASP A 295 16.18 6.19 -50.43
CA ASP A 295 15.83 6.30 -49.01
C ASP A 295 14.42 5.79 -48.74
N ASP A 296 13.49 6.05 -49.65
CA ASP A 296 12.15 5.51 -49.49
C ASP A 296 12.15 4.00 -49.65
N TRP A 297 12.94 3.47 -50.58
CA TRP A 297 13.07 2.03 -50.74
C TRP A 297 13.60 1.36 -49.48
N VAL A 298 14.62 1.97 -48.86
CA VAL A 298 15.15 1.45 -47.61
C VAL A 298 14.06 1.38 -46.55
N PHE A 299 13.29 2.46 -46.40
CA PHE A 299 12.21 2.46 -45.42
C PHE A 299 11.23 1.34 -45.71
N LEU A 300 10.88 1.15 -46.98
CA LEU A 300 9.95 0.11 -47.35
C LEU A 300 10.48 -1.27 -47.00
N CYS A 301 11.79 -1.47 -47.12
CA CYS A 301 12.34 -2.76 -46.73
C CYS A 301 12.16 -3.01 -45.24
N PHE A 302 12.45 -2.01 -44.40
CA PHE A 302 12.26 -2.16 -42.95
C PHE A 302 10.79 -2.37 -42.60
N PHE A 303 9.88 -1.84 -43.43
CA PHE A 303 8.47 -2.07 -43.23
C PHE A 303 8.15 -3.56 -43.26
N VAL A 304 8.76 -4.28 -44.21
CA VAL A 304 8.49 -5.70 -44.33
C VAL A 304 9.09 -6.46 -43.17
N GLY A 305 10.29 -6.04 -42.74
CA GLY A 305 10.95 -6.69 -41.62
C GLY A 305 12.09 -5.90 -41.01
N ASN A 306 12.20 -5.94 -39.68
CA ASN A 306 13.30 -5.32 -38.96
C ASN A 306 13.35 -5.88 -37.55
N ASP A 307 14.45 -5.58 -36.87
CA ASP A 307 14.74 -6.23 -35.61
C ASP A 307 13.79 -5.85 -34.48
N PHE A 308 13.10 -4.72 -34.56
CA PHE A 308 12.45 -4.11 -33.39
C PHE A 308 10.94 -4.23 -33.37
N LEU A 309 10.30 -4.64 -34.45
CA LEU A 309 8.86 -4.85 -34.46
C LEU A 309 8.56 -6.23 -35.03
N PRO A 310 7.42 -6.81 -34.68
CA PRO A 310 6.98 -8.03 -35.37
C PRO A 310 6.49 -7.68 -36.76
N HIS A 311 6.60 -8.64 -37.69
CA HIS A 311 6.20 -8.35 -39.06
C HIS A 311 4.68 -8.41 -39.18
N LEU A 312 4.13 -7.45 -39.91
CA LEU A 312 2.71 -7.46 -40.18
C LEU A 312 2.32 -8.82 -40.75
N PRO A 313 1.21 -9.40 -40.30
CA PRO A 313 0.85 -10.76 -40.78
C PRO A 313 0.71 -10.85 -42.29
N SER A 314 0.46 -9.75 -42.99
CA SER A 314 0.23 -9.79 -44.43
C SER A 314 1.49 -9.59 -45.28
N LEU A 315 2.67 -9.43 -44.66
CA LEU A 315 3.94 -9.21 -45.38
C LEU A 315 4.95 -10.32 -45.05
N GLU A 316 5.17 -11.25 -45.96
CA GLU A 316 6.26 -12.21 -45.81
C GLU A 316 7.16 -12.12 -47.04
N ILE A 317 8.48 -12.08 -46.81
CA ILE A 317 9.42 -11.87 -47.90
C ILE A 317 9.26 -12.94 -48.98
N ARG A 318 8.93 -14.18 -48.58
CA ARG A 318 8.78 -15.25 -49.55
C ARG A 318 7.60 -15.00 -50.48
N GLU A 319 6.60 -14.22 -50.02
CA GLU A 319 5.42 -13.89 -50.80
C GLU A 319 5.59 -12.63 -51.65
N GLY A 320 6.82 -12.22 -51.91
CA GLY A 320 7.06 -11.00 -52.66
C GLY A 320 6.53 -9.75 -52.01
N ALA A 321 6.67 -9.64 -50.69
CA ALA A 321 6.14 -8.48 -49.99
C ALA A 321 6.87 -7.20 -50.38
N ILE A 322 8.15 -7.30 -50.73
CA ILE A 322 8.85 -6.09 -51.17
C ILE A 322 8.36 -5.65 -52.54
N ASP A 323 8.28 -6.57 -53.52
CA ASP A 323 7.73 -6.21 -54.83
C ASP A 323 6.36 -5.56 -54.71
N ARG A 324 5.54 -6.05 -53.77
CA ARG A 324 4.19 -5.54 -53.61
C ARG A 324 4.21 -4.11 -53.08
N LEU A 325 5.07 -3.83 -52.09
CA LEU A 325 5.14 -2.47 -51.55
C LEU A 325 5.63 -1.48 -52.58
N ILE A 326 6.61 -1.88 -53.40
CA ILE A 326 7.07 -1.00 -54.47
C ILE A 326 5.89 -0.59 -55.36
N LYS A 327 5.14 -1.58 -55.87
CA LYS A 327 3.96 -1.27 -56.68
C LYS A 327 2.98 -0.38 -55.94
N LEU A 328 2.77 -0.67 -54.67
CA LEU A 328 1.93 0.19 -53.84
C LEU A 328 2.54 1.56 -53.65
N TYR A 329 3.85 1.61 -53.39
CA TYR A 329 4.55 2.88 -53.21
C TYR A 329 4.47 3.73 -54.46
N LYS A 330 4.76 3.13 -55.61
CA LYS A 330 4.76 3.88 -56.87
C LYS A 330 3.41 4.54 -57.08
N GLU A 331 2.33 3.85 -56.68
CA GLU A 331 0.98 4.37 -56.77
C GLU A 331 0.78 5.58 -55.85
N MSE A 332 1.19 5.49 -54.58
CA MSE A 332 1.11 6.64 -53.67
C MSE A 332 1.67 7.88 -54.32
O MSE A 332 1.14 8.97 -54.19
CB MSE A 332 1.88 6.42 -52.35
CG MSE A 332 1.96 7.68 -51.38
SE MSE A 332 3.49 9.00 -51.37
CE MSE A 332 4.79 7.93 -50.40
N VAL A 333 2.78 7.66 -55.00
CA VAL A 333 3.61 8.79 -55.37
C VAL A 333 2.79 9.82 -56.14
N TYR A 334 1.99 9.35 -57.09
CA TYR A 334 1.13 10.23 -57.87
C TYR A 334 -0.09 10.67 -57.06
N GLN A 335 0.11 11.14 -55.82
CA GLN A 335 -1.03 11.49 -54.99
C GLN A 335 -0.67 12.57 -53.97
N MSE A 336 0.50 12.47 -53.34
CA MSE A 336 0.82 13.42 -52.27
C MSE A 336 2.03 14.31 -52.60
O MSE A 336 2.47 15.11 -51.78
CB MSE A 336 1.00 12.64 -50.95
CG MSE A 336 1.30 13.48 -49.69
SE MSE A 336 -0.02 14.62 -48.80
CE MSE A 336 1.20 15.70 -47.72
N LYS A 337 2.58 14.16 -53.81
CA LYS A 337 3.44 15.20 -54.39
C LYS A 337 4.81 15.32 -53.69
N GLY A 338 5.31 14.24 -53.11
CA GLY A 338 6.59 14.30 -52.44
C GLY A 338 7.00 12.90 -52.05
N TYR A 339 8.24 12.79 -51.58
CA TYR A 339 8.80 11.49 -51.24
C TYR A 339 8.26 10.97 -49.90
N LEU A 340 8.40 9.67 -49.68
CA LEU A 340 7.83 9.02 -48.50
C LEU A 340 8.60 9.36 -47.23
N THR A 341 9.89 9.67 -47.33
CA THR A 341 10.70 10.01 -46.17
C THR A 341 11.62 11.17 -46.52
N LYS A 342 11.96 11.95 -45.49
CA LYS A 342 12.92 13.05 -45.59
C LYS A 342 13.97 12.86 -44.51
N ASP A 343 15.18 12.47 -44.93
CA ASP A 343 16.35 12.41 -44.06
C ASP A 343 16.17 11.45 -42.89
N GLY A 344 15.26 10.48 -43.00
CA GLY A 344 14.99 9.58 -41.89
C GLY A 344 13.72 9.84 -41.11
N ILE A 345 12.90 10.79 -41.52
CA ILE A 345 11.62 11.03 -40.87
C ILE A 345 10.53 10.67 -41.86
N PRO A 346 9.72 9.64 -41.59
CA PRO A 346 8.63 9.30 -42.53
C PRO A 346 7.50 10.29 -42.40
N GLU A 347 6.91 10.64 -43.55
CA GLU A 347 5.74 11.50 -43.61
C GLU A 347 4.53 10.63 -43.31
N LEU A 348 3.86 10.88 -42.18
CA LEU A 348 2.93 9.88 -41.67
C LEU A 348 1.62 9.84 -42.42
N ASP A 349 1.21 10.95 -43.03
CA ASP A 349 0.03 10.90 -43.89
C ASP A 349 0.31 10.02 -45.10
N ARG A 350 1.54 10.04 -45.61
CA ARG A 350 1.89 9.14 -46.71
C ARG A 350 2.05 7.69 -46.27
N VAL A 351 2.55 7.44 -45.05
CA VAL A 351 2.53 6.08 -44.53
C VAL A 351 1.11 5.55 -44.52
N GLU A 352 0.17 6.35 -43.99
CA GLU A 352 -1.21 5.93 -43.88
C GLU A 352 -1.78 5.58 -45.25
N MSE A 353 -1.33 6.27 -46.29
CA MSE A 353 -1.79 6.08 -47.66
C MSE A 353 -1.39 4.74 -48.23
O MSE A 353 -2.09 4.15 -49.04
CB MSE A 353 -1.22 7.16 -48.55
CG MSE A 353 -2.09 8.34 -48.83
SE MSE A 353 -1.42 8.93 -50.54
CE MSE A 353 -1.94 7.34 -51.58
N ILE A 354 -0.21 4.31 -47.84
CA ILE A 354 0.26 3.00 -48.25
C ILE A 354 -0.37 1.94 -47.37
N MSE A 355 -0.63 2.24 -46.11
CA MSE A 355 -1.25 1.28 -45.21
C MSE A 355 -2.72 0.99 -45.57
O MSE A 355 -3.14 -0.16 -45.52
CB MSE A 355 -1.13 1.75 -43.78
CG MSE A 355 0.29 1.71 -43.25
SE MSE A 355 1.03 -0.08 -42.98
CE MSE A 355 1.56 -0.56 -44.80
N LYS A 356 -3.48 2.03 -45.92
CA LYS A 356 -4.83 1.81 -46.41
C LYS A 356 -4.83 0.94 -47.66
N GLY A 357 -3.83 1.13 -48.52
CA GLY A 357 -3.76 0.36 -49.75
C GLY A 357 -3.38 -1.08 -49.52
N LEU A 358 -2.41 -1.32 -48.64
CA LEU A 358 -2.09 -2.68 -48.27
C LEU A 358 -3.24 -3.34 -47.53
N GLY A 359 -4.07 -2.55 -46.84
CA GLY A 359 -5.19 -3.12 -46.10
C GLY A 359 -6.31 -3.61 -46.98
N ARG A 360 -6.50 -2.97 -48.15
CA ARG A 360 -7.51 -3.42 -49.09
C ARG A 360 -7.17 -4.79 -49.66
N VAL A 361 -5.91 -5.20 -49.60
CA VAL A 361 -5.45 -6.44 -50.20
C VAL A 361 -5.01 -7.48 -49.16
N GLU A 362 -5.15 -7.19 -47.87
CA GLU A 362 -4.74 -8.17 -46.87
C GLU A 362 -5.54 -9.47 -46.99
N ASP A 363 -6.86 -9.36 -47.18
CA ASP A 363 -7.68 -10.56 -47.25
C ASP A 363 -7.28 -11.47 -48.40
N GLU A 364 -7.00 -10.90 -49.56
CA GLU A 364 -6.54 -11.71 -50.69
C GLU A 364 -5.25 -12.45 -50.35
N ILE A 365 -4.32 -11.79 -49.67
CA ILE A 365 -3.02 -12.42 -49.39
C ILE A 365 -3.21 -13.65 -48.52
N PHE A 366 -4.12 -13.58 -47.56
CA PHE A 366 -4.33 -14.72 -46.67
C PHE A 366 -4.95 -15.88 -47.41
N LYS A 367 -5.97 -15.59 -48.24
CA LYS A 367 -6.61 -16.64 -49.02
C LYS A 367 -5.64 -17.22 -50.03
N ARG A 368 -4.84 -16.37 -50.68
CA ARG A 368 -3.80 -16.88 -51.56
C ARG A 368 -2.77 -17.70 -50.78
N ARG A 369 -2.46 -17.28 -49.55
CA ARG A 369 -1.52 -18.03 -48.73
C ARG A 369 -2.12 -19.36 -48.30
N GLN A 370 -3.44 -19.46 -48.34
CA GLN A 370 -4.12 -20.65 -47.84
C GLN A 370 -3.85 -21.88 -48.71
N GLN A 371 -3.99 -21.74 -50.03
CA GLN A 371 -3.70 -22.86 -50.93
C GLN A 371 -2.20 -23.17 -50.97
N ASP A 372 -1.76 -24.07 -50.09
CA ASP A 372 -0.33 -24.39 -49.89
C ASP A 372 -0.07 -25.73 -49.21
N ASP A 383 -5.98 -22.89 -36.74
CA ASP A 383 -6.67 -22.33 -35.58
C ASP A 383 -7.32 -20.98 -35.87
N ILE A 384 -6.57 -19.88 -35.71
CA ILE A 384 -6.99 -18.60 -36.25
C ILE A 384 -7.22 -18.77 -37.74
N ARG A 385 -8.28 -18.21 -38.26
CA ARG A 385 -8.52 -18.38 -39.68
C ARG A 385 -8.37 -17.01 -40.32
N LEU A 386 -7.16 -16.68 -40.77
CA LEU A 386 -6.91 -15.43 -41.46
C LEU A 386 -7.54 -15.41 -42.85
N TYR A 387 -7.79 -16.57 -43.40
CA TYR A 387 -8.25 -16.72 -44.76
C TYR A 387 -9.76 -16.71 -44.89
N GLU A 388 -10.49 -16.98 -43.82
CA GLU A 388 -11.95 -16.98 -43.85
C GLU A 388 -12.48 -15.80 -43.04
N SER A 389 -13.73 -15.44 -43.35
CA SER A 389 -14.31 -14.20 -42.86
C SER A 389 -14.24 -14.11 -41.34
N GLY A 390 -14.16 -12.88 -40.85
CA GLY A 390 -14.08 -12.60 -39.43
C GLY A 390 -12.69 -12.74 -38.83
N TRP A 391 -11.67 -12.83 -39.67
CA TRP A 391 -10.33 -13.16 -39.19
C TRP A 391 -9.77 -12.11 -38.27
N LYS A 392 -10.06 -10.84 -38.53
CA LYS A 392 -9.47 -9.78 -37.73
C LYS A 392 -9.91 -9.87 -36.28
N ASP A 393 -11.18 -10.19 -36.02
CA ASP A 393 -11.66 -10.16 -34.65
C ASP A 393 -11.17 -11.37 -33.83
N ARG A 394 -11.12 -12.56 -34.44
CA ARG A 394 -10.51 -13.70 -33.76
C ARG A 394 -9.08 -13.39 -33.38
N TYR A 395 -8.33 -12.83 -34.34
CA TYR A 395 -6.93 -12.50 -34.13
C TYR A 395 -6.76 -11.57 -32.93
N TYR A 396 -7.57 -10.51 -32.87
CA TYR A 396 -7.42 -9.58 -31.75
C TYR A 396 -7.92 -10.21 -30.45
N ARG A 397 -8.86 -11.15 -30.55
CA ARG A 397 -9.24 -11.94 -29.38
C ARG A 397 -8.16 -12.96 -29.02
N ALA A 398 -7.64 -13.68 -30.02
CA ALA A 398 -6.66 -14.72 -29.73
C ALA A 398 -5.36 -14.11 -29.18
N LYS A 399 -4.80 -13.14 -29.89
CA LYS A 399 -3.46 -12.67 -29.54
C LYS A 399 -3.49 -11.59 -28.46
N PHE A 400 -4.53 -10.76 -28.37
CA PHE A 400 -4.55 -9.71 -27.35
C PHE A 400 -5.68 -9.85 -26.34
N ASP A 401 -6.65 -10.73 -26.59
CA ASP A 401 -7.85 -10.88 -25.76
C ASP A 401 -8.64 -9.57 -25.69
N VAL A 402 -9.07 -9.13 -26.88
CA VAL A 402 -9.98 -8.00 -27.06
C VAL A 402 -10.84 -8.32 -28.28
N GLY A 403 -12.01 -7.68 -28.38
CA GLY A 403 -12.93 -8.13 -29.40
C GLY A 403 -13.98 -7.15 -29.89
N SER A 404 -13.90 -6.78 -31.17
CA SER A 404 -14.94 -6.06 -31.90
C SER A 404 -15.33 -4.72 -31.28
N ASP A 405 -15.62 -4.72 -29.98
CA ASP A 405 -16.01 -3.49 -29.29
C ASP A 405 -14.84 -2.50 -29.29
N ASP A 406 -13.67 -2.98 -28.92
CA ASP A 406 -12.50 -2.12 -28.68
C ASP A 406 -11.71 -1.95 -29.96
N ILE A 407 -11.95 -0.85 -30.70
CA ILE A 407 -11.02 -0.51 -31.77
C ILE A 407 -10.13 0.64 -31.38
N GLU A 408 -10.37 1.26 -30.21
CA GLU A 408 -9.35 2.12 -29.62
C GLU A 408 -8.06 1.34 -29.38
N PHE A 409 -8.19 0.06 -29.05
CA PHE A 409 -7.01 -0.79 -28.84
C PHE A 409 -6.30 -1.06 -30.14
N ARG A 410 -7.05 -1.42 -31.18
CA ARG A 410 -6.44 -1.64 -32.48
C ARG A 410 -5.66 -0.43 -32.93
N HIS A 411 -6.18 0.79 -32.71
CA HIS A 411 -5.38 1.94 -33.09
C HIS A 411 -4.20 2.13 -32.15
N ARG A 412 -4.31 1.69 -30.90
CA ARG A 412 -3.21 1.89 -29.96
C ARG A 412 -1.98 1.07 -30.37
N VAL A 413 -2.16 -0.19 -30.81
CA VAL A 413 -1.01 -0.95 -31.29
C VAL A 413 -0.51 -0.36 -32.60
N ALA A 414 -1.42 0.04 -33.50
CA ALA A 414 -0.99 0.60 -34.77
C ALA A 414 -0.17 1.87 -34.57
N TRP A 415 -0.61 2.76 -33.68
CA TRP A 415 0.17 3.97 -33.41
C TRP A 415 1.48 3.62 -32.72
N ALA A 416 1.45 2.69 -31.76
CA ALA A 416 2.70 2.21 -31.18
C ALA A 416 3.61 1.65 -32.26
N TYR A 417 3.02 1.07 -33.29
CA TYR A 417 3.80 0.46 -34.37
C TYR A 417 4.46 1.53 -35.25
N VAL A 418 3.72 2.55 -35.67
CA VAL A 418 4.35 3.58 -36.53
C VAL A 418 5.44 4.33 -35.77
N GLU A 419 5.22 4.60 -34.49
CA GLU A 419 6.27 5.18 -33.68
C GLU A 419 7.52 4.35 -33.82
N GLY A 420 7.37 3.03 -33.81
CA GLY A 420 8.52 2.16 -34.03
C GLY A 420 9.22 2.44 -35.34
N LEU A 421 8.46 2.49 -36.43
CA LEU A 421 9.06 2.73 -37.74
C LEU A 421 9.78 4.07 -37.79
N CYS A 422 9.20 5.08 -37.16
CA CYS A 422 9.93 6.33 -37.02
C CYS A 422 11.25 6.14 -36.30
N TRP A 423 11.24 5.34 -35.23
CA TRP A 423 12.45 5.10 -34.46
C TRP A 423 13.50 4.38 -35.29
N VAL A 424 13.07 3.36 -36.04
CA VAL A 424 13.99 2.59 -36.86
C VAL A 424 14.67 3.47 -37.89
N LEU A 425 13.89 4.13 -38.74
CA LEU A 425 14.48 4.93 -39.81
C LEU A 425 15.41 5.99 -39.24
N ARG A 426 15.02 6.57 -38.10
CA ARG A 426 15.86 7.55 -37.43
C ARG A 426 17.14 6.91 -36.91
N TYR A 427 17.07 5.64 -36.45
CA TYR A 427 18.26 4.94 -35.97
C TYR A 427 19.34 4.91 -37.04
N TYR A 428 18.97 4.52 -38.27
CA TYR A 428 19.97 4.40 -39.32
C TYR A 428 20.41 5.77 -39.83
N TYR A 429 19.46 6.65 -40.14
CA TYR A 429 19.83 7.85 -40.87
C TYR A 429 20.36 8.96 -40.00
N GLN A 430 20.16 8.90 -38.70
CA GLN A 430 20.59 10.02 -37.86
C GLN A 430 21.07 9.59 -36.49
N GLY A 431 21.23 8.32 -36.21
CA GLY A 431 21.63 8.02 -34.84
C GLY A 431 20.44 7.86 -33.92
N CYS A 432 20.64 7.02 -32.90
CA CYS A 432 19.58 6.58 -32.00
C CYS A 432 18.73 7.74 -31.49
N ALA A 433 17.41 7.58 -31.60
CA ALA A 433 16.48 8.61 -31.16
C ALA A 433 16.00 8.42 -29.74
N SER A 434 16.09 7.21 -29.19
CA SER A 434 15.61 6.99 -27.83
C SER A 434 16.20 5.69 -27.32
N TRP A 435 16.95 5.76 -26.21
CA TRP A 435 17.41 4.54 -25.56
C TRP A 435 16.32 3.82 -24.78
N ASP A 436 15.16 4.47 -24.53
CA ASP A 436 14.12 3.89 -23.68
C ASP A 436 12.93 3.34 -24.46
N TRP A 437 12.73 3.77 -25.70
CA TRP A 437 11.56 3.37 -26.46
C TRP A 437 11.56 1.87 -26.77
N TYR A 438 10.37 1.27 -26.71
CA TYR A 438 10.17 -0.10 -27.17
C TYR A 438 8.70 -0.30 -27.56
N PHE A 439 8.48 -1.30 -28.39
CA PHE A 439 7.15 -1.70 -28.81
C PHE A 439 6.58 -2.67 -27.81
N PRO A 440 5.52 -2.33 -27.09
CA PRO A 440 5.14 -3.15 -25.94
C PRO A 440 4.06 -4.19 -26.22
N TYR A 441 4.15 -4.89 -27.35
CA TYR A 441 3.20 -5.93 -27.68
C TYR A 441 3.95 -7.11 -28.28
N HIS A 442 3.32 -8.28 -28.18
CA HIS A 442 3.93 -9.48 -28.72
C HIS A 442 3.49 -9.76 -30.13
N TYR A 443 2.49 -9.05 -30.62
CA TYR A 443 2.00 -9.30 -31.97
C TYR A 443 1.82 -7.99 -32.69
N ALA A 444 1.83 -8.06 -33.99
CA ALA A 444 1.71 -6.86 -34.78
C ALA A 444 0.26 -6.64 -35.15
N PRO A 445 -0.12 -5.42 -35.48
CA PRO A 445 -1.46 -5.19 -36.04
C PRO A 445 -1.48 -5.54 -37.52
N PHE A 446 -2.64 -5.36 -38.14
CA PHE A 446 -2.79 -5.50 -39.58
C PHE A 446 -2.75 -4.13 -40.22
N ALA A 447 -2.40 -4.10 -41.50
CA ALA A 447 -2.33 -2.81 -42.19
C ALA A 447 -3.65 -2.04 -42.12
N SER A 448 -4.79 -2.73 -42.07
CA SER A 448 -6.05 -2.00 -42.00
C SER A 448 -6.21 -1.21 -40.71
N ASP A 449 -5.36 -1.42 -39.71
CA ASP A 449 -5.46 -0.70 -38.44
C ASP A 449 -4.75 0.65 -38.43
N PHE A 450 -3.98 0.95 -39.46
CA PHE A 450 -3.18 2.15 -39.48
C PHE A 450 -3.92 3.35 -40.03
N GLU A 451 -5.22 3.27 -40.23
CA GLU A 451 -5.97 4.49 -40.45
C GLU A 451 -5.76 5.44 -39.27
N THR A 452 -6.02 6.72 -39.49
CA THR A 452 -5.83 7.77 -38.49
C THR A 452 -4.37 7.92 -38.02
N VAL A 453 -3.45 7.08 -38.50
CA VAL A 453 -2.06 7.21 -38.10
C VAL A 453 -1.46 8.54 -38.54
N GLY A 454 -2.05 9.19 -39.55
CA GLY A 454 -1.51 10.45 -40.03
C GLY A 454 -1.50 11.57 -39.01
N GLU A 455 -2.43 11.54 -38.06
CA GLU A 455 -2.46 12.55 -37.02
C GLU A 455 -1.38 12.34 -35.97
N PHE A 456 -0.78 11.16 -35.92
CA PHE A 456 0.27 10.92 -34.95
C PHE A 456 1.49 11.78 -35.22
N GLN A 457 2.07 12.32 -34.16
CA GLN A 457 3.27 13.13 -34.26
C GLN A 457 4.31 12.49 -33.36
N PRO A 458 5.42 12.03 -33.90
CA PRO A 458 6.41 11.33 -33.07
C PRO A 458 7.13 12.32 -32.17
N ASP A 459 7.48 11.87 -30.96
CA ASP A 459 8.09 12.73 -29.94
C ASP A 459 9.24 11.99 -29.26
N PHE A 460 10.44 12.14 -29.82
CA PHE A 460 11.66 11.52 -29.30
C PHE A 460 12.59 12.55 -28.68
N THR A 461 12.05 13.65 -28.15
CA THR A 461 12.89 14.70 -27.60
C THR A 461 13.25 14.47 -26.14
N ARG A 462 12.53 13.61 -25.42
CA ARG A 462 12.95 13.23 -24.08
C ARG A 462 14.40 12.74 -24.12
N PRO A 463 15.28 13.24 -23.25
CA PRO A 463 16.68 12.82 -23.28
C PRO A 463 16.84 11.44 -22.66
N THR A 464 17.60 10.59 -23.34
CA THR A 464 17.80 9.23 -22.90
C THR A 464 19.28 8.87 -23.03
N LYS A 465 19.73 8.01 -22.13
CA LYS A 465 21.09 7.52 -22.13
C LYS A 465 21.01 6.00 -22.05
N PRO A 466 22.02 5.29 -22.57
CA PRO A 466 21.97 3.83 -22.54
C PRO A 466 22.06 3.30 -21.12
N PHE A 467 21.61 2.06 -20.97
CA PHE A 467 21.80 1.37 -19.70
C PHE A 467 23.28 1.17 -19.39
N ASN A 468 23.54 0.93 -18.15
CA ASN A 468 24.82 0.40 -17.75
C ASN A 468 24.89 -1.10 -18.04
N PRO A 469 26.05 -1.61 -18.44
CA PRO A 469 26.11 -3.00 -18.90
C PRO A 469 25.43 -4.00 -17.98
N LEU A 470 25.69 -3.92 -16.67
CA LEU A 470 25.12 -4.92 -15.76
C LEU A 470 23.61 -4.79 -15.67
N GLU A 471 23.08 -3.57 -15.69
CA GLU A 471 21.63 -3.42 -15.71
C GLU A 471 21.04 -4.12 -16.93
N GLN A 472 21.70 -4.03 -18.08
CA GLN A 472 21.18 -4.71 -19.26
C GLN A 472 21.33 -6.22 -19.13
N LEU A 473 22.38 -6.69 -18.47
CA LEU A 473 22.45 -8.11 -18.17
C LEU A 473 21.19 -8.53 -17.43
N MSE A 474 20.87 -7.83 -16.35
CA MSE A 474 19.69 -8.09 -15.59
C MSE A 474 18.42 -8.02 -16.44
O MSE A 474 17.47 -8.79 -16.21
CB MSE A 474 19.60 -7.15 -14.42
CG MSE A 474 20.69 -7.34 -13.43
SE MSE A 474 20.79 -9.04 -12.45
CE MSE A 474 19.11 -8.95 -11.41
N SER A 475 18.36 -7.14 -17.43
CA SER A 475 17.14 -7.09 -18.23
C SER A 475 17.20 -7.98 -19.46
N VAL A 476 18.28 -8.71 -19.67
CA VAL A 476 18.39 -9.51 -20.89
C VAL A 476 18.75 -10.96 -20.59
N PHE A 477 19.15 -11.26 -19.39
CA PHE A 477 19.50 -12.64 -19.05
C PHE A 477 18.32 -13.37 -18.40
N PRO A 478 18.28 -14.68 -18.59
CA PRO A 478 17.51 -15.56 -17.72
C PRO A 478 18.35 -15.99 -16.51
N ALA A 479 17.66 -16.59 -15.52
CA ALA A 479 18.35 -17.06 -14.33
C ALA A 479 19.36 -18.16 -14.64
N ALA A 480 19.20 -18.87 -15.75
CA ALA A 480 20.16 -19.90 -16.17
C ALA A 480 21.56 -19.36 -16.44
N SER A 481 21.69 -18.05 -16.65
CA SER A 481 22.95 -17.42 -16.97
C SER A 481 23.40 -16.49 -15.86
N LYS A 482 23.05 -16.84 -14.62
CA LYS A 482 23.34 -15.97 -13.51
C LYS A 482 24.81 -15.97 -13.09
N GLN A 483 25.63 -16.92 -13.56
CA GLN A 483 27.07 -16.92 -13.21
C GLN A 483 27.70 -15.57 -13.47
N HIS A 484 27.32 -14.94 -14.56
CA HIS A 484 27.95 -13.74 -15.05
C HIS A 484 27.59 -12.50 -14.28
N LEU A 485 26.86 -12.61 -13.20
CA LEU A 485 26.51 -11.40 -12.48
C LEU A 485 27.16 -11.34 -11.11
N PRO A 486 27.28 -10.16 -10.53
CA PRO A 486 27.82 -10.06 -9.17
C PRO A 486 26.99 -10.91 -8.23
N VAL A 487 27.65 -11.50 -7.22
CA VAL A 487 26.99 -12.55 -6.43
C VAL A 487 25.75 -12.04 -5.77
N GLU A 488 25.75 -10.78 -5.33
CA GLU A 488 24.58 -10.28 -4.66
C GLU A 488 23.43 -10.06 -5.63
N TRP A 489 23.75 -9.81 -6.90
CA TRP A 489 22.75 -9.64 -7.94
C TRP A 489 22.16 -10.97 -8.40
N GLN A 490 22.93 -12.04 -8.37
CA GLN A 490 22.37 -13.34 -8.77
C GLN A 490 21.19 -13.70 -7.90
N LYS A 491 21.31 -13.47 -6.59
CA LYS A 491 20.21 -13.74 -5.66
C LYS A 491 18.91 -13.12 -6.17
N LEU A 492 18.99 -11.91 -6.73
CA LEU A 492 17.78 -11.25 -7.22
C LEU A 492 17.12 -12.01 -8.37
N MSE A 493 17.82 -12.95 -9.01
CA MSE A 493 17.25 -13.67 -10.15
C MSE A 493 16.60 -15.02 -9.78
O MSE A 493 15.85 -15.60 -10.58
CB MSE A 493 18.33 -13.92 -11.23
CG MSE A 493 19.17 -12.70 -11.63
SE MSE A 493 20.68 -13.14 -12.85
CE MSE A 493 19.84 -12.74 -14.56
N ILE A 494 16.87 -15.55 -8.59
CA ILE A 494 16.45 -16.92 -8.32
C ILE A 494 15.63 -17.09 -7.06
N GLN A 495 15.91 -16.32 -6.01
CA GLN A 495 15.24 -16.64 -4.75
C GLN A 495 13.85 -16.04 -4.69
N ASP A 496 12.97 -16.71 -3.96
CA ASP A 496 11.57 -16.33 -4.00
C ASP A 496 11.32 -14.99 -3.32
N ASP A 497 12.16 -14.62 -2.36
CA ASP A 497 11.94 -13.33 -1.72
C ASP A 497 12.39 -12.15 -2.58
N SER A 498 13.01 -12.41 -3.74
CA SER A 498 13.49 -11.35 -4.62
C SER A 498 12.33 -10.55 -5.22
N PRO A 499 12.35 -9.22 -5.13
CA PRO A 499 11.24 -8.43 -5.67
C PRO A 499 11.24 -8.26 -7.17
N ILE A 500 12.15 -8.95 -7.87
CA ILE A 500 12.08 -9.00 -9.31
C ILE A 500 12.09 -10.45 -9.79
N ILE A 501 11.81 -11.41 -8.89
CA ILE A 501 11.83 -12.81 -9.29
C ILE A 501 10.85 -13.07 -10.44
N ASP A 502 9.84 -12.21 -10.62
CA ASP A 502 8.90 -12.40 -11.70
C ASP A 502 9.51 -12.18 -13.07
N LEU A 503 10.64 -11.47 -13.16
CA LEU A 503 11.27 -11.21 -14.44
C LEU A 503 12.05 -12.39 -14.95
N TYR A 504 12.21 -13.45 -14.15
CA TYR A 504 13.05 -14.59 -14.50
C TYR A 504 12.25 -15.87 -14.38
N PRO A 505 11.30 -16.10 -15.29
CA PRO A 505 10.57 -17.37 -15.28
C PRO A 505 11.47 -18.53 -15.68
N ALA A 506 11.24 -19.66 -15.00
CA ALA A 506 11.97 -20.89 -15.27
C ALA A 506 11.62 -21.45 -16.65
N ASP A 507 10.34 -21.32 -17.05
CA ASP A 507 9.86 -21.71 -18.37
C ASP A 507 8.81 -20.72 -18.86
N PHE A 508 8.57 -20.73 -20.16
CA PHE A 508 7.64 -19.81 -20.81
C PHE A 508 7.04 -20.49 -22.04
N ARG A 509 5.90 -20.01 -22.49
CA ARG A 509 5.29 -20.66 -23.64
C ARG A 509 5.62 -19.89 -24.90
N ILE A 510 5.83 -20.61 -25.99
CA ILE A 510 6.16 -20.06 -27.30
C ILE A 510 4.98 -20.28 -28.24
N ASP A 511 4.41 -19.20 -28.74
CA ASP A 511 3.31 -19.29 -29.70
C ASP A 511 3.91 -19.52 -31.08
N LEU A 512 3.57 -20.65 -31.72
CA LEU A 512 4.10 -20.91 -33.06
C LEU A 512 3.62 -19.88 -34.07
N ASN A 513 2.42 -19.34 -33.87
CA ASN A 513 1.87 -18.25 -34.70
C ASN A 513 1.73 -18.64 -36.18
N GLY A 514 1.34 -19.89 -36.42
CA GLY A 514 1.19 -20.34 -37.79
C GLY A 514 2.48 -20.82 -38.41
N LYS A 515 3.58 -20.17 -38.05
CA LYS A 515 4.89 -20.53 -38.56
C LYS A 515 5.22 -21.99 -38.19
N LYS A 516 6.28 -22.53 -38.83
CA LYS A 516 6.56 -23.96 -38.66
C LYS A 516 7.37 -24.23 -37.39
N TYR A 517 8.51 -23.58 -37.25
CA TYR A 517 9.45 -23.93 -36.21
C TYR A 517 9.33 -23.00 -35.02
N ALA A 518 9.78 -23.49 -33.86
CA ALA A 518 9.63 -22.75 -32.62
C ALA A 518 10.35 -21.42 -32.65
N TRP A 519 11.41 -21.33 -33.44
CA TRP A 519 12.17 -20.09 -33.53
C TRP A 519 11.51 -19.05 -34.44
N GLN A 520 10.51 -19.44 -35.23
CA GLN A 520 9.74 -18.44 -35.97
C GLN A 520 8.60 -17.89 -35.15
N GLY A 521 8.32 -18.48 -34.00
CA GLY A 521 7.20 -18.08 -33.17
C GLY A 521 7.53 -16.95 -32.22
N VAL A 522 6.55 -16.63 -31.38
CA VAL A 522 6.62 -15.53 -30.42
C VAL A 522 6.90 -16.09 -29.04
N ALA A 523 7.93 -15.55 -28.38
CA ALA A 523 8.24 -15.93 -27.01
C ALA A 523 7.43 -15.07 -26.06
N LEU A 524 6.51 -15.67 -25.32
CA LEU A 524 5.59 -14.95 -24.43
C LEU A 524 6.23 -14.72 -23.06
N LEU A 525 7.16 -13.78 -23.03
CA LEU A 525 7.90 -13.37 -21.85
C LEU A 525 7.42 -12.04 -21.33
N PRO A 526 7.37 -11.81 -20.02
CA PRO A 526 6.92 -10.50 -19.53
C PRO A 526 7.94 -9.41 -19.84
N PHE A 527 7.46 -8.22 -20.19
CA PHE A 527 8.32 -7.09 -20.43
C PHE A 527 8.97 -6.64 -19.12
N VAL A 528 10.21 -6.15 -19.20
CA VAL A 528 10.90 -5.77 -17.98
C VAL A 528 10.38 -4.44 -17.45
N ASP A 529 10.02 -4.42 -16.16
CA ASP A 529 9.67 -3.17 -15.49
C ASP A 529 10.99 -2.47 -15.23
N GLU A 530 11.37 -1.63 -16.19
CA GLU A 530 12.59 -0.82 -16.08
C GLU A 530 12.69 -0.14 -14.72
N THR A 531 11.61 0.49 -14.27
CA THR A 531 11.67 1.29 -13.06
C THR A 531 11.87 0.42 -11.83
N ARG A 532 11.13 -0.69 -11.75
CA ARG A 532 11.24 -1.63 -10.64
C ARG A 532 12.59 -2.35 -10.63
N LEU A 533 13.17 -2.61 -11.81
CA LEU A 533 14.49 -3.23 -11.83
C LEU A 533 15.53 -2.31 -11.21
N LEU A 534 15.63 -1.08 -11.70
CA LEU A 534 16.63 -0.13 -11.21
C LEU A 534 16.40 0.16 -9.73
N ALA A 535 15.14 0.14 -9.33
CA ALA A 535 14.79 0.32 -7.93
C ALA A 535 15.38 -0.80 -7.09
N THR A 536 15.22 -2.05 -7.54
CA THR A 536 15.72 -3.20 -6.78
C THR A 536 17.24 -3.21 -6.70
N LEU A 537 17.89 -2.81 -7.78
CA LEU A 537 19.34 -2.85 -7.86
C LEU A 537 19.99 -1.83 -6.95
N GLN A 538 19.25 -0.81 -6.49
CA GLN A 538 19.90 0.19 -5.65
C GLN A 538 20.48 -0.41 -4.39
N SER A 539 19.78 -1.39 -3.80
CA SER A 539 20.22 -2.01 -2.56
C SER A 539 21.50 -2.85 -2.73
N VAL A 540 21.82 -3.29 -3.95
CA VAL A 540 22.97 -4.15 -4.19
C VAL A 540 24.07 -3.50 -5.00
N TYR A 541 23.88 -2.26 -5.45
CA TYR A 541 24.94 -1.61 -6.23
C TYR A 541 26.25 -1.50 -5.47
N PRO A 542 26.29 -1.16 -4.18
CA PRO A 542 27.58 -1.03 -3.48
C PRO A 542 28.33 -2.33 -3.25
N THR A 543 27.80 -3.49 -3.61
CA THR A 543 28.57 -4.72 -3.42
C THR A 543 29.45 -5.06 -4.61
N LEU A 544 29.46 -4.22 -5.65
CA LEU A 544 30.28 -4.49 -6.83
C LEU A 544 31.74 -4.46 -6.46
N THR A 545 32.50 -5.40 -7.02
CA THR A 545 33.94 -5.33 -6.94
C THR A 545 34.47 -4.23 -7.87
N ALA A 546 35.76 -3.93 -7.72
CA ALA A 546 36.40 -2.98 -8.64
C ALA A 546 36.25 -3.48 -10.07
N GLU A 547 36.55 -4.77 -10.30
CA GLU A 547 36.40 -5.36 -11.63
C GLU A 547 34.96 -5.23 -12.11
N GLU A 548 33.99 -5.45 -11.23
CA GLU A 548 32.60 -5.35 -11.64
C GLU A 548 32.23 -3.90 -11.95
N LYS A 549 32.62 -2.97 -11.07
CA LYS A 549 32.45 -1.55 -11.38
C LYS A 549 33.09 -1.21 -12.71
N GLN A 550 34.20 -1.86 -13.05
CA GLN A 550 34.84 -1.56 -14.32
C GLN A 550 33.99 -2.01 -15.49
N ARG A 551 33.56 -3.28 -15.47
CA ARG A 551 32.75 -3.79 -16.58
C ARG A 551 31.50 -2.97 -16.74
N ASN A 552 31.06 -2.27 -15.69
CA ASN A 552 29.81 -1.56 -15.70
C ASN A 552 29.95 -0.11 -16.15
N THR A 553 31.07 0.26 -16.77
CA THR A 553 31.34 1.65 -17.11
C THR A 553 31.29 1.87 -18.60
N ARG A 554 30.71 3.00 -19.01
CA ARG A 554 30.77 3.39 -20.42
C ARG A 554 32.22 3.68 -20.77
N GLY A 555 32.76 2.97 -21.76
CA GLY A 555 34.14 3.14 -22.14
C GLY A 555 34.30 3.75 -23.51
N PRO A 556 35.54 3.95 -23.92
CA PRO A 556 35.78 4.67 -25.18
C PRO A 556 36.15 3.78 -26.34
N ASN A 557 36.18 4.38 -27.52
CA ASN A 557 36.77 3.73 -28.67
C ASN A 557 38.29 3.93 -28.66
N ARG A 558 38.99 3.03 -29.31
CA ARG A 558 40.42 3.13 -29.40
C ARG A 558 40.88 3.00 -30.85
N ILE A 559 41.92 3.73 -31.20
CA ILE A 559 42.51 3.73 -32.54
C ILE A 559 44.00 3.43 -32.40
N PHE A 560 44.52 2.62 -33.31
CA PHE A 560 45.87 2.09 -33.27
C PHE A 560 46.56 2.34 -34.61
N ILE A 561 47.84 2.69 -34.54
CA ILE A 561 48.66 2.73 -35.74
C ILE A 561 50.03 2.17 -35.41
N GLY A 562 50.72 1.70 -36.46
CA GLY A 562 52.06 1.18 -36.32
C GLY A 562 53.15 2.23 -36.50
N ARG A 563 54.40 1.83 -36.20
CA ARG A 563 55.50 2.79 -36.08
C ARG A 563 55.82 3.48 -37.40
N ASN A 564 55.50 2.86 -38.50
CA ASN A 564 55.71 3.45 -39.81
C ASN A 564 54.58 4.38 -40.25
N HIS A 565 53.43 4.37 -39.58
CA HIS A 565 52.30 5.15 -40.05
C HIS A 565 52.67 6.63 -40.07
N LYS A 566 52.21 7.36 -41.09
CA LYS A 566 52.65 8.73 -41.16
C LYS A 566 52.04 9.62 -40.07
N SER A 567 51.14 9.09 -39.25
CA SER A 567 50.63 9.79 -38.09
C SER A 567 51.15 9.20 -36.78
N PHE A 568 52.16 8.34 -36.84
CA PHE A 568 52.65 7.69 -35.62
C PHE A 568 53.21 8.70 -34.63
N GLU A 569 54.02 9.66 -35.10
CA GLU A 569 54.61 10.62 -34.17
C GLU A 569 53.55 11.53 -33.61
N PHE A 570 52.55 11.85 -34.44
CA PHE A 570 51.40 12.60 -33.95
C PHE A 570 50.78 11.90 -32.76
N PHE A 571 50.45 10.63 -32.91
CA PHE A 571 49.85 9.89 -31.80
C PHE A 571 50.81 9.86 -30.61
N GLN A 572 52.10 9.74 -30.89
CA GLN A 572 53.06 9.59 -29.81
C GLN A 572 53.09 10.82 -28.94
N GLN A 573 52.96 12.01 -29.55
CA GLN A 573 52.86 13.22 -28.74
C GLN A 573 51.64 13.16 -27.83
N VAL A 574 50.50 12.76 -28.38
CA VAL A 574 49.30 12.72 -27.57
C VAL A 574 49.42 11.63 -26.51
N ALA A 575 49.97 10.49 -26.88
CA ALA A 575 50.14 9.45 -25.89
C ALA A 575 51.09 9.88 -24.78
N GLU A 576 52.15 10.64 -25.11
CA GLU A 576 53.10 11.02 -24.07
C GLU A 576 52.62 12.19 -23.24
N SER A 577 51.65 12.95 -23.76
CA SER A 577 51.15 14.10 -23.01
C SER A 577 50.51 13.68 -21.69
N LYS A 578 50.09 12.42 -21.59
CA LYS A 578 49.40 11.90 -20.41
C LYS A 578 48.22 12.79 -20.01
N SER A 579 47.67 13.52 -20.98
CA SER A 579 46.59 14.45 -20.76
C SER A 579 45.27 13.92 -21.32
N ASP A 580 44.17 14.32 -20.69
CA ASP A 580 42.85 13.87 -21.12
C ASP A 580 42.15 14.77 -22.14
N ASP A 581 42.70 15.93 -22.48
CA ASP A 581 42.04 16.75 -23.49
C ASP A 581 41.98 15.98 -24.81
N LEU A 582 40.87 16.16 -25.50
CA LEU A 582 40.68 15.54 -26.79
C LEU A 582 41.38 16.39 -27.84
N VAL A 583 42.31 15.80 -28.57
CA VAL A 583 43.11 16.49 -29.56
C VAL A 583 42.51 16.23 -30.93
N PRO A 584 42.21 17.26 -31.73
CA PRO A 584 41.78 17.01 -33.11
C PRO A 584 42.89 16.39 -33.95
N LEU A 585 42.54 15.35 -34.69
CA LEU A 585 43.48 14.66 -35.56
C LEU A 585 43.82 15.50 -36.75
N ASP A 586 44.99 15.28 -37.29
CA ASP A 586 45.35 15.88 -38.56
C ASP A 586 44.89 14.93 -39.66
N PRO A 587 43.77 15.22 -40.30
CA PRO A 587 43.25 14.29 -41.31
C PRO A 587 44.17 14.13 -42.50
N THR A 588 45.11 15.06 -42.71
CA THR A 588 46.10 14.91 -43.77
C THR A 588 46.93 13.65 -43.62
N LEU A 589 47.20 13.20 -42.40
CA LEU A 589 48.00 12.01 -42.19
C LEU A 589 47.16 10.75 -42.16
N LEU A 590 45.89 10.82 -42.55
CA LEU A 590 45.00 9.69 -42.37
C LEU A 590 44.03 9.53 -43.54
N ASN A 591 44.36 10.08 -44.71
CA ASN A 591 43.49 10.02 -45.90
C ASN A 591 42.11 10.56 -45.58
N GLY A 592 42.05 11.61 -44.77
CA GLY A 592 40.81 12.30 -44.54
C GLY A 592 40.04 11.85 -43.33
N VAL A 593 40.56 10.88 -42.58
CA VAL A 593 39.86 10.51 -41.36
C VAL A 593 39.96 11.67 -40.40
N SER A 594 38.81 12.12 -39.92
CA SER A 594 38.66 13.16 -38.93
C SER A 594 38.30 12.52 -37.60
N GLY A 595 38.47 13.27 -36.54
CA GLY A 595 38.11 12.83 -35.21
C GLY A 595 39.00 13.51 -34.18
N LYS A 596 38.87 13.05 -32.94
CA LYS A 596 39.72 13.54 -31.86
C LYS A 596 40.29 12.35 -31.11
N ILE A 597 41.55 12.45 -30.68
CA ILE A 597 42.17 11.37 -29.92
C ILE A 597 42.70 11.91 -28.60
N ALA A 598 42.95 10.99 -27.68
CA ALA A 598 43.46 11.36 -26.37
C ALA A 598 44.20 10.19 -25.72
N TYR A 599 45.03 10.54 -24.73
CA TYR A 599 45.82 9.56 -24.00
C TYR A 599 44.95 8.46 -23.39
N ASP A 600 45.42 7.25 -23.57
CA ASP A 600 44.83 6.05 -23.01
C ASP A 600 45.76 5.57 -21.91
N SER A 601 45.36 5.77 -20.65
CA SER A 601 46.16 5.30 -19.54
C SER A 601 46.35 3.78 -19.54
N THR A 602 45.47 3.00 -20.15
CA THR A 602 45.62 1.55 -20.16
C THR A 602 46.44 1.05 -21.34
N ALA A 603 46.88 1.92 -22.23
CA ALA A 603 47.55 1.45 -23.43
C ALA A 603 48.93 0.97 -23.07
N THR A 604 49.36 -0.07 -23.77
CA THR A 604 50.75 -0.56 -23.70
C THR A 604 51.62 0.27 -24.63
N ALA A 605 52.69 0.89 -24.07
CA ALA A 605 53.45 1.83 -24.89
C ALA A 605 54.35 1.15 -25.90
N PRO A 606 54.64 1.83 -27.01
CA PRO A 606 55.67 1.34 -27.92
C PRO A 606 56.98 1.13 -27.20
N GLY A 607 57.69 0.07 -27.60
CA GLY A 607 58.98 -0.28 -27.03
C GLY A 607 58.93 -1.22 -25.84
N LEU A 608 57.76 -1.43 -25.23
CA LEU A 608 57.59 -2.38 -24.14
C LEU A 608 57.04 -3.70 -24.64
N PRO A 609 57.23 -4.79 -23.89
CA PRO A 609 56.60 -6.07 -24.24
C PRO A 609 55.11 -6.05 -24.02
N PHE A 610 54.44 -6.92 -24.76
CA PHE A 610 52.98 -7.14 -24.62
C PHE A 610 52.76 -8.63 -24.45
N VAL A 611 52.56 -9.09 -23.20
CA VAL A 611 52.43 -10.52 -22.91
C VAL A 611 51.03 -11.00 -23.34
N SER A 612 50.98 -12.18 -23.97
CA SER A 612 49.74 -12.60 -24.61
C SER A 612 48.71 -13.04 -23.59
N PRO A 613 47.49 -12.52 -23.64
CA PRO A 613 46.44 -13.02 -22.75
C PRO A 613 45.81 -14.32 -23.22
N VAL A 614 46.21 -14.80 -24.40
CA VAL A 614 45.67 -15.99 -25.03
C VAL A 614 46.74 -17.07 -25.02
N ASN A 615 46.53 -18.10 -24.20
CA ASN A 615 47.48 -19.20 -24.03
C ASN A 615 47.27 -20.22 -25.14
N HIS A 616 48.02 -20.05 -26.23
CA HIS A 616 47.87 -20.83 -27.45
C HIS A 616 49.17 -20.72 -28.24
N ASP A 617 49.46 -21.75 -29.04
CA ASP A 617 50.71 -21.77 -29.80
C ASP A 617 50.78 -20.60 -30.77
N GLU A 618 49.65 -20.22 -31.34
CA GLU A 618 49.52 -19.13 -32.30
C GLU A 618 49.53 -17.74 -31.68
N CYS A 619 49.46 -17.62 -30.36
CA CYS A 619 49.42 -16.32 -29.69
C CYS A 619 50.64 -16.18 -28.80
N GLN A 620 51.80 -15.96 -29.44
CA GLN A 620 53.02 -15.76 -28.70
C GLN A 620 53.02 -14.41 -28.00
N ASP A 621 53.80 -14.32 -26.93
CA ASP A 621 54.05 -13.01 -26.32
C ASP A 621 54.70 -12.10 -27.35
N LEU A 622 54.42 -10.82 -27.24
CA LEU A 622 55.04 -9.84 -28.13
C LEU A 622 56.31 -9.29 -27.46
N PRO A 623 57.51 -9.56 -28.01
CA PRO A 623 58.73 -9.13 -27.30
C PRO A 623 58.88 -7.61 -27.22
N THR A 624 58.54 -6.92 -28.29
CA THR A 624 58.52 -5.47 -28.29
C THR A 624 57.33 -5.00 -29.12
N ASN A 625 56.38 -4.35 -28.46
CA ASN A 625 55.22 -3.80 -29.15
C ASN A 625 55.64 -2.55 -29.90
N CYS A 626 55.25 -2.45 -31.16
CA CYS A 626 55.57 -1.29 -31.97
C CYS A 626 54.33 -0.50 -32.34
N GLY A 627 53.19 -0.82 -31.75
CA GLY A 627 51.96 -0.14 -32.03
C GLY A 627 51.61 0.81 -30.90
N ILE A 628 51.02 1.94 -31.26
CA ILE A 628 50.57 2.91 -30.27
C ILE A 628 49.05 2.91 -30.26
N CYS A 629 48.48 3.05 -29.06
CA CYS A 629 47.04 2.98 -28.88
C CYS A 629 46.55 4.22 -28.16
N VAL A 630 45.64 4.97 -28.77
CA VAL A 630 45.03 6.11 -28.09
C VAL A 630 43.50 5.99 -28.15
N LEU A 631 42.83 6.76 -27.31
CA LEU A 631 41.38 6.85 -27.36
C LEU A 631 40.95 7.65 -28.58
N TYR A 632 39.83 7.25 -29.18
CA TYR A 632 39.32 7.86 -30.40
C TYR A 632 37.87 8.26 -30.18
N GLU A 633 37.51 9.37 -30.81
CA GLU A 633 36.17 9.93 -30.76
C GLU A 633 35.80 10.37 -32.18
N ASP A 634 34.68 9.89 -32.67
CA ASP A 634 34.17 10.30 -33.97
C ASP A 634 34.01 11.82 -34.01
N PRO A 635 34.16 12.42 -35.17
CA PRO A 635 33.95 13.87 -35.27
C PRO A 635 32.51 14.26 -34.99
N GLU A 636 32.35 15.21 -34.06
CA GLU A 636 31.05 15.79 -33.71
C GLU A 636 30.30 16.29 -34.94
N ARG B 4 -4.39 10.74 -2.97
CA ARG B 4 -3.99 9.40 -2.54
C ARG B 4 -5.18 8.53 -2.12
N GLY B 5 -4.89 7.27 -1.83
CA GLY B 5 -5.87 6.23 -1.57
C GLY B 5 -5.44 4.88 -2.11
N LYS B 6 -6.14 3.81 -1.72
CA LYS B 6 -5.80 2.49 -2.24
C LYS B 6 -6.31 2.31 -3.67
N LEU B 7 -7.50 2.84 -4.00
CA LEU B 7 -8.01 2.74 -5.35
C LEU B 7 -7.17 3.53 -6.34
N GLU B 8 -6.76 4.76 -6.00
CA GLU B 8 -5.93 5.52 -6.93
C GLU B 8 -4.51 4.94 -7.04
N ASP B 9 -4.01 4.36 -5.94
CA ASP B 9 -2.70 3.72 -5.99
C ASP B 9 -2.72 2.59 -7.00
N VAL B 10 -3.71 1.71 -6.92
CA VAL B 10 -3.77 0.58 -7.84
C VAL B 10 -3.93 1.08 -9.27
N GLU B 11 -4.74 2.12 -9.46
CA GLU B 11 -5.02 2.60 -10.80
C GLU B 11 -3.75 3.15 -11.46
N ALA B 12 -2.83 3.69 -10.66
CA ALA B 12 -1.58 4.22 -11.20
C ALA B 12 -0.61 3.11 -11.61
N GLU B 13 -0.94 1.83 -11.33
CA GLU B 13 -0.10 0.71 -11.74
C GLU B 13 -0.39 0.24 -13.15
N LYS B 14 -1.50 0.70 -13.74
CA LYS B 14 -1.84 0.32 -15.10
C LYS B 14 -0.79 0.83 -16.06
N LYS B 15 -0.49 0.03 -17.08
CA LYS B 15 0.36 0.41 -18.19
C LYS B 15 -0.52 0.53 -19.44
N LEU B 16 -0.23 1.53 -20.27
CA LEU B 16 -1.16 1.94 -21.33
C LEU B 16 -1.37 0.85 -22.38
N TRP B 17 -0.39 -0.03 -22.55
CA TRP B 17 -0.42 -1.19 -23.43
C TRP B 17 -1.22 -2.38 -22.86
N GLU B 18 -1.62 -2.32 -21.59
CA GLU B 18 -2.30 -3.43 -20.94
C GLU B 18 -3.73 -3.50 -21.47
N SER B 19 -4.17 -4.69 -21.88
CA SER B 19 -5.54 -4.82 -22.32
C SER B 19 -6.50 -4.49 -21.18
N ASP B 20 -7.72 -4.14 -21.55
CA ASP B 20 -8.68 -3.76 -20.52
C ASP B 20 -9.07 -4.96 -19.68
N ASP B 21 -9.26 -6.11 -20.32
CA ASP B 21 -9.55 -7.33 -19.58
C ASP B 21 -8.36 -7.75 -18.73
N ALA B 22 -7.16 -7.72 -19.31
CA ALA B 22 -5.95 -8.06 -18.56
C ALA B 22 -5.68 -7.06 -17.45
N TRP B 23 -6.15 -5.82 -17.57
CA TRP B 23 -5.93 -4.90 -16.47
C TRP B 23 -6.82 -5.24 -15.30
N GLU B 24 -8.08 -5.59 -15.58
CA GLU B 24 -8.99 -5.91 -14.48
C GLU B 24 -8.47 -7.09 -13.67
N LEU B 25 -7.86 -8.07 -14.33
CA LEU B 25 -7.32 -9.17 -13.56
C LEU B 25 -6.19 -8.70 -12.66
N ARG B 26 -5.30 -7.86 -13.19
CA ARG B 26 -4.24 -7.29 -12.35
C ARG B 26 -4.81 -6.39 -11.27
N LYS B 27 -5.83 -5.58 -11.62
CA LYS B 27 -6.42 -4.69 -10.62
C LYS B 27 -6.93 -5.49 -9.42
N ALA B 28 -7.69 -6.56 -9.70
CA ALA B 28 -8.33 -7.34 -8.64
C ALA B 28 -7.31 -8.02 -7.73
N PHE B 29 -6.21 -8.52 -8.30
CA PHE B 29 -5.18 -9.11 -7.47
C PHE B 29 -4.52 -8.07 -6.57
N MSE B 30 -4.20 -6.91 -7.12
CA MSE B 30 -3.57 -5.89 -6.32
C MSE B 30 -4.53 -5.43 -5.25
O MSE B 30 -4.11 -5.14 -4.12
CB MSE B 30 -3.13 -4.73 -7.20
CG MSE B 30 -2.27 -5.17 -8.33
SE MSE B 30 -1.17 -3.79 -9.12
CE MSE B 30 0.11 -3.41 -7.69
N LEU B 31 -5.85 -5.39 -5.57
CA LEU B 31 -6.82 -4.93 -4.56
C LEU B 31 -7.03 -5.97 -3.47
N ALA B 32 -6.97 -7.25 -3.80
CA ALA B 32 -7.19 -8.30 -2.80
C ALA B 32 -6.07 -8.40 -1.78
N HIS B 33 -4.86 -7.94 -2.11
CA HIS B 33 -3.72 -8.12 -1.22
C HIS B 33 -3.02 -6.81 -0.87
N TYR B 34 -3.56 -5.68 -1.30
CA TYR B 34 -2.98 -4.36 -1.05
C TYR B 34 -2.50 -4.17 0.39
N ASP B 35 -3.32 -4.50 1.36
CA ASP B 35 -2.97 -4.21 2.73
C ASP B 35 -2.03 -5.23 3.33
N ASP B 36 -1.33 -6.03 2.53
CA ASP B 36 -0.51 -7.09 3.08
C ASP B 36 0.94 -7.10 2.60
N TYR B 37 1.29 -6.28 1.62
CA TYR B 37 2.65 -6.26 1.08
C TYR B 37 2.98 -4.83 0.72
N PRO B 38 4.24 -4.40 0.90
CA PRO B 38 4.63 -3.06 0.46
C PRO B 38 4.52 -2.92 -1.05
N LYS B 39 4.50 -1.65 -1.48
CA LYS B 39 4.20 -1.28 -2.86
C LYS B 39 4.93 -2.16 -3.88
N ILE B 40 6.25 -2.27 -3.75
CA ILE B 40 7.03 -2.94 -4.79
C ILE B 40 6.76 -4.44 -4.79
N GLN B 41 6.55 -5.04 -3.61
CA GLN B 41 6.31 -6.48 -3.56
C GLN B 41 4.94 -6.83 -4.15
N LEU B 42 3.94 -5.96 -3.97
CA LEU B 42 2.65 -6.20 -4.61
C LEU B 42 2.80 -6.16 -6.13
N GLN B 43 3.57 -5.20 -6.64
CA GLN B 43 3.86 -5.14 -8.07
C GLN B 43 4.43 -6.46 -8.56
N CYS B 44 5.42 -6.98 -7.83
CA CYS B 44 6.06 -8.21 -8.25
C CYS B 44 5.05 -9.34 -8.24
N LEU B 45 4.40 -9.52 -7.10
CA LEU B 45 3.44 -10.61 -6.96
C LEU B 45 2.29 -10.46 -7.93
N SER B 46 1.85 -9.23 -8.19
CA SER B 46 0.75 -9.08 -9.13
C SER B 46 1.18 -9.46 -10.54
N GLN B 47 2.39 -9.05 -10.92
CA GLN B 47 2.90 -9.44 -12.22
C GLN B 47 3.15 -10.94 -12.29
N LEU B 48 3.59 -11.51 -11.18
CA LEU B 48 3.80 -12.94 -11.12
C LEU B 48 2.49 -13.68 -11.40
N PHE B 49 1.40 -13.18 -10.81
CA PHE B 49 0.09 -13.81 -10.99
C PHE B 49 -0.32 -13.80 -12.45
N ILE B 50 -0.32 -12.63 -13.10
CA ILE B 50 -0.78 -12.64 -14.47
C ILE B 50 0.25 -13.22 -15.43
N ASN B 51 1.51 -13.32 -15.02
CA ASN B 51 2.41 -14.06 -15.91
C ASN B 51 2.05 -15.53 -15.96
N VAL B 52 1.58 -16.08 -14.85
CA VAL B 52 1.27 -17.51 -14.80
C VAL B 52 -0.07 -17.81 -15.46
N THR B 53 -1.11 -17.06 -15.09
CA THR B 53 -2.45 -17.35 -15.60
C THR B 53 -2.60 -16.88 -17.04
N LEU B 54 -2.03 -15.74 -17.41
CA LEU B 54 -2.23 -15.20 -18.76
C LEU B 54 -1.16 -15.64 -19.75
N LEU B 55 0.12 -15.51 -19.39
CA LEU B 55 1.18 -15.85 -20.33
C LEU B 55 1.60 -17.31 -20.27
N GLY B 56 1.40 -17.95 -19.15
CA GLY B 56 1.77 -19.34 -19.02
C GLY B 56 3.19 -19.56 -18.58
N CYS B 57 3.76 -18.64 -17.82
CA CYS B 57 5.12 -18.80 -17.36
C CYS B 57 5.13 -19.70 -16.14
N GLU B 58 6.23 -20.43 -15.95
CA GLU B 58 6.42 -21.27 -14.78
C GLU B 58 7.50 -20.68 -13.88
N TYR B 59 7.26 -20.73 -12.58
CA TYR B 59 8.22 -20.23 -11.61
C TYR B 59 8.61 -21.33 -10.63
N SER B 60 9.21 -20.98 -9.51
CA SER B 60 9.66 -22.01 -8.60
C SER B 60 8.48 -22.83 -8.14
N GLN B 61 8.76 -24.09 -7.85
CA GLN B 61 7.82 -25.00 -7.21
C GLN B 61 7.04 -24.26 -6.13
N THR B 62 7.78 -23.54 -5.27
CA THR B 62 7.19 -22.82 -4.13
C THR B 62 6.35 -21.64 -4.57
N LEU B 63 6.85 -20.83 -5.50
CA LEU B 63 6.10 -19.62 -5.89
C LEU B 63 4.80 -19.98 -6.57
N MSE B 64 4.73 -21.13 -7.22
CA MSE B 64 3.53 -21.55 -7.90
C MSE B 64 2.42 -21.80 -6.88
O MSE B 64 1.26 -21.41 -7.07
CB MSE B 64 3.81 -22.80 -8.73
CG MSE B 64 4.84 -22.59 -9.85
SE MSE B 64 4.18 -21.40 -11.22
CE MSE B 64 4.02 -22.72 -12.64
N GLN B 65 2.79 -22.46 -5.78
CA GLN B 65 1.83 -22.69 -4.72
C GLN B 65 1.42 -21.39 -4.03
N LYS B 66 2.30 -20.39 -4.00
CA LYS B 66 1.93 -19.11 -3.43
C LYS B 66 0.97 -18.37 -4.36
N ILE B 67 1.28 -18.36 -5.66
CA ILE B 67 0.44 -17.65 -6.61
C ILE B 67 -0.86 -18.40 -6.90
N ARG B 68 -0.88 -19.72 -6.73
CA ARG B 68 -2.17 -20.43 -6.77
C ARG B 68 -3.07 -19.95 -5.65
N THR B 69 -2.54 -19.92 -4.43
CA THR B 69 -3.31 -19.49 -3.27
C THR B 69 -3.77 -18.04 -3.39
N MSE B 70 -2.87 -17.15 -3.74
CA MSE B 70 -3.20 -15.73 -3.81
C MSE B 70 -4.16 -15.50 -4.95
O MSE B 70 -5.17 -14.83 -4.78
CB MSE B 70 -1.94 -14.88 -4.01
CG MSE B 70 -0.86 -15.08 -2.95
SE MSE B 70 0.44 -13.63 -2.90
CE MSE B 70 -0.55 -12.37 -1.83
N GLY B 71 -3.87 -16.11 -6.08
CA GLY B 71 -4.73 -15.95 -7.25
C GLY B 71 -6.09 -16.62 -7.13
N ALA B 72 -6.29 -17.50 -6.15
CA ALA B 72 -7.54 -18.24 -6.05
C ALA B 72 -8.70 -17.30 -5.91
N GLY B 73 -9.68 -17.45 -6.78
CA GLY B 73 -10.90 -16.71 -6.65
C GLY B 73 -10.94 -15.38 -7.34
N ILE B 74 -9.88 -14.99 -8.02
CA ILE B 74 -9.91 -13.68 -8.65
C ILE B 74 -10.46 -13.83 -10.07
N ALA B 75 -11.36 -14.79 -10.25
CA ALA B 75 -12.37 -14.70 -11.29
C ALA B 75 -13.74 -14.87 -10.61
N ALA B 76 -13.94 -14.14 -9.51
CA ALA B 76 -15.23 -13.92 -8.85
C ALA B 76 -15.37 -12.42 -8.54
N PRO C 4 -42.13 -29.47 28.35
CA PRO C 4 -41.99 -30.87 27.91
C PRO C 4 -43.10 -31.17 26.91
N ALA C 5 -43.24 -30.32 25.88
CA ALA C 5 -44.53 -30.14 25.20
C ALA C 5 -45.18 -31.46 24.77
N PHE C 6 -44.48 -32.23 23.93
CA PHE C 6 -45.06 -33.44 23.36
C PHE C 6 -45.06 -34.63 24.32
N PHE C 7 -43.96 -34.84 25.05
CA PHE C 7 -43.92 -35.92 26.05
C PHE C 7 -44.94 -35.73 27.15
N ARG C 8 -45.09 -34.51 27.66
CA ARG C 8 -46.13 -34.27 28.65
C ARG C 8 -47.47 -34.77 28.14
N TRP C 9 -47.77 -34.49 26.87
CA TRP C 9 -49.07 -34.90 26.33
C TRP C 9 -49.15 -36.42 26.22
N LEU C 10 -48.14 -37.03 25.60
CA LEU C 10 -48.12 -38.48 25.43
C LEU C 10 -48.10 -39.21 26.76
N THR C 11 -47.17 -38.84 27.63
CA THR C 11 -47.09 -39.49 28.92
C THR C 11 -48.38 -39.38 29.72
N LYS C 12 -49.04 -38.22 29.71
CA LYS C 12 -50.32 -38.15 30.40
C LYS C 12 -51.39 -38.98 29.70
N LYS C 13 -51.43 -38.95 28.38
CA LYS C 13 -52.52 -39.61 27.64
C LYS C 13 -52.36 -41.12 27.59
N TYR C 14 -51.13 -41.63 27.49
CA TYR C 14 -50.86 -43.06 27.36
C TYR C 14 -49.88 -43.50 28.44
N PRO C 15 -50.30 -43.51 29.69
CA PRO C 15 -49.34 -43.56 30.81
C PRO C 15 -48.58 -44.86 30.93
N ALA C 16 -49.19 -45.97 30.56
CA ALA C 16 -48.47 -47.23 30.65
C ALA C 16 -47.27 -47.29 29.72
N THR C 17 -47.13 -46.37 28.76
CA THR C 17 -45.94 -46.48 27.91
C THR C 17 -44.68 -46.13 28.67
N VAL C 18 -44.78 -45.50 29.83
CA VAL C 18 -43.59 -45.09 30.57
C VAL C 18 -43.37 -46.06 31.72
N VAL C 19 -42.17 -46.60 31.81
CA VAL C 19 -41.80 -47.58 32.81
C VAL C 19 -40.49 -47.11 33.42
N ASN C 20 -40.43 -46.99 34.74
CA ASN C 20 -39.21 -46.54 35.40
C ASN C 20 -38.13 -47.60 35.32
N ALA C 21 -36.87 -47.15 35.29
CA ALA C 21 -35.73 -48.06 35.30
C ALA C 21 -35.41 -48.47 36.73
N ASN C 22 -35.00 -49.73 36.89
CA ASN C 22 -34.49 -50.19 38.18
C ASN C 22 -32.98 -50.04 38.16
N GLU C 23 -32.44 -49.47 39.23
CA GLU C 23 -31.03 -49.20 39.24
C GLU C 23 -30.56 -49.25 40.68
N ASP C 24 -29.34 -49.75 40.90
CA ASP C 24 -28.81 -49.90 42.26
C ASP C 24 -28.19 -48.59 42.72
N ARG C 25 -28.93 -47.89 43.58
CA ARG C 25 -28.49 -46.70 44.30
C ARG C 25 -29.47 -46.48 45.45
N PRO C 35 -20.33 -49.52 41.66
CA PRO C 35 -19.67 -50.82 41.47
C PRO C 35 -20.60 -51.89 40.84
N VAL C 36 -20.86 -51.79 39.54
CA VAL C 36 -21.94 -52.53 38.88
C VAL C 36 -21.40 -53.51 37.85
N ASP C 37 -21.82 -54.78 37.96
CA ASP C 37 -21.39 -55.87 37.08
C ASP C 37 -22.42 -56.11 35.97
N CYS C 38 -22.16 -55.57 34.79
CA CYS C 38 -23.12 -55.59 33.70
C CYS C 38 -23.27 -56.94 33.02
N THR C 39 -22.47 -57.94 33.40
CA THR C 39 -22.64 -59.27 32.81
C THR C 39 -23.87 -59.97 33.36
N GLN C 40 -24.35 -59.53 34.51
CA GLN C 40 -25.46 -60.11 35.23
C GLN C 40 -26.79 -59.77 34.56
N PRO C 41 -27.82 -60.58 34.76
CA PRO C 41 -29.09 -60.31 34.09
C PRO C 41 -29.64 -58.92 34.45
N ASN C 42 -30.24 -58.29 33.45
CA ASN C 42 -30.71 -56.89 33.53
C ASN C 42 -31.88 -56.78 34.49
N PRO C 43 -31.79 -55.94 35.53
CA PRO C 43 -32.90 -55.83 36.47
C PRO C 43 -34.07 -55.08 35.91
N ASN C 44 -34.04 -54.71 34.66
CA ASN C 44 -35.15 -53.95 34.11
C ASN C 44 -36.18 -54.92 33.55
N PHE C 45 -37.22 -54.37 32.93
CA PHE C 45 -38.36 -55.20 32.53
C PHE C 45 -38.02 -56.18 31.41
N GLN C 46 -36.88 -56.06 30.74
CA GLN C 46 -36.48 -56.97 29.67
C GLN C 46 -34.98 -56.84 29.39
N GLU C 47 -34.46 -57.75 28.55
CA GLU C 47 -33.09 -57.62 28.11
C GLU C 47 -33.06 -56.88 26.80
N PHE C 48 -31.94 -56.21 26.54
CA PHE C 48 -31.82 -55.36 25.38
C PHE C 48 -30.69 -55.86 24.52
N ASP C 49 -30.87 -55.80 23.20
CA ASP C 49 -29.78 -56.21 22.32
C ASP C 49 -28.98 -55.02 21.79
N ASN C 50 -29.65 -54.02 21.22
CA ASN C 50 -29.01 -52.86 20.60
C ASN C 50 -29.32 -51.62 21.42
N LEU C 51 -28.27 -50.88 21.79
CA LEU C 51 -28.40 -49.59 22.44
C LEU C 51 -27.85 -48.52 21.49
N TYR C 52 -28.69 -47.57 21.08
CA TYR C 52 -28.22 -46.47 20.24
C TYR C 52 -28.22 -45.16 21.04
N LEU C 53 -27.10 -44.43 21.02
CA LEU C 53 -26.97 -43.17 21.75
C LEU C 53 -27.01 -41.99 20.76
N ASP C 54 -27.99 -41.13 20.91
CA ASP C 54 -28.01 -39.83 20.23
C ASP C 54 -27.06 -38.94 21.03
N MSE C 55 -25.87 -38.68 20.47
CA MSE C 55 -24.79 -38.17 21.31
C MSE C 55 -25.01 -36.72 21.68
O MSE C 55 -24.72 -36.36 22.81
CB MSE C 55 -23.45 -38.34 20.62
CG MSE C 55 -22.94 -39.77 20.62
SE MSE C 55 -22.49 -40.43 22.41
CE MSE C 55 -21.19 -39.06 22.92
N ASN C 56 -25.55 -35.91 20.76
CA ASN C 56 -25.63 -34.48 21.04
C ASN C 56 -26.42 -34.24 22.30
N GLY C 57 -27.46 -35.04 22.53
CA GLY C 57 -28.17 -34.86 23.78
C GLY C 57 -27.37 -35.21 25.01
N ILE C 58 -26.28 -35.97 24.85
CA ILE C 58 -25.43 -36.28 25.97
C ILE C 58 -24.33 -35.23 26.14
N ILE C 59 -23.81 -34.72 25.02
CA ILE C 59 -22.68 -33.82 25.09
C ILE C 59 -23.06 -32.51 25.76
N HIS C 60 -24.20 -31.94 25.35
CA HIS C 60 -24.63 -30.65 25.88
C HIS C 60 -24.75 -30.65 27.39
N PRO C 61 -25.48 -31.59 28.03
CA PRO C 61 -25.49 -31.59 29.51
C PRO C 61 -24.11 -31.70 30.13
N CYS C 62 -23.20 -32.48 29.53
CA CYS C 62 -21.93 -32.78 30.16
C CYS C 62 -20.90 -31.67 30.03
N THR C 63 -21.06 -30.75 29.08
CA THR C 63 -20.06 -29.70 28.91
C THR C 63 -20.51 -28.32 29.40
N HIS C 64 -21.77 -27.93 29.20
CA HIS C 64 -22.30 -26.70 29.78
C HIS C 64 -23.64 -26.94 30.46
N PRO C 65 -23.67 -27.75 31.52
CA PRO C 65 -24.92 -27.94 32.27
C PRO C 65 -25.39 -26.60 32.85
N GLU C 66 -26.68 -26.34 32.70
CA GLU C 66 -27.28 -25.12 33.22
C GLU C 66 -27.76 -25.27 34.67
N ASP C 67 -27.66 -26.47 35.26
CA ASP C 67 -28.13 -26.76 36.61
C ASP C 67 -27.03 -26.98 37.62
N ARG C 68 -25.86 -27.39 37.19
CA ARG C 68 -24.66 -27.66 37.98
C ARG C 68 -23.57 -26.63 37.66
N PRO C 69 -22.44 -26.66 38.37
CA PRO C 69 -21.30 -25.84 37.95
C PRO C 69 -20.53 -26.49 36.81
N ALA C 70 -20.15 -25.67 35.83
CA ALA C 70 -19.55 -26.16 34.60
C ALA C 70 -18.22 -26.85 34.88
N PRO C 71 -17.81 -27.81 34.04
CA PRO C 71 -16.55 -28.51 34.26
C PRO C 71 -15.33 -27.62 34.13
N LYS C 72 -14.27 -27.98 34.86
CA LYS C 72 -13.05 -27.17 34.86
C LYS C 72 -12.47 -27.05 33.45
N ASN C 73 -12.22 -28.18 32.76
CA ASN C 73 -11.63 -28.15 31.42
C ASN C 73 -12.25 -29.24 30.54
N GLU C 74 -11.78 -29.31 29.29
CA GLU C 74 -12.25 -30.30 28.31
C GLU C 74 -11.95 -31.75 28.73
N ASP C 75 -10.82 -32.00 29.42
CA ASP C 75 -10.58 -33.37 29.88
C ASP C 75 -11.66 -33.79 30.87
N GLU C 76 -12.05 -32.90 31.78
CA GLU C 76 -13.14 -33.22 32.67
C GLU C 76 -14.43 -33.43 31.89
N MSE C 77 -14.67 -32.64 30.84
CA MSE C 77 -15.89 -32.79 30.06
C MSE C 77 -15.93 -34.17 29.39
O MSE C 77 -16.98 -34.80 29.28
CB MSE C 77 -16.01 -31.72 28.98
CG MSE C 77 -15.96 -30.27 29.45
SE MSE C 77 -15.93 -28.89 28.02
CE MSE C 77 -15.83 -27.27 29.14
N PHE C 78 -14.79 -34.64 28.92
CA PHE C 78 -14.82 -35.93 28.24
C PHE C 78 -15.00 -37.06 29.23
N ALA C 79 -14.36 -36.95 30.39
CA ALA C 79 -14.50 -37.97 31.43
C ALA C 79 -15.95 -38.07 31.89
N LEU C 80 -16.68 -36.96 31.92
CA LEU C 80 -18.09 -36.99 32.26
C LEU C 80 -18.89 -37.70 31.18
N ILE C 81 -18.62 -37.36 29.91
CA ILE C 81 -19.29 -38.06 28.81
C ILE C 81 -19.03 -39.56 28.91
N PHE C 82 -17.80 -39.97 29.20
CA PHE C 82 -17.52 -41.39 29.42
C PHE C 82 -18.41 -41.94 30.54
N GLU C 83 -18.47 -41.24 31.66
CA GLU C 83 -19.25 -41.68 32.80
C GLU C 83 -20.72 -41.83 32.46
N TYR C 84 -21.27 -40.91 31.67
CA TYR C 84 -22.68 -40.99 31.37
C TYR C 84 -22.98 -42.15 30.44
N ILE C 85 -22.13 -42.37 29.44
CA ILE C 85 -22.27 -43.54 28.59
C ILE C 85 -22.16 -44.80 29.44
N ASP C 86 -21.13 -44.85 30.29
CA ASP C 86 -21.05 -45.94 31.26
C ASP C 86 -22.38 -46.13 31.95
N ARG C 87 -23.03 -45.02 32.32
CA ARG C 87 -24.25 -45.14 33.10
C ARG C 87 -25.37 -45.72 32.27
N ILE C 88 -25.58 -45.16 31.09
CA ILE C 88 -26.63 -45.69 30.21
C ILE C 88 -26.36 -47.14 29.91
N TYR C 89 -25.10 -47.46 29.60
CA TYR C 89 -24.76 -48.84 29.28
C TYR C 89 -25.11 -49.78 30.41
N SER C 90 -24.81 -49.39 31.66
CA SER C 90 -25.12 -50.29 32.78
C SER C 90 -26.61 -50.42 33.01
N ILE C 91 -27.42 -49.48 32.52
CA ILE C 91 -28.86 -49.60 32.65
C ILE C 91 -29.42 -50.49 31.56
N VAL C 92 -29.14 -50.15 30.29
CA VAL C 92 -29.69 -50.88 29.16
C VAL C 92 -29.00 -52.22 28.97
N ARG C 93 -27.73 -52.33 29.32
CA ARG C 93 -26.93 -53.54 29.14
C ARG C 93 -27.08 -54.18 27.76
N PRO C 94 -26.77 -53.45 26.68
CA PRO C 94 -26.93 -54.03 25.34
C PRO C 94 -26.12 -55.28 25.21
N ARG C 95 -26.77 -56.34 24.73
CA ARG C 95 -26.10 -57.63 24.59
C ARG C 95 -25.47 -57.82 23.24
N ARG C 96 -25.80 -56.96 22.26
CA ARG C 96 -25.32 -57.15 20.90
C ARG C 96 -24.62 -55.93 20.29
N LEU C 97 -25.26 -54.76 20.30
CA LEU C 97 -24.70 -53.61 19.60
C LEU C 97 -24.82 -52.34 20.42
N LEU C 98 -23.79 -51.51 20.34
CA LEU C 98 -23.79 -50.15 20.91
C LEU C 98 -23.48 -49.22 19.75
N TYR C 99 -24.40 -48.31 19.43
CA TYR C 99 -24.27 -47.41 18.28
C TYR C 99 -24.12 -45.98 18.79
N MSE C 100 -22.95 -45.39 18.60
CA MSE C 100 -22.73 -44.02 19.06
C MSE C 100 -22.78 -43.06 17.90
O MSE C 100 -21.90 -43.11 17.03
CB MSE C 100 -21.39 -43.90 19.77
CG MSE C 100 -21.26 -44.88 20.87
SE MSE C 100 -19.73 -44.69 22.05
CE MSE C 100 -19.82 -42.77 22.24
N ALA C 101 -23.78 -42.21 17.87
CA ALA C 101 -24.01 -41.34 16.73
C ALA C 101 -23.84 -39.89 17.14
N ILE C 102 -22.86 -39.24 16.56
CA ILE C 102 -22.66 -37.79 16.67
C ILE C 102 -23.27 -37.12 15.46
N ASP C 103 -23.80 -35.92 15.66
CA ASP C 103 -24.37 -35.19 14.53
C ASP C 103 -23.30 -34.86 13.51
N GLY C 104 -23.52 -35.31 12.27
CA GLY C 104 -22.78 -34.85 11.12
C GLY C 104 -23.51 -33.73 10.39
N VAL C 105 -23.02 -33.38 9.21
CA VAL C 105 -23.60 -32.25 8.49
C VAL C 105 -25.06 -32.52 8.18
N ALA C 106 -25.91 -31.59 8.51
CA ALA C 106 -27.34 -31.81 8.32
C ALA C 106 -27.74 -31.34 6.96
N PRO C 107 -28.91 -31.76 6.48
CA PRO C 107 -29.43 -31.18 5.25
C PRO C 107 -29.65 -29.68 5.42
N ARG C 108 -29.70 -28.99 4.29
CA ARG C 108 -29.99 -27.56 4.29
C ARG C 108 -31.20 -27.21 5.15
N ALA C 109 -32.23 -28.06 5.17
CA ALA C 109 -33.41 -27.68 5.93
C ALA C 109 -33.09 -27.50 7.41
N LYS C 110 -32.34 -28.43 7.99
CA LYS C 110 -32.04 -28.32 9.41
C LYS C 110 -31.08 -27.20 9.67
N MSE C 111 -30.29 -26.84 8.66
CA MSE C 111 -29.25 -25.88 8.86
C MSE C 111 -29.86 -24.54 9.25
O MSE C 111 -29.40 -23.93 10.19
CB MSE C 111 -28.36 -25.79 7.63
CG MSE C 111 -27.16 -26.73 7.74
SE MSE C 111 -26.11 -26.87 6.11
CE MSE C 111 -26.56 -25.12 5.37
N ASN C 112 -30.96 -24.14 8.61
CA ASN C 112 -31.52 -22.83 8.92
C ASN C 112 -31.90 -22.70 10.40
N GLN C 113 -32.26 -23.82 11.05
CA GLN C 113 -32.59 -23.75 12.46
C GLN C 113 -31.34 -23.81 13.29
N GLN C 114 -30.41 -24.67 12.90
CA GLN C 114 -29.09 -24.67 13.54
C GLN C 114 -28.54 -23.26 13.58
N ARG C 115 -28.66 -22.54 12.47
CA ARG C 115 -28.22 -21.15 12.42
C ARG C 115 -29.00 -20.30 13.42
N SER C 116 -30.32 -20.41 13.44
CA SER C 116 -31.10 -19.71 14.45
C SER C 116 -30.64 -20.06 15.87
N ARG C 117 -30.33 -21.31 16.13
CA ARG C 117 -29.94 -21.68 17.49
C ARG C 117 -28.56 -21.12 17.84
N ARG C 118 -27.56 -21.27 16.97
CA ARG C 118 -26.25 -20.78 17.37
C ARG C 118 -26.27 -19.26 17.45
N PHE C 119 -26.97 -18.62 16.53
CA PHE C 119 -27.10 -17.17 16.62
C PHE C 119 -27.78 -16.76 17.91
N ARG C 120 -28.85 -17.46 18.29
CA ARG C 120 -29.51 -17.13 19.54
C ARG C 120 -28.60 -17.44 20.72
N ALA C 121 -27.90 -18.57 20.68
CA ALA C 121 -26.98 -18.93 21.75
C ALA C 121 -25.95 -17.83 21.99
N SER C 122 -25.30 -17.37 20.91
CA SER C 122 -24.30 -16.31 21.05
C SER C 122 -24.93 -15.02 21.54
N LYS C 123 -26.12 -14.69 21.05
CA LYS C 123 -26.82 -13.52 21.57
C LYS C 123 -27.17 -13.71 23.04
N GLU C 124 -27.64 -14.90 23.41
CA GLU C 124 -27.97 -15.15 24.81
C GLU C 124 -26.72 -15.17 25.66
N MSE C 125 -25.64 -15.79 25.15
CA MSE C 125 -24.38 -15.93 25.90
C MSE C 125 -23.81 -14.58 26.32
O MSE C 125 -23.00 -14.52 27.24
CB MSE C 125 -23.35 -16.65 25.04
CG MSE C 125 -22.53 -17.70 25.76
SE MSE C 125 -21.50 -18.69 24.43
CE MSE C 125 -20.06 -17.38 24.19
N ALA C 126 -24.25 -13.54 25.64
CA ALA C 126 -23.85 -12.16 25.92
C ALA C 126 -24.82 -11.46 26.86
N GLU C 127 -26.11 -11.77 26.78
CA GLU C 127 -27.07 -11.22 27.71
C GLU C 127 -26.85 -11.77 29.12
N LYS C 128 -26.36 -13.01 29.24
CA LYS C 128 -25.97 -13.51 30.55
C LYS C 128 -24.93 -12.58 31.18
N GLU C 129 -23.82 -12.33 30.47
CA GLU C 129 -22.71 -11.62 31.09
C GLU C 129 -22.97 -10.13 31.27
N ALA C 130 -23.82 -9.54 30.43
CA ALA C 130 -24.19 -8.15 30.67
C ALA C 130 -25.06 -8.01 31.92
N SER C 131 -25.79 -9.06 32.28
CA SER C 131 -26.58 -9.05 33.51
C SER C 131 -25.71 -9.38 34.71
N ILE C 132 -24.73 -10.26 34.52
CA ILE C 132 -23.72 -10.50 35.55
C ILE C 132 -23.08 -9.16 35.94
N GLU C 133 -22.63 -8.41 34.94
CA GLU C 133 -22.05 -7.10 35.20
C GLU C 133 -23.09 -6.13 35.76
N GLU C 134 -24.34 -6.23 35.34
CA GLU C 134 -25.32 -5.32 35.91
C GLU C 134 -25.56 -5.65 37.37
N GLN C 135 -25.58 -6.93 37.73
CA GLN C 135 -25.78 -7.25 39.13
C GLN C 135 -24.60 -6.77 39.96
N ARG C 136 -23.38 -7.18 39.58
CA ARG C 136 -22.18 -6.74 40.26
C ARG C 136 -22.19 -5.23 40.52
N ASN C 137 -22.43 -4.43 39.48
CA ASN C 137 -22.49 -2.98 39.67
C ASN C 137 -23.69 -2.57 40.51
N ARG C 138 -24.76 -3.37 40.54
CA ARG C 138 -25.88 -3.03 41.43
C ARG C 138 -25.43 -3.23 42.87
N LEU C 139 -24.85 -4.40 43.14
CA LEU C 139 -24.29 -4.68 44.45
C LEU C 139 -23.17 -3.73 44.82
N MSE C 140 -22.63 -2.97 43.88
CA MSE C 140 -21.57 -2.02 44.24
C MSE C 140 -22.23 -0.82 44.89
O MSE C 140 -21.59 -0.15 45.72
CB MSE C 140 -20.71 -1.62 43.03
CG MSE C 140 -20.03 -2.83 42.35
SE MSE C 140 -18.12 -2.78 41.94
CE MSE C 140 -18.06 -1.29 40.69
N ALA C 141 -23.49 -0.56 44.56
CA ALA C 141 -24.24 0.41 45.35
C ALA C 141 -24.27 -0.03 46.80
N GLU C 142 -24.67 -1.27 47.06
CA GLU C 142 -24.64 -1.80 48.42
C GLU C 142 -24.30 -3.28 48.38
N GLY C 143 -23.34 -3.71 49.21
CA GLY C 143 -22.95 -5.11 49.17
C GLY C 143 -21.47 -5.32 48.88
N ILE C 144 -21.07 -6.54 48.61
CA ILE C 144 -19.68 -6.87 48.30
C ILE C 144 -19.65 -7.72 47.03
N ALA C 145 -18.78 -7.34 46.10
CA ALA C 145 -18.68 -7.99 44.83
C ALA C 145 -17.41 -8.84 44.80
N VAL C 146 -17.38 -9.81 43.90
CA VAL C 146 -16.27 -10.74 43.74
C VAL C 146 -15.23 -10.14 42.79
N PRO C 147 -13.97 -10.58 42.81
CA PRO C 147 -12.85 -9.76 42.23
C PRO C 147 -13.01 -9.40 40.76
N PRO C 148 -13.36 -10.35 39.85
CA PRO C 148 -13.32 -9.93 38.44
C PRO C 148 -14.49 -9.01 38.02
N HIS C 155 -16.20 -18.25 27.80
CA HIS C 155 -15.32 -19.41 27.85
C HIS C 155 -15.74 -20.49 26.83
N PHE C 156 -16.32 -21.59 27.31
CA PHE C 156 -16.76 -22.67 26.43
C PHE C 156 -17.90 -22.22 25.54
N ASP C 157 -17.73 -22.40 24.23
CA ASP C 157 -18.70 -21.95 23.25
C ASP C 157 -19.56 -23.15 22.84
N SER C 158 -20.74 -23.26 23.46
CA SER C 158 -21.65 -24.37 23.18
C SER C 158 -21.94 -24.47 21.68
N ASN C 159 -21.56 -23.43 20.91
CA ASN C 159 -21.61 -23.54 19.45
C ASN C 159 -20.57 -24.52 18.90
N CYS C 160 -19.52 -24.82 19.68
CA CYS C 160 -18.51 -25.77 19.23
C CYS C 160 -19.06 -27.18 19.05
N ILE C 161 -20.26 -27.45 19.54
CA ILE C 161 -20.91 -28.74 19.28
C ILE C 161 -21.65 -28.59 17.94
N THR C 162 -20.87 -28.65 16.86
CA THR C 162 -21.30 -28.54 15.46
C THR C 162 -20.24 -29.31 14.66
N PRO C 163 -20.62 -30.06 13.64
CA PRO C 163 -19.61 -30.82 12.91
C PRO C 163 -18.59 -29.91 12.27
N GLY C 164 -17.34 -30.35 12.27
CA GLY C 164 -16.28 -29.62 11.63
C GLY C 164 -15.39 -28.85 12.58
N THR C 165 -15.85 -28.59 13.79
CA THR C 165 -15.06 -27.80 14.71
C THR C 165 -13.91 -28.62 15.25
N PRO C 166 -12.87 -27.96 15.77
CA PRO C 166 -11.85 -28.72 16.48
C PRO C 166 -12.43 -29.56 17.61
N PHE C 167 -13.32 -28.99 18.41
CA PHE C 167 -13.84 -29.74 19.55
C PHE C 167 -14.45 -31.07 19.13
N MSE C 168 -15.18 -31.09 18.01
CA MSE C 168 -15.81 -32.33 17.59
C MSE C 168 -14.79 -33.40 17.21
O MSE C 168 -14.98 -34.58 17.52
CB MSE C 168 -16.75 -32.11 16.42
CG MSE C 168 -18.11 -31.65 16.86
SE MSE C 168 -18.94 -32.61 18.36
CE MSE C 168 -20.77 -32.56 17.61
N ALA C 169 -13.72 -32.98 16.55
CA ALA C 169 -12.70 -33.95 16.15
C ALA C 169 -11.92 -34.46 17.35
N ARG C 170 -11.74 -33.64 18.39
CA ARG C 170 -11.11 -34.14 19.62
C ARG C 170 -12.04 -35.10 20.35
N LEU C 171 -13.34 -34.82 20.34
CA LEU C 171 -14.29 -35.75 20.94
C LEU C 171 -14.25 -37.10 20.24
N ALA C 172 -14.12 -37.10 18.91
CA ALA C 172 -14.09 -38.37 18.21
C ALA C 172 -12.83 -39.16 18.56
N ASP C 173 -11.72 -38.48 18.79
CA ASP C 173 -10.53 -39.20 19.20
C ASP C 173 -10.68 -39.72 20.62
N ALA C 174 -11.32 -38.93 21.49
CA ALA C 174 -11.54 -39.40 22.85
C ALA C 174 -12.50 -40.62 22.87
N LEU C 175 -13.55 -40.60 22.04
CA LEU C 175 -14.45 -41.73 21.98
C LEU C 175 -13.78 -42.99 21.42
N ARG C 176 -12.84 -42.87 20.47
CA ARG C 176 -12.15 -44.07 20.01
C ARG C 176 -11.35 -44.69 21.14
N TYR C 177 -10.71 -43.84 21.94
CA TYR C 177 -10.05 -44.36 23.13
C TYR C 177 -11.06 -45.03 24.04
N TYR C 178 -12.20 -44.39 24.24
CA TYR C 178 -13.22 -44.96 25.11
C TYR C 178 -13.57 -46.38 24.68
N ILE C 179 -13.86 -46.54 23.39
CA ILE C 179 -14.32 -47.82 22.91
C ILE C 179 -13.25 -48.88 23.07
N HIS C 180 -12.02 -48.55 22.69
CA HIS C 180 -10.93 -49.51 22.84
C HIS C 180 -10.68 -49.85 24.30
N ASP C 181 -10.70 -48.86 25.19
CA ASP C 181 -10.50 -49.17 26.60
C ASP C 181 -11.55 -50.15 27.11
N ARG C 182 -12.82 -49.87 26.83
CA ARG C 182 -13.86 -50.70 27.39
C ARG C 182 -13.90 -52.07 26.73
N VAL C 183 -13.69 -52.14 25.41
CA VAL C 183 -13.80 -53.45 24.78
C VAL C 183 -12.64 -54.35 25.18
N THR C 184 -11.54 -53.77 25.65
CA THR C 184 -10.42 -54.57 26.14
C THR C 184 -10.59 -54.97 27.60
N ASN C 185 -11.13 -54.06 28.41
CA ASN C 185 -11.05 -54.17 29.85
C ASN C 185 -12.35 -54.51 30.57
N ASP C 186 -13.51 -54.13 30.02
CA ASP C 186 -14.81 -54.38 30.64
C ASP C 186 -15.33 -55.73 30.14
N ALA C 187 -15.48 -56.67 31.06
CA ALA C 187 -15.81 -58.02 30.63
C ALA C 187 -17.18 -58.09 29.93
N SER C 188 -18.12 -57.18 30.23
CA SER C 188 -19.41 -57.25 29.56
C SER C 188 -19.36 -56.82 28.10
N TRP C 189 -18.38 -56.01 27.71
CA TRP C 189 -18.26 -55.60 26.31
C TRP C 189 -17.67 -56.70 25.42
N ALA C 190 -17.38 -57.87 25.99
CA ALA C 190 -16.59 -58.89 25.31
C ALA C 190 -17.23 -59.36 24.02
N ASN C 191 -18.55 -59.43 23.94
CA ASN C 191 -19.15 -60.06 22.78
C ASN C 191 -20.09 -59.15 22.02
N ILE C 192 -19.97 -57.83 22.19
CA ILE C 192 -20.76 -56.88 21.45
C ILE C 192 -19.93 -56.23 20.36
N GLU C 193 -20.64 -55.68 19.38
CA GLU C 193 -20.09 -54.76 18.39
C GLU C 193 -20.40 -53.34 18.80
N ILE C 194 -19.47 -52.44 18.55
CA ILE C 194 -19.65 -51.03 18.82
C ILE C 194 -19.49 -50.32 17.50
N ILE C 195 -20.48 -49.54 17.10
CA ILE C 195 -20.35 -48.70 15.91
C ILE C 195 -20.25 -47.25 16.34
N LEU C 196 -19.34 -46.52 15.72
CA LEU C 196 -19.16 -45.10 16.01
C LEU C 196 -19.38 -44.32 14.73
N SER C 197 -20.32 -43.39 14.76
CA SER C 197 -20.58 -42.47 13.65
C SER C 197 -20.25 -41.05 14.11
N ASP C 198 -19.01 -40.60 13.86
CA ASP C 198 -18.58 -39.29 14.31
C ASP C 198 -19.10 -38.19 13.38
N ALA C 199 -18.73 -36.95 13.71
CA ALA C 199 -19.28 -35.76 13.05
C ALA C 199 -18.85 -35.63 11.60
N ASN C 200 -17.87 -36.40 11.13
CA ASN C 200 -17.54 -36.31 9.72
C ASN C 200 -18.38 -37.21 8.85
N VAL C 201 -19.28 -37.98 9.43
CA VAL C 201 -20.27 -38.75 8.68
C VAL C 201 -21.54 -37.91 8.58
N PRO C 202 -21.92 -37.42 7.40
CA PRO C 202 -23.06 -36.51 7.33
C PRO C 202 -24.36 -37.16 7.80
N GLY C 203 -25.20 -36.34 8.42
CA GLY C 203 -26.51 -36.74 8.90
C GLY C 203 -26.66 -36.53 10.39
N GLU C 204 -27.82 -36.05 10.83
CA GLU C 204 -28.03 -35.92 12.27
C GLU C 204 -27.96 -37.28 12.93
N GLY C 205 -27.57 -37.29 14.19
CA GLY C 205 -27.40 -38.57 14.88
C GLY C 205 -28.61 -39.45 14.71
N GLU C 206 -29.79 -38.93 15.07
CA GLU C 206 -30.98 -39.76 15.02
C GLU C 206 -31.22 -40.30 13.62
N HIS C 207 -30.90 -39.53 12.58
CA HIS C 207 -31.21 -40.04 11.26
C HIS C 207 -30.19 -41.04 10.81
N LYS C 208 -28.96 -40.90 11.25
CA LYS C 208 -27.99 -41.96 11.04
C LYS C 208 -28.45 -43.23 11.72
N ILE C 209 -29.01 -43.11 12.92
CA ILE C 209 -29.55 -44.25 13.65
C ILE C 209 -30.75 -44.84 12.90
N MSE C 210 -31.81 -44.05 12.75
CA MSE C 210 -32.89 -44.39 11.85
C MSE C 210 -32.38 -45.16 10.62
O MSE C 210 -32.82 -46.27 10.36
CB MSE C 210 -33.66 -43.13 11.44
CG MSE C 210 -34.90 -43.37 10.59
SE MSE C 210 -36.31 -44.50 11.38
CE MSE C 210 -36.57 -45.74 9.91
N ASP C 211 -31.39 -44.59 9.91
CA ASP C 211 -30.93 -45.19 8.66
C ASP C 211 -30.28 -46.55 8.88
N TYR C 212 -29.51 -46.69 9.97
CA TYR C 212 -28.92 -47.98 10.27
C TYR C 212 -30.00 -49.05 10.45
N VAL C 213 -30.95 -48.78 11.33
CA VAL C 213 -32.04 -49.69 11.59
C VAL C 213 -32.82 -49.95 10.31
N ARG C 214 -33.12 -48.91 9.56
CA ARG C 214 -33.91 -49.13 8.36
C ARG C 214 -33.19 -50.07 7.40
N LYS C 215 -31.90 -49.82 7.18
CA LYS C 215 -31.18 -50.67 6.23
C LYS C 215 -30.99 -52.09 6.78
N GLN C 216 -30.93 -52.24 8.10
CA GLN C 216 -30.80 -53.57 8.67
C GLN C 216 -32.08 -54.38 8.45
N ARG C 217 -33.21 -53.82 8.85
CA ARG C 217 -34.50 -54.46 8.66
C ARG C 217 -34.71 -54.93 7.23
N GLY C 218 -34.13 -54.22 6.26
CA GLY C 218 -34.27 -54.57 4.87
C GLY C 218 -33.36 -55.67 4.39
N ASN C 219 -32.48 -56.15 5.27
CA ASN C 219 -31.60 -57.24 4.89
C ASN C 219 -32.12 -58.53 5.50
N PRO C 220 -32.11 -59.61 4.74
CA PRO C 220 -32.69 -60.88 5.24
C PRO C 220 -31.95 -61.48 6.42
N ALA C 221 -30.70 -61.11 6.67
CA ALA C 221 -30.01 -61.67 7.82
C ALA C 221 -30.47 -61.07 9.15
N HIS C 222 -31.02 -59.85 9.12
CA HIS C 222 -31.45 -59.17 10.34
C HIS C 222 -32.39 -60.04 11.16
N ASP C 223 -32.17 -60.03 12.45
CA ASP C 223 -33.03 -60.72 13.41
C ASP C 223 -34.22 -59.85 13.73
N PRO C 224 -35.42 -60.26 13.30
CA PRO C 224 -36.59 -59.41 13.50
C PRO C 224 -36.97 -59.26 14.94
N ASN C 225 -36.35 -60.04 15.82
CA ASN C 225 -36.62 -59.98 17.24
C ASN C 225 -35.58 -59.25 18.04
N THR C 226 -34.65 -58.51 17.41
CA THR C 226 -33.69 -57.79 18.24
C THR C 226 -34.45 -56.75 19.05
N VAL C 227 -34.04 -56.59 20.30
CA VAL C 227 -34.66 -55.62 21.20
C VAL C 227 -33.79 -54.37 21.19
N HIS C 228 -34.39 -53.26 20.71
CA HIS C 228 -33.72 -51.99 20.50
C HIS C 228 -33.93 -51.04 21.66
N CYS C 229 -32.93 -50.22 21.98
CA CYS C 229 -33.14 -49.11 22.89
C CYS C 229 -32.42 -47.87 22.39
N LEU C 230 -33.14 -46.75 22.32
CA LEU C 230 -32.63 -45.47 21.82
C LEU C 230 -32.60 -44.44 22.94
N CYS C 231 -31.47 -43.76 23.13
CA CYS C 231 -31.24 -42.85 24.26
C CYS C 231 -31.23 -41.39 23.78
N GLY C 232 -32.12 -40.58 24.31
CA GLY C 232 -32.27 -39.21 23.89
C GLY C 232 -33.58 -38.65 24.39
N ALA C 233 -33.64 -37.33 24.50
CA ALA C 233 -34.85 -36.71 25.04
C ALA C 233 -35.77 -36.11 23.98
N ASP C 234 -35.35 -36.01 22.72
CA ASP C 234 -36.22 -35.42 21.71
C ASP C 234 -37.49 -36.24 21.52
N ALA C 235 -38.60 -35.53 21.32
CA ALA C 235 -39.85 -36.23 21.08
C ALA C 235 -39.86 -36.93 19.73
N ASP C 236 -39.18 -36.39 18.71
CA ASP C 236 -39.10 -37.10 17.43
C ASP C 236 -38.64 -38.53 17.63
N LEU C 237 -37.93 -38.81 18.73
CA LEU C 237 -37.43 -40.17 18.91
C LEU C 237 -38.57 -41.17 18.96
N ILE C 238 -39.71 -40.78 19.54
CA ILE C 238 -40.91 -41.62 19.55
C ILE C 238 -41.33 -41.97 18.12
N MSE C 239 -41.37 -40.99 17.23
CA MSE C 239 -41.85 -41.29 15.87
C MSE C 239 -40.87 -42.14 15.12
O MSE C 239 -41.26 -43.04 14.34
CB MSE C 239 -42.10 -40.04 15.06
CG MSE C 239 -42.20 -38.81 15.87
SE MSE C 239 -43.88 -38.59 16.79
CE MSE C 239 -43.52 -36.76 17.41
N LEU C 240 -39.58 -41.83 15.32
CA LEU C 240 -38.55 -42.70 14.81
C LEU C 240 -38.84 -44.15 15.21
N GLY C 241 -39.12 -44.38 16.49
CA GLY C 241 -39.41 -45.75 16.91
C GLY C 241 -40.61 -46.35 16.21
N ILE C 242 -41.71 -45.59 16.08
CA ILE C 242 -42.85 -46.10 15.33
C ILE C 242 -42.44 -46.35 13.89
N ALA C 243 -41.66 -45.44 13.32
CA ALA C 243 -41.38 -45.53 11.90
C ALA C 243 -40.42 -46.65 11.57
N THR C 244 -39.60 -47.11 12.53
CA THR C 244 -38.72 -48.24 12.26
C THR C 244 -39.50 -49.48 11.95
N HIS C 245 -40.75 -49.56 12.41
CA HIS C 245 -41.61 -50.73 12.30
C HIS C 245 -41.05 -51.95 13.01
N GLU C 246 -40.11 -51.77 13.94
CA GLU C 246 -39.56 -52.89 14.67
C GLU C 246 -40.45 -53.23 15.84
N ALA C 247 -40.63 -54.53 16.08
CA ALA C 247 -41.52 -54.99 17.13
C ALA C 247 -41.14 -54.43 18.49
N ASN C 248 -39.88 -54.57 18.89
CA ASN C 248 -39.52 -54.21 20.27
C ASN C 248 -38.55 -53.03 20.29
N PHE C 249 -39.09 -51.82 20.18
CA PHE C 249 -38.29 -50.60 20.20
C PHE C 249 -38.59 -49.78 21.45
N ASN C 250 -37.55 -49.21 22.03
CA ASN C 250 -37.73 -48.53 23.29
C ASN C 250 -36.87 -47.29 23.31
N ILE C 251 -37.29 -46.31 24.10
CA ILE C 251 -36.48 -45.14 24.33
C ILE C 251 -36.14 -45.10 25.81
N ILE C 252 -34.91 -44.70 26.12
CA ILE C 252 -34.52 -44.38 27.50
C ILE C 252 -34.14 -42.92 27.59
N ARG C 253 -34.65 -42.24 28.62
CA ARG C 253 -34.38 -40.83 28.82
C ARG C 253 -34.47 -40.54 30.31
N GLU C 254 -34.08 -39.33 30.69
CA GLU C 254 -34.16 -38.94 32.09
C GLU C 254 -35.56 -38.44 32.45
N GLU C 255 -35.94 -38.66 33.70
CA GLU C 255 -37.22 -38.17 34.18
C GLU C 255 -37.29 -36.68 33.88
N PHE C 256 -38.50 -36.18 33.57
CA PHE C 256 -38.64 -34.77 33.19
C PHE C 256 -38.29 -33.84 34.34
N VAL C 257 -38.82 -34.12 35.53
CA VAL C 257 -38.55 -33.34 36.74
C VAL C 257 -38.01 -34.28 37.80
N GLN C 258 -36.83 -33.96 38.35
CA GLN C 258 -36.12 -34.94 39.17
C GLN C 258 -35.01 -34.27 39.96
N ARG C 259 -34.92 -34.60 41.26
CA ARG C 259 -33.88 -34.07 42.14
C ARG C 259 -32.52 -34.71 41.88
N GLU C 260 -32.51 -35.98 41.48
CA GLU C 260 -31.30 -36.70 41.10
C GLU C 260 -31.58 -37.38 39.77
N LYS C 261 -30.53 -37.92 39.14
CA LYS C 261 -30.70 -38.56 37.84
C LYS C 261 -31.55 -39.82 37.99
N ASN C 262 -32.72 -39.83 37.33
CA ASN C 262 -33.65 -40.96 37.29
C ASN C 262 -34.02 -41.26 35.85
N PHE C 263 -33.97 -42.52 35.43
CA PHE C 263 -34.27 -42.82 34.04
C PHE C 263 -35.58 -43.58 33.89
N ILE C 264 -36.17 -43.42 32.72
CA ILE C 264 -37.42 -44.06 32.36
C ILE C 264 -37.30 -44.63 30.96
N PHE C 265 -38.11 -45.65 30.68
CA PHE C 265 -38.19 -46.24 29.36
C PHE C 265 -39.51 -45.82 28.75
N LEU C 266 -39.48 -45.42 27.48
CA LEU C 266 -40.68 -45.31 26.66
C LEU C 266 -40.77 -46.59 25.86
N ARG C 267 -41.85 -47.33 26.07
CA ARG C 267 -42.02 -48.65 25.44
C ARG C 267 -42.90 -48.50 24.22
N ILE C 268 -42.28 -48.37 23.05
CA ILE C 268 -43.06 -48.28 21.82
C ILE C 268 -44.07 -49.43 21.68
N PRO C 269 -43.76 -50.67 22.05
CA PRO C 269 -44.77 -51.70 21.89
C PRO C 269 -46.04 -51.41 22.67
N VAL C 270 -45.91 -50.79 23.84
CA VAL C 270 -47.09 -50.39 24.60
C VAL C 270 -47.82 -49.25 23.89
N LEU C 271 -47.07 -48.27 23.38
CA LEU C 271 -47.68 -47.17 22.66
C LEU C 271 -48.44 -47.66 21.44
N ARG C 272 -47.95 -48.70 20.76
CA ARG C 272 -48.65 -49.26 19.61
C ARG C 272 -50.00 -49.83 20.03
N GLU C 273 -50.04 -50.49 21.18
CA GLU C 273 -51.29 -51.02 21.67
C GLU C 273 -52.30 -49.91 21.92
N TYR C 274 -51.83 -48.81 22.53
CA TYR C 274 -52.72 -47.67 22.76
C TYR C 274 -53.20 -47.10 21.44
N LEU C 275 -52.27 -46.87 20.50
CA LEU C 275 -52.64 -46.26 19.23
C LEU C 275 -53.56 -47.17 18.41
N GLU C 276 -53.40 -48.50 18.52
CA GLU C 276 -54.31 -49.41 17.84
C GLU C 276 -55.75 -49.19 18.27
N LYS C 277 -55.97 -48.97 19.58
CA LYS C 277 -57.32 -48.66 20.04
C LYS C 277 -57.73 -47.26 19.60
N GLU C 278 -56.83 -46.29 19.73
CA GLU C 278 -57.19 -44.92 19.36
C GLU C 278 -57.58 -44.81 17.89
N LEU C 279 -56.88 -45.52 17.02
CA LEU C 279 -57.04 -45.36 15.58
C LEU C 279 -57.86 -46.45 14.91
N SER C 280 -58.40 -47.41 15.66
CA SER C 280 -59.30 -48.39 15.05
C SER C 280 -60.66 -47.72 14.86
N MSE C 281 -61.23 -47.86 13.66
CA MSE C 281 -62.50 -47.22 13.38
C MSE C 281 -63.60 -48.22 13.03
O MSE C 281 -63.44 -49.10 12.19
CB MSE C 281 -62.37 -46.24 12.21
CG MSE C 281 -61.63 -44.99 12.49
SE MSE C 281 -60.85 -44.44 10.78
CE MSE C 281 -59.07 -45.26 10.91
N PRO C 282 -64.75 -48.04 13.66
CA PRO C 282 -65.91 -48.79 13.23
C PRO C 282 -66.19 -48.57 11.75
N ASN C 283 -66.63 -49.63 11.06
CA ASN C 283 -67.12 -49.54 9.69
C ASN C 283 -66.05 -49.03 8.74
N LEU C 284 -64.82 -49.46 8.95
CA LEU C 284 -63.73 -49.00 8.12
C LEU C 284 -63.89 -49.51 6.69
N PRO C 285 -63.72 -48.65 5.67
CA PRO C 285 -64.04 -49.02 4.28
C PRO C 285 -63.03 -49.94 3.61
N PHE C 286 -61.98 -50.36 4.32
CA PHE C 286 -60.97 -51.27 3.79
C PHE C 286 -60.36 -52.07 4.94
N LYS C 287 -59.53 -53.04 4.58
CA LYS C 287 -58.96 -53.90 5.61
C LYS C 287 -58.07 -53.07 6.52
N PHE C 288 -58.10 -53.40 7.80
CA PHE C 288 -57.42 -52.61 8.80
C PHE C 288 -55.96 -53.03 8.89
N ASP C 289 -55.06 -52.10 8.62
CA ASP C 289 -53.62 -52.38 8.72
C ASP C 289 -53.07 -51.51 9.84
N VAL C 290 -52.83 -52.14 10.99
CA VAL C 290 -52.30 -51.42 12.14
C VAL C 290 -50.98 -50.74 11.80
N GLU C 291 -50.04 -51.45 11.16
CA GLU C 291 -48.79 -50.82 10.75
C GLU C 291 -49.06 -49.59 9.89
N ARG C 292 -50.04 -49.69 9.02
CA ARG C 292 -50.24 -48.62 8.07
C ARG C 292 -50.98 -47.43 8.70
N ALA C 293 -51.78 -47.68 9.75
CA ALA C 293 -52.43 -46.59 10.49
C ALA C 293 -51.43 -45.85 11.35
N LEU C 294 -50.50 -46.60 11.95
CA LEU C 294 -49.41 -45.97 12.67
C LEU C 294 -48.63 -45.02 11.76
N ASP C 295 -48.36 -45.42 10.52
CA ASP C 295 -47.61 -44.54 9.65
C ASP C 295 -48.34 -43.21 9.45
N ASP C 296 -49.67 -43.28 9.32
CA ASP C 296 -50.48 -42.07 9.20
C ASP C 296 -50.42 -41.25 10.48
N TRP C 297 -50.45 -41.91 11.62
CA TRP C 297 -50.34 -41.16 12.87
C TRP C 297 -49.02 -40.42 12.95
N VAL C 298 -47.94 -41.08 12.54
CA VAL C 298 -46.62 -40.45 12.53
C VAL C 298 -46.65 -39.18 11.69
N PHE C 299 -47.18 -39.27 10.48
CA PHE C 299 -47.26 -38.09 9.63
C PHE C 299 -48.09 -37.00 10.28
N LEU C 300 -49.20 -37.37 10.94
CA LEU C 300 -50.05 -36.37 11.56
C LEU C 300 -49.31 -35.66 12.67
N CYS C 301 -48.50 -36.38 13.44
CA CYS C 301 -47.71 -35.72 14.48
C CYS C 301 -46.70 -34.74 13.87
N PHE C 302 -46.01 -35.13 12.79
CA PHE C 302 -45.09 -34.20 12.15
C PHE C 302 -45.81 -32.96 11.64
N PHE C 303 -47.06 -33.11 11.22
CA PHE C 303 -47.86 -31.96 10.81
C PHE C 303 -47.93 -30.94 11.93
N VAL C 304 -48.07 -31.41 13.16
CA VAL C 304 -48.24 -30.50 14.27
C VAL C 304 -46.94 -29.78 14.57
N GLY C 305 -45.82 -30.52 14.49
CA GLY C 305 -44.51 -29.98 14.74
C GLY C 305 -43.36 -30.84 14.24
N ASN C 306 -42.34 -30.19 13.67
CA ASN C 306 -41.11 -30.87 13.31
C ASN C 306 -40.06 -29.82 13.09
N ASP C 307 -38.79 -30.24 13.10
CA ASP C 307 -37.69 -29.27 13.16
C ASP C 307 -37.62 -28.40 11.91
N PHE C 308 -38.21 -28.85 10.81
CA PHE C 308 -37.92 -28.34 9.49
C PHE C 308 -38.95 -27.35 8.98
N LEU C 309 -40.11 -27.23 9.61
CA LEU C 309 -41.11 -26.25 9.24
C LEU C 309 -41.63 -25.51 10.45
N PRO C 310 -42.13 -24.29 10.28
CA PRO C 310 -42.80 -23.63 11.39
C PRO C 310 -44.19 -24.21 11.57
N HIS C 311 -44.62 -24.28 12.84
N HIS C 311 -44.58 -24.34 12.85
CA HIS C 311 -45.90 -24.88 13.16
CA HIS C 311 -45.91 -24.81 13.20
C HIS C 311 -47.03 -23.96 12.72
C HIS C 311 -46.96 -23.93 12.54
N LEU C 312 -48.06 -24.56 12.10
CA LEU C 312 -49.19 -23.76 11.63
C LEU C 312 -49.81 -22.98 12.78
N PRO C 313 -50.20 -21.76 12.58
CA PRO C 313 -50.70 -20.95 13.68
C PRO C 313 -51.83 -21.60 14.45
N SER C 314 -52.56 -22.52 13.82
CA SER C 314 -53.73 -23.10 14.47
C SER C 314 -53.44 -24.38 15.21
N LEU C 315 -52.19 -24.86 15.23
CA LEU C 315 -51.85 -26.16 15.83
C LEU C 315 -50.85 -25.99 16.94
N GLU C 316 -51.31 -26.04 18.19
CA GLU C 316 -50.45 -26.09 19.35
C GLU C 316 -50.75 -27.35 20.13
N ILE C 317 -49.69 -28.09 20.51
CA ILE C 317 -49.89 -29.34 21.26
C ILE C 317 -50.67 -29.08 22.55
N ARG C 318 -50.41 -27.95 23.21
CA ARG C 318 -51.11 -27.58 24.44
C ARG C 318 -52.61 -27.59 24.25
N GLU C 319 -53.09 -27.23 23.05
CA GLU C 319 -54.49 -27.10 22.70
C GLU C 319 -55.09 -28.37 22.10
N GLY C 320 -54.50 -29.53 22.39
CA GLY C 320 -54.97 -30.81 21.87
C GLY C 320 -54.98 -30.88 20.36
N ALA C 321 -53.98 -30.30 19.71
CA ALA C 321 -53.97 -30.27 18.26
C ALA C 321 -53.75 -31.64 17.65
N ILE C 322 -53.02 -32.54 18.32
CA ILE C 322 -52.90 -33.88 17.76
C ILE C 322 -54.25 -34.57 17.79
N ASP C 323 -54.90 -34.53 18.97
CA ASP C 323 -56.24 -35.06 19.13
C ASP C 323 -57.15 -34.51 18.05
N ARG C 324 -56.99 -33.24 17.73
CA ARG C 324 -57.84 -32.60 16.74
C ARG C 324 -57.57 -33.15 15.35
N LEU C 325 -56.29 -33.29 14.98
CA LEU C 325 -55.93 -33.85 13.69
C LEU C 325 -56.37 -35.30 13.56
N ILE C 326 -56.22 -36.10 14.62
CA ILE C 326 -56.71 -37.47 14.56
C ILE C 326 -58.18 -37.48 14.18
N LYS C 327 -59.00 -36.71 14.91
CA LYS C 327 -60.43 -36.61 14.59
C LYS C 327 -60.65 -36.24 13.14
N LEU C 328 -59.89 -35.28 12.65
CA LEU C 328 -60.08 -34.81 11.28
C LEU C 328 -59.73 -35.89 10.29
N TYR C 329 -58.65 -36.62 10.56
CA TYR C 329 -58.23 -37.74 9.74
C TYR C 329 -59.30 -38.81 9.65
N LYS C 330 -59.83 -39.20 10.81
CA LYS C 330 -60.85 -40.22 10.84
C LYS C 330 -62.02 -39.80 9.95
N GLU C 331 -62.36 -38.51 9.93
CA GLU C 331 -63.37 -38.07 8.99
C GLU C 331 -62.89 -38.27 7.56
N MSE C 332 -61.63 -37.99 7.27
CA MSE C 332 -61.09 -38.16 5.92
C MSE C 332 -61.21 -39.61 5.52
O MSE C 332 -61.69 -39.93 4.44
CB MSE C 332 -59.61 -37.73 5.81
CG MSE C 332 -58.90 -38.01 4.42
SE MSE C 332 -58.04 -39.79 4.00
CE MSE C 332 -56.79 -39.90 5.47
N VAL C 333 -60.74 -40.50 6.40
CA VAL C 333 -60.62 -41.88 5.98
C VAL C 333 -61.98 -42.39 5.50
N TYR C 334 -63.05 -42.01 6.18
CA TYR C 334 -64.37 -42.48 5.80
C TYR C 334 -64.81 -41.96 4.44
N GLN C 335 -64.39 -40.75 4.07
CA GLN C 335 -64.79 -40.26 2.76
C GLN C 335 -63.86 -40.79 1.68
N MSE C 336 -62.57 -40.47 1.79
CA MSE C 336 -61.58 -40.79 0.76
C MSE C 336 -61.29 -42.29 0.64
O MSE C 336 -60.80 -42.74 -0.40
CB MSE C 336 -60.28 -40.03 1.04
CG MSE C 336 -60.46 -38.57 1.47
SE MSE C 336 -60.06 -37.14 0.18
CE MSE C 336 -59.82 -38.17 -1.48
N LYS C 337 -61.56 -43.05 1.70
CA LYS C 337 -61.46 -44.52 1.63
C LYS C 337 -60.05 -44.97 1.25
N GLY C 338 -59.06 -44.29 1.79
CA GLY C 338 -57.69 -44.72 1.58
C GLY C 338 -56.84 -44.04 2.61
N TYR C 339 -55.62 -44.54 2.75
CA TYR C 339 -54.74 -44.09 3.81
C TYR C 339 -54.13 -42.73 3.50
N LEU C 340 -53.63 -42.08 4.55
CA LEU C 340 -53.06 -40.76 4.34
C LEU C 340 -51.67 -40.83 3.75
N THR C 341 -50.88 -41.85 4.08
CA THR C 341 -49.52 -41.98 3.58
C THR C 341 -49.25 -43.43 3.23
N LYS C 342 -48.35 -43.64 2.26
CA LYS C 342 -47.91 -44.99 1.86
C LYS C 342 -46.38 -45.07 1.90
N ASP C 343 -45.86 -45.60 3.01
CA ASP C 343 -44.42 -45.73 3.19
C ASP C 343 -43.71 -44.43 2.81
N GLY C 344 -43.93 -43.45 3.66
CA GLY C 344 -43.30 -42.15 3.54
C GLY C 344 -43.77 -41.28 2.42
N ILE C 345 -44.71 -41.72 1.59
CA ILE C 345 -45.17 -40.82 0.54
C ILE C 345 -46.60 -40.40 0.86
N PRO C 346 -46.85 -39.13 1.17
CA PRO C 346 -48.21 -38.69 1.45
C PRO C 346 -49.01 -38.54 0.18
N GLU C 347 -50.26 -38.98 0.26
CA GLU C 347 -51.24 -38.82 -0.81
C GLU C 347 -51.77 -37.39 -0.69
N LEU C 348 -51.51 -36.58 -1.69
CA LEU C 348 -51.71 -35.17 -1.45
C LEU C 348 -53.18 -34.78 -1.53
N ASP C 349 -54.00 -35.53 -2.25
CA ASP C 349 -55.41 -35.18 -2.23
C ASP C 349 -56.02 -35.44 -0.87
N ARG C 350 -55.55 -36.48 -0.19
CA ARG C 350 -56.05 -36.71 1.15
C ARG C 350 -55.49 -35.69 2.12
N VAL C 351 -54.25 -35.23 1.93
CA VAL C 351 -53.80 -34.08 2.69
C VAL C 351 -54.73 -32.89 2.44
N GLU C 352 -55.07 -32.62 1.18
CA GLU C 352 -55.84 -31.42 0.90
C GLU C 352 -57.15 -31.45 1.66
N MSE C 353 -57.75 -32.64 1.81
CA MSE C 353 -59.02 -32.72 2.52
C MSE C 353 -58.86 -32.43 4.00
O MSE C 353 -59.63 -31.66 4.56
CB MSE C 353 -59.69 -34.07 2.36
CG MSE C 353 -61.01 -34.10 3.13
SE MSE C 353 -61.96 -35.80 3.20
CE MSE C 353 -63.54 -35.26 4.23
N ILE C 354 -57.89 -33.07 4.65
CA ILE C 354 -57.65 -32.78 6.06
C ILE C 354 -57.37 -31.30 6.25
N MSE C 355 -56.72 -30.66 5.29
CA MSE C 355 -56.37 -29.25 5.44
C MSE C 355 -57.59 -28.36 5.34
O MSE C 355 -57.77 -27.49 6.18
CB MSE C 355 -55.33 -28.84 4.41
CG MSE C 355 -53.90 -29.19 4.79
SE MSE C 355 -53.39 -28.58 6.56
CE MSE C 355 -53.93 -30.06 7.72
N LYS C 356 -58.42 -28.59 4.33
CA LYS C 356 -59.71 -27.90 4.26
C LYS C 356 -60.49 -28.11 5.56
N GLY C 357 -60.43 -29.28 6.15
CA GLY C 357 -61.17 -29.48 7.38
C GLY C 357 -60.61 -28.64 8.52
N LEU C 358 -59.29 -28.71 8.70
CA LEU C 358 -58.66 -27.88 9.72
C LEU C 358 -58.89 -26.40 9.44
N GLY C 359 -59.06 -26.04 8.18
CA GLY C 359 -59.27 -24.63 7.87
C GLY C 359 -60.60 -24.12 8.34
N ARG C 360 -61.66 -24.93 8.22
CA ARG C 360 -62.99 -24.49 8.58
C ARG C 360 -63.13 -24.20 10.09
N VAL C 361 -62.21 -24.70 10.91
CA VAL C 361 -62.29 -24.52 12.35
C VAL C 361 -61.21 -23.58 12.90
N GLU C 362 -60.35 -23.00 12.04
CA GLU C 362 -59.28 -22.11 12.52
C GLU C 362 -59.81 -20.87 13.22
N ASP C 363 -60.84 -20.24 12.65
CA ASP C 363 -61.39 -19.04 13.27
C ASP C 363 -61.83 -19.32 14.69
N GLU C 364 -62.52 -20.42 14.88
CA GLU C 364 -62.91 -20.83 16.22
C GLU C 364 -61.69 -21.07 17.10
N ILE C 365 -60.65 -21.74 16.57
CA ILE C 365 -59.48 -22.07 17.38
C ILE C 365 -58.81 -20.81 17.93
N PHE C 366 -58.75 -19.77 17.10
CA PHE C 366 -58.13 -18.54 17.57
C PHE C 366 -58.98 -17.88 18.65
N LYS C 367 -60.31 -17.88 18.47
CA LYS C 367 -61.21 -17.25 19.43
C LYS C 367 -61.16 -17.95 20.79
N ARG C 368 -61.17 -19.27 20.82
CA ARG C 368 -60.98 -19.97 22.08
C ARG C 368 -59.59 -19.70 22.68
N ARG C 369 -58.57 -19.51 21.83
CA ARG C 369 -57.24 -19.28 22.37
C ARG C 369 -57.13 -17.95 23.10
N GLN C 370 -57.99 -16.99 22.77
CA GLN C 370 -57.87 -15.69 23.40
C GLN C 370 -58.20 -15.70 24.89
N GLN C 371 -58.97 -16.69 25.39
CA GLN C 371 -59.21 -16.84 26.83
C GLN C 371 -58.04 -17.61 27.47
N ASP C 372 -57.04 -16.84 27.90
CA ASP C 372 -55.81 -17.31 28.55
C ASP C 372 -54.81 -16.15 28.66
N ASP C 383 -51.23 -7.16 18.70
CA ASP C 383 -51.15 -6.39 17.45
C ASP C 383 -51.91 -7.03 16.26
N ILE C 384 -51.42 -8.19 15.77
CA ILE C 384 -52.27 -9.08 14.99
C ILE C 384 -53.34 -9.64 15.90
N ARG C 385 -54.56 -9.72 15.41
CA ARG C 385 -55.61 -10.20 16.27
C ARG C 385 -56.24 -11.37 15.53
N LEU C 386 -55.71 -12.57 15.80
CA LEU C 386 -56.24 -13.74 15.13
C LEU C 386 -57.68 -13.98 15.52
N TYR C 387 -58.11 -13.41 16.64
CA TYR C 387 -59.42 -13.70 17.18
C TYR C 387 -60.51 -12.78 16.66
N GLU C 388 -60.17 -11.75 15.88
CA GLU C 388 -61.18 -10.88 15.33
C GLU C 388 -61.06 -10.82 13.81
N SER C 389 -62.19 -10.57 13.16
CA SER C 389 -62.37 -10.60 11.72
C SER C 389 -61.21 -10.01 10.94
N GLY C 390 -60.97 -10.53 9.74
CA GLY C 390 -59.93 -10.01 8.86
C GLY C 390 -58.50 -10.42 9.19
N TRP C 391 -58.30 -11.39 10.08
CA TRP C 391 -56.96 -11.71 10.56
C TRP C 391 -56.05 -12.21 9.45
N LYS C 392 -56.60 -12.95 8.48
CA LYS C 392 -55.74 -13.55 7.46
C LYS C 392 -54.99 -12.48 6.68
N ASP C 393 -55.63 -11.35 6.40
CA ASP C 393 -54.95 -10.32 5.65
C ASP C 393 -53.97 -9.55 6.53
N ARG C 394 -54.31 -9.31 7.80
CA ARG C 394 -53.35 -8.70 8.70
C ARG C 394 -52.11 -9.55 8.83
N TYR C 395 -52.30 -10.85 9.09
CA TYR C 395 -51.17 -11.76 9.24
C TYR C 395 -50.26 -11.70 8.02
N TYR C 396 -50.85 -11.73 6.82
CA TYR C 396 -50.04 -11.76 5.62
C TYR C 396 -49.40 -10.41 5.33
N ARG C 397 -50.04 -9.30 5.68
CA ARG C 397 -49.36 -8.01 5.58
C ARG C 397 -48.29 -7.85 6.66
N ALA C 398 -48.54 -8.43 7.83
CA ALA C 398 -47.58 -8.29 8.93
C ALA C 398 -46.34 -9.12 8.68
N LYS C 399 -46.51 -10.41 8.43
CA LYS C 399 -45.42 -11.37 8.41
C LYS C 399 -44.72 -11.53 7.04
N PHE C 400 -45.43 -11.30 5.93
CA PHE C 400 -44.85 -11.42 4.59
C PHE C 400 -44.84 -10.12 3.80
N ASP C 401 -45.58 -9.10 4.25
CA ASP C 401 -45.78 -7.83 3.54
C ASP C 401 -46.35 -8.07 2.14
N VAL C 402 -47.53 -8.69 2.12
CA VAL C 402 -48.31 -8.89 0.91
C VAL C 402 -49.75 -8.65 1.34
N GLY C 403 -50.59 -8.34 0.35
CA GLY C 403 -51.89 -7.77 0.63
C GLY C 403 -53.01 -8.80 0.61
N SER C 404 -54.23 -8.27 0.67
CA SER C 404 -55.43 -9.07 0.44
C SER C 404 -55.50 -9.61 -0.98
N ASP C 405 -55.13 -8.80 -1.98
CA ASP C 405 -55.26 -9.22 -3.37
C ASP C 405 -54.48 -10.50 -3.65
N ASP C 406 -53.26 -10.61 -3.12
CA ASP C 406 -52.31 -11.67 -3.50
C ASP C 406 -52.61 -12.98 -2.79
N ILE C 407 -53.31 -13.89 -3.48
CA ILE C 407 -53.45 -15.25 -2.98
C ILE C 407 -52.51 -16.20 -3.72
N GLU C 408 -52.06 -15.84 -4.93
CA GLU C 408 -51.05 -16.65 -5.58
C GLU C 408 -49.85 -16.84 -4.66
N PHE C 409 -49.60 -15.86 -3.79
CA PHE C 409 -48.55 -15.96 -2.79
C PHE C 409 -48.95 -16.90 -1.66
N ARG C 410 -50.17 -16.76 -1.16
CA ARG C 410 -50.63 -17.64 -0.10
C ARG C 410 -50.53 -19.09 -0.52
N HIS C 411 -50.87 -19.40 -1.78
CA HIS C 411 -50.71 -20.77 -2.25
C HIS C 411 -49.24 -21.12 -2.42
N ARG C 412 -48.37 -20.12 -2.67
CA ARG C 412 -46.95 -20.42 -2.84
C ARG C 412 -46.32 -20.91 -1.55
N VAL C 413 -46.66 -20.30 -0.41
CA VAL C 413 -46.10 -20.81 0.84
C VAL C 413 -46.69 -22.18 1.16
N ALA C 414 -48.00 -22.37 0.93
CA ALA C 414 -48.63 -23.65 1.23
C ALA C 414 -48.02 -24.75 0.40
N TRP C 415 -47.76 -24.48 -0.89
CA TRP C 415 -47.09 -25.50 -1.70
C TRP C 415 -45.67 -25.74 -1.20
N ALA C 416 -44.95 -24.67 -0.82
CA ALA C 416 -43.66 -24.85 -0.17
C ALA C 416 -43.81 -25.70 1.08
N TYR C 417 -44.93 -25.52 1.77
CA TYR C 417 -45.15 -26.24 3.02
C TYR C 417 -45.42 -27.72 2.80
N VAL C 418 -46.26 -28.10 1.82
CA VAL C 418 -46.47 -29.54 1.66
C VAL C 418 -45.17 -30.21 1.25
N GLU C 419 -44.41 -29.59 0.34
CA GLU C 419 -43.10 -30.11 -0.06
C GLU C 419 -42.26 -30.42 1.17
N GLY C 420 -42.26 -29.51 2.14
CA GLY C 420 -41.60 -29.82 3.39
C GLY C 420 -42.11 -31.10 4.01
N LEU C 421 -43.44 -31.23 4.14
CA LEU C 421 -44.00 -32.44 4.74
C LEU C 421 -43.64 -33.65 3.92
N CYS C 422 -43.77 -33.57 2.59
CA CYS C 422 -43.29 -34.66 1.76
C CYS C 422 -41.82 -34.94 2.05
N TRP C 423 -41.03 -33.89 2.24
CA TRP C 423 -39.60 -34.02 2.52
C TRP C 423 -39.37 -34.69 3.87
N VAL C 424 -40.04 -34.19 4.92
CA VAL C 424 -39.84 -34.72 6.26
C VAL C 424 -40.14 -36.20 6.33
N LEU C 425 -41.32 -36.57 5.84
CA LEU C 425 -41.77 -37.96 5.92
C LEU C 425 -40.82 -38.89 5.18
N ARG C 426 -40.33 -38.46 4.03
CA ARG C 426 -39.40 -39.25 3.25
C ARG C 426 -38.08 -39.41 4.00
N TYR C 427 -37.69 -38.42 4.80
CA TYR C 427 -36.45 -38.55 5.57
C TYR C 427 -36.49 -39.78 6.44
N TYR C 428 -37.59 -39.95 7.19
CA TYR C 428 -37.65 -41.06 8.13
C TYR C 428 -37.86 -42.38 7.41
N TYR C 429 -38.80 -42.42 6.48
CA TYR C 429 -39.16 -43.71 5.93
C TYR C 429 -38.24 -44.18 4.81
N GLN C 430 -37.46 -43.28 4.23
CA GLN C 430 -36.68 -43.66 3.08
C GLN C 430 -35.28 -43.07 2.98
N GLY C 431 -34.80 -42.32 3.97
CA GLY C 431 -33.52 -41.65 3.85
C GLY C 431 -33.66 -40.30 3.16
N CYS C 432 -32.75 -39.39 3.51
CA CYS C 432 -32.80 -38.00 3.03
C CYS C 432 -33.07 -37.91 1.54
N ALA C 433 -34.07 -37.10 1.18
CA ALA C 433 -34.46 -36.99 -0.22
C ALA C 433 -33.78 -35.86 -0.97
N SER C 434 -33.26 -34.85 -0.27
CA SER C 434 -32.58 -33.74 -0.94
C SER C 434 -31.78 -33.00 0.11
N TRP C 435 -30.47 -32.97 -0.06
CA TRP C 435 -29.65 -32.22 0.88
C TRP C 435 -29.78 -30.72 0.68
N ASP C 436 -30.36 -30.26 -0.43
CA ASP C 436 -30.50 -28.84 -0.74
C ASP C 436 -31.89 -28.27 -0.41
N TRP C 437 -32.94 -29.11 -0.29
CA TRP C 437 -34.27 -28.56 -0.04
C TRP C 437 -34.31 -27.89 1.32
N TYR C 438 -35.00 -26.74 1.37
CA TYR C 438 -35.29 -26.05 2.61
C TYR C 438 -36.54 -25.21 2.36
N PHE C 439 -37.25 -24.88 3.45
CA PHE C 439 -38.45 -24.02 3.43
C PHE C 439 -38.05 -22.57 3.57
N PRO C 440 -38.31 -21.72 2.57
CA PRO C 440 -37.71 -20.39 2.50
C PRO C 440 -38.59 -19.28 3.02
N TYR C 441 -39.25 -19.48 4.15
CA TYR C 441 -40.10 -18.46 4.74
C TYR C 441 -39.91 -18.51 6.25
N HIS C 442 -40.21 -17.41 6.92
CA HIS C 442 -40.04 -17.39 8.35
C HIS C 442 -41.29 -17.78 9.10
N TYR C 443 -42.45 -17.77 8.45
CA TYR C 443 -43.72 -18.05 9.12
C TYR C 443 -44.53 -19.05 8.34
N ALA C 444 -45.46 -19.70 9.02
CA ALA C 444 -46.26 -20.72 8.34
C ALA C 444 -47.51 -20.11 7.76
N PRO C 445 -48.11 -20.73 6.76
CA PRO C 445 -49.40 -20.27 6.24
C PRO C 445 -50.52 -20.86 7.10
N PHE C 446 -51.77 -20.57 6.73
CA PHE C 446 -52.89 -21.18 7.42
C PHE C 446 -53.40 -22.40 6.65
N ALA C 447 -54.03 -23.31 7.38
CA ALA C 447 -54.58 -24.48 6.74
C ALA C 447 -55.57 -24.10 5.63
N SER C 448 -56.27 -22.98 5.76
CA SER C 448 -57.18 -22.60 4.69
C SER C 448 -56.42 -22.28 3.39
N ASP C 449 -55.11 -22.14 3.42
CA ASP C 449 -54.37 -21.84 2.19
C ASP C 449 -53.99 -23.10 1.41
N PHE C 450 -54.19 -24.28 1.97
CA PHE C 450 -53.73 -25.50 1.34
C PHE C 450 -54.69 -26.07 0.33
N GLU C 451 -55.75 -25.35 -0.04
CA GLU C 451 -56.49 -25.76 -1.22
C GLU C 451 -55.53 -25.81 -2.40
N THR C 452 -55.95 -26.50 -3.46
CA THR C 452 -55.12 -26.71 -4.65
C THR C 452 -53.83 -27.46 -4.35
N VAL C 453 -53.53 -27.74 -3.08
CA VAL C 453 -52.33 -28.48 -2.74
C VAL C 453 -52.37 -29.87 -3.33
N GLY C 454 -53.56 -30.36 -3.67
CA GLY C 454 -53.67 -31.64 -4.33
C GLY C 454 -53.00 -31.65 -5.70
N GLU C 455 -52.90 -30.48 -6.33
CA GLU C 455 -52.30 -30.39 -7.64
C GLU C 455 -50.77 -30.48 -7.59
N PHE C 456 -50.16 -30.20 -6.45
CA PHE C 456 -48.70 -30.21 -6.33
C PHE C 456 -48.11 -31.60 -6.51
N GLN C 457 -46.98 -31.68 -7.19
CA GLN C 457 -46.32 -32.96 -7.47
C GLN C 457 -44.89 -32.93 -6.95
N PRO C 458 -44.54 -33.77 -5.98
CA PRO C 458 -43.19 -33.72 -5.41
C PRO C 458 -42.18 -34.30 -6.39
N ASP C 459 -40.99 -33.66 -6.45
CA ASP C 459 -39.90 -34.01 -7.37
C ASP C 459 -38.58 -33.83 -6.62
N PHE C 460 -38.10 -34.90 -5.96
CA PHE C 460 -36.84 -34.86 -5.24
C PHE C 460 -35.75 -35.71 -5.92
N THR C 461 -35.80 -35.85 -7.24
CA THR C 461 -34.86 -36.73 -7.94
C THR C 461 -33.55 -36.07 -8.33
N ARG C 462 -33.52 -34.75 -8.38
CA ARG C 462 -32.29 -34.01 -8.62
C ARG C 462 -31.21 -34.52 -7.66
N PRO C 463 -30.00 -34.82 -8.15
CA PRO C 463 -28.97 -35.36 -7.26
C PRO C 463 -28.45 -34.29 -6.32
N THR C 464 -28.27 -34.64 -5.04
CA THR C 464 -27.79 -33.70 -4.03
C THR C 464 -26.70 -34.33 -3.18
N LYS C 465 -25.82 -33.49 -2.63
CA LYS C 465 -24.75 -33.97 -1.74
C LYS C 465 -24.72 -33.12 -0.49
N PRO C 466 -24.24 -33.66 0.63
CA PRO C 466 -24.12 -32.85 1.85
C PRO C 466 -23.04 -31.79 1.67
N PHE C 467 -23.17 -30.72 2.45
CA PHE C 467 -22.11 -29.75 2.54
C PHE C 467 -20.85 -30.39 3.12
N ASN C 468 -19.71 -29.74 2.86
CA ASN C 468 -18.50 -30.09 3.61
C ASN C 468 -18.56 -29.40 4.97
N PRO C 469 -18.03 -30.05 6.02
CA PRO C 469 -18.24 -29.49 7.37
C PRO C 469 -17.90 -28.01 7.48
N LEU C 470 -16.78 -27.56 6.92
CA LEU C 470 -16.40 -26.15 7.07
C LEU C 470 -17.36 -25.22 6.34
N GLU C 471 -17.88 -25.64 5.19
CA GLU C 471 -18.90 -24.84 4.53
C GLU C 471 -20.14 -24.72 5.41
N GLN C 472 -20.51 -25.81 6.08
CA GLN C 472 -21.68 -25.78 6.94
C GLN C 472 -21.46 -24.84 8.11
N LEU C 473 -20.26 -24.89 8.69
CA LEU C 473 -19.89 -23.95 9.74
C LEU C 473 -20.09 -22.51 9.29
N MSE C 474 -19.77 -22.18 8.05
CA MSE C 474 -19.99 -20.82 7.60
C MSE C 474 -21.48 -20.55 7.48
O MSE C 474 -21.91 -19.42 7.62
CB MSE C 474 -19.28 -20.54 6.27
CG MSE C 474 -17.77 -20.65 6.32
SE MSE C 474 -16.89 -19.31 7.43
CE MSE C 474 -17.22 -17.70 6.37
N SER C 475 -22.28 -21.60 7.22
CA SER C 475 -23.71 -21.39 7.02
C SER C 475 -24.48 -21.42 8.30
N VAL C 476 -23.81 -21.66 9.42
CA VAL C 476 -24.53 -21.85 10.67
C VAL C 476 -23.97 -21.02 11.81
N PHE C 477 -22.78 -20.54 11.72
CA PHE C 477 -22.23 -19.80 12.85
C PHE C 477 -22.43 -18.30 12.68
N PRO C 478 -22.52 -17.60 13.80
CA PRO C 478 -22.38 -16.15 13.83
C PRO C 478 -20.91 -15.76 13.95
N ALA C 479 -20.62 -14.49 13.67
CA ALA C 479 -19.21 -14.07 13.76
C ALA C 479 -18.71 -14.24 15.19
N ALA C 480 -19.61 -14.24 16.16
CA ALA C 480 -19.22 -14.43 17.54
C ALA C 480 -18.52 -15.75 17.76
N SER C 481 -18.58 -16.68 16.81
CA SER C 481 -17.94 -17.97 16.98
C SER C 481 -16.83 -18.19 15.96
N LYS C 482 -16.13 -17.11 15.60
CA LYS C 482 -15.20 -17.25 14.50
C LYS C 482 -13.98 -18.07 14.85
N GLN C 483 -13.67 -18.29 16.14
CA GLN C 483 -12.49 -19.09 16.54
C GLN C 483 -12.44 -20.44 15.84
N HIS C 484 -13.57 -21.13 15.76
CA HIS C 484 -13.53 -22.51 15.33
C HIS C 484 -13.27 -22.63 13.86
N LEU C 485 -13.07 -21.52 13.20
CA LEU C 485 -12.87 -21.55 11.77
C LEU C 485 -11.43 -21.21 11.46
N PRO C 486 -10.96 -21.57 10.28
CA PRO C 486 -9.59 -21.23 9.89
C PRO C 486 -9.39 -19.73 9.86
N VAL C 487 -8.15 -19.29 10.15
CA VAL C 487 -7.90 -17.85 10.31
C VAL C 487 -8.27 -17.07 9.05
N GLU C 488 -8.01 -17.65 7.88
CA GLU C 488 -8.35 -16.92 6.65
C GLU C 488 -9.86 -16.90 6.38
N TRP C 489 -10.60 -17.90 6.86
CA TRP C 489 -12.04 -17.85 6.68
C TRP C 489 -12.68 -16.87 7.64
N GLN C 490 -12.14 -16.75 8.86
CA GLN C 490 -12.70 -15.85 9.85
C GLN C 490 -12.79 -14.44 9.30
N LYS C 491 -11.76 -14.01 8.55
CA LYS C 491 -11.81 -12.69 7.92
C LYS C 491 -13.10 -12.50 7.14
N LEU C 492 -13.56 -13.54 6.44
CA LEU C 492 -14.80 -13.45 5.66
C LEU C 492 -16.03 -13.21 6.52
N MSE C 493 -15.92 -13.30 7.85
CA MSE C 493 -17.10 -13.18 8.73
C MSE C 493 -17.22 -11.82 9.42
O MSE C 493 -18.22 -11.56 10.10
CB MSE C 493 -17.07 -14.25 9.82
CG MSE C 493 -17.13 -15.68 9.34
SE MSE C 493 -16.90 -16.93 10.83
CE MSE C 493 -18.75 -17.48 11.05
N ILE C 494 -16.21 -10.96 9.27
CA ILE C 494 -16.10 -9.79 10.14
C ILE C 494 -15.81 -8.49 9.39
N GLN C 495 -15.00 -8.54 8.34
CA GLN C 495 -14.61 -7.29 7.67
C GLN C 495 -15.61 -6.86 6.58
N ASP C 496 -15.77 -5.53 6.44
CA ASP C 496 -16.80 -4.91 5.62
C ASP C 496 -16.60 -5.16 4.13
N ASP C 497 -15.37 -5.43 3.71
CA ASP C 497 -15.05 -5.65 2.31
C ASP C 497 -15.39 -7.07 1.86
N SER C 498 -15.82 -7.95 2.79
CA SER C 498 -16.09 -9.35 2.48
C SER C 498 -17.42 -9.49 1.75
N PRO C 499 -17.48 -10.25 0.65
CA PRO C 499 -18.73 -10.39 -0.11
C PRO C 499 -19.74 -11.35 0.50
N ILE C 500 -19.55 -11.80 1.75
CA ILE C 500 -20.58 -12.54 2.45
C ILE C 500 -20.79 -11.92 3.83
N ILE C 501 -20.35 -10.67 4.01
CA ILE C 501 -20.48 -10.03 5.32
C ILE C 501 -21.94 -9.95 5.77
N ASP C 502 -22.87 -9.86 4.82
CA ASP C 502 -24.27 -9.70 5.14
C ASP C 502 -24.82 -10.90 5.89
N LEU C 503 -24.14 -12.04 5.83
CA LEU C 503 -24.62 -13.25 6.48
C LEU C 503 -24.37 -13.25 7.96
N TYR C 504 -23.64 -12.27 8.50
CA TYR C 504 -23.23 -12.28 9.90
C TYR C 504 -23.64 -10.96 10.52
N PRO C 505 -24.93 -10.72 10.67
CA PRO C 505 -25.36 -9.51 11.37
C PRO C 505 -25.07 -9.66 12.85
N ALA C 506 -24.58 -8.56 13.45
CA ALA C 506 -24.32 -8.56 14.88
C ALA C 506 -25.61 -8.58 15.69
N ASP C 507 -26.68 -7.96 15.21
CA ASP C 507 -27.96 -8.11 15.90
C ASP C 507 -29.09 -8.20 14.88
N PHE C 508 -30.20 -8.77 15.36
CA PHE C 508 -31.34 -9.10 14.52
C PHE C 508 -32.58 -9.09 15.38
N ARG C 509 -33.73 -8.87 14.74
CA ARG C 509 -34.99 -8.84 15.48
C ARG C 509 -35.46 -10.27 15.74
N ILE C 510 -35.86 -10.56 16.98
CA ILE C 510 -36.61 -11.79 17.29
C ILE C 510 -38.09 -11.44 17.40
N ASP C 511 -38.90 -12.01 16.51
CA ASP C 511 -40.36 -11.81 16.54
C ASP C 511 -40.99 -12.81 17.50
N LEU C 512 -41.58 -12.28 18.58
CA LEU C 512 -42.23 -13.12 19.59
C LEU C 512 -43.40 -13.93 19.03
N ASN C 513 -44.12 -13.39 18.04
CA ASN C 513 -45.19 -14.13 17.37
C ASN C 513 -46.25 -14.61 18.36
N GLY C 514 -46.62 -13.76 19.30
CA GLY C 514 -47.63 -14.13 20.27
C GLY C 514 -47.17 -14.99 21.43
N LYS C 515 -46.24 -15.93 21.21
CA LYS C 515 -45.72 -16.77 22.28
C LYS C 515 -45.15 -15.91 23.41
N LYS C 516 -44.89 -16.54 24.56
CA LYS C 516 -44.54 -15.74 25.72
C LYS C 516 -43.06 -15.34 25.75
N TYR C 517 -42.15 -16.30 25.64
CA TYR C 517 -40.73 -16.06 25.85
C TYR C 517 -39.98 -15.91 24.53
N ALA C 518 -38.87 -15.17 24.57
CA ALA C 518 -38.16 -14.84 23.34
C ALA C 518 -37.62 -16.08 22.64
N TRP C 519 -37.31 -17.12 23.38
CA TRP C 519 -36.76 -18.30 22.73
C TRP C 519 -37.83 -19.11 22.01
N GLN C 520 -39.10 -18.80 22.22
CA GLN C 520 -40.17 -19.41 21.45
C GLN C 520 -40.49 -18.63 20.20
N GLY C 521 -39.91 -17.45 20.03
CA GLY C 521 -40.21 -16.60 18.89
C GLY C 521 -39.40 -16.97 17.65
N VAL C 522 -39.57 -16.14 16.63
CA VAL C 522 -38.90 -16.34 15.35
C VAL C 522 -37.74 -15.37 15.23
N ALA C 523 -36.57 -15.89 14.90
CA ALA C 523 -35.39 -15.07 14.64
C ALA C 523 -35.41 -14.61 13.19
N LEU C 524 -35.48 -13.30 12.98
CA LEU C 524 -35.55 -12.76 11.64
C LEU C 524 -34.12 -12.64 11.11
N LEU C 525 -33.54 -13.80 10.72
CA LEU C 525 -32.20 -13.87 10.18
C LEU C 525 -32.23 -14.09 8.67
N PRO C 526 -31.34 -13.45 7.93
CA PRO C 526 -31.36 -13.61 6.48
C PRO C 526 -30.87 -15.00 6.09
N PHE C 527 -31.54 -15.59 5.08
CA PHE C 527 -31.18 -16.92 4.60
C PHE C 527 -29.84 -16.88 3.86
N VAL C 528 -29.06 -17.96 3.99
CA VAL C 528 -27.73 -17.99 3.42
C VAL C 528 -27.81 -18.20 1.92
N ASP C 529 -27.11 -17.34 1.15
CA ASP C 529 -26.93 -17.48 -0.29
C ASP C 529 -25.89 -18.56 -0.51
N GLU C 530 -26.37 -19.81 -0.58
CA GLU C 530 -25.50 -20.98 -0.69
C GLU C 530 -24.51 -20.87 -1.86
N THR C 531 -24.98 -20.37 -3.00
CA THR C 531 -24.13 -20.22 -4.17
C THR C 531 -23.03 -19.18 -3.93
N ARG C 532 -23.40 -18.03 -3.38
CA ARG C 532 -22.44 -16.97 -3.14
C ARG C 532 -21.44 -17.36 -2.07
N LEU C 533 -21.89 -18.07 -1.05
CA LEU C 533 -20.95 -18.52 -0.02
C LEU C 533 -19.88 -19.39 -0.67
N LEU C 534 -20.31 -20.38 -1.46
CA LEU C 534 -19.36 -21.28 -2.09
C LEU C 534 -18.39 -20.54 -2.99
N ALA C 535 -18.88 -19.52 -3.69
CA ALA C 535 -18.02 -18.71 -4.54
C ALA C 535 -16.98 -17.96 -3.73
N THR C 536 -17.42 -17.31 -2.64
CA THR C 536 -16.48 -16.58 -1.81
C THR C 536 -15.46 -17.52 -1.21
N LEU C 537 -15.89 -18.73 -0.87
CA LEU C 537 -14.96 -19.67 -0.27
C LEU C 537 -13.89 -20.13 -1.26
N GLN C 538 -14.09 -19.95 -2.57
CA GLN C 538 -13.06 -20.41 -3.48
C GLN C 538 -11.76 -19.68 -3.22
N SER C 539 -11.83 -18.42 -2.77
CA SER C 539 -10.63 -17.64 -2.51
C SER C 539 -9.87 -18.10 -1.28
N VAL C 540 -10.51 -18.74 -0.32
CA VAL C 540 -9.81 -19.13 0.90
C VAL C 540 -9.62 -20.62 1.04
N TYR C 541 -10.15 -21.43 0.12
CA TYR C 541 -9.96 -22.87 0.22
C TYR C 541 -8.50 -23.32 0.19
N PRO C 542 -7.59 -22.77 -0.64
CA PRO C 542 -6.21 -23.26 -0.62
C PRO C 542 -5.45 -22.92 0.65
N THR C 543 -6.04 -22.17 1.59
CA THR C 543 -5.37 -21.77 2.82
C THR C 543 -5.58 -22.75 3.97
N LEU C 544 -6.31 -23.83 3.76
CA LEU C 544 -6.54 -24.75 4.85
C LEU C 544 -5.26 -25.50 5.19
N THR C 545 -5.01 -25.68 6.48
CA THR C 545 -3.92 -26.57 6.90
C THR C 545 -4.29 -28.02 6.60
N ALA C 546 -3.33 -28.93 6.82
CA ALA C 546 -3.59 -30.35 6.67
C ALA C 546 -4.73 -30.79 7.58
N GLU C 547 -4.65 -30.43 8.87
CA GLU C 547 -5.67 -30.76 9.84
C GLU C 547 -7.01 -30.17 9.42
N GLU C 548 -6.99 -28.95 8.91
CA GLU C 548 -8.26 -28.34 8.52
C GLU C 548 -8.89 -29.09 7.36
N LYS C 549 -8.09 -29.47 6.36
CA LYS C 549 -8.59 -30.29 5.25
C LYS C 549 -9.23 -31.56 5.78
N GLN C 550 -8.67 -32.10 6.85
CA GLN C 550 -9.15 -33.37 7.40
C GLN C 550 -10.49 -33.21 8.09
N ARG C 551 -10.62 -32.19 8.93
CA ARG C 551 -11.92 -31.90 9.53
C ARG C 551 -12.97 -31.63 8.46
N ASN C 552 -12.56 -31.27 7.25
CA ASN C 552 -13.52 -30.93 6.21
C ASN C 552 -13.85 -32.10 5.30
N THR C 553 -13.51 -33.34 5.65
CA THR C 553 -13.72 -34.44 4.74
C THR C 553 -14.80 -35.38 5.22
N ARG C 554 -15.62 -35.81 4.27
CA ARG C 554 -16.61 -36.84 4.54
C ARG C 554 -15.89 -38.15 4.90
N GLY C 555 -16.13 -38.63 6.11
CA GLY C 555 -15.49 -39.81 6.62
C GLY C 555 -16.45 -40.96 6.88
N PRO C 556 -15.91 -42.05 7.37
CA PRO C 556 -16.68 -43.29 7.43
C PRO C 556 -17.17 -43.65 8.81
N ASN C 557 -18.03 -44.65 8.84
CA ASN C 557 -18.38 -45.22 10.11
C ASN C 557 -17.31 -46.21 10.52
N ARG C 558 -17.20 -46.46 11.81
CA ARG C 558 -16.27 -47.45 12.29
C ARG C 558 -17.00 -48.44 13.18
N ILE C 559 -16.55 -49.72 13.14
CA ILE C 559 -17.12 -50.80 13.95
C ILE C 559 -16.01 -51.53 14.71
N PHE C 560 -16.30 -51.89 15.97
CA PHE C 560 -15.29 -52.38 16.89
C PHE C 560 -15.71 -53.67 17.56
N ILE C 561 -14.81 -54.63 17.65
CA ILE C 561 -15.02 -55.81 18.47
C ILE C 561 -13.75 -56.21 19.19
N GLY C 562 -13.94 -56.92 20.32
CA GLY C 562 -12.81 -57.39 21.13
C GLY C 562 -12.33 -58.78 20.72
N ARG C 563 -11.17 -59.15 21.27
CA ARG C 563 -10.49 -60.35 20.76
C ARG C 563 -11.29 -61.63 21.03
N ASN C 564 -12.22 -61.64 21.97
CA ASN C 564 -13.04 -62.82 22.19
C ASN C 564 -14.21 -62.91 21.22
N HIS C 565 -14.54 -61.83 20.54
CA HIS C 565 -15.75 -61.80 19.73
C HIS C 565 -15.66 -62.80 18.60
N LYS C 566 -16.76 -63.51 18.33
CA LYS C 566 -16.62 -64.59 17.37
C LYS C 566 -16.42 -64.09 15.96
N SER C 567 -16.53 -62.80 15.71
CA SER C 567 -16.23 -62.27 14.39
C SER C 567 -14.87 -61.62 14.36
N PHE C 568 -14.06 -61.86 15.39
CA PHE C 568 -12.77 -61.19 15.50
C PHE C 568 -11.87 -61.56 14.34
N GLU C 569 -11.61 -62.85 14.17
CA GLU C 569 -10.67 -63.31 13.16
C GLU C 569 -11.06 -62.80 11.77
N PHE C 570 -12.35 -62.89 11.44
CA PHE C 570 -12.85 -62.27 10.21
C PHE C 570 -12.45 -60.80 10.10
N PHE C 571 -12.69 -59.99 11.15
CA PHE C 571 -12.27 -58.59 11.12
C PHE C 571 -10.75 -58.48 10.90
N GLN C 572 -9.98 -59.37 11.52
CA GLN C 572 -8.54 -59.25 11.45
C GLN C 572 -8.03 -59.43 10.03
N GLN C 573 -8.63 -60.38 9.27
CA GLN C 573 -8.26 -60.54 7.87
C GLN C 573 -8.47 -59.27 7.08
N VAL C 574 -9.58 -58.57 7.35
CA VAL C 574 -9.82 -57.33 6.63
C VAL C 574 -8.81 -56.27 7.06
N ALA C 575 -8.54 -56.17 8.37
CA ALA C 575 -7.56 -55.18 8.81
C ALA C 575 -6.16 -55.50 8.31
N GLU C 576 -5.81 -56.78 8.22
CA GLU C 576 -4.47 -57.09 7.73
C GLU C 576 -4.40 -57.03 6.22
N SER C 577 -5.53 -57.15 5.53
CA SER C 577 -5.49 -57.04 4.07
C SER C 577 -5.06 -55.66 3.63
N LYS C 578 -5.19 -54.65 4.50
CA LYS C 578 -4.81 -53.27 4.19
C LYS C 578 -5.42 -52.77 2.89
N SER C 579 -6.58 -53.31 2.54
CA SER C 579 -7.21 -53.01 1.26
C SER C 579 -8.37 -52.02 1.44
N ASP C 580 -8.60 -51.21 0.40
CA ASP C 580 -9.71 -50.28 0.40
C ASP C 580 -11.01 -50.89 -0.08
N ASP C 581 -10.95 -52.10 -0.62
CA ASP C 581 -12.16 -52.77 -1.07
C ASP C 581 -13.06 -53.09 0.12
N LEU C 582 -14.35 -52.79 -0.03
CA LEU C 582 -15.33 -53.04 1.01
C LEU C 582 -15.81 -54.49 0.93
N VAL C 583 -15.62 -55.20 2.01
CA VAL C 583 -15.89 -56.63 2.13
C VAL C 583 -17.23 -56.81 2.84
N PRO C 584 -18.13 -57.66 2.35
CA PRO C 584 -19.35 -57.97 3.10
C PRO C 584 -19.06 -58.75 4.38
N LEU C 585 -19.69 -58.32 5.46
CA LEU C 585 -19.58 -59.00 6.76
C LEU C 585 -20.23 -60.37 6.67
N ASP C 586 -19.77 -61.29 7.52
CA ASP C 586 -20.45 -62.56 7.69
C ASP C 586 -21.41 -62.41 8.84
N PRO C 587 -22.72 -62.22 8.55
CA PRO C 587 -23.67 -61.93 9.63
C PRO C 587 -23.89 -63.09 10.59
N THR C 588 -23.53 -64.30 10.20
CA THR C 588 -23.52 -65.41 11.14
C THR C 588 -22.66 -65.12 12.38
N LEU C 589 -21.63 -64.30 12.22
CA LEU C 589 -20.74 -63.97 13.32
C LEU C 589 -21.16 -62.71 14.06
N LEU C 590 -22.36 -62.17 13.78
CA LEU C 590 -22.78 -60.88 14.30
C LEU C 590 -24.26 -60.87 14.67
N ASN C 591 -24.84 -62.05 14.88
CA ASN C 591 -26.29 -62.19 15.11
C ASN C 591 -27.06 -61.46 14.01
N GLY C 592 -26.55 -61.54 12.79
CA GLY C 592 -27.30 -61.10 11.65
C GLY C 592 -27.05 -59.68 11.21
N VAL C 593 -26.11 -58.98 11.85
CA VAL C 593 -25.78 -57.64 11.42
C VAL C 593 -25.11 -57.74 10.06
N SER C 594 -25.66 -57.07 9.05
CA SER C 594 -25.11 -57.05 7.71
C SER C 594 -24.49 -55.69 7.40
N GLY C 595 -23.67 -55.68 6.37
CA GLY C 595 -22.99 -54.48 5.94
C GLY C 595 -21.66 -54.84 5.29
N LYS C 596 -20.84 -53.83 5.12
CA LYS C 596 -19.51 -54.04 4.58
C LYS C 596 -18.47 -53.34 5.44
N ILE C 597 -17.27 -53.95 5.49
CA ILE C 597 -16.16 -53.40 6.25
C ILE C 597 -14.93 -53.26 5.36
N ALA C 598 -13.98 -52.46 5.84
CA ALA C 598 -12.72 -52.26 5.13
C ALA C 598 -11.66 -51.80 6.11
N TYR C 599 -10.41 -52.03 5.72
CA TYR C 599 -9.26 -51.69 6.55
C TYR C 599 -9.25 -50.20 6.86
N ASP C 600 -8.95 -49.89 8.12
CA ASP C 600 -8.86 -48.52 8.62
C ASP C 600 -7.41 -48.18 8.92
N SER C 601 -6.84 -47.31 8.09
CA SER C 601 -5.45 -46.89 8.34
C SER C 601 -5.27 -46.13 9.65
N THR C 602 -6.31 -45.51 10.20
CA THR C 602 -6.14 -44.74 11.43
C THR C 602 -6.29 -45.59 12.69
N ALA C 603 -6.63 -46.88 12.57
CA ALA C 603 -6.91 -47.70 13.74
C ALA C 603 -5.64 -48.18 14.42
N THR C 604 -5.71 -48.26 15.74
CA THR C 604 -4.68 -48.89 16.53
C THR C 604 -4.89 -50.39 16.46
N ALA C 605 -3.86 -51.11 16.08
CA ALA C 605 -4.04 -52.55 15.94
C ALA C 605 -4.04 -53.24 17.31
N PRO C 606 -4.68 -54.40 17.39
CA PRO C 606 -4.61 -55.20 18.61
C PRO C 606 -3.17 -55.56 18.94
N GLY C 607 -2.86 -55.57 20.24
CA GLY C 607 -1.52 -55.83 20.71
C GLY C 607 -0.64 -54.59 20.87
N LEU C 608 -1.05 -53.47 20.39
CA LEU C 608 -0.26 -52.30 20.66
C LEU C 608 -0.87 -51.54 21.81
N PRO C 609 -0.12 -50.67 22.46
CA PRO C 609 -0.71 -49.78 23.45
C PRO C 609 -1.58 -48.75 22.78
N PHE C 610 -2.49 -48.18 23.56
CA PHE C 610 -3.40 -47.13 23.13
C PHE C 610 -3.22 -46.03 24.17
N VAL C 611 -2.52 -45.01 23.82
CA VAL C 611 -2.25 -43.97 24.81
C VAL C 611 -3.48 -43.10 24.95
N SER C 612 -3.82 -42.74 26.19
CA SER C 612 -5.07 -42.00 26.44
C SER C 612 -4.94 -40.55 25.99
N PRO C 613 -5.84 -40.07 25.13
CA PRO C 613 -5.86 -38.66 24.75
C PRO C 613 -6.58 -37.78 25.75
N VAL C 614 -7.05 -38.30 26.86
CA VAL C 614 -7.76 -37.52 27.86
C VAL C 614 -6.93 -37.54 29.13
N ASN C 615 -6.41 -36.38 29.50
CA ASN C 615 -5.54 -36.28 30.67
C ASN C 615 -6.44 -36.18 31.90
N HIS C 616 -6.73 -37.33 32.52
CA HIS C 616 -7.66 -37.41 33.64
C HIS C 616 -7.45 -38.74 34.37
N ASP C 617 -7.75 -38.77 35.67
CA ASP C 617 -7.48 -39.95 36.48
C ASP C 617 -8.22 -41.17 35.97
N GLU C 618 -9.43 -40.98 35.47
CA GLU C 618 -10.25 -42.07 34.99
C GLU C 618 -9.82 -42.59 33.61
N CYS C 619 -8.94 -41.90 32.91
CA CYS C 619 -8.55 -42.32 31.57
C CYS C 619 -7.06 -42.65 31.53
N GLN C 620 -6.72 -43.77 32.13
CA GLN C 620 -5.34 -44.24 32.10
C GLN C 620 -5.01 -44.71 30.68
N ASP C 621 -3.73 -44.67 30.33
CA ASP C 621 -3.28 -45.25 29.07
C ASP C 621 -3.61 -46.72 29.05
N LEU C 622 -3.83 -47.24 27.85
CA LEU C 622 -4.19 -48.63 27.66
C LEU C 622 -2.93 -49.45 27.40
N PRO C 623 -2.51 -50.34 28.32
CA PRO C 623 -1.21 -51.01 28.12
C PRO C 623 -1.19 -51.92 26.89
N THR C 624 -2.21 -52.73 26.66
CA THR C 624 -2.30 -53.56 25.47
C THR C 624 -3.73 -53.55 24.98
N ASN C 625 -3.94 -52.94 23.81
CA ASN C 625 -5.26 -52.85 23.23
C ASN C 625 -5.61 -54.20 22.66
N CYS C 626 -6.83 -54.66 22.95
CA CYS C 626 -7.30 -55.95 22.44
C CYS C 626 -8.48 -55.81 21.50
N GLY C 627 -8.86 -54.60 21.13
CA GLY C 627 -9.99 -54.39 20.23
C GLY C 627 -9.52 -54.06 18.82
N ILE C 628 -10.26 -54.53 17.82
CA ILE C 628 -9.93 -54.27 16.42
C ILE C 628 -10.98 -53.35 15.81
N CYS C 629 -10.52 -52.43 14.95
CA CYS C 629 -11.34 -51.37 14.38
C CYS C 629 -11.22 -51.44 12.88
N VAL C 630 -12.36 -51.53 12.20
CA VAL C 630 -12.42 -51.43 10.75
C VAL C 630 -13.49 -50.41 10.40
N LEU C 631 -13.45 -49.94 9.16
CA LEU C 631 -14.50 -49.09 8.65
C LEU C 631 -15.75 -49.92 8.40
N TYR C 632 -16.91 -49.28 8.56
CA TYR C 632 -18.20 -49.91 8.40
C TYR C 632 -19.09 -49.11 7.46
N GLU C 633 -19.86 -49.84 6.66
CA GLU C 633 -20.83 -49.26 5.76
C GLU C 633 -22.13 -50.01 5.90
N ASP C 634 -23.21 -49.28 6.18
CA ASP C 634 -24.54 -49.86 6.25
C ASP C 634 -24.85 -50.60 4.95
N PRO C 635 -25.55 -51.75 5.01
CA PRO C 635 -25.83 -52.53 3.80
C PRO C 635 -26.72 -51.78 2.82
N GLU C 636 -26.43 -51.94 1.54
CA GLU C 636 -27.09 -51.18 0.47
C GLU C 636 -28.25 -51.97 -0.09
N GLY D 5 -26.20 -8.70 -21.11
CA GLY D 5 -27.38 -7.88 -20.86
C GLY D 5 -27.53 -7.52 -19.40
N LYS D 6 -27.72 -6.23 -19.11
CA LYS D 6 -27.77 -5.78 -17.73
C LYS D 6 -29.01 -6.31 -17.00
N LEU D 7 -30.19 -6.09 -17.59
CA LEU D 7 -31.44 -6.47 -16.92
C LEU D 7 -31.66 -7.97 -16.95
N GLU D 8 -31.07 -8.67 -17.93
CA GLU D 8 -31.14 -10.13 -17.96
C GLU D 8 -30.34 -10.74 -16.81
N ASP D 9 -29.15 -10.20 -16.54
CA ASP D 9 -28.45 -10.49 -15.30
C ASP D 9 -29.35 -10.31 -14.08
N VAL D 10 -30.06 -9.18 -14.03
CA VAL D 10 -30.86 -8.87 -12.85
C VAL D 10 -32.00 -9.87 -12.67
N GLU D 11 -32.67 -10.27 -13.76
CA GLU D 11 -33.90 -11.04 -13.58
C GLU D 11 -33.64 -12.46 -13.05
N ALA D 12 -32.53 -13.09 -13.42
CA ALA D 12 -32.24 -14.44 -12.91
C ALA D 12 -31.73 -14.41 -11.49
N GLU D 13 -31.62 -13.21 -10.89
CA GLU D 13 -31.12 -13.00 -9.54
C GLU D 13 -32.21 -13.13 -8.47
N LYS D 14 -33.48 -13.25 -8.86
CA LYS D 14 -34.59 -13.33 -7.92
C LYS D 14 -34.44 -14.52 -6.97
N LYS D 15 -35.16 -14.45 -5.84
CA LYS D 15 -35.59 -15.63 -5.08
C LYS D 15 -34.42 -16.40 -4.38
N LEU D 16 -34.65 -17.54 -3.67
CA LEU D 16 -35.93 -18.28 -3.49
C LEU D 16 -36.92 -17.67 -2.49
N TRP D 17 -36.39 -17.18 -1.37
CA TRP D 17 -37.25 -16.59 -0.36
C TRP D 17 -38.05 -15.41 -0.92
N GLU D 18 -37.38 -14.44 -1.54
CA GLU D 18 -37.92 -13.13 -1.92
C GLU D 18 -39.35 -13.16 -2.48
N SER D 19 -40.24 -12.41 -1.83
CA SER D 19 -41.58 -12.08 -2.31
C SER D 19 -41.50 -11.09 -3.47
N ASP D 20 -42.65 -10.82 -4.10
CA ASP D 20 -42.66 -9.91 -5.24
C ASP D 20 -42.34 -8.47 -4.83
N ASP D 21 -42.87 -8.00 -3.71
CA ASP D 21 -42.59 -6.63 -3.29
C ASP D 21 -41.11 -6.46 -2.97
N ALA D 22 -40.54 -7.40 -2.22
CA ALA D 22 -39.14 -7.34 -1.83
C ALA D 22 -38.18 -7.59 -3.00
N TRP D 23 -38.60 -8.34 -4.02
CA TRP D 23 -37.68 -8.55 -5.13
C TRP D 23 -37.49 -7.26 -5.91
N GLU D 24 -38.57 -6.53 -6.15
CA GLU D 24 -38.47 -5.29 -6.91
C GLU D 24 -37.61 -4.26 -6.19
N LEU D 25 -37.63 -4.26 -4.85
CA LEU D 25 -36.78 -3.34 -4.09
C LEU D 25 -35.30 -3.66 -4.27
N ARG D 26 -34.91 -4.95 -4.15
CA ARG D 26 -33.53 -5.33 -4.46
C ARG D 26 -33.21 -5.08 -5.91
N LYS D 27 -34.16 -5.37 -6.79
CA LYS D 27 -33.94 -5.16 -8.22
C LYS D 27 -33.53 -3.74 -8.46
N ALA D 28 -34.25 -2.79 -7.87
CA ALA D 28 -33.94 -1.38 -8.08
C ALA D 28 -32.56 -1.04 -7.51
N PHE D 29 -32.21 -1.64 -6.38
CA PHE D 29 -30.87 -1.43 -5.83
C PHE D 29 -29.81 -1.92 -6.81
N MSE D 30 -29.89 -3.20 -7.18
CA MSE D 30 -28.93 -3.80 -8.12
C MSE D 30 -28.75 -2.98 -9.39
O MSE D 30 -27.63 -2.74 -9.84
CB MSE D 30 -29.36 -5.21 -8.51
CG MSE D 30 -29.53 -6.11 -7.32
SE MSE D 30 -29.30 -7.99 -7.74
CE MSE D 30 -27.43 -8.23 -7.21
N LEU D 31 -29.87 -2.52 -9.96
CA LEU D 31 -29.78 -1.68 -11.14
C LEU D 31 -29.16 -0.32 -10.81
N ALA D 32 -29.38 0.19 -9.59
CA ALA D 32 -28.85 1.51 -9.25
C ALA D 32 -27.33 1.55 -9.12
N HIS D 33 -26.67 0.41 -8.84
CA HIS D 33 -25.24 0.40 -8.60
C HIS D 33 -24.47 -0.63 -9.41
N TYR D 34 -25.13 -1.34 -10.33
CA TYR D 34 -24.51 -2.38 -11.15
C TYR D 34 -23.14 -1.99 -11.68
N ASP D 35 -23.01 -0.77 -12.22
CA ASP D 35 -21.78 -0.36 -12.84
C ASP D 35 -20.72 0.15 -11.86
N ASP D 36 -20.81 -0.18 -10.56
CA ASP D 36 -19.82 0.30 -9.60
C ASP D 36 -19.20 -0.80 -8.76
N TYR D 37 -19.74 -2.02 -8.80
CA TYR D 37 -19.31 -3.15 -7.97
C TYR D 37 -19.38 -4.43 -8.78
N PRO D 38 -18.45 -5.37 -8.56
CA PRO D 38 -18.52 -6.66 -9.27
C PRO D 38 -19.79 -7.40 -8.87
N LYS D 39 -20.14 -8.40 -9.69
CA LYS D 39 -21.39 -9.14 -9.49
C LYS D 39 -21.55 -9.58 -8.03
N ILE D 40 -20.53 -10.28 -7.50
CA ILE D 40 -20.61 -10.87 -6.16
C ILE D 40 -20.64 -9.79 -5.10
N GLN D 41 -19.98 -8.67 -5.36
CA GLN D 41 -20.04 -7.57 -4.40
C GLN D 41 -21.41 -6.93 -4.42
N LEU D 42 -22.02 -6.81 -5.61
CA LEU D 42 -23.35 -6.25 -5.72
C LEU D 42 -24.39 -7.12 -5.05
N GLN D 43 -24.34 -8.44 -5.33
CA GLN D 43 -25.24 -9.38 -4.69
C GLN D 43 -25.23 -9.20 -3.18
N CYS D 44 -24.04 -9.06 -2.59
CA CYS D 44 -23.93 -8.92 -1.15
C CYS D 44 -24.58 -7.62 -0.68
N LEU D 45 -24.14 -6.49 -1.21
CA LEU D 45 -24.64 -5.23 -0.71
C LEU D 45 -26.17 -5.13 -0.88
N SER D 46 -26.72 -5.69 -1.96
CA SER D 46 -28.15 -5.59 -2.17
C SER D 46 -28.93 -6.44 -1.15
N GLN D 47 -28.43 -7.63 -0.80
CA GLN D 47 -29.01 -8.37 0.34
C GLN D 47 -28.77 -7.64 1.64
N LEU D 48 -27.60 -7.01 1.77
CA LEU D 48 -27.33 -6.22 2.97
C LEU D 48 -28.35 -5.08 3.10
N PHE D 49 -28.69 -4.45 1.97
CA PHE D 49 -29.66 -3.36 1.95
C PHE D 49 -31.00 -3.83 2.50
N ILE D 50 -31.55 -4.94 1.99
CA ILE D 50 -32.85 -5.37 2.49
C ILE D 50 -32.77 -6.03 3.86
N ASN D 51 -31.61 -6.55 4.27
CA ASN D 51 -31.55 -7.11 5.63
C ASN D 51 -31.70 -6.01 6.66
N VAL D 52 -31.24 -4.81 6.31
CA VAL D 52 -31.33 -3.68 7.23
C VAL D 52 -32.72 -3.09 7.21
N THR D 53 -33.22 -2.76 6.02
CA THR D 53 -34.47 -1.99 5.92
C THR D 53 -35.67 -2.84 6.26
N LEU D 54 -35.67 -4.10 5.82
CA LEU D 54 -36.80 -5.01 5.97
C LEU D 54 -36.70 -5.91 7.19
N LEU D 55 -35.57 -6.55 7.41
CA LEU D 55 -35.48 -7.51 8.50
C LEU D 55 -35.07 -6.91 9.83
N GLY D 56 -34.45 -5.74 9.85
CA GLY D 56 -34.03 -5.15 11.11
C GLY D 56 -32.67 -5.63 11.62
N CYS D 57 -31.77 -6.00 10.70
CA CYS D 57 -30.45 -6.46 11.09
C CYS D 57 -29.52 -5.31 11.29
N GLU D 58 -28.60 -5.44 12.22
CA GLU D 58 -27.56 -4.45 12.40
C GLU D 58 -26.22 -5.05 12.02
N TYR D 59 -25.40 -4.25 11.35
CA TYR D 59 -24.05 -4.65 11.00
C TYR D 59 -23.07 -3.68 11.64
N SER D 60 -21.83 -3.68 11.18
CA SER D 60 -20.86 -2.76 11.75
C SER D 60 -21.31 -1.32 11.59
N GLN D 61 -20.91 -0.49 12.55
CA GLN D 61 -21.08 0.95 12.56
C GLN D 61 -20.84 1.52 11.17
N THR D 62 -19.78 1.04 10.52
CA THR D 62 -19.37 1.50 9.20
C THR D 62 -20.35 1.06 8.11
N LEU D 63 -20.76 -0.21 8.11
CA LEU D 63 -21.61 -0.73 7.03
C LEU D 63 -23.01 -0.12 7.04
N MSE D 64 -23.54 0.20 8.20
CA MSE D 64 -24.85 0.82 8.29
C MSE D 64 -24.85 2.10 7.49
O MSE D 64 -25.80 2.41 6.78
CB MSE D 64 -25.21 1.07 9.75
CG MSE D 64 -25.23 -0.20 10.58
SE MSE D 64 -26.71 -1.36 10.06
CE MSE D 64 -27.94 -0.87 11.50
N GLN D 65 -23.74 2.84 7.58
CA GLN D 65 -23.63 4.12 6.91
C GLN D 65 -23.38 3.96 5.41
N LYS D 66 -22.59 2.96 5.02
CA LYS D 66 -22.41 2.66 3.60
C LYS D 66 -23.74 2.29 2.95
N ILE D 67 -24.55 1.46 3.62
CA ILE D 67 -25.84 1.07 3.10
C ILE D 67 -26.81 2.24 3.11
N ARG D 68 -26.85 2.99 4.21
CA ARG D 68 -27.63 4.22 4.26
C ARG D 68 -27.45 5.03 2.98
N THR D 69 -26.20 5.35 2.62
CA THR D 69 -25.94 6.19 1.45
C THR D 69 -26.46 5.51 0.18
N MSE D 70 -26.10 4.25 -0.04
CA MSE D 70 -26.44 3.60 -1.30
C MSE D 70 -27.95 3.45 -1.46
O MSE D 70 -28.49 3.62 -2.55
CB MSE D 70 -25.79 2.24 -1.41
CG MSE D 70 -24.30 2.26 -1.18
SE MSE D 70 -23.47 0.52 -1.46
CE MSE D 70 -23.85 0.35 -3.37
N GLY D 71 -28.62 3.14 -0.34
CA GLY D 71 -30.04 2.88 -0.31
C GLY D 71 -30.91 4.11 -0.45
N ALA D 72 -30.35 5.30 -0.30
CA ALA D 72 -31.16 6.52 -0.34
C ALA D 72 -31.86 6.70 -1.69
N GLY D 73 -33.19 6.79 -1.63
CA GLY D 73 -34.01 7.05 -2.81
C GLY D 73 -34.57 5.85 -3.53
N ILE D 74 -34.25 4.63 -3.12
CA ILE D 74 -34.79 3.44 -3.77
C ILE D 74 -36.05 3.03 -3.02
N ALA D 75 -37.20 3.41 -3.56
CA ALA D 75 -38.49 3.30 -2.88
C ALA D 75 -39.54 4.01 -3.71
N PRO E 4 -0.31 55.92 7.00
CA PRO E 4 -0.84 56.40 8.27
C PRO E 4 -2.18 57.06 8.06
N ALA E 5 -3.04 56.42 7.27
CA ALA E 5 -4.18 57.11 6.67
C ALA E 5 -5.07 57.74 7.75
N PHE E 6 -5.47 56.95 8.74
CA PHE E 6 -6.36 57.43 9.78
C PHE E 6 -5.68 58.50 10.63
N PHE E 7 -4.44 58.24 11.04
CA PHE E 7 -3.69 59.17 11.87
C PHE E 7 -3.48 60.51 11.17
N ARG E 8 -3.15 60.51 9.89
CA ARG E 8 -3.12 61.76 9.16
C ARG E 8 -4.45 62.48 9.30
N TRP E 9 -5.55 61.74 9.15
CA TRP E 9 -6.86 62.37 9.25
C TRP E 9 -7.09 62.92 10.66
N LEU E 10 -6.89 62.08 11.67
CA LEU E 10 -7.14 62.48 13.05
C LEU E 10 -6.28 63.66 13.46
N THR E 11 -4.98 63.58 13.14
CA THR E 11 -4.01 64.64 13.43
C THR E 11 -4.38 65.95 12.76
N LYS E 12 -4.77 65.91 11.49
CA LYS E 12 -5.20 67.15 10.86
C LYS E 12 -6.45 67.71 11.51
N LYS E 13 -7.39 66.83 11.85
CA LYS E 13 -8.69 67.31 12.29
C LYS E 13 -8.69 67.74 13.76
N TYR E 14 -8.01 67.00 14.64
CA TYR E 14 -8.02 67.25 16.10
C TYR E 14 -6.57 67.35 16.58
N PRO E 15 -5.87 68.42 16.20
CA PRO E 15 -4.42 68.46 16.36
C PRO E 15 -3.97 68.53 17.80
N ALA E 16 -4.72 69.19 18.68
CA ALA E 16 -4.32 69.24 20.08
C ALA E 16 -4.26 67.88 20.76
N THR E 17 -4.77 66.82 20.13
CA THR E 17 -4.65 65.54 20.81
C THR E 17 -3.23 65.00 20.78
N VAL E 18 -2.34 65.57 19.95
CA VAL E 18 -0.97 65.07 19.83
C VAL E 18 -0.02 66.00 20.58
N VAL E 19 0.78 65.42 21.45
CA VAL E 19 1.72 66.16 22.29
C VAL E 19 3.01 65.38 22.29
N ASN E 20 4.13 66.04 21.97
CA ASN E 20 5.40 65.33 21.91
C ASN E 20 5.83 64.82 23.29
N ALA E 21 6.56 63.71 23.29
CA ALA E 21 7.10 63.17 24.51
C ALA E 21 8.42 63.86 24.86
N ASN E 22 8.60 64.17 26.15
CA ASN E 22 9.85 64.69 26.69
C ASN E 22 10.63 63.51 27.22
N GLU E 23 11.92 63.51 26.96
CA GLU E 23 12.76 62.36 27.24
C GLU E 23 14.14 62.85 27.62
N ASP E 24 14.82 62.09 28.46
CA ASP E 24 16.18 62.40 28.86
C ASP E 24 17.17 61.89 27.82
N ARG E 25 18.09 62.77 27.39
CA ARG E 25 19.10 62.43 26.38
C ARG E 25 20.43 63.17 26.60
N PRO E 35 22.10 57.34 31.08
CA PRO E 35 21.95 57.48 32.54
C PRO E 35 20.61 58.11 32.99
N VAL E 36 19.50 57.37 32.99
CA VAL E 36 18.18 57.98 33.19
C VAL E 36 17.63 57.49 34.53
N ASP E 37 17.24 58.43 35.39
CA ASP E 37 16.73 58.05 36.71
C ASP E 37 15.20 58.10 36.73
N CYS E 38 14.55 56.95 36.58
CA CYS E 38 13.10 56.92 36.42
C CYS E 38 12.32 57.17 37.68
N THR E 39 12.97 57.25 38.83
CA THR E 39 12.25 57.56 40.06
C THR E 39 11.83 59.00 40.13
N GLN E 40 12.44 59.87 39.33
CA GLN E 40 12.18 61.32 39.35
C GLN E 40 10.87 61.67 38.64
N PRO E 41 10.24 62.77 39.03
CA PRO E 41 8.97 63.15 38.42
C PRO E 41 9.03 63.26 36.91
N ASN E 42 7.98 62.84 36.29
CA ASN E 42 7.97 62.72 34.84
C ASN E 42 8.00 64.10 34.18
N PRO E 43 8.97 64.36 33.30
CA PRO E 43 9.01 65.64 32.60
C PRO E 43 7.92 65.80 31.56
N ASN E 44 7.00 64.85 31.42
CA ASN E 44 5.94 64.99 30.44
C ASN E 44 4.73 65.67 31.04
N PHE E 45 3.68 65.83 30.24
CA PHE E 45 2.58 66.65 30.70
C PHE E 45 1.84 66.11 31.93
N GLN E 46 2.01 64.84 32.31
CA GLN E 46 1.36 64.30 33.50
C GLN E 46 2.08 63.04 33.92
N GLU E 47 1.73 62.51 35.09
CA GLU E 47 2.27 61.23 35.51
C GLU E 47 1.36 60.10 35.07
N PHE E 48 1.93 58.91 34.90
CA PHE E 48 1.17 57.74 34.42
C PHE E 48 1.21 56.60 35.42
N ASP E 49 0.09 55.90 35.56
CA ASP E 49 0.02 54.76 36.47
C ASP E 49 0.29 53.44 35.75
N ASN E 50 -0.42 53.22 34.64
CA ASN E 50 -0.36 51.97 33.91
C ASN E 50 0.25 52.18 32.54
N LEU E 51 1.25 51.36 32.21
CA LEU E 51 1.83 51.29 30.87
C LEU E 51 1.58 49.90 30.32
N TYR E 52 0.86 49.81 29.20
CA TYR E 52 0.56 48.57 28.48
C TYR E 52 1.38 48.58 27.19
N LEU E 53 2.07 47.49 26.91
CA LEU E 53 2.87 47.34 25.70
C LEU E 53 2.20 46.34 24.75
N ASP E 54 1.83 46.83 23.58
CA ASP E 54 1.46 45.94 22.49
C ASP E 54 2.79 45.46 21.94
N MSE E 55 3.25 44.34 22.47
CA MSE E 55 4.56 43.78 22.18
C MSE E 55 4.83 43.43 20.73
O MSE E 55 5.97 43.48 20.31
CB MSE E 55 4.79 42.51 23.02
CG MSE E 55 5.01 42.79 24.49
SE MSE E 55 6.71 43.71 24.79
CE MSE E 55 7.89 42.31 24.15
N ASN E 56 3.84 42.99 19.96
CA ASN E 56 4.20 42.53 18.62
C ASN E 56 4.79 43.64 17.79
N GLY E 57 4.32 44.87 18.00
CA GLY E 57 4.82 46.06 17.34
C GLY E 57 6.21 46.47 17.76
N ILE E 58 6.70 45.98 18.88
CA ILE E 58 8.07 46.24 19.26
C ILE E 58 9.00 45.19 18.68
N ILE E 59 8.56 43.93 18.66
CA ILE E 59 9.42 42.83 18.21
C ILE E 59 9.77 42.98 16.73
N HIS E 60 8.80 43.33 15.91
CA HIS E 60 9.07 43.42 14.47
C HIS E 60 10.19 44.40 14.13
N PRO E 61 10.18 45.65 14.60
CA PRO E 61 11.35 46.51 14.36
C PRO E 61 12.66 45.94 14.90
N CYS E 62 12.60 45.29 16.07
CA CYS E 62 13.83 44.91 16.76
C CYS E 62 14.52 43.68 16.16
N THR E 63 13.80 42.86 15.39
CA THR E 63 14.37 41.65 14.83
C THR E 63 14.67 41.73 13.34
N HIS E 64 13.83 42.39 12.55
CA HIS E 64 14.13 42.65 11.13
C HIS E 64 13.89 44.11 10.80
N PRO E 65 14.68 45.03 11.34
CA PRO E 65 14.55 46.43 10.96
C PRO E 65 14.84 46.60 9.48
N GLU E 66 13.96 47.33 8.80
CA GLU E 66 14.14 47.58 7.38
C GLU E 66 14.98 48.83 7.14
N ASP E 67 15.35 49.54 8.21
CA ASP E 67 16.08 50.82 8.18
C ASP E 67 17.52 50.75 8.65
N ARG E 68 17.85 49.84 9.56
CA ARG E 68 19.18 49.62 10.09
C ARG E 68 19.75 48.33 9.52
N PRO E 69 21.02 48.02 9.79
CA PRO E 69 21.48 46.64 9.58
C PRO E 69 20.82 45.72 10.61
N ALA E 70 20.36 44.56 10.13
CA ALA E 70 19.64 43.61 10.97
C ALA E 70 20.53 43.07 12.08
N PRO E 71 19.96 42.62 13.21
CA PRO E 71 20.79 42.13 14.32
C PRO E 71 21.56 40.87 13.95
N LYS E 72 22.78 40.73 14.52
CA LYS E 72 23.65 39.61 14.18
C LYS E 72 23.00 38.27 14.54
N ASN E 73 22.57 38.11 15.79
CA ASN E 73 22.01 36.83 16.21
C ASN E 73 20.78 37.10 17.08
N GLU E 74 20.20 36.03 17.60
CA GLU E 74 19.02 36.18 18.44
C GLU E 74 19.34 36.91 19.75
N ASP E 75 20.51 36.65 20.33
CA ASP E 75 20.81 37.32 21.58
C ASP E 75 20.82 38.83 21.39
N GLU E 76 21.34 39.31 20.27
CA GLU E 76 21.26 40.75 20.06
C GLU E 76 19.81 41.21 19.84
N MSE E 77 18.93 40.38 19.29
CA MSE E 77 17.53 40.78 19.16
C MSE E 77 16.85 40.91 20.51
O MSE E 77 16.05 41.83 20.74
CB MSE E 77 16.71 39.81 18.33
CG MSE E 77 17.03 39.81 16.87
SE MSE E 77 16.32 38.19 16.03
CE MSE E 77 17.14 38.40 14.24
N PHE E 78 17.13 39.99 21.43
CA PHE E 78 16.50 40.10 22.74
C PHE E 78 17.03 41.30 23.49
N ALA E 79 18.34 41.57 23.37
CA ALA E 79 18.92 42.73 24.04
C ALA E 79 18.30 44.01 23.51
N LEU E 80 18.05 44.07 22.20
CA LEU E 80 17.38 45.24 21.63
C LEU E 80 15.97 45.42 22.18
N ILE E 81 15.20 44.33 22.28
CA ILE E 81 13.86 44.39 22.87
C ILE E 81 13.92 44.91 24.30
N PHE E 82 14.85 44.38 25.09
CA PHE E 82 15.06 44.89 26.44
C PHE E 82 15.38 46.38 26.42
N GLU E 83 16.27 46.78 25.51
CA GLU E 83 16.58 48.20 25.39
C GLU E 83 15.34 49.02 25.07
N TYR E 84 14.50 48.52 24.16
CA TYR E 84 13.35 49.32 23.75
C TYR E 84 12.33 49.41 24.86
N ILE E 85 12.07 48.30 25.55
CA ILE E 85 11.16 48.37 26.70
C ILE E 85 11.70 49.36 27.74
N ASP E 86 13.00 49.27 28.04
CA ASP E 86 13.65 50.23 28.95
C ASP E 86 13.33 51.65 28.52
N ARG E 87 13.35 51.90 27.22
CA ARG E 87 13.17 53.27 26.76
C ARG E 87 11.74 53.75 26.98
N ILE E 88 10.74 52.99 26.50
CA ILE E 88 9.35 53.38 26.68
C ILE E 88 9.06 53.51 28.16
N TYR E 89 9.52 52.55 28.95
CA TYR E 89 9.32 52.67 30.38
C TYR E 89 9.85 54.01 30.89
N SER E 90 11.04 54.43 30.44
CA SER E 90 11.63 55.65 31.02
C SER E 90 10.91 56.92 30.59
N ILE E 91 10.17 56.91 29.48
CA ILE E 91 9.36 58.05 29.08
C ILE E 91 8.07 58.09 29.89
N VAL E 92 7.35 56.97 29.94
CA VAL E 92 6.05 56.93 30.59
C VAL E 92 6.20 56.84 32.10
N ARG E 93 7.23 56.16 32.57
CA ARG E 93 7.50 55.98 33.98
C ARG E 93 6.22 55.58 34.70
N PRO E 94 5.69 54.40 34.42
CA PRO E 94 4.46 53.98 35.11
C PRO E 94 4.69 53.79 36.60
N ARG E 95 3.86 54.42 37.41
CA ARG E 95 4.02 54.34 38.84
C ARG E 95 3.32 53.15 39.47
N ARG E 96 2.46 52.45 38.72
CA ARG E 96 1.68 51.36 39.30
C ARG E 96 1.84 50.05 38.55
N LEU E 97 1.63 50.04 37.25
CA LEU E 97 1.58 48.78 36.52
C LEU E 97 2.27 48.85 35.17
N LEU E 98 2.99 47.80 34.85
CA LEU E 98 3.55 47.58 33.52
C LEU E 98 3.01 46.26 33.03
N TYR E 99 2.26 46.29 31.91
CA TYR E 99 1.58 45.13 31.34
C TYR E 99 2.22 44.79 29.99
N MSE E 100 2.84 43.63 29.90
CA MSE E 100 3.44 43.24 28.64
C MSE E 100 2.59 42.17 27.94
O MSE E 100 2.40 41.07 28.46
CB MSE E 100 4.87 42.75 28.84
CG MSE E 100 5.86 43.85 29.11
SE MSE E 100 7.53 43.20 29.94
CE MSE E 100 8.06 42.13 28.42
N ALA E 101 2.14 42.50 26.74
CA ALA E 101 1.15 41.74 26.01
C ALA E 101 1.70 41.23 24.67
N ILE E 102 1.92 39.93 24.56
CA ILE E 102 2.28 39.31 23.28
C ILE E 102 1.05 38.72 22.60
N ASP E 103 0.99 38.81 21.27
CA ASP E 103 -0.11 38.24 20.52
C ASP E 103 -0.21 36.75 20.82
N GLY E 104 -1.36 36.32 21.33
CA GLY E 104 -1.68 34.91 21.43
C GLY E 104 -2.42 34.44 20.21
N VAL E 105 -3.03 33.27 20.32
CA VAL E 105 -3.79 32.72 19.19
C VAL E 105 -4.98 33.62 18.90
N ALA E 106 -5.17 33.99 17.63
CA ALA E 106 -6.25 34.94 17.34
C ALA E 106 -7.56 34.25 16.95
N PRO E 107 -8.68 34.94 17.07
CA PRO E 107 -9.94 34.38 16.60
C PRO E 107 -9.82 34.12 15.10
N ARG E 108 -10.75 33.33 14.57
CA ARG E 108 -10.60 32.91 13.18
C ARG E 108 -10.70 34.12 12.25
N ALA E 109 -11.44 35.17 12.64
CA ALA E 109 -11.52 36.39 11.83
C ALA E 109 -10.15 37.00 11.56
N LYS E 110 -9.29 37.05 12.56
CA LYS E 110 -7.98 37.62 12.29
C LYS E 110 -7.14 36.61 11.53
N MSE E 111 -7.38 35.32 11.70
CA MSE E 111 -6.49 34.32 11.14
C MSE E 111 -6.33 34.53 9.63
O MSE E 111 -5.20 34.58 9.15
CB MSE E 111 -6.98 32.89 11.43
CG MSE E 111 -7.12 32.59 12.92
SE MSE E 111 -6.55 30.84 13.56
CE MSE E 111 -8.24 29.87 13.38
N ASN E 112 -7.45 34.72 8.92
CA ASN E 112 -7.39 34.86 7.48
C ASN E 112 -6.45 35.99 7.08
N GLN E 113 -6.56 37.14 7.75
CA GLN E 113 -5.66 38.25 7.49
C GLN E 113 -4.22 37.91 7.88
N GLN E 114 -4.03 37.24 9.02
CA GLN E 114 -2.68 36.83 9.41
C GLN E 114 -2.07 35.91 8.35
N ARG E 115 -2.84 34.95 7.88
CA ARG E 115 -2.39 34.06 6.82
C ARG E 115 -2.01 34.85 5.58
N SER E 116 -2.87 35.77 5.15
CA SER E 116 -2.55 36.59 4.01
C SER E 116 -1.23 37.31 4.22
N ARG E 117 -0.93 37.73 5.46
CA ARG E 117 0.30 38.50 5.66
C ARG E 117 1.54 37.63 5.57
N ARG E 118 1.53 36.46 6.21
CA ARG E 118 2.73 35.62 6.18
C ARG E 118 2.96 35.03 4.79
N PHE E 119 1.89 34.69 4.07
CA PHE E 119 2.11 34.26 2.70
C PHE E 119 2.75 35.37 1.89
N ARG E 120 2.30 36.60 2.07
CA ARG E 120 2.91 37.72 1.36
C ARG E 120 4.33 37.97 1.85
N ALA E 121 4.53 37.91 3.17
CA ALA E 121 5.86 38.16 3.72
C ALA E 121 6.89 37.23 3.11
N SER E 122 6.58 35.93 3.05
CA SER E 122 7.54 34.98 2.48
C SER E 122 7.85 35.25 1.02
N LYS E 123 6.88 35.72 0.25
CA LYS E 123 7.21 36.14 -1.10
C LYS E 123 8.17 37.32 -1.07
N GLU E 124 7.95 38.26 -0.14
CA GLU E 124 8.81 39.44 -0.02
C GLU E 124 10.22 39.04 0.36
N MSE E 125 10.36 38.22 1.40
CA MSE E 125 11.67 37.73 1.86
C MSE E 125 12.39 36.90 0.81
O MSE E 125 13.51 36.47 1.04
CB MSE E 125 11.54 36.85 3.11
CG MSE E 125 11.18 37.55 4.38
SE MSE E 125 10.93 36.22 5.78
CE MSE E 125 12.46 35.08 5.30
N ALA E 126 11.72 36.64 -0.31
CA ALA E 126 12.32 35.88 -1.40
C ALA E 126 12.70 36.76 -2.57
N GLU E 127 11.96 37.85 -2.81
CA GLU E 127 12.40 38.84 -3.79
C GLU E 127 13.60 39.62 -3.27
N LYS E 128 13.65 39.87 -1.95
CA LYS E 128 14.85 40.42 -1.33
C LYS E 128 16.08 39.59 -1.73
N GLU E 129 16.08 38.31 -1.36
CA GLU E 129 17.26 37.48 -1.55
C GLU E 129 17.57 37.27 -3.01
N ALA E 130 16.57 37.38 -3.88
CA ALA E 130 16.80 37.34 -5.31
C ALA E 130 17.35 38.65 -5.85
N SER E 131 17.11 39.77 -5.15
CA SER E 131 17.65 41.05 -5.58
C SER E 131 19.09 41.23 -5.12
N ILE E 132 19.41 40.73 -3.92
CA ILE E 132 20.78 40.65 -3.46
C ILE E 132 21.65 39.91 -4.46
N GLU E 133 21.24 38.69 -4.83
CA GLU E 133 22.03 37.92 -5.77
C GLU E 133 22.01 38.54 -7.17
N GLU E 134 20.93 39.23 -7.55
CA GLU E 134 20.94 39.90 -8.85
C GLU E 134 21.90 41.08 -8.85
N GLN E 135 21.97 41.82 -7.75
CA GLN E 135 22.90 42.94 -7.70
C GLN E 135 24.35 42.45 -7.75
N ARG E 136 24.72 41.53 -6.85
CA ARG E 136 26.07 40.96 -6.87
C ARG E 136 26.49 40.54 -8.27
N ASN E 137 25.64 39.79 -8.97
CA ASN E 137 26.03 39.36 -10.31
C ASN E 137 26.13 40.54 -11.27
N ARG E 138 25.41 41.64 -11.03
CA ARG E 138 25.60 42.82 -11.88
C ARG E 138 26.97 43.43 -11.64
N LEU E 139 27.33 43.62 -10.38
CA LEU E 139 28.65 44.15 -10.04
C LEU E 139 29.76 43.25 -10.58
N MSE E 140 29.70 41.95 -10.27
CA MSE E 140 30.70 41.00 -10.78
C MSE E 140 30.79 41.05 -12.29
O MSE E 140 31.85 40.85 -12.87
CB MSE E 140 30.37 39.58 -10.34
CG MSE E 140 30.32 39.40 -8.84
SE MSE E 140 30.49 37.53 -8.40
CE MSE E 140 29.38 36.76 -9.83
N ALA E 141 29.66 41.30 -12.94
CA ALA E 141 29.71 41.49 -14.39
C ALA E 141 30.43 42.80 -14.73
N GLU E 142 30.18 43.85 -13.96
CA GLU E 142 30.78 45.16 -14.24
C GLU E 142 32.26 45.19 -13.88
N GLY E 143 32.68 44.34 -12.94
CA GLY E 143 34.06 44.32 -12.48
C GLY E 143 34.28 44.84 -11.10
N ILE E 144 33.24 45.30 -10.40
CA ILE E 144 33.42 45.81 -9.06
C ILE E 144 33.66 44.66 -8.10
N ALA E 145 34.52 44.88 -7.11
CA ALA E 145 34.73 43.89 -6.07
C ALA E 145 33.44 43.68 -5.31
N VAL E 146 33.18 42.44 -4.95
CA VAL E 146 32.01 42.09 -4.15
C VAL E 146 32.48 41.40 -2.88
N PRO E 147 31.70 41.46 -1.81
CA PRO E 147 31.99 40.67 -0.59
C PRO E 147 31.78 39.18 -0.83
N PRO E 148 32.01 38.32 0.18
CA PRO E 148 31.64 36.91 0.06
C PRO E 148 30.45 36.54 0.96
N HIS E 155 19.04 33.32 6.99
CA HIS E 155 18.66 34.55 7.70
C HIS E 155 17.42 34.36 8.58
N PHE E 156 16.73 35.46 8.90
CA PHE E 156 15.67 35.49 9.92
C PHE E 156 14.29 35.48 9.27
N ASP E 157 13.43 34.56 9.74
CA ASP E 157 12.07 34.38 9.24
C ASP E 157 11.09 35.14 10.12
N SER E 158 10.70 36.34 9.70
CA SER E 158 9.77 37.14 10.50
C SER E 158 8.44 36.45 10.74
N ASN E 159 8.12 35.42 9.97
CA ASN E 159 6.91 34.67 10.26
C ASN E 159 7.02 33.92 11.59
N CYS E 160 8.23 33.75 12.11
CA CYS E 160 8.32 33.10 13.41
C CYS E 160 7.73 33.95 14.52
N ILE E 161 7.46 35.23 14.27
CA ILE E 161 6.80 36.05 15.28
C ILE E 161 5.31 35.78 15.11
N THR E 162 4.89 34.60 15.56
CA THR E 162 3.58 34.03 15.46
C THR E 162 3.51 33.07 16.63
N PRO E 163 2.38 33.00 17.34
CA PRO E 163 2.33 32.16 18.55
C PRO E 163 2.54 30.69 18.23
N GLY E 164 3.30 30.02 19.08
CA GLY E 164 3.53 28.61 18.94
C GLY E 164 4.87 28.24 18.38
N THR E 165 5.57 29.19 17.77
CA THR E 165 6.86 28.82 17.24
C THR E 165 7.86 28.69 18.38
N PRO E 166 8.98 28.00 18.13
CA PRO E 166 10.10 28.04 19.09
C PRO E 166 10.55 29.44 19.41
N PHE E 167 10.61 30.32 18.41
CA PHE E 167 11.10 31.67 18.67
C PHE E 167 10.34 32.35 19.80
N MSE E 168 9.02 32.37 19.72
CA MSE E 168 8.21 33.02 20.75
C MSE E 168 8.36 32.40 22.13
O MSE E 168 8.21 33.08 23.16
CB MSE E 168 6.75 32.98 20.36
CG MSE E 168 6.45 33.87 19.19
SE MSE E 168 6.64 35.74 19.57
CE MSE E 168 4.87 36.27 19.01
N ALA E 169 8.66 31.10 22.17
CA ALA E 169 8.80 30.43 23.46
C ALA E 169 10.06 30.90 24.17
N ARG E 170 11.14 31.15 23.41
CA ARG E 170 12.40 31.66 23.95
C ARG E 170 12.30 33.13 24.31
N LEU E 171 11.51 33.87 23.55
CA LEU E 171 11.24 35.25 23.91
C LEU E 171 10.47 35.30 25.21
N ALA E 172 9.58 34.34 25.42
CA ALA E 172 8.85 34.34 26.67
C ALA E 172 9.76 34.04 27.84
N ASP E 173 10.72 33.14 27.67
CA ASP E 173 11.69 32.92 28.75
C ASP E 173 12.65 34.10 28.90
N ALA E 174 12.99 34.79 27.82
CA ALA E 174 13.89 35.94 27.93
C ALA E 174 13.23 37.07 28.71
N LEU E 175 11.97 37.37 28.39
CA LEU E 175 11.26 38.44 29.08
C LEU E 175 11.07 38.11 30.55
N ARG E 176 10.96 36.82 30.87
CA ARG E 176 10.85 36.46 32.28
C ARG E 176 12.08 36.89 33.03
N TYR E 177 13.26 36.61 32.46
CA TYR E 177 14.51 37.10 33.05
C TYR E 177 14.53 38.62 33.10
N TYR E 178 14.09 39.28 32.03
CA TYR E 178 14.04 40.74 32.02
C TYR E 178 13.24 41.28 33.22
N ILE E 179 12.03 40.77 33.46
CA ILE E 179 11.23 41.28 34.57
C ILE E 179 11.89 41.02 35.93
N HIS E 180 12.44 39.83 36.15
CA HIS E 180 13.11 39.59 37.42
C HIS E 180 14.34 40.47 37.58
N ASP E 181 15.09 40.65 36.50
CA ASP E 181 16.25 41.51 36.58
C ASP E 181 15.86 42.93 36.96
N ARG E 182 14.90 43.53 36.25
CA ARG E 182 14.59 44.94 36.50
C ARG E 182 13.90 45.11 37.84
N VAL E 183 12.97 44.21 38.19
CA VAL E 183 12.26 44.38 39.45
C VAL E 183 13.21 44.20 40.63
N THR E 184 14.33 43.55 40.41
CA THR E 184 15.31 43.39 41.46
C THR E 184 16.23 44.59 41.55
N ASN E 185 16.65 45.14 40.39
CA ASN E 185 17.75 46.09 40.33
C ASN E 185 17.36 47.54 40.02
N ASP E 186 16.30 47.78 39.25
CA ASP E 186 15.91 49.12 38.81
C ASP E 186 15.01 49.74 39.87
N ALA E 187 15.48 50.82 40.47
CA ALA E 187 14.84 51.36 41.66
C ALA E 187 13.43 51.82 41.39
N SER E 188 13.12 52.27 40.17
CA SER E 188 11.75 52.71 39.95
C SER E 188 10.79 51.53 39.88
N TRP E 189 11.28 50.36 39.51
CA TRP E 189 10.41 49.22 39.46
C TRP E 189 10.04 48.69 40.84
N ALA E 190 10.62 49.25 41.91
CA ALA E 190 10.54 48.60 43.22
C ALA E 190 9.11 48.41 43.73
N ASN E 191 8.15 49.24 43.30
CA ASN E 191 6.80 49.13 43.85
C ASN E 191 5.72 48.98 42.79
N ILE E 192 6.06 48.55 41.59
CA ILE E 192 5.06 48.36 40.55
C ILE E 192 4.78 46.88 40.43
N GLU E 193 3.66 46.57 39.79
CA GLU E 193 3.32 45.24 39.32
C GLU E 193 3.65 45.13 37.84
N ILE E 194 4.08 43.94 37.44
CA ILE E 194 4.36 43.64 36.05
C ILE E 194 3.52 42.40 35.71
N ILE E 195 2.66 42.51 34.71
CA ILE E 195 1.89 41.40 34.20
C ILE E 195 2.45 41.07 32.82
N LEU E 196 2.67 39.79 32.58
CA LEU E 196 3.23 39.30 31.33
C LEU E 196 2.21 38.35 30.75
N SER E 197 1.78 38.62 29.54
CA SER E 197 0.84 37.76 28.84
C SER E 197 1.57 37.20 27.64
N ASP E 198 2.24 36.04 27.79
CA ASP E 198 3.01 35.58 26.63
C ASP E 198 2.12 34.92 25.59
N ALA E 199 2.75 34.46 24.50
CA ALA E 199 2.05 34.00 23.30
C ALA E 199 1.22 32.73 23.50
N ASN E 200 1.33 32.05 24.62
CA ASN E 200 0.48 30.92 24.90
C ASN E 200 -0.84 31.31 25.57
N VAL E 201 -1.05 32.59 25.84
CA VAL E 201 -2.32 33.12 26.35
C VAL E 201 -3.12 33.66 25.16
N PRO E 202 -4.22 33.04 24.77
CA PRO E 202 -4.87 33.41 23.51
C PRO E 202 -5.39 34.83 23.43
N GLY E 203 -5.36 35.36 22.21
CA GLY E 203 -5.90 36.68 21.94
C GLY E 203 -4.83 37.65 21.48
N GLU E 204 -5.15 38.53 20.53
CA GLU E 204 -4.17 39.55 20.17
C GLU E 204 -3.81 40.39 21.38
N GLY E 205 -2.57 40.89 21.37
CA GLY E 205 -2.10 41.75 22.45
C GLY E 205 -3.04 42.91 22.72
N GLU E 206 -3.42 43.66 21.66
CA GLU E 206 -4.28 44.81 21.91
C GLU E 206 -5.58 44.38 22.57
N HIS E 207 -6.05 43.17 22.27
CA HIS E 207 -7.31 42.75 22.87
C HIS E 207 -7.11 42.17 24.26
N LYS E 208 -5.98 41.50 24.51
CA LYS E 208 -5.71 41.16 25.89
C LYS E 208 -5.63 42.41 26.75
N ILE E 209 -5.04 43.48 26.19
CA ILE E 209 -4.96 44.76 26.89
C ILE E 209 -6.34 45.35 27.13
N MSE E 210 -7.10 45.53 26.06
CA MSE E 210 -8.50 45.93 26.17
C MSE E 210 -9.24 45.09 27.17
O MSE E 210 -9.96 45.65 27.99
CB MSE E 210 -9.21 45.85 24.83
CG MSE E 210 -10.68 46.21 24.91
SE MSE E 210 -11.12 48.09 25.24
CE MSE E 210 -12.77 47.92 26.26
N ASP E 211 -9.05 43.77 27.15
CA ASP E 211 -9.81 42.92 28.08
C ASP E 211 -9.39 43.12 29.54
N TYR E 212 -8.09 43.33 29.79
CA TYR E 212 -7.63 43.63 31.15
C TYR E 212 -8.30 44.88 31.68
N VAL E 213 -8.25 45.98 30.89
CA VAL E 213 -8.83 47.23 31.35
C VAL E 213 -10.31 47.06 31.62
N ARG E 214 -11.03 46.47 30.67
CA ARG E 214 -12.47 46.32 30.77
C ARG E 214 -12.84 45.54 32.03
N LYS E 215 -12.19 44.42 32.26
CA LYS E 215 -12.51 43.68 33.45
C LYS E 215 -12.10 44.42 34.73
N GLN E 216 -11.07 45.24 34.70
CA GLN E 216 -10.75 46.03 35.89
C GLN E 216 -11.82 47.08 36.14
N ARG E 217 -12.17 47.84 35.11
CA ARG E 217 -13.17 48.89 35.23
C ARG E 217 -14.46 48.36 35.83
N GLY E 218 -14.79 47.09 35.58
CA GLY E 218 -15.97 46.51 36.16
C GLY E 218 -15.81 46.06 37.59
N ASN E 219 -14.70 46.11 38.09
CA ASN E 219 -14.64 45.73 39.50
C ASN E 219 -14.66 46.95 40.42
N PRO E 220 -15.38 46.90 41.54
CA PRO E 220 -15.51 48.11 42.40
C PRO E 220 -14.21 48.62 42.97
N ALA E 221 -13.18 47.79 43.06
CA ALA E 221 -11.93 48.21 43.63
C ALA E 221 -11.12 49.13 42.71
N HIS E 222 -11.37 49.07 41.41
CA HIS E 222 -10.63 49.86 40.43
C HIS E 222 -10.63 51.34 40.79
N ASP E 223 -9.47 51.94 40.69
CA ASP E 223 -9.31 53.36 40.92
C ASP E 223 -9.71 54.01 39.61
N PRO E 224 -10.85 54.72 39.62
CA PRO E 224 -11.35 55.33 38.37
C PRO E 224 -10.48 56.47 37.84
N ASN E 225 -9.44 56.88 38.57
CA ASN E 225 -8.52 57.88 38.07
C ASN E 225 -7.18 57.31 37.63
N THR E 226 -7.04 55.99 37.48
CA THR E 226 -5.74 55.52 37.02
C THR E 226 -5.48 56.12 35.64
N VAL E 227 -4.24 56.51 35.41
CA VAL E 227 -3.84 57.17 34.17
C VAL E 227 -3.19 56.11 33.29
N HIS E 228 -3.79 55.84 32.15
CA HIS E 228 -3.35 54.77 31.28
C HIS E 228 -2.48 55.30 30.15
N CYS E 229 -1.48 54.53 29.78
CA CYS E 229 -0.76 54.77 28.54
C CYS E 229 -0.53 53.46 27.82
N LEU E 230 -0.94 53.39 26.56
CA LEU E 230 -0.80 52.21 25.75
C LEU E 230 0.14 52.49 24.59
N CYS E 231 1.14 51.65 24.44
CA CYS E 231 2.17 51.87 23.45
C CYS E 231 1.94 50.97 22.26
N GLY E 232 1.82 51.57 21.08
CA GLY E 232 1.61 50.85 19.84
C GLY E 232 1.25 51.77 18.70
N ALA E 233 1.51 51.33 17.46
CA ALA E 233 1.25 52.17 16.30
C ALA E 233 -0.07 51.90 15.60
N ASP E 234 -0.79 50.83 15.95
CA ASP E 234 -2.03 50.53 15.25
C ASP E 234 -3.05 51.63 15.50
N ALA E 235 -3.74 52.06 14.44
CA ALA E 235 -4.73 53.12 14.58
C ALA E 235 -5.96 52.66 15.38
N ASP E 236 -6.31 51.36 15.37
CA ASP E 236 -7.39 50.89 16.23
C ASP E 236 -7.19 51.28 17.70
N LEU E 237 -5.93 51.57 18.11
CA LEU E 237 -5.71 51.95 19.50
C LEU E 237 -6.49 53.20 19.88
N ILE E 238 -6.72 54.11 18.93
CA ILE E 238 -7.56 55.26 19.22
C ILE E 238 -8.93 54.79 19.70
N MSE E 239 -9.67 54.07 18.86
CA MSE E 239 -10.99 53.62 19.29
C MSE E 239 -10.88 52.70 20.50
O MSE E 239 -11.72 52.78 21.40
CB MSE E 239 -11.74 52.92 18.18
CG MSE E 239 -10.93 52.70 16.96
SE MSE E 239 -10.95 54.27 15.88
CE MSE E 239 -10.27 53.50 14.22
N LEU E 240 -9.85 51.86 20.58
CA LEU E 240 -9.67 51.10 21.82
C LEU E 240 -9.73 52.02 23.03
N GLY E 241 -8.99 53.12 23.00
CA GLY E 241 -8.99 54.03 24.15
C GLY E 241 -10.35 54.66 24.42
N ILE E 242 -11.03 55.10 23.36
CA ILE E 242 -12.36 55.65 23.55
C ILE E 242 -13.25 54.61 24.18
N ALA E 243 -13.11 53.36 23.75
CA ALA E 243 -13.98 52.27 24.17
C ALA E 243 -13.76 51.84 25.61
N THR E 244 -12.56 52.09 26.17
CA THR E 244 -12.37 51.73 27.57
C THR E 244 -13.28 52.56 28.46
N HIS E 245 -13.72 53.72 27.98
CA HIS E 245 -14.47 54.67 28.78
C HIS E 245 -13.67 55.13 30.01
N GLU E 246 -12.38 54.87 30.01
CA GLU E 246 -11.52 55.34 31.07
C GLU E 246 -11.24 56.82 30.85
N ALA E 247 -11.27 57.57 31.96
CA ALA E 247 -11.11 59.02 31.89
C ALA E 247 -9.81 59.40 31.20
N ASN E 248 -8.69 58.90 31.71
CA ASN E 248 -7.38 59.38 31.32
C ASN E 248 -6.63 58.25 30.62
N PHE E 249 -6.95 58.06 29.34
CA PHE E 249 -6.31 57.04 28.52
C PHE E 249 -5.47 57.70 27.45
N ASN E 250 -4.28 57.17 27.24
CA ASN E 250 -3.34 57.80 26.34
C ASN E 250 -2.62 56.73 25.56
N ILE E 251 -2.21 57.11 24.38
CA ILE E 251 -1.40 56.26 23.53
C ILE E 251 -0.04 56.92 23.38
N ILE E 252 1.02 56.12 23.40
CA ILE E 252 2.34 56.59 23.02
C ILE E 252 2.83 55.78 21.83
N ARG E 253 3.37 56.47 20.84
CA ARG E 253 3.85 55.83 19.62
C ARG E 253 5.00 56.66 19.02
N GLU E 254 5.69 56.09 18.04
CA GLU E 254 6.80 56.79 17.38
C GLU E 254 6.24 57.74 16.33
N GLU E 255 6.95 58.84 16.12
CA GLU E 255 6.57 59.81 15.11
C GLU E 255 6.50 59.12 13.75
N PHE E 256 5.57 59.58 12.90
CA PHE E 256 5.33 58.91 11.62
C PHE E 256 6.55 58.97 10.70
N VAL E 257 7.11 60.16 10.52
CA VAL E 257 8.33 60.37 9.77
C VAL E 257 9.32 61.05 10.70
N GLN E 258 10.48 60.43 10.87
CA GLN E 258 11.42 60.90 11.88
C GLN E 258 12.83 60.56 11.42
N ARG E 259 13.76 61.49 11.63
CA ARG E 259 15.16 61.19 11.38
C ARG E 259 15.79 60.41 12.53
N GLU E 260 15.11 60.35 13.66
CA GLU E 260 15.52 59.59 14.83
C GLU E 260 14.23 59.24 15.58
N LYS E 261 14.31 58.25 16.45
CA LYS E 261 13.11 57.90 17.20
C LYS E 261 12.66 59.11 18.03
N ASN E 262 11.43 59.56 17.78
CA ASN E 262 10.77 60.62 18.54
C ASN E 262 9.40 60.10 18.93
N PHE E 263 9.00 60.29 20.18
CA PHE E 263 7.69 59.75 20.55
C PHE E 263 6.69 60.87 20.75
N ILE E 264 5.43 60.54 20.52
CA ILE E 264 4.30 61.44 20.68
C ILE E 264 3.27 60.73 21.53
N PHE E 265 2.46 61.51 22.24
CA PHE E 265 1.32 60.99 23.02
C PHE E 265 0.05 61.36 22.28
N LEU E 266 -0.84 60.38 22.11
CA LEU E 266 -2.21 60.66 21.72
C LEU E 266 -3.02 60.79 23.00
N ARG E 267 -3.66 61.93 23.20
CA ARG E 267 -4.37 62.15 24.45
C ARG E 267 -5.86 61.97 24.20
N ILE E 268 -6.36 60.77 24.49
CA ILE E 268 -7.80 60.49 24.37
C ILE E 268 -8.64 61.54 25.08
N PRO E 269 -8.26 62.01 26.28
CA PRO E 269 -9.10 63.01 26.96
C PRO E 269 -9.34 64.24 26.14
N VAL E 270 -8.31 64.71 25.45
CA VAL E 270 -8.47 65.83 24.55
C VAL E 270 -9.33 65.43 23.38
N LEU E 271 -9.14 64.22 22.86
CA LEU E 271 -10.00 63.77 21.76
C LEU E 271 -11.48 63.78 22.17
N ARG E 272 -11.81 63.28 23.35
CA ARG E 272 -13.20 63.30 23.81
C ARG E 272 -13.78 64.71 23.76
N GLU E 273 -12.98 65.71 24.15
CA GLU E 273 -13.47 67.10 24.13
C GLU E 273 -13.82 67.52 22.72
N TYR E 274 -12.98 67.17 21.76
CA TYR E 274 -13.26 67.51 20.37
C TYR E 274 -14.55 66.84 19.91
N LEU E 275 -14.63 65.52 20.11
CA LEU E 275 -15.77 64.76 19.63
C LEU E 275 -17.06 65.17 20.33
N GLU E 276 -16.98 65.49 21.61
CA GLU E 276 -18.14 65.99 22.34
C GLU E 276 -18.73 67.22 21.66
N LYS E 277 -17.89 68.12 21.15
CA LYS E 277 -18.39 69.24 20.36
C LYS E 277 -18.87 68.73 19.02
N GLU E 278 -18.10 67.81 18.42
CA GLU E 278 -18.45 67.31 17.10
C GLU E 278 -19.80 66.63 17.11
N LEU E 279 -20.08 65.86 18.16
CA LEU E 279 -21.27 65.03 18.21
C LEU E 279 -22.39 65.62 19.05
N SER E 280 -22.26 66.84 19.56
CA SER E 280 -23.36 67.42 20.30
C SER E 280 -24.45 67.81 19.33
N MSE E 281 -25.68 67.45 19.64
CA MSE E 281 -26.77 67.68 18.70
C MSE E 281 -27.90 68.53 19.25
O MSE E 281 -28.55 68.16 20.24
CB MSE E 281 -27.34 66.36 18.25
CG MSE E 281 -26.61 65.70 17.14
SE MSE E 281 -27.25 63.88 17.10
CE MSE E 281 -26.40 63.18 18.75
N PRO E 282 -28.17 69.64 18.58
CA PRO E 282 -29.33 70.44 18.97
C PRO E 282 -30.58 69.59 18.93
N ASN E 283 -31.46 69.83 19.91
CA ASN E 283 -32.83 69.29 19.91
C ASN E 283 -32.83 67.77 19.84
N LEU E 284 -31.89 67.15 20.54
CA LEU E 284 -31.79 65.71 20.52
C LEU E 284 -33.06 65.10 21.13
N PRO E 285 -33.70 64.13 20.46
CA PRO E 285 -35.04 63.68 20.90
C PRO E 285 -35.05 62.80 22.14
N PHE E 286 -33.89 62.50 22.73
CA PHE E 286 -33.78 61.76 23.98
C PHE E 286 -32.68 62.39 24.80
N LYS E 287 -32.31 61.77 25.92
CA LYS E 287 -31.29 62.39 26.75
C LYS E 287 -29.95 62.26 26.05
N PHE E 288 -29.13 63.30 26.18
CA PHE E 288 -27.81 63.31 25.54
C PHE E 288 -26.82 62.52 26.40
N ASP E 289 -26.24 61.46 25.84
CA ASP E 289 -25.22 60.72 26.56
C ASP E 289 -23.90 60.86 25.79
N VAL E 290 -23.01 61.69 26.31
CA VAL E 290 -21.71 61.87 25.65
C VAL E 290 -21.03 60.52 25.51
N GLU E 291 -21.03 59.73 26.59
CA GLU E 291 -20.40 58.42 26.56
C GLU E 291 -20.97 57.55 25.46
N ARG E 292 -22.25 57.73 25.16
CA ARG E 292 -22.89 56.84 24.21
C ARG E 292 -22.79 57.34 22.79
N ALA E 293 -22.68 58.65 22.60
CA ALA E 293 -22.39 59.16 21.26
C ALA E 293 -20.94 58.85 20.89
N LEU E 294 -20.04 58.89 21.86
CA LEU E 294 -18.69 58.41 21.62
C LEU E 294 -18.69 56.96 21.17
N ASP E 295 -19.49 56.11 21.81
CA ASP E 295 -19.56 54.72 21.39
C ASP E 295 -20.05 54.58 19.95
N ASP E 296 -21.01 55.43 19.54
CA ASP E 296 -21.47 55.35 18.17
C ASP E 296 -20.37 55.78 17.20
N TRP E 297 -19.59 56.80 17.59
CA TRP E 297 -18.49 57.24 16.76
C TRP E 297 -17.48 56.10 16.56
N VAL E 298 -17.18 55.34 17.62
CA VAL E 298 -16.25 54.19 17.51
C VAL E 298 -16.72 53.20 16.47
N PHE E 299 -18.00 52.83 16.54
CA PHE E 299 -18.57 51.90 15.58
C PHE E 299 -18.48 52.44 14.15
N LEU E 300 -18.76 53.73 13.97
CA LEU E 300 -18.68 54.30 12.62
C LEU E 300 -17.26 54.28 12.10
N CYS E 301 -16.28 54.45 12.99
CA CYS E 301 -14.91 54.34 12.52
C CYS E 301 -14.62 52.92 12.05
N PHE E 302 -15.05 51.92 12.83
CA PHE E 302 -14.87 50.54 12.39
C PHE E 302 -15.64 50.25 11.10
N PHE E 303 -16.74 50.95 10.88
CA PHE E 303 -17.44 50.81 9.61
C PHE E 303 -16.52 51.11 8.45
N VAL E 304 -15.69 52.12 8.60
CA VAL E 304 -14.80 52.55 7.54
C VAL E 304 -13.64 51.57 7.38
N GLY E 305 -13.13 51.04 8.49
CA GLY E 305 -12.01 50.15 8.42
C GLY E 305 -11.78 49.37 9.69
N ASN E 306 -11.40 48.11 9.54
CA ASN E 306 -11.01 47.30 10.67
C ASN E 306 -10.32 46.06 10.12
N ASP E 307 -9.63 45.33 10.99
CA ASP E 307 -8.81 44.20 10.54
C ASP E 307 -9.63 43.05 9.97
N PHE E 308 -10.93 42.98 10.25
CA PHE E 308 -11.68 41.76 10.02
C PHE E 308 -12.57 41.77 8.78
N LEU E 309 -12.83 42.93 8.17
CA LEU E 309 -13.60 42.98 6.94
C LEU E 309 -12.88 43.84 5.92
N PRO E 310 -13.12 43.63 4.63
CA PRO E 310 -12.63 44.57 3.63
C PRO E 310 -13.47 45.84 3.61
N HIS E 311 -12.80 46.95 3.37
CA HIS E 311 -13.44 48.26 3.33
C HIS E 311 -14.54 48.26 2.28
N LEU E 312 -15.61 48.99 2.54
CA LEU E 312 -16.62 49.15 1.50
C LEU E 312 -16.04 50.00 0.37
N PRO E 313 -16.26 49.64 -0.87
CA PRO E 313 -15.65 50.39 -1.97
C PRO E 313 -15.90 51.89 -1.97
N SER E 314 -16.99 52.35 -1.34
CA SER E 314 -17.31 53.77 -1.34
C SER E 314 -16.76 54.53 -0.13
N LEU E 315 -16.07 53.87 0.80
CA LEU E 315 -15.57 54.53 2.00
C LEU E 315 -14.05 54.43 2.04
N GLU E 316 -13.40 55.55 1.72
CA GLU E 316 -11.97 55.70 1.89
C GLU E 316 -11.73 56.82 2.88
N ILE E 317 -10.86 56.57 3.86
CA ILE E 317 -10.56 57.60 4.85
C ILE E 317 -10.05 58.86 4.18
N ARG E 318 -9.08 58.72 3.26
CA ARG E 318 -8.52 59.87 2.55
C ARG E 318 -9.56 60.67 1.80
N GLU E 319 -10.72 60.11 1.48
CA GLU E 319 -11.81 60.93 0.97
C GLU E 319 -12.70 61.46 2.07
N GLY E 320 -12.22 61.43 3.31
CA GLY E 320 -13.04 61.90 4.42
C GLY E 320 -14.29 61.07 4.61
N ALA E 321 -14.15 59.76 4.53
CA ALA E 321 -15.33 58.94 4.68
C ALA E 321 -15.89 59.04 6.09
N ILE E 322 -15.02 59.21 7.09
CA ILE E 322 -15.49 59.29 8.46
C ILE E 322 -16.33 60.54 8.66
N ASP E 323 -15.87 61.68 8.16
CA ASP E 323 -16.68 62.90 8.17
C ASP E 323 -18.04 62.65 7.53
N ARG E 324 -18.04 61.93 6.41
CA ARG E 324 -19.27 61.69 5.67
C ARG E 324 -20.24 60.83 6.48
N LEU E 325 -19.71 59.81 7.16
CA LEU E 325 -20.55 58.93 7.96
C LEU E 325 -21.19 59.68 9.12
N ILE E 326 -20.42 60.56 9.79
CA ILE E 326 -20.93 61.36 10.90
C ILE E 326 -22.11 62.21 10.44
N LYS E 327 -21.90 62.99 9.38
CA LYS E 327 -22.98 63.78 8.81
C LYS E 327 -24.18 62.89 8.54
N LEU E 328 -23.94 61.70 8.00
CA LEU E 328 -25.03 60.77 7.79
C LEU E 328 -25.62 60.31 9.12
N TYR E 329 -24.75 60.05 10.10
CA TYR E 329 -25.20 59.60 11.42
C TYR E 329 -26.12 60.63 12.07
N LYS E 330 -25.72 61.89 12.07
CA LYS E 330 -26.59 62.90 12.67
C LYS E 330 -27.96 62.92 12.01
N GLU E 331 -28.01 62.67 10.70
CA GLU E 331 -29.30 62.58 10.02
C GLU E 331 -30.13 61.40 10.58
N MSE E 332 -29.58 60.19 10.60
CA MSE E 332 -30.27 59.08 11.28
C MSE E 332 -30.89 59.45 12.61
O MSE E 332 -32.04 59.14 12.89
CB MSE E 332 -29.32 57.88 11.55
CG MSE E 332 -29.94 56.61 12.31
SE MSE E 332 -30.17 56.43 14.31
CE MSE E 332 -28.37 56.01 14.91
N VAL E 333 -30.09 60.10 13.47
CA VAL E 333 -30.39 60.12 14.89
C VAL E 333 -31.71 60.83 15.16
N TYR E 334 -31.96 61.94 14.47
CA TYR E 334 -33.21 62.65 14.68
C TYR E 334 -34.38 61.83 14.17
N GLN E 335 -34.12 60.96 13.18
CA GLN E 335 -35.18 60.21 12.53
C GLN E 335 -35.52 58.94 13.28
N MSE E 336 -34.65 58.45 14.16
CA MSE E 336 -34.87 57.14 14.75
C MSE E 336 -34.97 57.20 16.26
O MSE E 336 -35.33 56.22 16.92
CB MSE E 336 -33.76 56.19 14.30
CG MSE E 336 -33.39 56.35 12.81
SE MSE E 336 -33.60 54.81 11.56
CE MSE E 336 -34.53 53.55 12.72
N LYS E 337 -34.65 58.35 16.83
CA LYS E 337 -34.86 58.62 18.25
C LYS E 337 -34.19 57.57 19.15
N GLY E 338 -33.03 57.10 18.72
CA GLY E 338 -32.25 56.20 19.55
C GLY E 338 -30.85 56.04 19.02
N TYR E 339 -29.97 55.55 19.89
CA TYR E 339 -28.56 55.47 19.55
C TYR E 339 -28.26 54.29 18.65
N LEU E 340 -27.14 54.40 17.94
CA LEU E 340 -26.79 53.37 16.95
C LEU E 340 -26.27 52.10 17.61
N THR E 341 -25.67 52.19 18.78
CA THR E 341 -25.12 51.01 19.44
C THR E 341 -25.38 51.11 20.95
N LYS E 342 -25.54 49.95 21.61
CA LYS E 342 -25.70 49.89 23.06
C LYS E 342 -24.72 48.87 23.65
N ASP E 343 -23.61 49.38 24.21
CA ASP E 343 -22.43 48.62 24.62
C ASP E 343 -22.12 47.47 23.67
N GLY E 344 -21.49 47.76 22.53
CA GLY E 344 -21.11 46.71 21.62
C GLY E 344 -22.23 46.07 20.83
N ILE E 345 -23.47 46.49 20.98
CA ILE E 345 -24.50 45.87 20.16
C ILE E 345 -25.04 46.90 19.19
N PRO E 346 -24.81 46.76 17.90
CA PRO E 346 -25.42 47.70 16.96
C PRO E 346 -26.90 47.39 16.82
N GLU E 347 -27.71 48.44 16.75
CA GLU E 347 -29.13 48.30 16.45
C GLU E 347 -29.25 48.21 14.95
N LEU E 348 -29.71 47.08 14.43
CA LEU E 348 -29.49 46.84 13.02
C LEU E 348 -30.43 47.60 12.12
N ASP E 349 -31.60 48.02 12.62
CA ASP E 349 -32.46 48.86 11.78
C ASP E 349 -31.83 50.23 11.61
N ARG E 350 -31.21 50.74 12.65
CA ARG E 350 -30.56 52.03 12.53
C ARG E 350 -29.34 51.95 11.63
N VAL E 351 -28.61 50.83 11.69
CA VAL E 351 -27.57 50.58 10.70
C VAL E 351 -28.15 50.63 9.29
N GLU E 352 -29.29 49.95 9.09
CA GLU E 352 -29.85 49.85 7.76
C GLU E 352 -30.14 51.21 7.16
N MSE E 353 -30.50 52.17 7.98
CA MSE E 353 -30.78 53.51 7.47
C MSE E 353 -29.49 54.17 7.02
O MSE E 353 -29.45 54.74 5.93
CB MSE E 353 -31.47 54.37 8.49
CG MSE E 353 -31.26 55.83 8.22
SE MSE E 353 -32.71 56.86 8.93
CE MSE E 353 -34.11 56.34 7.65
N ILE E 354 -28.45 54.09 7.85
CA ILE E 354 -27.17 54.70 7.50
C ILE E 354 -26.61 54.09 6.23
N MSE E 355 -26.86 52.81 6.02
CA MSE E 355 -26.48 52.21 4.76
C MSE E 355 -27.35 52.69 3.62
O MSE E 355 -26.85 53.12 2.59
CB MSE E 355 -26.50 50.71 4.88
CG MSE E 355 -25.54 50.19 5.92
SE MSE E 355 -23.69 50.36 5.29
CE MSE E 355 -23.29 52.22 5.77
N LYS E 356 -28.67 52.65 3.80
CA LYS E 356 -29.57 53.14 2.75
C LYS E 356 -29.20 54.55 2.36
N GLY E 357 -28.83 55.37 3.33
CA GLY E 357 -28.47 56.74 3.02
C GLY E 357 -27.14 56.81 2.30
N LEU E 358 -26.14 56.12 2.83
CA LEU E 358 -24.86 56.03 2.15
C LEU E 358 -25.00 55.43 0.76
N GLY E 359 -26.03 54.59 0.54
CA GLY E 359 -26.22 53.99 -0.76
C GLY E 359 -26.66 54.99 -1.82
N ARG E 360 -27.48 55.97 -1.43
CA ARG E 360 -28.11 56.92 -2.35
C ARG E 360 -27.06 57.87 -2.88
N VAL E 361 -25.83 57.71 -2.39
CA VAL E 361 -24.76 58.65 -2.66
C VAL E 361 -23.48 57.94 -3.14
N GLU E 362 -23.51 56.62 -3.26
CA GLU E 362 -22.35 55.88 -3.75
C GLU E 362 -22.00 56.28 -5.17
N ASP E 363 -23.02 56.46 -6.02
CA ASP E 363 -22.74 56.85 -7.40
C ASP E 363 -21.95 58.14 -7.44
N GLU E 364 -22.34 59.11 -6.63
CA GLU E 364 -21.61 60.36 -6.54
C GLU E 364 -20.17 60.16 -6.08
N ILE E 365 -19.95 59.28 -5.10
CA ILE E 365 -18.60 59.10 -4.58
C ILE E 365 -17.68 58.56 -5.66
N PHE E 366 -18.18 57.65 -6.50
CA PHE E 366 -17.33 57.05 -7.53
C PHE E 366 -16.96 58.05 -8.63
N LYS E 367 -17.93 58.85 -9.08
CA LYS E 367 -17.61 59.78 -10.16
C LYS E 367 -16.61 60.84 -9.70
N ARG E 368 -16.79 61.38 -8.48
CA ARG E 368 -15.83 62.35 -7.95
C ARG E 368 -14.45 61.73 -7.77
N ARG E 369 -14.38 60.41 -7.51
CA ARG E 369 -13.08 59.77 -7.36
C ARG E 369 -12.31 59.75 -8.68
N GLN E 370 -13.04 59.77 -9.80
CA GLN E 370 -12.41 59.72 -11.12
C GLN E 370 -11.61 60.96 -11.46
N GLN E 371 -11.63 61.95 -10.59
CA GLN E 371 -10.87 63.17 -10.76
C GLN E 371 -9.63 63.11 -9.86
N ASP E 372 -8.71 62.22 -10.24
CA ASP E 372 -7.35 62.08 -9.70
C ASP E 372 -6.61 61.00 -10.47
N ASP E 383 -11.57 48.47 -16.18
CA ASP E 383 -12.12 47.12 -16.13
C ASP E 383 -13.49 47.15 -15.44
N ILE E 384 -13.47 47.21 -14.11
CA ILE E 384 -14.66 47.62 -13.36
C ILE E 384 -14.66 49.14 -13.30
N ARG E 385 -15.69 49.72 -13.84
CA ARG E 385 -15.78 51.17 -13.98
C ARG E 385 -16.87 51.61 -13.01
N LEU E 386 -16.44 52.02 -11.81
CA LEU E 386 -17.37 52.38 -10.75
C LEU E 386 -18.18 53.64 -11.04
N TYR E 387 -17.69 54.49 -11.92
CA TYR E 387 -18.24 55.79 -12.25
C TYR E 387 -19.26 55.68 -13.37
N GLU E 388 -18.99 54.79 -14.33
CA GLU E 388 -19.89 54.57 -15.46
C GLU E 388 -21.13 53.80 -15.02
N SER E 389 -22.28 54.19 -15.57
CA SER E 389 -23.54 53.54 -15.26
C SER E 389 -23.41 52.02 -15.42
N GLY E 390 -24.15 51.28 -14.58
CA GLY E 390 -24.09 49.84 -14.59
C GLY E 390 -22.95 49.21 -13.82
N TRP E 391 -22.23 49.98 -12.99
CA TRP E 391 -21.02 49.50 -12.33
C TRP E 391 -21.31 48.34 -11.39
N LYS E 392 -22.50 48.33 -10.79
CA LYS E 392 -22.76 47.33 -9.77
C LYS E 392 -22.72 45.92 -10.33
N ASP E 393 -23.24 45.70 -11.54
CA ASP E 393 -23.25 44.34 -12.07
C ASP E 393 -21.85 43.90 -12.49
N ARG E 394 -21.05 44.80 -13.04
CA ARG E 394 -19.67 44.45 -13.38
C ARG E 394 -18.91 44.00 -12.13
N TYR E 395 -19.00 44.76 -11.05
CA TYR E 395 -18.24 44.43 -9.84
C TYR E 395 -18.55 43.02 -9.40
N TYR E 396 -19.82 42.65 -9.38
CA TYR E 396 -20.18 41.33 -8.87
C TYR E 396 -19.82 40.22 -9.85
N ARG E 397 -19.82 40.50 -11.15
CA ARG E 397 -19.41 39.47 -12.10
C ARG E 397 -17.90 39.27 -12.05
N ALA E 398 -17.13 40.36 -11.98
CA ALA E 398 -15.68 40.23 -11.88
C ALA E 398 -15.25 39.65 -10.54
N LYS E 399 -15.75 40.19 -9.43
CA LYS E 399 -15.23 39.83 -8.12
C LYS E 399 -15.85 38.55 -7.57
N PHE E 400 -17.10 38.27 -7.86
CA PHE E 400 -17.69 37.09 -7.28
C PHE E 400 -18.11 36.03 -8.28
N ASP E 401 -18.13 36.32 -9.58
CA ASP E 401 -18.69 35.41 -10.58
C ASP E 401 -20.18 35.16 -10.29
N VAL E 402 -20.94 36.26 -10.24
CA VAL E 402 -22.39 36.23 -10.09
C VAL E 402 -22.98 37.32 -10.95
N GLY E 403 -24.24 37.14 -11.35
CA GLY E 403 -24.83 37.94 -12.40
C GLY E 403 -25.89 38.90 -11.92
N SER E 404 -26.14 39.93 -12.73
CA SER E 404 -27.32 40.79 -12.68
C SER E 404 -28.53 40.21 -11.96
N ASP E 405 -28.90 38.97 -12.31
CA ASP E 405 -30.09 38.34 -11.75
C ASP E 405 -29.94 38.13 -10.23
N ASP E 406 -28.79 37.63 -9.81
CA ASP E 406 -28.60 37.11 -8.46
C ASP E 406 -28.45 38.25 -7.47
N ILE E 407 -29.55 38.64 -6.83
CA ILE E 407 -29.45 39.54 -5.70
C ILE E 407 -29.65 38.83 -4.38
N GLU E 408 -30.09 37.57 -4.41
CA GLU E 408 -30.00 36.76 -3.19
C GLU E 408 -28.56 36.72 -2.70
N PHE E 409 -27.58 36.80 -3.62
CA PHE E 409 -26.17 36.74 -3.27
C PHE E 409 -25.67 38.08 -2.77
N ARG E 410 -26.08 39.16 -3.43
CA ARG E 410 -25.73 40.50 -2.95
C ARG E 410 -26.18 40.69 -1.50
N HIS E 411 -27.40 40.26 -1.18
CA HIS E 411 -27.84 40.36 0.20
C HIS E 411 -27.08 39.38 1.09
N ARG E 412 -26.56 38.29 0.51
CA ARG E 412 -25.82 37.33 1.31
C ARG E 412 -24.50 37.91 1.85
N VAL E 413 -23.74 38.61 0.99
CA VAL E 413 -22.50 39.20 1.50
C VAL E 413 -22.81 40.30 2.50
N ALA E 414 -23.85 41.10 2.24
CA ALA E 414 -24.16 42.20 3.15
C ALA E 414 -24.49 41.69 4.54
N TRP E 415 -25.29 40.61 4.63
CA TRP E 415 -25.59 40.06 5.95
C TRP E 415 -24.33 39.52 6.61
N ALA E 416 -23.49 38.83 5.84
CA ALA E 416 -22.19 38.42 6.39
C ALA E 416 -21.42 39.63 6.87
N TYR E 417 -21.55 40.76 6.16
CA TYR E 417 -20.80 41.95 6.55
C TYR E 417 -21.34 42.52 7.86
N VAL E 418 -22.67 42.68 8.00
CA VAL E 418 -23.15 43.21 9.28
C VAL E 418 -22.86 42.23 10.39
N GLU E 419 -23.04 40.93 10.12
CA GLU E 419 -22.63 39.94 11.11
C GLU E 419 -21.20 40.23 11.55
N GLY E 420 -20.35 40.56 10.58
CA GLY E 420 -18.98 40.96 10.89
C GLY E 420 -18.90 42.16 11.80
N LEU E 421 -19.59 43.25 11.43
CA LEU E 421 -19.55 44.47 12.23
C LEU E 421 -20.08 44.20 13.64
N CYS E 422 -21.16 43.41 13.75
CA CYS E 422 -21.61 43.00 15.08
C CYS E 422 -20.51 42.29 15.84
N TRP E 423 -19.75 41.43 15.14
CA TRP E 423 -18.66 40.69 15.78
C TRP E 423 -17.53 41.63 16.24
N VAL E 424 -17.08 42.52 15.35
CA VAL E 424 -16.00 43.44 15.71
C VAL E 424 -16.40 44.29 16.89
N LEU E 425 -17.57 44.92 16.80
CA LEU E 425 -18.00 45.81 17.87
C LEU E 425 -18.04 45.09 19.20
N ARG E 426 -18.53 43.84 19.19
CA ARG E 426 -18.57 43.06 20.41
C ARG E 426 -17.17 42.69 20.91
N TYR E 427 -16.22 42.42 20.01
CA TYR E 427 -14.85 42.12 20.45
C TYR E 427 -14.32 43.22 21.36
N TYR E 428 -14.55 44.49 21.02
CA TYR E 428 -13.99 45.52 21.89
C TYR E 428 -14.81 45.70 23.18
N TYR E 429 -16.14 45.82 23.07
CA TYR E 429 -16.92 46.23 24.24
C TYR E 429 -17.30 45.09 25.21
N GLN E 430 -17.20 43.82 24.78
CA GLN E 430 -17.72 42.72 25.59
C GLN E 430 -16.88 41.46 25.58
N GLY E 431 -15.72 41.46 24.93
CA GLY E 431 -14.93 40.25 24.83
C GLY E 431 -15.28 39.42 23.61
N CYS E 432 -14.31 38.64 23.14
CA CYS E 432 -14.50 37.87 21.93
C CYS E 432 -15.81 37.11 21.97
N ALA E 433 -16.61 37.29 20.93
CA ALA E 433 -17.91 36.64 20.88
C ALA E 433 -17.87 35.29 20.19
N SER E 434 -16.84 35.03 19.39
CA SER E 434 -16.70 33.78 18.64
C SER E 434 -15.31 33.60 18.10
N TRP E 435 -14.68 32.49 18.47
CA TRP E 435 -13.35 32.18 17.94
C TRP E 435 -13.41 31.60 16.53
N ASP E 436 -14.62 31.25 16.05
CA ASP E 436 -14.78 30.55 14.78
C ASP E 436 -15.35 31.40 13.64
N TRP E 437 -15.98 32.54 13.95
CA TRP E 437 -16.54 33.42 12.92
C TRP E 437 -15.45 34.04 12.05
N TYR E 438 -15.75 34.18 10.78
CA TYR E 438 -14.94 34.92 9.83
C TYR E 438 -15.80 35.36 8.66
N PHE E 439 -15.32 36.35 7.90
CA PHE E 439 -16.01 36.81 6.70
C PHE E 439 -15.49 36.03 5.50
N PRO E 440 -16.30 35.20 4.86
CA PRO E 440 -15.76 34.28 3.85
C PRO E 440 -15.83 34.79 2.42
N TYR E 441 -15.51 36.06 2.19
CA TYR E 441 -15.48 36.60 0.83
C TYR E 441 -14.25 37.46 0.75
N HIS E 442 -13.74 37.67 -0.45
CA HIS E 442 -12.53 38.49 -0.56
C HIS E 442 -12.84 39.94 -0.84
N TYR E 443 -14.06 40.26 -1.19
CA TYR E 443 -14.41 41.63 -1.52
C TYR E 443 -15.65 42.03 -0.74
N ALA E 444 -15.85 43.32 -0.62
CA ALA E 444 -16.97 43.85 0.14
C ALA E 444 -18.17 44.09 -0.76
N PRO E 445 -19.35 44.15 -0.21
CA PRO E 445 -20.51 44.61 -0.97
C PRO E 445 -20.55 46.12 -0.92
N PHE E 446 -21.54 46.69 -1.58
CA PHE E 446 -21.76 48.12 -1.56
C PHE E 446 -22.81 48.44 -0.50
N ALA E 447 -22.76 49.68 -0.02
CA ALA E 447 -23.70 50.11 1.01
C ALA E 447 -25.15 49.89 0.58
N SER E 448 -25.43 49.95 -0.72
CA SER E 448 -26.79 49.76 -1.23
C SER E 448 -27.32 48.34 -1.01
N ASP E 449 -26.44 47.38 -0.75
CA ASP E 449 -26.82 46.00 -0.57
C ASP E 449 -27.26 45.68 0.85
N PHE E 450 -27.08 46.62 1.77
CA PHE E 450 -27.41 46.40 3.17
C PHE E 450 -28.85 46.70 3.48
N GLU E 451 -29.68 46.95 2.47
CA GLU E 451 -31.12 46.85 2.71
C GLU E 451 -31.40 45.45 3.26
N THR E 452 -32.55 45.30 3.92
CA THR E 452 -32.91 44.06 4.60
C THR E 452 -31.98 43.63 5.74
N VAL E 453 -30.87 44.33 6.01
CA VAL E 453 -30.07 43.89 7.16
C VAL E 453 -30.83 44.09 8.46
N GLY E 454 -31.90 44.86 8.43
CA GLY E 454 -32.67 45.03 9.65
C GLY E 454 -33.27 43.73 10.13
N GLU E 455 -33.56 42.80 9.20
CA GLU E 455 -34.17 41.52 9.53
C GLU E 455 -33.16 40.57 10.17
N PHE E 456 -31.86 40.81 9.97
CA PHE E 456 -30.82 39.95 10.50
C PHE E 456 -30.76 39.99 12.03
N GLN E 457 -30.59 38.81 12.64
CA GLN E 457 -30.49 38.71 14.08
C GLN E 457 -29.20 37.98 14.44
N PRO E 458 -28.30 38.63 15.17
CA PRO E 458 -27.01 38.00 15.45
C PRO E 458 -27.16 36.88 16.46
N ASP E 459 -26.35 35.84 16.28
CA ASP E 459 -26.38 34.67 17.15
C ASP E 459 -24.94 34.25 17.39
N PHE E 460 -24.35 34.76 18.46
CA PHE E 460 -23.02 34.36 18.91
C PHE E 460 -23.08 33.58 20.21
N THR E 461 -24.19 32.87 20.44
CA THR E 461 -24.38 32.12 21.68
C THR E 461 -23.70 30.76 21.65
N ARG E 462 -23.42 30.22 20.46
CA ARG E 462 -22.64 29.01 20.32
C ARG E 462 -21.29 29.16 21.05
N PRO E 463 -20.90 28.17 21.87
CA PRO E 463 -19.60 28.25 22.56
C PRO E 463 -18.45 27.91 21.63
N THR E 464 -17.37 28.70 21.74
CA THR E 464 -16.19 28.57 20.89
C THR E 464 -14.92 28.57 21.73
N LYS E 465 -13.89 27.96 21.18
CA LYS E 465 -12.57 27.91 21.78
C LYS E 465 -11.51 28.35 20.79
N PRO E 466 -10.42 28.93 21.28
CA PRO E 466 -9.33 29.31 20.38
C PRO E 466 -8.64 28.07 19.81
N PHE E 467 -8.03 28.22 18.62
CA PHE E 467 -7.20 27.14 18.13
C PHE E 467 -6.03 26.86 19.07
N ASN E 468 -5.48 25.69 18.97
CA ASN E 468 -4.23 25.45 19.67
C ASN E 468 -3.08 26.04 18.87
N PRO E 469 -2.05 26.51 19.53
CA PRO E 469 -1.01 27.26 18.82
C PRO E 469 -0.47 26.55 17.59
N LEU E 470 -0.20 25.25 17.67
CA LEU E 470 0.33 24.55 16.50
C LEU E 470 -0.71 24.47 15.39
N GLU E 471 -1.98 24.30 15.75
CA GLU E 471 -3.03 24.29 14.72
C GLU E 471 -3.11 25.64 14.02
N GLN E 472 -2.99 26.75 14.77
CA GLN E 472 -3.05 28.05 14.12
C GLN E 472 -1.84 28.26 13.23
N LEU E 473 -0.69 27.73 13.65
CA LEU E 473 0.47 27.72 12.78
C LEU E 473 0.14 27.09 11.44
N MSE E 474 -0.43 25.88 11.45
CA MSE E 474 -0.84 25.21 10.22
C MSE E 474 -1.77 26.04 9.36
O MSE E 474 -1.78 25.92 8.15
CB MSE E 474 -1.52 23.88 10.53
CG MSE E 474 -0.58 22.85 11.14
SE MSE E 474 0.90 22.51 9.95
CE MSE E 474 -0.02 21.48 8.60
N SER E 475 -2.55 26.93 9.99
CA SER E 475 -3.54 27.71 9.27
C SER E 475 -3.05 29.09 8.85
N VAL E 476 -1.84 29.50 9.21
CA VAL E 476 -1.40 30.84 8.83
C VAL E 476 -0.04 30.81 8.16
N PHE E 477 0.62 29.71 8.19
CA PHE E 477 1.93 29.76 7.56
C PHE E 477 1.85 29.32 6.10
N PRO E 478 2.76 29.79 5.27
CA PRO E 478 3.00 29.16 3.98
C PRO E 478 3.99 28.01 4.19
N ALA E 479 4.13 27.17 3.15
CA ALA E 479 5.07 26.06 3.30
C ALA E 479 6.50 26.56 3.48
N ALA E 480 6.81 27.74 2.92
CA ALA E 480 8.14 28.31 3.02
C ALA E 480 8.58 28.52 4.46
N SER E 481 7.67 28.43 5.44
CA SER E 481 8.01 28.60 6.84
C SER E 481 7.82 27.33 7.67
N LYS E 482 8.01 26.17 7.06
CA LYS E 482 7.79 24.89 7.74
C LYS E 482 8.83 24.57 8.80
N GLN E 483 9.97 25.27 8.85
CA GLN E 483 10.98 25.00 9.88
C GLN E 483 10.36 24.93 11.26
N HIS E 484 9.45 25.85 11.54
CA HIS E 484 8.86 26.11 12.86
C HIS E 484 7.82 25.08 13.28
N LEU E 485 7.60 24.04 12.48
CA LEU E 485 6.61 23.04 12.79
C LEU E 485 7.24 21.71 13.12
N PRO E 486 6.51 20.84 13.81
CA PRO E 486 7.02 19.50 14.11
C PRO E 486 7.37 18.72 12.85
N VAL E 487 8.39 17.86 12.97
CA VAL E 487 8.92 17.20 11.78
C VAL E 487 7.83 16.41 11.06
N GLU E 488 6.94 15.77 11.81
CA GLU E 488 5.87 15.01 11.16
C GLU E 488 4.79 15.91 10.58
N TRP E 489 4.59 17.09 11.15
CA TRP E 489 3.62 18.02 10.59
C TRP E 489 4.14 18.76 9.35
N GLN E 490 5.45 19.00 9.25
CA GLN E 490 5.98 19.69 8.07
C GLN E 490 5.63 18.95 6.78
N LYS E 491 5.73 17.61 6.80
CA LYS E 491 5.40 16.81 5.62
C LYS E 491 4.04 17.19 5.06
N LEU E 492 3.07 17.43 5.94
CA LEU E 492 1.72 17.74 5.49
C LEU E 492 1.63 19.00 4.66
N MSE E 493 2.65 19.88 4.72
CA MSE E 493 2.68 21.16 3.97
C MSE E 493 3.36 21.03 2.58
O MSE E 493 3.18 21.89 1.71
CB MSE E 493 3.39 22.24 4.79
CG MSE E 493 3.05 22.24 6.28
SE MSE E 493 3.93 23.64 7.41
CE MSE E 493 3.06 25.19 6.63
N ILE E 494 4.11 19.97 2.37
CA ILE E 494 5.02 19.97 1.21
C ILE E 494 4.80 18.81 0.26
N GLN E 495 4.49 17.62 0.76
CA GLN E 495 4.42 16.48 -0.14
C GLN E 495 3.06 16.39 -0.83
N ASP E 496 3.09 15.82 -2.05
CA ASP E 496 1.95 15.85 -2.95
C ASP E 496 0.79 14.98 -2.48
N ASP E 497 1.10 13.91 -1.74
CA ASP E 497 0.12 12.93 -1.24
C ASP E 497 -0.68 13.44 -0.05
N SER E 498 -0.35 14.64 0.44
CA SER E 498 -0.94 15.20 1.65
C SER E 498 -2.38 15.65 1.40
N PRO E 499 -3.31 15.30 2.28
CA PRO E 499 -4.70 15.73 2.08
C PRO E 499 -4.98 17.19 2.44
N ILE E 500 -3.95 17.99 2.75
CA ILE E 500 -4.18 19.42 2.91
C ILE E 500 -3.20 20.20 2.05
N ILE E 501 -2.58 19.51 1.08
CA ILE E 501 -1.62 20.15 0.19
C ILE E 501 -2.22 21.33 -0.56
N ASP E 502 -3.53 21.35 -0.76
CA ASP E 502 -4.15 22.47 -1.46
C ASP E 502 -4.07 23.75 -0.63
N LEU E 503 -3.85 23.64 0.68
CA LEU E 503 -3.84 24.84 1.51
C LEU E 503 -2.55 25.62 1.45
N TYR E 504 -1.49 25.08 0.85
CA TYR E 504 -0.18 25.72 0.86
C TYR E 504 0.30 25.88 -0.58
N PRO E 505 -0.30 26.82 -1.32
CA PRO E 505 0.19 27.07 -2.68
C PRO E 505 1.57 27.67 -2.63
N ALA E 506 2.36 27.29 -3.64
CA ALA E 506 3.66 27.89 -3.87
C ALA E 506 3.52 29.32 -4.40
N ASP E 507 2.50 29.58 -5.20
CA ASP E 507 2.25 30.94 -5.65
C ASP E 507 0.75 31.20 -5.73
N PHE E 508 0.41 32.49 -5.72
CA PHE E 508 -0.96 32.95 -5.72
C PHE E 508 -1.03 34.31 -6.39
N ARG E 509 -2.17 34.61 -6.99
CA ARG E 509 -2.33 35.92 -7.60
C ARG E 509 -2.70 36.97 -6.56
N ILE E 510 -2.45 38.23 -6.92
CA ILE E 510 -2.85 39.37 -6.12
C ILE E 510 -3.70 40.27 -7.02
N ASP E 511 -4.93 40.54 -6.59
CA ASP E 511 -5.77 41.48 -7.32
C ASP E 511 -5.48 42.88 -6.81
N LEU E 512 -4.96 43.76 -7.67
CA LEU E 512 -4.63 45.12 -7.23
C LEU E 512 -5.86 45.86 -6.76
N ASN E 513 -7.02 45.53 -7.34
CA ASN E 513 -8.32 46.11 -6.96
C ASN E 513 -8.31 47.62 -7.13
N GLY E 514 -7.70 48.10 -8.20
CA GLY E 514 -7.64 49.51 -8.44
C GLY E 514 -6.54 50.22 -7.67
N LYS E 515 -6.27 49.79 -6.44
CA LYS E 515 -5.22 50.41 -5.64
C LYS E 515 -3.88 50.36 -6.38
N LYS E 516 -2.90 51.12 -5.87
CA LYS E 516 -1.67 51.32 -6.62
C LYS E 516 -0.66 50.19 -6.39
N TYR E 517 -0.40 49.83 -5.14
CA TYR E 517 0.63 48.86 -4.78
C TYR E 517 0.04 47.47 -4.50
N ALA E 518 0.87 46.43 -4.68
CA ALA E 518 0.40 45.05 -4.56
C ALA E 518 -0.02 44.70 -3.13
N TRP E 519 0.56 45.36 -2.13
CA TRP E 519 0.15 45.09 -0.76
C TRP E 519 -1.15 45.79 -0.38
N GLN E 520 -1.64 46.72 -1.20
CA GLN E 520 -2.95 47.30 -0.97
C GLN E 520 -4.03 46.45 -1.60
N GLY E 521 -3.63 45.47 -2.41
CA GLY E 521 -4.56 44.60 -3.11
C GLY E 521 -4.95 43.39 -2.29
N VAL E 522 -5.73 42.53 -2.91
CA VAL E 522 -6.29 41.37 -2.25
C VAL E 522 -5.48 40.14 -2.65
N ALA E 523 -5.03 39.38 -1.65
CA ALA E 523 -4.35 38.12 -1.93
C ALA E 523 -5.42 37.07 -2.18
N LEU E 524 -5.42 36.51 -3.38
CA LEU E 524 -6.41 35.50 -3.73
C LEU E 524 -5.91 34.13 -3.26
N LEU E 525 -6.01 33.92 -1.92
CA LEU E 525 -5.65 32.69 -1.22
C LEU E 525 -6.86 31.89 -0.83
N PRO E 526 -6.79 30.58 -1.00
CA PRO E 526 -7.92 29.73 -0.64
C PRO E 526 -8.12 29.70 0.87
N PHE E 527 -9.40 29.72 1.29
CA PHE E 527 -9.75 29.67 2.70
C PHE E 527 -9.46 28.29 3.27
N VAL E 528 -9.03 28.28 4.51
CA VAL E 528 -8.61 27.04 5.15
C VAL E 528 -9.86 26.26 5.55
N ASP E 529 -9.90 24.99 5.16
CA ASP E 529 -10.96 24.09 5.56
C ASP E 529 -10.65 23.65 6.98
N GLU E 530 -11.17 24.39 7.96
CA GLU E 530 -10.83 24.13 9.35
C GLU E 530 -11.07 22.68 9.73
N THR E 531 -12.22 22.13 9.33
CA THR E 531 -12.59 20.78 9.74
C THR E 531 -11.65 19.74 9.13
N ARG E 532 -11.36 19.87 7.83
CA ARG E 532 -10.46 18.94 7.19
C ARG E 532 -9.05 19.03 7.75
N LEU E 533 -8.58 20.24 8.07
CA LEU E 533 -7.24 20.37 8.63
C LEU E 533 -7.15 19.62 9.93
N LEU E 534 -8.06 19.90 10.86
CA LEU E 534 -8.02 19.25 12.16
C LEU E 534 -8.09 17.76 12.01
N ALA E 535 -8.88 17.29 11.05
CA ALA E 535 -8.96 15.86 10.79
C ALA E 535 -7.61 15.29 10.37
N THR E 536 -6.89 16.00 9.49
CA THR E 536 -5.58 15.52 9.06
C THR E 536 -4.58 15.52 10.20
N LEU E 537 -4.63 16.50 11.09
CA LEU E 537 -3.64 16.56 12.16
C LEU E 537 -3.81 15.44 13.17
N GLN E 538 -4.94 14.73 13.16
CA GLN E 538 -5.13 13.64 14.13
C GLN E 538 -4.06 12.58 13.97
N SER E 539 -3.71 12.27 12.72
CA SER E 539 -2.74 11.23 12.43
C SER E 539 -1.32 11.63 12.85
N VAL E 540 -1.03 12.91 13.00
CA VAL E 540 0.30 13.34 13.38
C VAL E 540 0.35 13.92 14.77
N TYR E 541 -0.79 14.09 15.42
CA TYR E 541 -0.81 14.64 16.78
C TYR E 541 0.00 13.81 17.77
N PRO E 542 -0.07 12.47 17.80
CA PRO E 542 0.71 11.75 18.81
C PRO E 542 2.20 11.73 18.56
N THR E 543 2.69 12.33 17.48
CA THR E 543 4.13 12.36 17.27
C THR E 543 4.80 13.53 17.98
N LEU E 544 4.04 14.38 18.66
CA LEU E 544 4.60 15.57 19.27
C LEU E 544 5.54 15.22 20.42
N THR E 545 6.67 15.93 20.45
CA THR E 545 7.62 15.89 21.55
C THR E 545 7.05 16.62 22.77
N ALA E 546 7.75 16.46 23.90
CA ALA E 546 7.35 17.17 25.11
C ALA E 546 7.36 18.67 24.86
N GLU E 547 8.47 19.21 24.33
CA GLU E 547 8.56 20.63 24.09
C GLU E 547 7.41 21.08 23.22
N GLU E 548 7.09 20.29 22.21
CA GLU E 548 6.05 20.67 21.28
C GLU E 548 4.69 20.67 21.97
N LYS E 549 4.37 19.62 22.73
CA LYS E 549 3.15 19.62 23.54
C LYS E 549 3.12 20.84 24.45
N GLN E 550 4.28 21.27 24.92
CA GLN E 550 4.34 22.43 25.80
C GLN E 550 3.97 23.68 25.04
N ARG E 551 4.57 23.87 23.86
CA ARG E 551 4.21 25.01 23.03
C ARG E 551 2.75 24.96 22.61
N ASN E 552 2.14 23.78 22.57
CA ASN E 552 0.80 23.71 22.05
C ASN E 552 -0.25 23.86 23.12
N THR E 553 0.12 24.33 24.31
CA THR E 553 -0.79 24.41 25.44
C THR E 553 -1.20 25.84 25.72
N ARG E 554 -2.48 26.03 26.04
CA ARG E 554 -3.01 27.31 26.53
C ARG E 554 -2.40 27.57 27.89
N GLY E 555 -1.65 28.67 28.02
CA GLY E 555 -0.94 28.95 29.25
C GLY E 555 -1.49 30.16 29.97
N PRO E 556 -0.93 30.48 31.09
CA PRO E 556 -1.52 31.51 31.92
C PRO E 556 -0.81 32.82 31.75
N ASN E 557 -1.41 33.85 32.35
CA ASN E 557 -0.74 35.11 32.57
C ASN E 557 0.10 35.01 33.83
N ARG E 558 1.13 35.84 33.90
CA ARG E 558 1.96 35.90 35.09
C ARG E 558 2.05 37.33 35.55
N ILE E 559 2.14 37.51 36.87
CA ILE E 559 2.26 38.80 37.52
C ILE E 559 3.41 38.73 38.48
N PHE E 560 4.18 39.81 38.56
CA PHE E 560 5.45 39.89 39.29
C PHE E 560 5.44 41.14 40.15
N ILE E 561 5.96 41.03 41.37
CA ILE E 561 6.24 42.16 42.25
C ILE E 561 7.56 41.87 42.95
N GLY E 562 8.26 42.97 43.37
CA GLY E 562 9.52 42.85 44.09
C GLY E 562 9.33 42.92 45.59
N ARG E 563 10.42 42.70 46.32
CA ARG E 563 10.30 42.49 47.76
C ARG E 563 9.77 43.69 48.54
N ASN E 564 9.88 44.91 48.03
CA ASN E 564 9.33 46.02 48.80
C ASN E 564 7.84 46.14 48.62
N HIS E 565 7.26 45.48 47.62
CA HIS E 565 5.86 45.72 47.28
C HIS E 565 4.94 45.34 48.44
N LYS E 566 3.90 46.15 48.65
CA LYS E 566 3.08 45.95 49.84
C LYS E 566 2.22 44.73 49.72
N SER E 567 2.21 44.09 48.56
CA SER E 567 1.50 42.84 48.37
C SER E 567 2.45 41.65 48.34
N PHE E 568 3.73 41.87 48.67
CA PHE E 568 4.73 40.82 48.51
C PHE E 568 4.42 39.63 49.39
N GLU E 569 4.12 39.86 50.66
CA GLU E 569 3.83 38.73 51.53
C GLU E 569 2.60 37.96 51.06
N PHE E 570 1.54 38.67 50.67
CA PHE E 570 0.37 38.02 50.10
C PHE E 570 0.75 37.08 48.98
N PHE E 571 1.57 37.53 48.02
CA PHE E 571 1.99 36.63 46.96
C PHE E 571 2.81 35.48 47.53
N GLN E 572 3.65 35.77 48.52
CA GLN E 572 4.56 34.75 49.01
C GLN E 572 3.77 33.61 49.65
N GLN E 573 2.72 33.93 50.41
CA GLN E 573 1.86 32.90 50.98
C GLN E 573 1.22 32.03 49.89
N VAL E 574 0.82 32.62 48.77
CA VAL E 574 0.31 31.82 47.66
C VAL E 574 1.43 31.01 47.03
N ALA E 575 2.58 31.64 46.74
CA ALA E 575 3.63 30.87 46.06
C ALA E 575 4.14 29.73 46.91
N GLU E 576 4.11 29.88 48.22
CA GLU E 576 4.60 28.81 49.08
C GLU E 576 3.60 27.70 49.26
N SER E 577 2.31 27.96 48.99
CA SER E 577 1.27 26.95 49.17
C SER E 577 1.42 25.76 48.24
N LYS E 578 2.08 25.95 47.09
CA LYS E 578 2.28 24.92 46.07
C LYS E 578 0.95 24.31 45.60
N SER E 579 -0.11 25.09 45.70
CA SER E 579 -1.45 24.68 45.38
C SER E 579 -1.93 25.30 44.08
N ASP E 580 -2.89 24.63 43.46
CA ASP E 580 -3.54 25.11 42.25
C ASP E 580 -4.75 25.98 42.54
N ASP E 581 -5.14 26.16 43.80
CA ASP E 581 -6.25 27.07 44.11
C ASP E 581 -5.96 28.50 43.62
N LEU E 582 -6.97 29.11 43.00
CA LEU E 582 -6.87 30.51 42.62
C LEU E 582 -7.31 31.38 43.79
N VAL E 583 -6.42 32.20 44.29
CA VAL E 583 -6.66 33.05 45.44
C VAL E 583 -6.99 34.45 44.93
N PRO E 584 -8.10 35.04 45.33
CA PRO E 584 -8.38 36.42 44.91
C PRO E 584 -7.41 37.42 45.51
N LEU E 585 -6.92 38.33 44.67
CA LEU E 585 -6.03 39.39 45.14
C LEU E 585 -6.77 40.32 46.07
N ASP E 586 -6.05 40.84 47.05
CA ASP E 586 -6.54 41.89 47.93
C ASP E 586 -6.22 43.23 47.28
N PRO E 587 -7.20 43.87 46.66
CA PRO E 587 -6.91 45.09 45.88
C PRO E 587 -6.40 46.26 46.70
N THR E 588 -6.61 46.25 48.01
CA THR E 588 -6.01 47.22 48.91
C THR E 588 -4.48 47.26 48.79
N LEU E 589 -3.86 46.13 48.49
CA LEU E 589 -2.41 46.10 48.36
C LEU E 589 -1.92 46.38 46.94
N LEU E 590 -2.80 46.84 46.04
CA LEU E 590 -2.44 46.97 44.63
C LEU E 590 -3.08 48.21 43.99
N ASN E 591 -3.49 49.20 44.78
CA ASN E 591 -4.20 50.35 44.26
C ASN E 591 -5.45 49.94 43.51
N GLY E 592 -6.10 48.89 44.02
CA GLY E 592 -7.42 48.50 43.55
C GLY E 592 -7.43 47.47 42.46
N VAL E 593 -6.25 46.98 42.04
CA VAL E 593 -6.25 45.95 41.03
C VAL E 593 -6.93 44.71 41.55
N SER E 594 -7.90 44.20 40.80
CA SER E 594 -8.56 42.95 41.18
C SER E 594 -8.05 41.82 40.29
N GLY E 595 -8.31 40.62 40.74
CA GLY E 595 -7.97 39.45 39.96
C GLY E 595 -7.70 38.28 40.88
N LYS E 596 -7.16 37.24 40.28
CA LYS E 596 -6.81 36.04 40.99
C LYS E 596 -5.38 35.67 40.64
N ILE E 597 -4.67 35.10 41.63
CA ILE E 597 -3.32 34.61 41.44
C ILE E 597 -3.24 33.17 41.93
N ALA E 598 -2.18 32.46 41.50
CA ALA E 598 -1.95 31.08 41.92
C ALA E 598 -0.48 30.67 41.72
N TYR E 599 -0.09 29.59 42.42
CA TYR E 599 1.28 29.08 42.44
C TYR E 599 1.81 28.74 41.07
N ASP E 600 3.06 29.15 40.81
CA ASP E 600 3.70 28.90 39.52
C ASP E 600 4.83 27.90 39.71
N SER E 601 4.63 26.68 39.22
CA SER E 601 5.71 25.72 39.38
C SER E 601 6.96 26.15 38.61
N THR E 602 6.82 26.94 37.56
CA THR E 602 7.98 27.37 36.77
C THR E 602 8.64 28.63 37.29
N ALA E 603 8.11 29.24 38.35
CA ALA E 603 8.62 30.51 38.81
C ALA E 603 9.91 30.33 39.58
N THR E 604 10.82 31.31 39.42
CA THR E 604 12.03 31.39 40.23
C THR E 604 11.78 32.13 41.55
N ALA E 605 12.11 31.48 42.64
CA ALA E 605 11.78 32.02 43.94
C ALA E 605 12.72 33.14 44.31
N PRO E 606 12.27 34.05 45.18
CA PRO E 606 13.16 35.05 45.73
C PRO E 606 14.31 34.36 46.46
N GLY E 607 15.49 35.00 46.39
CA GLY E 607 16.69 34.54 47.05
C GLY E 607 17.57 33.62 46.23
N LEU E 608 17.11 33.14 45.10
CA LEU E 608 17.96 32.34 44.26
C LEU E 608 18.49 33.18 43.11
N PRO E 609 19.56 32.73 42.48
CA PRO E 609 20.02 33.40 41.26
C PRO E 609 19.06 33.15 40.11
N PHE E 610 19.14 34.02 39.14
CA PHE E 610 18.39 33.91 37.92
C PHE E 610 19.40 34.07 36.80
N VAL E 611 19.77 32.98 36.21
CA VAL E 611 20.82 32.97 35.20
C VAL E 611 20.24 33.44 33.87
N SER E 612 20.97 34.30 33.17
CA SER E 612 20.42 34.96 32.00
C SER E 612 20.34 34.01 30.81
N PRO E 613 19.18 33.89 30.16
CA PRO E 613 19.08 33.14 28.91
C PRO E 613 19.51 33.92 27.69
N VAL E 614 19.91 35.18 27.86
CA VAL E 614 20.32 36.01 26.74
C VAL E 614 21.82 36.23 26.90
N ASN E 615 22.60 35.62 26.01
CA ASN E 615 24.06 35.73 26.06
C ASN E 615 24.48 37.04 25.41
N HIS E 616 24.64 38.08 26.23
CA HIS E 616 24.89 39.43 25.74
C HIS E 616 25.41 40.24 26.90
N ASP E 617 26.24 41.26 26.61
CA ASP E 617 26.87 42.03 27.69
C ASP E 617 25.85 42.75 28.55
N GLU E 618 24.76 43.20 27.95
CA GLU E 618 23.75 43.93 28.69
C GLU E 618 22.89 43.01 29.56
N CYS E 619 23.03 41.70 29.45
CA CYS E 619 22.19 40.74 30.16
C CYS E 619 23.04 39.89 31.10
N GLN E 620 23.47 40.49 32.20
CA GLN E 620 24.22 39.76 33.20
C GLN E 620 23.34 38.75 33.93
N ASP E 621 23.94 37.71 34.45
CA ASP E 621 23.18 36.86 35.36
C ASP E 621 22.72 37.70 36.53
N LEU E 622 21.57 37.35 37.08
CA LEU E 622 21.06 38.02 38.26
C LEU E 622 21.58 37.29 39.47
N PRO E 623 22.39 37.91 40.33
CA PRO E 623 23.00 37.15 41.42
C PRO E 623 22.01 36.66 42.47
N THR E 624 21.06 37.53 42.86
CA THR E 624 20.03 37.20 43.84
C THR E 624 18.72 37.81 43.38
N ASN E 625 17.74 36.96 43.03
CA ASN E 625 16.46 37.43 42.52
C ASN E 625 15.62 37.96 43.65
N CYS E 626 14.98 39.11 43.43
CA CYS E 626 14.13 39.67 44.48
C CYS E 626 12.68 39.78 44.05
N GLY E 627 12.32 39.26 42.89
CA GLY E 627 10.95 39.31 42.40
C GLY E 627 10.25 37.99 42.62
N ILE E 628 8.96 38.04 42.94
CA ILE E 628 8.15 36.85 43.12
C ILE E 628 7.20 36.75 41.94
N CYS E 629 6.99 35.52 41.44
CA CYS E 629 6.16 35.32 40.24
C CYS E 629 5.02 34.35 40.51
N VAL E 630 3.79 34.81 40.29
CA VAL E 630 2.60 33.97 40.38
C VAL E 630 1.79 34.10 39.09
N LEU E 631 0.92 33.13 38.89
CA LEU E 631 -0.02 33.14 37.78
C LEU E 631 -1.10 34.17 38.05
N TYR E 632 -1.62 34.77 36.99
CA TYR E 632 -2.62 35.82 37.14
C TYR E 632 -3.85 35.55 36.29
N GLU E 633 -4.99 35.96 36.83
CA GLU E 633 -6.24 35.83 36.10
C GLU E 633 -7.04 37.12 36.27
N ASP E 634 -7.48 37.68 35.15
CA ASP E 634 -8.36 38.83 35.20
C ASP E 634 -9.60 38.53 36.05
N PRO E 635 -10.14 39.54 36.74
CA PRO E 635 -11.33 39.31 37.57
C PRO E 635 -12.55 38.88 36.78
N GLU E 636 -13.55 38.42 37.52
CA GLU E 636 -14.87 38.13 36.95
C GLU E 636 -15.92 38.75 37.86
N ARG F 4 -30.59 9.21 -5.72
CA ARG F 4 -29.14 9.20 -5.90
C ARG F 4 -28.42 9.76 -4.66
N GLY F 5 -28.11 8.87 -3.72
CA GLY F 5 -27.52 9.24 -2.45
C GLY F 5 -26.05 9.62 -2.52
N LYS F 6 -25.42 9.38 -3.66
CA LYS F 6 -24.09 9.95 -3.88
C LYS F 6 -24.18 11.44 -4.16
N LEU F 7 -25.25 11.88 -4.83
CA LEU F 7 -25.49 13.30 -4.96
C LEU F 7 -25.91 13.94 -3.63
N GLU F 8 -26.47 13.16 -2.71
CA GLU F 8 -26.82 13.69 -1.40
C GLU F 8 -25.59 13.90 -0.53
N ASP F 9 -24.61 12.98 -0.63
CA ASP F 9 -23.32 13.18 0.02
C ASP F 9 -22.63 14.43 -0.51
N VAL F 10 -22.53 14.54 -1.84
CA VAL F 10 -21.81 15.64 -2.44
C VAL F 10 -22.50 16.97 -2.13
N GLU F 11 -23.83 16.97 -2.09
CA GLU F 11 -24.55 18.24 -1.89
C GLU F 11 -24.26 18.86 -0.53
N ALA F 12 -23.96 18.06 0.48
CA ALA F 12 -23.68 18.60 1.80
C ALA F 12 -22.29 19.22 1.94
N GLU F 13 -21.47 19.18 0.89
CA GLU F 13 -20.10 19.67 0.95
C GLU F 13 -19.98 21.17 0.72
N LYS F 14 -21.06 21.85 0.32
CA LYS F 14 -21.00 23.28 -0.01
C LYS F 14 -20.50 24.10 1.18
N LYS F 15 -19.27 24.62 1.08
CA LYS F 15 -18.63 25.34 2.18
C LYS F 15 -19.21 26.76 2.26
N LEU F 16 -18.63 27.57 3.17
CA LEU F 16 -19.08 28.93 3.47
C LEU F 16 -18.61 29.93 2.43
N TRP F 17 -17.48 29.68 1.80
CA TRP F 17 -16.91 30.60 0.83
C TRP F 17 -17.36 30.31 -0.60
N GLU F 18 -18.49 29.62 -0.81
CA GLU F 18 -18.78 29.10 -2.13
C GLU F 18 -20.09 29.68 -2.66
N SER F 19 -19.98 30.45 -3.75
CA SER F 19 -21.09 30.93 -4.55
C SER F 19 -21.72 29.78 -5.32
N ASP F 20 -22.86 30.04 -5.95
CA ASP F 20 -23.53 28.97 -6.67
C ASP F 20 -22.76 28.49 -7.90
N ASP F 21 -22.17 29.41 -8.69
CA ASP F 21 -21.37 28.97 -9.84
C ASP F 21 -20.12 28.19 -9.43
N ALA F 22 -19.36 28.69 -8.46
CA ALA F 22 -18.13 28.02 -8.05
C ALA F 22 -18.42 26.67 -7.41
N TRP F 23 -19.60 26.55 -6.79
CA TRP F 23 -19.96 25.29 -6.13
C TRP F 23 -20.32 24.21 -7.12
N GLU F 24 -21.09 24.56 -8.16
CA GLU F 24 -21.42 23.53 -9.14
C GLU F 24 -20.18 23.00 -9.81
N LEU F 25 -19.19 23.85 -10.03
CA LEU F 25 -17.96 23.35 -10.62
C LEU F 25 -17.27 22.39 -9.67
N ARG F 26 -17.29 22.69 -8.36
CA ARG F 26 -16.80 21.73 -7.38
C ARG F 26 -17.65 20.47 -7.35
N LYS F 27 -18.96 20.63 -7.44
CA LYS F 27 -19.82 19.46 -7.45
C LYS F 27 -19.45 18.54 -8.60
N ALA F 28 -19.30 19.10 -9.80
CA ALA F 28 -19.04 18.28 -10.98
C ALA F 28 -17.71 17.55 -10.87
N PHE F 29 -16.69 18.23 -10.34
CA PHE F 29 -15.40 17.57 -10.16
C PHE F 29 -15.51 16.42 -9.16
N MSE F 30 -16.21 16.64 -8.05
CA MSE F 30 -16.37 15.61 -7.04
C MSE F 30 -17.16 14.40 -7.56
O MSE F 30 -16.81 13.25 -7.27
CB MSE F 30 -17.04 16.18 -5.79
CG MSE F 30 -16.10 16.88 -4.84
SE MSE F 30 -16.94 17.67 -3.26
CE MSE F 30 -16.14 16.51 -1.91
N LEU F 31 -18.21 14.65 -8.34
CA LEU F 31 -18.98 13.53 -8.86
C LEU F 31 -18.19 12.71 -9.87
N ALA F 32 -17.34 13.35 -10.67
CA ALA F 32 -16.56 12.62 -11.66
C ALA F 32 -15.51 11.71 -11.03
N HIS F 33 -15.18 11.93 -9.74
CA HIS F 33 -14.14 11.13 -9.09
C HIS F 33 -14.61 10.53 -7.77
N TYR F 34 -15.90 10.66 -7.45
CA TYR F 34 -16.48 10.08 -6.23
C TYR F 34 -16.04 8.62 -6.04
N ASP F 35 -16.09 7.83 -7.10
CA ASP F 35 -15.78 6.41 -7.02
C ASP F 35 -14.27 6.11 -7.11
N ASP F 36 -13.40 7.07 -6.83
CA ASP F 36 -11.96 6.82 -6.94
C ASP F 36 -11.15 7.27 -5.73
N TYR F 37 -11.74 7.97 -4.78
CA TYR F 37 -10.98 8.54 -3.67
C TYR F 37 -11.81 8.50 -2.39
N PRO F 38 -11.16 8.37 -1.24
CA PRO F 38 -11.88 8.49 0.03
C PRO F 38 -12.41 9.91 0.22
N LYS F 39 -13.35 10.04 1.17
CA LYS F 39 -14.04 11.30 1.41
C LYS F 39 -13.06 12.47 1.51
N ILE F 40 -12.10 12.38 2.43
CA ILE F 40 -11.25 13.54 2.74
C ILE F 40 -10.35 13.89 1.57
N GLN F 41 -9.91 12.89 0.81
CA GLN F 41 -9.01 13.11 -0.32
C GLN F 41 -9.72 13.82 -1.48
N LEU F 42 -10.98 13.44 -1.72
CA LEU F 42 -11.79 14.08 -2.75
C LEU F 42 -12.02 15.55 -2.43
N GLN F 43 -12.32 15.85 -1.16
CA GLN F 43 -12.42 17.23 -0.69
C GLN F 43 -11.18 18.02 -1.05
N CYS F 44 -10.00 17.44 -0.79
CA CYS F 44 -8.76 18.13 -1.13
C CYS F 44 -8.68 18.35 -2.63
N LEU F 45 -8.78 17.25 -3.40
CA LEU F 45 -8.62 17.37 -4.83
C LEU F 45 -9.67 18.27 -5.45
N SER F 46 -10.88 18.27 -4.91
CA SER F 46 -11.88 19.19 -5.46
C SER F 46 -11.54 20.63 -5.11
N GLN F 47 -11.11 20.91 -3.87
CA GLN F 47 -10.66 22.26 -3.57
C GLN F 47 -9.36 22.59 -4.30
N LEU F 48 -8.48 21.61 -4.45
CA LEU F 48 -7.30 21.84 -5.25
C LEU F 48 -7.69 22.22 -6.66
N PHE F 49 -8.69 21.52 -7.22
CA PHE F 49 -9.15 21.79 -8.58
C PHE F 49 -9.67 23.22 -8.72
N ILE F 50 -10.57 23.66 -7.82
CA ILE F 50 -11.08 25.03 -7.99
C ILE F 50 -10.07 26.09 -7.53
N ASN F 51 -9.08 25.74 -6.70
CA ASN F 51 -8.04 26.71 -6.36
C ASN F 51 -7.19 27.04 -7.58
N VAL F 52 -7.00 26.06 -8.47
CA VAL F 52 -6.17 26.33 -9.64
C VAL F 52 -6.96 27.04 -10.72
N THR F 53 -8.11 26.49 -11.09
CA THR F 53 -8.83 27.02 -12.25
C THR F 53 -9.48 28.37 -11.94
N LEU F 54 -9.97 28.55 -10.71
CA LEU F 54 -10.67 29.79 -10.38
C LEU F 54 -9.78 30.85 -9.72
N LEU F 55 -9.00 30.49 -8.70
CA LEU F 55 -8.26 31.47 -7.94
C LEU F 55 -6.89 31.80 -8.51
N GLY F 56 -6.32 30.96 -9.36
CA GLY F 56 -5.02 31.26 -9.95
C GLY F 56 -3.82 30.86 -9.12
N CYS F 57 -3.96 29.82 -8.29
CA CYS F 57 -2.84 29.36 -7.49
C CYS F 57 -1.97 28.41 -8.30
N GLU F 58 -0.69 28.36 -7.96
CA GLU F 58 0.22 27.38 -8.50
C GLU F 58 0.64 26.44 -7.38
N TYR F 59 0.79 25.17 -7.72
CA TYR F 59 1.29 24.17 -6.77
C TYR F 59 2.49 23.49 -7.41
N SER F 60 2.83 22.32 -6.87
CA SER F 60 3.97 21.56 -7.35
C SER F 60 3.80 21.20 -8.82
N GLN F 61 4.94 21.07 -9.49
CA GLN F 61 5.02 20.56 -10.86
C GLN F 61 4.09 19.38 -11.10
N THR F 62 4.12 18.41 -10.17
CA THR F 62 3.34 17.18 -10.34
C THR F 62 1.85 17.47 -10.19
N LEU F 63 1.47 18.21 -9.15
CA LEU F 63 0.05 18.39 -8.86
C LEU F 63 -0.67 19.17 -9.97
N MSE F 64 0.04 20.08 -10.63
CA MSE F 64 -0.52 20.79 -11.79
C MSE F 64 -0.92 19.81 -12.88
O MSE F 64 -2.02 19.89 -13.41
CB MSE F 64 0.50 21.78 -12.32
CG MSE F 64 0.85 22.81 -11.31
SE MSE F 64 -0.72 23.83 -10.77
CE MSE F 64 -0.23 25.53 -11.65
N GLN F 65 0.00 18.90 -13.20
CA GLN F 65 -0.29 17.88 -14.18
C GLN F 65 -1.44 16.99 -13.74
N LYS F 66 -1.59 16.75 -12.44
CA LYS F 66 -2.69 15.91 -11.97
C LYS F 66 -4.01 16.65 -12.05
N ILE F 67 -4.04 17.89 -11.60
CA ILE F 67 -5.29 18.64 -11.65
C ILE F 67 -5.70 18.89 -13.10
N ARG F 68 -4.72 19.07 -14.01
CA ARG F 68 -5.06 19.23 -15.42
C ARG F 68 -5.68 17.95 -15.98
N THR F 69 -5.12 16.79 -15.61
CA THR F 69 -5.67 15.51 -16.05
C THR F 69 -7.07 15.31 -15.49
N MSE F 70 -7.22 15.36 -14.18
CA MSE F 70 -8.51 15.14 -13.56
C MSE F 70 -9.52 16.21 -13.94
O MSE F 70 -10.72 15.94 -13.97
CB MSE F 70 -8.37 15.09 -12.05
CG MSE F 70 -7.49 13.98 -11.55
SE MSE F 70 -7.35 14.02 -9.60
CE MSE F 70 -9.20 13.59 -9.16
N GLY F 71 -9.07 17.44 -14.22
CA GLY F 71 -9.97 18.53 -14.48
C GLY F 71 -10.42 18.70 -15.91
N ALA F 72 -9.75 18.04 -16.85
CA ALA F 72 -10.08 18.16 -18.26
C ALA F 72 -11.51 17.68 -18.52
N GLY F 73 -12.32 18.54 -19.14
CA GLY F 73 -13.65 18.16 -19.55
C GLY F 73 -14.72 18.36 -18.51
N ILE F 74 -14.36 18.80 -17.31
CA ILE F 74 -15.32 18.96 -16.21
C ILE F 74 -15.93 20.35 -16.29
N ALA F 75 -17.26 20.39 -16.38
CA ALA F 75 -18.03 21.61 -16.63
C ALA F 75 -18.63 22.17 -15.34
N PRO G 4 -18.86 1.58 44.07
CA PRO G 4 -18.14 2.25 45.16
C PRO G 4 -18.12 3.76 44.97
N ALA G 5 -19.26 4.40 44.72
CA ALA G 5 -19.28 5.72 44.06
C ALA G 5 -18.46 6.77 44.80
N PHE G 6 -18.81 7.06 46.06
CA PHE G 6 -18.13 8.06 46.87
C PHE G 6 -16.82 7.55 47.47
N PHE G 7 -16.82 6.29 47.92
CA PHE G 7 -15.64 5.69 48.52
C PHE G 7 -14.49 5.54 47.53
N ARG G 8 -14.78 5.10 46.30
CA ARG G 8 -13.72 5.14 45.30
C ARG G 8 -13.02 6.48 45.33
N TRP G 9 -13.81 7.56 45.34
CA TRP G 9 -13.25 8.89 45.26
C TRP G 9 -12.45 9.22 46.51
N LEU G 10 -12.99 8.94 47.68
CA LEU G 10 -12.27 9.23 48.92
C LEU G 10 -10.98 8.42 49.00
N THR G 11 -11.07 7.13 48.74
CA THR G 11 -9.92 6.23 48.86
C THR G 11 -8.78 6.61 47.93
N LYS G 12 -9.08 6.92 46.66
CA LYS G 12 -8.01 7.34 45.76
C LYS G 12 -7.40 8.65 46.20
N LYS G 13 -8.24 9.57 46.68
CA LYS G 13 -7.75 10.91 46.97
C LYS G 13 -7.00 10.95 48.29
N TYR G 14 -7.47 10.21 49.29
CA TYR G 14 -6.92 10.20 50.65
C TYR G 14 -6.66 8.78 51.11
N PRO G 15 -5.69 8.10 50.50
CA PRO G 15 -5.51 6.67 50.77
C PRO G 15 -5.06 6.33 52.17
N ALA G 16 -4.25 7.14 52.82
CA ALA G 16 -3.91 6.76 54.19
C ALA G 16 -5.13 6.68 55.11
N THR G 17 -6.31 7.12 54.68
CA THR G 17 -7.42 7.01 55.63
C THR G 17 -7.88 5.57 55.81
N VAL G 18 -7.46 4.65 54.93
CA VAL G 18 -7.86 3.25 54.98
C VAL G 18 -6.75 2.41 55.60
N VAL G 19 -7.12 1.58 56.55
CA VAL G 19 -6.18 0.71 57.25
C VAL G 19 -6.84 -0.64 57.38
N ASN G 20 -6.17 -1.70 56.94
CA ASN G 20 -6.77 -3.01 57.01
C ASN G 20 -6.84 -3.52 58.45
N ALA G 21 -7.91 -4.29 58.72
CA ALA G 21 -8.15 -4.90 60.01
C ALA G 21 -7.33 -6.17 60.14
N ASN G 22 -6.83 -6.42 61.35
CA ASN G 22 -6.16 -7.67 61.69
C ASN G 22 -7.14 -8.60 62.39
N GLU G 23 -7.12 -9.86 61.96
CA GLU G 23 -8.11 -10.84 62.38
C GLU G 23 -7.48 -12.22 62.39
N ASP G 24 -7.89 -13.05 63.37
CA ASP G 24 -7.41 -14.44 63.50
C ASP G 24 -8.29 -15.39 62.68
N ARG G 25 -7.76 -15.90 61.57
CA ARG G 25 -8.52 -16.85 60.72
C ARG G 25 -7.71 -18.08 60.31
N PRO G 35 -11.44 -19.88 67.55
CA PRO G 35 -11.13 -19.88 68.99
C PRO G 35 -10.30 -18.64 69.45
N VAL G 36 -10.95 -17.48 69.61
CA VAL G 36 -10.26 -16.20 69.82
C VAL G 36 -10.61 -15.62 71.19
N ASP G 37 -9.57 -15.20 71.94
CA ASP G 37 -9.78 -14.58 73.25
C ASP G 37 -9.72 -13.05 73.16
N CYS G 38 -10.90 -12.39 73.14
CA CYS G 38 -11.02 -10.95 72.97
C CYS G 38 -10.63 -10.18 74.22
N THR G 39 -10.30 -10.86 75.33
CA THR G 39 -9.82 -10.10 76.47
C THR G 39 -8.41 -9.63 76.23
N GLN G 40 -7.74 -10.25 75.29
CA GLN G 40 -6.35 -9.95 74.97
C GLN G 40 -6.28 -8.66 74.13
N PRO G 41 -5.14 -7.96 74.19
CA PRO G 41 -5.03 -6.67 73.51
C PRO G 41 -5.34 -6.76 72.02
N ASN G 42 -5.98 -5.73 71.50
CA ASN G 42 -6.46 -5.72 70.12
C ASN G 42 -5.30 -5.73 69.15
N PRO G 43 -5.21 -6.70 68.24
CA PRO G 43 -4.08 -6.73 67.30
C PRO G 43 -4.15 -5.66 66.22
N ASN G 44 -5.12 -4.75 66.26
CA ASN G 44 -5.23 -3.70 65.27
C ASN G 44 -4.46 -2.48 65.75
N PHE G 45 -4.53 -1.40 64.97
CA PHE G 45 -3.67 -0.24 65.21
C PHE G 45 -3.95 0.48 66.51
N GLN G 46 -5.04 0.18 67.19
CA GLN G 46 -5.34 0.80 68.47
C GLN G 46 -6.44 -0.01 69.15
N GLU G 47 -6.73 0.35 70.39
CA GLU G 47 -7.88 -0.18 71.12
C GLU G 47 -9.07 0.74 70.91
N PHE G 48 -10.26 0.17 71.07
CA PHE G 48 -11.52 0.85 70.83
C PHE G 48 -12.33 0.84 72.12
N ASP G 49 -13.10 1.91 72.35
CA ASP G 49 -13.98 1.95 73.51
C ASP G 49 -15.44 1.63 73.16
N ASN G 50 -16.00 2.31 72.17
CA ASN G 50 -17.40 2.20 71.80
C ASN G 50 -17.49 1.62 70.40
N LEU G 51 -18.30 0.57 70.24
CA LEU G 51 -18.62 0.03 68.91
C LEU G 51 -20.11 0.21 68.64
N TYR G 52 -20.44 0.93 67.58
CA TYR G 52 -21.82 1.15 67.15
C TYR G 52 -22.09 0.32 65.91
N LEU G 53 -23.17 -0.46 65.94
CA LEU G 53 -23.53 -1.28 64.79
C LEU G 53 -24.77 -0.69 64.14
N ASP G 54 -24.66 -0.32 62.87
CA ASP G 54 -25.81 0.03 62.06
C ASP G 54 -26.45 -1.28 61.57
N MSE G 55 -27.40 -1.80 62.33
CA MSE G 55 -27.89 -3.16 62.14
C MSE G 55 -28.45 -3.49 60.76
O MSE G 55 -28.31 -4.60 60.29
CB MSE G 55 -28.97 -3.48 63.16
CG MSE G 55 -28.46 -3.62 64.56
SE MSE G 55 -27.22 -5.07 64.66
CE MSE G 55 -28.31 -6.46 63.85
N ASN G 56 -29.08 -2.53 60.08
CA ASN G 56 -29.74 -2.89 58.84
C ASN G 56 -28.74 -3.37 57.79
N GLY G 57 -27.53 -2.80 57.79
CA GLY G 57 -26.48 -3.25 56.88
C GLY G 57 -25.97 -4.63 57.20
N ILE G 58 -26.23 -5.11 58.40
CA ILE G 58 -25.89 -6.47 58.73
C ILE G 58 -27.02 -7.41 58.37
N ILE G 59 -28.27 -6.99 58.56
CA ILE G 59 -29.41 -7.88 58.38
C ILE G 59 -29.60 -8.25 56.91
N HIS G 60 -29.61 -7.26 56.02
CA HIS G 60 -29.89 -7.52 54.60
C HIS G 60 -28.99 -8.60 54.03
N PRO G 61 -27.66 -8.54 54.18
CA PRO G 61 -26.83 -9.66 53.70
C PRO G 61 -27.19 -11.00 54.33
N CYS G 62 -27.50 -11.00 55.61
CA CYS G 62 -27.63 -12.27 56.30
C CYS G 62 -28.94 -12.96 55.98
N THR G 63 -29.92 -12.25 55.44
CA THR G 63 -31.22 -12.82 55.19
C THR G 63 -31.50 -13.11 53.72
N HIS G 64 -31.09 -12.23 52.80
CA HIS G 64 -31.17 -12.53 51.38
C HIS G 64 -29.84 -12.18 50.71
N PRO G 65 -28.75 -12.84 51.08
CA PRO G 65 -27.50 -12.59 50.37
C PRO G 65 -27.66 -12.93 48.91
N GLU G 66 -27.18 -12.01 48.05
CA GLU G 66 -27.19 -12.19 46.61
C GLU G 66 -25.97 -12.97 46.11
N ASP G 67 -25.01 -13.27 46.99
CA ASP G 67 -23.77 -13.93 46.63
C ASP G 67 -23.66 -15.38 47.07
N ARG G 68 -24.45 -15.80 48.04
CA ARG G 68 -24.47 -17.16 48.57
C ARG G 68 -25.91 -17.68 48.53
N PRO G 69 -26.10 -18.98 48.75
CA PRO G 69 -27.48 -19.49 48.88
C PRO G 69 -28.15 -18.90 50.12
N ALA G 70 -29.42 -18.55 49.95
CA ALA G 70 -30.18 -17.90 50.99
C ALA G 70 -30.36 -18.84 52.17
N PRO G 71 -30.59 -18.33 53.37
CA PRO G 71 -30.82 -19.22 54.50
C PRO G 71 -32.08 -20.05 54.37
N LYS G 72 -32.00 -21.22 54.96
CA LYS G 72 -33.08 -22.19 55.00
C LYS G 72 -34.28 -21.59 55.69
N ASN G 73 -34.09 -21.06 56.91
CA ASN G 73 -35.21 -20.54 57.68
C ASN G 73 -34.81 -19.27 58.45
N GLU G 74 -35.78 -18.72 59.18
CA GLU G 74 -35.54 -17.52 59.98
C GLU G 74 -34.60 -17.79 61.15
N ASP G 75 -34.66 -18.98 61.70
CA ASP G 75 -33.76 -19.34 62.78
C ASP G 75 -32.33 -19.28 62.26
N GLU G 76 -32.12 -19.76 61.04
CA GLU G 76 -30.76 -19.66 60.50
C GLU G 76 -30.35 -18.23 60.26
N MSE G 77 -31.28 -17.36 59.89
CA MSE G 77 -30.89 -15.99 59.64
C MSE G 77 -30.45 -15.31 60.91
O MSE G 77 -29.60 -14.42 60.89
CB MSE G 77 -32.03 -15.19 59.02
CG MSE G 77 -32.56 -15.78 57.75
SE MSE G 77 -34.26 -15.01 57.21
CE MSE G 77 -34.43 -15.88 55.47
N PHE G 78 -31.04 -15.72 62.05
CA PHE G 78 -30.69 -15.04 63.28
C PHE G 78 -29.34 -15.50 63.77
N ALA G 79 -29.05 -16.79 63.57
CA ALA G 79 -27.76 -17.34 63.95
C ALA G 79 -26.63 -16.68 63.17
N LEU G 80 -26.89 -16.36 61.89
CA LEU G 80 -25.93 -15.65 61.08
C LEU G 80 -25.73 -14.21 61.58
N ILE G 81 -26.82 -13.52 61.88
CA ILE G 81 -26.68 -12.18 62.42
C ILE G 81 -25.85 -12.23 63.69
N PHE G 82 -26.15 -13.19 64.57
CA PHE G 82 -25.35 -13.38 65.78
C PHE G 82 -23.87 -13.58 65.44
N GLU G 83 -23.61 -14.44 64.47
CA GLU G 83 -22.24 -14.74 64.09
C GLU G 83 -21.54 -13.49 63.58
N TYR G 84 -22.25 -12.64 62.84
CA TYR G 84 -21.59 -11.49 62.27
C TYR G 84 -21.28 -10.44 63.33
N ILE G 85 -22.20 -10.21 64.26
CA ILE G 85 -21.89 -9.34 65.40
C ILE G 85 -20.71 -9.91 66.18
N ASP G 86 -20.72 -11.22 66.44
CA ASP G 86 -19.56 -11.85 67.06
C ASP G 86 -18.27 -11.51 66.29
N ARG G 87 -18.32 -11.53 64.95
CA ARG G 87 -17.11 -11.30 64.19
C ARG G 87 -16.66 -9.85 64.30
N ILE G 88 -17.56 -8.90 64.07
CA ILE G 88 -17.20 -7.50 64.24
C ILE G 88 -16.73 -7.23 65.65
N TYR G 89 -17.46 -7.75 66.64
CA TYR G 89 -17.05 -7.55 68.03
C TYR G 89 -15.63 -8.03 68.23
N SER G 90 -15.27 -9.17 67.64
CA SER G 90 -13.95 -9.71 67.86
C SER G 90 -12.85 -8.88 67.20
N ILE G 91 -13.18 -8.10 66.16
CA ILE G 91 -12.19 -7.25 65.51
C ILE G 91 -11.97 -5.98 66.30
N VAL G 92 -13.06 -5.33 66.66
CA VAL G 92 -12.99 -4.02 67.33
C VAL G 92 -12.64 -4.16 68.82
N ARG G 93 -13.12 -5.19 69.46
CA ARG G 93 -12.99 -5.38 70.89
C ARG G 93 -13.33 -4.11 71.68
N PRO G 94 -14.57 -3.63 71.59
CA PRO G 94 -14.93 -2.41 72.35
C PRO G 94 -14.75 -2.70 73.83
N ARG G 95 -14.02 -1.84 74.50
CA ARG G 95 -13.77 -2.04 75.91
C ARG G 95 -14.83 -1.42 76.80
N ARG G 96 -15.73 -0.65 76.22
CA ARG G 96 -16.69 0.13 77.00
C ARG G 96 -18.14 -0.04 76.61
N LEU G 97 -18.47 0.14 75.34
CA LEU G 97 -19.85 0.15 74.93
C LEU G 97 -20.05 -0.54 73.60
N LEU G 98 -21.14 -1.29 73.49
CA LEU G 98 -21.58 -1.87 72.23
C LEU G 98 -22.98 -1.34 72.00
N TYR G 99 -23.17 -0.59 70.92
CA TYR G 99 -24.46 0.05 70.65
C TYR G 99 -25.06 -0.59 69.41
N MSE G 100 -26.21 -1.25 69.58
CA MSE G 100 -26.83 -1.94 68.46
C MSE G 100 -28.06 -1.19 68.05
O MSE G 100 -29.01 -1.08 68.80
CB MSE G 100 -27.16 -3.37 68.84
CG MSE G 100 -25.96 -4.17 69.32
SE MSE G 100 -26.38 -6.04 69.69
CE MSE G 100 -27.44 -6.19 68.08
N ALA G 101 -28.09 -0.70 66.83
CA ALA G 101 -29.09 0.27 66.41
C ALA G 101 -29.82 -0.27 65.19
N ILE G 102 -31.11 -0.58 65.35
CA ILE G 102 -31.96 -0.98 64.23
C ILE G 102 -32.79 0.20 63.76
N ASP G 103 -33.03 0.27 62.45
CA ASP G 103 -33.81 1.38 61.88
C ASP G 103 -35.20 1.39 62.47
N GLY G 104 -35.56 2.50 63.09
CA GLY G 104 -36.93 2.78 63.47
C GLY G 104 -37.66 3.56 62.38
N VAL G 105 -38.80 4.14 62.78
CA VAL G 105 -39.59 4.91 61.83
C VAL G 105 -38.80 6.13 61.39
N ALA G 106 -38.67 6.30 60.11
CA ALA G 106 -37.88 7.41 59.63
C ALA G 106 -38.74 8.66 59.44
N PRO G 107 -38.12 9.83 59.36
CA PRO G 107 -38.88 11.04 59.03
C PRO G 107 -39.40 10.96 57.61
N ARG G 108 -40.50 11.67 57.36
CA ARG G 108 -41.17 11.59 56.07
C ARG G 108 -40.21 11.84 54.92
N ALA G 109 -39.24 12.75 55.11
CA ALA G 109 -38.25 13.00 54.09
C ALA G 109 -37.62 11.70 53.58
N LYS G 110 -37.30 10.78 54.47
CA LYS G 110 -36.70 9.51 54.06
C LYS G 110 -37.73 8.54 53.51
N MSE G 111 -38.98 8.68 53.94
CA MSE G 111 -39.99 7.65 53.71
C MSE G 111 -40.22 7.46 52.22
O MSE G 111 -40.16 6.32 51.75
CB MSE G 111 -41.29 7.99 54.45
CG MSE G 111 -41.19 7.86 55.98
SE MSE G 111 -42.84 7.48 57.00
CE MSE G 111 -43.72 9.22 57.06
N ASN G 112 -40.42 8.55 51.49
CA ASN G 112 -40.49 8.50 50.02
C ASN G 112 -39.42 7.57 49.43
N GLN G 113 -38.16 7.73 49.85
CA GLN G 113 -37.09 6.87 49.35
C GLN G 113 -37.34 5.42 49.75
N GLN G 114 -37.58 5.16 51.04
CA GLN G 114 -37.84 3.79 51.49
C GLN G 114 -38.95 3.16 50.67
N ARG G 115 -40.01 3.91 50.45
CA ARG G 115 -41.14 3.50 49.63
C ARG G 115 -40.72 3.22 48.19
N SER G 116 -39.96 4.13 47.58
CA SER G 116 -39.42 3.85 46.26
C SER G 116 -38.64 2.54 46.23
N ARG G 117 -37.91 2.23 47.32
CA ARG G 117 -37.08 1.04 47.37
C ARG G 117 -37.88 -0.26 47.49
N ARG G 118 -38.86 -0.32 48.40
CA ARG G 118 -39.62 -1.56 48.53
C ARG G 118 -40.47 -1.81 47.31
N PHE G 119 -41.03 -0.76 46.72
CA PHE G 119 -41.79 -0.93 45.49
C PHE G 119 -40.92 -1.50 44.39
N ARG G 120 -39.71 -0.98 44.24
CA ARG G 120 -38.77 -1.51 43.25
C ARG G 120 -38.37 -2.94 43.61
N ALA G 121 -38.10 -3.18 44.90
CA ALA G 121 -37.74 -4.52 45.35
C ALA G 121 -38.79 -5.53 44.94
N SER G 122 -40.06 -5.25 45.23
CA SER G 122 -41.11 -6.18 44.88
C SER G 122 -41.22 -6.36 43.37
N LYS G 123 -40.99 -5.32 42.59
CA LYS G 123 -40.91 -5.51 41.15
C LYS G 123 -39.74 -6.42 40.80
N GLU G 124 -38.58 -6.25 41.48
CA GLU G 124 -37.44 -7.12 41.21
C GLU G 124 -37.72 -8.56 41.65
N MSE G 125 -38.21 -8.73 42.88
CA MSE G 125 -38.48 -10.07 43.42
C MSE G 125 -39.32 -10.84 42.44
O MSE G 125 -39.22 -12.06 42.36
CB MSE G 125 -39.20 -9.98 44.76
CG MSE G 125 -38.34 -10.37 45.95
SE MSE G 125 -39.14 -9.72 47.63
CE MSE G 125 -40.91 -10.55 47.41
N ALA G 126 -40.14 -10.12 41.70
CA ALA G 126 -41.05 -10.74 40.75
C ALA G 126 -40.38 -10.98 39.41
N GLU G 127 -39.48 -10.09 38.96
CA GLU G 127 -38.74 -10.43 37.75
C GLU G 127 -37.79 -11.60 37.98
N LYS G 128 -37.29 -11.78 39.21
CA LYS G 128 -36.55 -12.98 39.57
C LYS G 128 -37.38 -14.20 39.18
N GLU G 129 -38.50 -14.39 39.87
CA GLU G 129 -39.22 -15.65 39.77
C GLU G 129 -39.82 -15.86 38.40
N ALA G 130 -40.15 -14.79 37.68
CA ALA G 130 -40.65 -14.98 36.33
C ALA G 130 -39.54 -15.40 35.37
N SER G 131 -38.29 -15.02 35.68
CA SER G 131 -37.17 -15.43 34.85
C SER G 131 -36.70 -16.84 35.21
N ILE G 132 -36.76 -17.18 36.49
CA ILE G 132 -36.53 -18.57 36.88
C ILE G 132 -37.43 -19.48 36.08
N GLU G 133 -38.74 -19.20 36.09
CA GLU G 133 -39.66 -19.98 35.29
C GLU G 133 -39.38 -19.82 33.79
N GLU G 134 -38.78 -18.70 33.38
CA GLU G 134 -38.43 -18.62 31.97
C GLU G 134 -37.36 -19.66 31.66
N GLN G 135 -36.41 -19.84 32.57
CA GLN G 135 -35.39 -20.87 32.38
C GLN G 135 -35.98 -22.28 32.46
N ARG G 136 -36.69 -22.58 33.55
CA ARG G 136 -37.34 -23.87 33.69
C ARG G 136 -38.03 -24.29 32.40
N ASN G 137 -38.88 -23.43 31.81
CA ASN G 137 -39.49 -23.85 30.54
C ASN G 137 -38.49 -23.89 29.39
N ARG G 138 -37.40 -23.11 29.46
CA ARG G 138 -36.40 -23.17 28.39
C ARG G 138 -35.63 -24.49 28.44
N LEU G 139 -35.11 -24.85 29.61
CA LEU G 139 -34.42 -26.13 29.74
C LEU G 139 -35.36 -27.29 29.46
N MSE G 140 -36.62 -27.17 29.90
CA MSE G 140 -37.63 -28.20 29.77
C MSE G 140 -37.77 -28.66 28.34
O MSE G 140 -38.33 -29.73 28.09
CB MSE G 140 -38.98 -27.70 30.26
CG MSE G 140 -39.89 -28.76 30.84
SE MSE G 140 -40.42 -28.34 32.67
CE MSE G 140 -42.29 -27.81 32.36
N ALA G 141 -37.30 -27.83 27.41
CA ALA G 141 -37.28 -28.25 26.01
C ALA G 141 -36.33 -29.44 25.77
N GLU G 142 -35.32 -29.66 26.67
CA GLU G 142 -34.26 -30.66 26.48
C GLU G 142 -34.09 -31.65 27.64
N GLY G 143 -34.14 -31.19 28.88
CA GLY G 143 -34.04 -32.08 30.02
C GLY G 143 -33.30 -31.50 31.21
N ILE G 144 -33.34 -32.22 32.34
CA ILE G 144 -32.74 -31.83 33.62
C ILE G 144 -33.47 -30.62 34.20
N ALA G 145 -34.78 -30.72 34.35
CA ALA G 145 -35.57 -29.68 35.01
C ALA G 145 -35.75 -30.07 36.47
N VAL G 146 -35.15 -29.30 37.36
CA VAL G 146 -35.23 -29.51 38.81
C VAL G 146 -36.58 -29.00 39.30
N PRO G 147 -37.28 -29.71 40.23
CA PRO G 147 -38.55 -29.15 40.73
C PRO G 147 -38.36 -27.95 41.67
N ALA G 154 -42.61 -19.61 52.21
CA ALA G 154 -41.60 -20.37 51.47
C ALA G 154 -40.47 -19.45 51.01
N HIS G 155 -40.85 -18.25 50.57
CA HIS G 155 -39.97 -17.22 50.05
C HIS G 155 -39.89 -16.08 51.05
N PHE G 156 -38.79 -15.33 50.99
CA PHE G 156 -38.47 -14.31 51.98
C PHE G 156 -38.67 -12.94 51.37
N ASP G 157 -39.46 -12.10 52.04
CA ASP G 157 -39.73 -10.75 51.57
C ASP G 157 -38.77 -9.80 52.24
N SER G 158 -37.72 -9.39 51.50
CA SER G 158 -36.75 -8.44 52.02
C SER G 158 -37.40 -7.16 52.51
N ASN G 159 -38.64 -6.88 52.08
CA ASN G 159 -39.40 -5.76 52.60
C ASN G 159 -39.84 -5.98 54.04
N CYS G 160 -39.75 -7.20 54.54
CA CYS G 160 -40.07 -7.41 55.95
C CYS G 160 -39.08 -6.72 56.87
N ILE G 161 -37.94 -6.27 56.35
CA ILE G 161 -36.99 -5.50 57.14
C ILE G 161 -37.38 -4.03 57.12
N THR G 162 -38.43 -3.68 57.87
CA THR G 162 -38.99 -2.36 57.97
C THR G 162 -39.67 -2.32 59.33
N PRO G 163 -39.58 -1.24 60.10
CA PRO G 163 -40.13 -1.28 61.47
C PRO G 163 -41.63 -1.52 61.47
N GLY G 164 -42.06 -2.31 62.45
CA GLY G 164 -43.47 -2.60 62.66
C GLY G 164 -43.87 -3.99 62.23
N THR G 165 -43.06 -4.63 61.41
CA THR G 165 -43.38 -5.95 60.92
C THR G 165 -43.18 -6.96 62.03
N PRO G 166 -43.82 -8.13 61.90
CA PRO G 166 -43.54 -9.23 62.84
C PRO G 166 -42.07 -9.62 62.87
N PHE G 167 -41.43 -9.72 61.71
CA PHE G 167 -40.02 -10.12 61.67
C PHE G 167 -39.17 -9.25 62.58
N MSE G 168 -39.39 -7.94 62.56
CA MSE G 168 -38.53 -7.07 63.35
C MSE G 168 -38.72 -7.34 64.84
O MSE G 168 -37.77 -7.23 65.62
CB MSE G 168 -38.79 -5.60 63.05
CG MSE G 168 -38.21 -5.19 61.73
SE MSE G 168 -36.25 -5.49 61.51
CE MSE G 168 -35.89 -3.64 60.90
N ALA G 169 -39.95 -7.71 65.22
CA ALA G 169 -40.22 -7.89 66.64
C ALA G 169 -39.58 -9.17 67.15
N ARG G 170 -39.52 -10.20 66.31
CA ARG G 170 -38.79 -11.42 66.66
C ARG G 170 -37.30 -11.21 66.63
N LEU G 171 -36.81 -10.35 65.72
CA LEU G 171 -35.40 -10.02 65.72
C LEU G 171 -35.00 -9.33 67.02
N ALA G 172 -35.86 -8.44 67.52
CA ALA G 172 -35.55 -7.80 68.79
C ALA G 172 -35.60 -8.81 69.91
N ASP G 173 -36.52 -9.76 69.84
CA ASP G 173 -36.53 -10.80 70.87
C ASP G 173 -35.30 -11.69 70.75
N ALA G 174 -34.83 -11.95 69.52
CA ALA G 174 -33.64 -12.76 69.35
C ALA G 174 -32.41 -12.04 69.88
N LEU G 175 -32.30 -10.74 69.58
CA LEU G 175 -31.16 -9.94 70.03
C LEU G 175 -31.13 -9.78 71.54
N ARG G 176 -32.29 -9.75 72.21
CA ARG G 176 -32.22 -9.73 73.66
C ARG G 176 -31.56 -11.00 74.20
N TYR G 177 -31.95 -12.15 73.66
CA TYR G 177 -31.29 -13.39 74.02
C TYR G 177 -29.77 -13.33 73.71
N TYR G 178 -29.42 -12.80 72.56
CA TYR G 178 -28.02 -12.67 72.21
C TYR G 178 -27.26 -11.88 73.28
N ILE G 179 -27.78 -10.71 73.66
CA ILE G 179 -27.06 -9.85 74.60
C ILE G 179 -26.96 -10.51 75.97
N HIS G 180 -28.06 -11.09 76.47
CA HIS G 180 -27.98 -11.76 77.76
C HIS G 180 -27.01 -12.94 77.69
N ASP G 181 -27.03 -13.69 76.58
CA ASP G 181 -26.09 -14.80 76.49
C ASP G 181 -24.64 -14.34 76.46
N ARG G 182 -24.30 -13.36 75.62
CA ARG G 182 -22.88 -13.01 75.54
C ARG G 182 -22.37 -12.33 76.81
N VAL G 183 -23.17 -11.46 77.42
CA VAL G 183 -22.73 -10.79 78.63
C VAL G 183 -22.63 -11.75 79.83
N THR G 184 -23.28 -12.89 79.74
CA THR G 184 -23.20 -13.90 80.78
C THR G 184 -22.02 -14.82 80.57
N ASN G 185 -21.73 -15.15 79.32
CA ASN G 185 -20.83 -16.23 78.97
C ASN G 185 -19.49 -15.79 78.38
N ASP G 186 -19.43 -14.66 77.68
CA ASP G 186 -18.22 -14.21 77.01
C ASP G 186 -17.41 -13.33 77.96
N ALA G 187 -16.21 -13.78 78.31
CA ALA G 187 -15.51 -13.07 79.36
C ALA G 187 -15.17 -11.64 78.97
N SER G 188 -14.94 -11.35 77.69
CA SER G 188 -14.63 -9.96 77.36
C SER G 188 -15.87 -9.07 77.45
N TRP G 189 -17.09 -9.63 77.39
CA TRP G 189 -18.24 -8.76 77.57
C TRP G 189 -18.45 -8.38 79.05
N ALA G 190 -17.66 -8.95 79.95
CA ALA G 190 -17.94 -8.87 81.37
C ALA G 190 -18.01 -7.46 81.93
N ASN G 191 -17.31 -6.50 81.34
CA ASN G 191 -17.29 -5.16 81.94
C ASN G 191 -17.73 -4.05 80.99
N ILE G 192 -18.39 -4.39 79.88
CA ILE G 192 -18.92 -3.43 78.92
C ILE G 192 -20.40 -3.28 79.19
N GLU G 193 -20.95 -2.17 78.69
CA GLU G 193 -22.38 -1.91 78.59
C GLU G 193 -22.83 -2.20 77.17
N ILE G 194 -24.05 -2.72 77.04
CA ILE G 194 -24.66 -2.96 75.73
C ILE G 194 -25.96 -2.17 75.68
N ILE G 195 -26.13 -1.34 74.66
CA ILE G 195 -27.36 -0.61 74.42
C ILE G 195 -27.98 -1.19 73.18
N LEU G 196 -29.29 -1.46 73.24
CA LEU G 196 -30.03 -1.98 72.11
C LEU G 196 -31.13 -1.00 71.81
N SER G 197 -31.15 -0.51 70.58
CA SER G 197 -32.18 0.41 70.11
C SER G 197 -32.99 -0.29 69.02
N ASP G 198 -34.08 -1.00 69.40
CA ASP G 198 -34.80 -1.77 68.38
C ASP G 198 -35.77 -0.88 67.59
N ALA G 199 -36.46 -1.52 66.63
CA ALA G 199 -37.21 -0.81 65.60
C ALA G 199 -38.40 -0.05 66.13
N ASN G 200 -38.76 -0.24 67.40
CA ASN G 200 -39.83 0.59 67.95
C ASN G 200 -39.32 1.90 68.50
N VAL G 201 -38.00 2.11 68.49
CA VAL G 201 -37.42 3.40 68.83
C VAL G 201 -37.28 4.19 67.53
N PRO G 202 -38.03 5.26 67.34
CA PRO G 202 -38.00 5.97 66.06
C PRO G 202 -36.64 6.55 65.71
N GLY G 203 -36.36 6.56 64.41
CA GLY G 203 -35.15 7.12 63.87
C GLY G 203 -34.34 6.09 63.13
N GLU G 204 -33.72 6.50 62.03
CA GLU G 204 -32.82 5.60 61.33
C GLU G 204 -31.67 5.16 62.25
N GLY G 205 -31.16 3.96 61.99
CA GLY G 205 -30.06 3.45 62.79
C GLY G 205 -28.90 4.41 62.86
N GLU G 206 -28.42 4.89 61.70
CA GLU G 206 -27.27 5.77 61.78
C GLU G 206 -27.57 7.02 62.60
N HIS G 207 -28.81 7.50 62.60
CA HIS G 207 -29.11 8.73 63.32
C HIS G 207 -29.37 8.53 64.81
N LYS G 208 -29.90 7.37 65.23
CA LYS G 208 -29.92 7.11 66.65
C LYS G 208 -28.50 7.08 67.22
N ILE G 209 -27.56 6.50 66.49
CA ILE G 209 -26.17 6.48 66.89
C ILE G 209 -25.60 7.90 66.92
N MSE G 210 -25.69 8.58 65.79
CA MSE G 210 -25.25 9.96 65.70
C MSE G 210 -25.88 10.77 66.84
O MSE G 210 -25.21 11.57 67.46
CB MSE G 210 -25.61 10.54 64.32
CG MSE G 210 -25.49 12.03 64.18
SE MSE G 210 -23.68 12.70 64.06
CE MSE G 210 -23.53 13.68 65.73
N ASP G 211 -27.15 10.51 67.16
CA ASP G 211 -27.76 11.24 68.27
C ASP G 211 -27.14 10.83 69.60
N TYR G 212 -26.86 9.53 69.77
CA TYR G 212 -26.22 9.08 71.00
C TYR G 212 -24.88 9.77 71.19
N VAL G 213 -24.03 9.73 70.15
CA VAL G 213 -22.73 10.39 70.23
C VAL G 213 -22.91 11.86 70.56
N ARG G 214 -23.80 12.53 69.84
CA ARG G 214 -23.97 13.97 69.98
C ARG G 214 -24.41 14.34 71.37
N LYS G 215 -25.47 13.70 71.86
CA LYS G 215 -25.97 14.02 73.18
C LYS G 215 -24.97 13.63 74.26
N GLN G 216 -24.13 12.63 74.01
CA GLN G 216 -23.12 12.26 74.99
C GLN G 216 -22.08 13.35 75.12
N ARG G 217 -21.54 13.80 73.99
CA ARG G 217 -20.55 14.87 73.97
C ARG G 217 -21.02 16.12 74.73
N GLY G 218 -22.32 16.38 74.73
CA GLY G 218 -22.84 17.54 75.40
C GLY G 218 -22.95 17.42 76.89
N ASN G 219 -22.68 16.38 77.37
CA ASN G 219 -22.69 16.20 78.80
C ASN G 219 -21.27 16.28 79.32
N PRO G 220 -21.03 17.00 80.42
CA PRO G 220 -19.65 17.19 80.88
C PRO G 220 -18.99 15.90 81.31
N ALA G 221 -19.74 14.87 81.68
CA ALA G 221 -19.08 13.64 82.14
C ALA G 221 -18.45 12.86 80.99
N HIS G 222 -18.83 13.15 79.74
CA HIS G 222 -18.29 12.43 78.60
C HIS G 222 -16.78 12.45 78.60
N ASP G 223 -16.21 11.32 78.31
CA ASP G 223 -14.78 11.22 78.18
C ASP G 223 -14.42 11.64 76.78
N PRO G 224 -13.76 12.79 76.62
CA PRO G 224 -13.45 13.28 75.27
C PRO G 224 -12.45 12.42 74.55
N ASN G 225 -11.86 11.42 75.19
CA ASN G 225 -10.96 10.51 74.50
C ASN G 225 -11.56 9.16 74.19
N THR G 226 -12.88 8.99 74.31
CA THR G 226 -13.44 7.69 73.95
C THR G 226 -13.16 7.44 72.47
N VAL G 227 -12.80 6.22 72.13
CA VAL G 227 -12.47 5.86 70.76
C VAL G 227 -13.65 5.10 70.15
N HIS G 228 -14.22 5.69 69.12
CA HIS G 228 -15.44 5.22 68.51
C HIS G 228 -15.13 4.42 67.28
N CYS G 229 -15.91 3.37 67.08
CA CYS G 229 -15.91 2.64 65.82
C CYS G 229 -17.36 2.36 65.46
N LEU G 230 -17.74 2.76 64.27
CA LEU G 230 -19.07 2.64 63.74
C LEU G 230 -19.04 1.67 62.55
N CYS G 231 -19.86 0.64 62.59
CA CYS G 231 -19.82 -0.42 61.60
C CYS G 231 -20.99 -0.19 60.65
N GLY G 232 -20.69 -0.08 59.35
CA GLY G 232 -21.67 0.23 58.32
C GLY G 232 -21.02 0.52 56.98
N ALA G 233 -21.75 0.36 55.88
CA ALA G 233 -21.15 0.58 54.57
C ALA G 233 -21.56 1.90 53.92
N ASP G 234 -22.53 2.64 54.44
CA ASP G 234 -22.93 3.88 53.79
C ASP G 234 -21.81 4.90 53.79
N ALA G 235 -21.72 5.67 52.71
CA ALA G 235 -20.72 6.73 52.68
C ALA G 235 -21.07 7.84 53.66
N ASP G 236 -22.37 8.09 53.90
CA ASP G 236 -22.75 9.10 54.88
C ASP G 236 -22.05 8.89 56.19
N LEU G 237 -21.67 7.66 56.51
CA LEU G 237 -21.01 7.45 57.78
C LEU G 237 -19.72 8.27 57.88
N ILE G 238 -19.03 8.49 56.75
CA ILE G 238 -17.87 9.37 56.80
C ILE G 238 -18.26 10.73 57.37
N MSE G 239 -19.25 11.39 56.76
CA MSE G 239 -19.68 12.71 57.26
C MSE G 239 -20.25 12.68 58.66
O MSE G 239 -20.06 13.61 59.44
CB MSE G 239 -20.69 13.38 56.35
CG MSE G 239 -21.04 12.60 55.15
SE MSE G 239 -19.72 12.81 53.77
CE MSE G 239 -20.74 12.12 52.25
N LEU G 240 -21.01 11.63 59.00
CA LEU G 240 -21.43 11.47 60.38
C LEU G 240 -20.21 11.56 61.29
N GLY G 241 -19.16 10.79 60.99
CA GLY G 241 -17.97 10.80 61.83
C GLY G 241 -17.35 12.18 61.93
N ILE G 242 -17.27 12.90 60.82
CA ILE G 242 -16.76 14.26 60.92
C ILE G 242 -17.67 15.06 61.82
N ALA G 243 -18.97 14.86 61.68
CA ALA G 243 -19.94 15.75 62.34
C ALA G 243 -19.99 15.57 63.84
N THR G 244 -19.55 14.41 64.36
CA THR G 244 -19.57 14.22 65.81
C THR G 244 -18.66 15.19 66.49
N HIS G 245 -17.65 15.65 65.76
CA HIS G 245 -16.52 16.43 66.24
C HIS G 245 -15.70 15.64 67.25
N GLU G 246 -15.87 14.33 67.29
CA GLU G 246 -15.09 13.52 68.21
C GLU G 246 -13.69 13.29 67.65
N ALA G 247 -12.71 13.38 68.53
CA ALA G 247 -11.31 13.26 68.13
C ALA G 247 -11.03 11.96 67.38
N ASN G 248 -11.36 10.82 67.98
CA ASN G 248 -10.93 9.52 67.46
C ASN G 248 -12.15 8.73 67.02
N PHE G 249 -12.67 9.01 65.83
CA PHE G 249 -13.83 8.33 65.27
C PHE G 249 -13.39 7.51 64.08
N ASN G 250 -13.91 6.29 63.97
CA ASN G 250 -13.46 5.32 62.97
C ASN G 250 -14.65 4.53 62.47
N ILE G 251 -14.56 4.12 61.22
CA ILE G 251 -15.57 3.30 60.60
C ILE G 251 -14.96 1.97 60.23
N ILE G 252 -15.70 0.89 60.45
CA ILE G 252 -15.28 -0.43 59.96
C ILE G 252 -16.31 -0.92 58.96
N ARG G 253 -15.83 -1.40 57.82
CA ARG G 253 -16.65 -1.93 56.74
C ARG G 253 -15.85 -2.99 56.00
N GLU G 254 -16.54 -3.74 55.16
CA GLU G 254 -15.91 -4.80 54.38
C GLU G 254 -15.23 -4.23 53.16
N GLU G 255 -14.17 -4.90 52.74
CA GLU G 255 -13.49 -4.50 51.53
C GLU G 255 -14.52 -4.51 50.40
N PHE G 256 -14.42 -3.53 49.51
CA PHE G 256 -15.45 -3.38 48.47
C PHE G 256 -15.45 -4.58 47.53
N VAL G 257 -14.26 -5.03 47.15
CA VAL G 257 -14.05 -6.19 46.31
C VAL G 257 -13.17 -7.17 47.07
N GLN G 258 -13.65 -8.40 47.22
CA GLN G 258 -12.96 -9.37 48.06
C GLN G 258 -13.38 -10.78 47.69
N ARG G 259 -12.50 -11.75 47.94
CA ARG G 259 -12.86 -13.16 47.78
C ARG G 259 -13.57 -13.69 49.03
N GLU G 260 -12.94 -13.52 50.19
CA GLU G 260 -13.50 -13.73 51.51
C GLU G 260 -13.70 -12.38 52.18
N LYS G 261 -14.36 -12.39 53.34
CA LYS G 261 -14.61 -11.13 54.02
C LYS G 261 -13.29 -10.58 54.56
N ASN G 262 -12.96 -9.35 54.14
CA ASN G 262 -11.85 -8.59 54.71
C ASN G 262 -12.40 -7.26 55.16
N PHE G 263 -12.03 -6.84 56.36
CA PHE G 263 -12.54 -5.58 56.88
C PHE G 263 -11.45 -4.51 56.86
N ILE G 264 -11.90 -3.25 56.75
CA ILE G 264 -11.01 -2.10 56.70
C ILE G 264 -11.52 -1.06 57.66
N PHE G 265 -10.61 -0.22 58.14
CA PHE G 265 -10.94 0.91 58.99
C PHE G 265 -10.78 2.16 58.17
N LEU G 266 -11.78 3.02 58.20
CA LEU G 266 -11.69 4.39 57.73
C LEU G 266 -11.37 5.23 58.96
N ARG G 267 -10.24 5.95 58.92
CA ARG G 267 -9.79 6.68 60.10
C ARG G 267 -10.10 8.15 59.95
N ILE G 268 -11.21 8.59 60.52
CA ILE G 268 -11.58 10.01 60.46
C ILE G 268 -10.42 10.91 60.90
N PRO G 269 -9.65 10.59 61.96
CA PRO G 269 -8.52 11.47 62.32
C PRO G 269 -7.55 11.69 61.18
N VAL G 270 -7.25 10.64 60.43
CA VAL G 270 -6.41 10.80 59.26
C VAL G 270 -7.13 11.61 58.20
N LEU G 271 -8.42 11.37 58.01
CA LEU G 271 -9.15 12.15 57.02
C LEU G 271 -9.13 13.64 57.37
N ARG G 272 -9.32 14.00 58.65
CA ARG G 272 -9.26 15.41 59.04
C ARG G 272 -7.92 16.04 58.66
N GLU G 273 -6.82 15.31 58.90
CA GLU G 273 -5.51 15.82 58.50
C GLU G 273 -5.46 16.18 57.02
N TYR G 274 -5.96 15.28 56.16
CA TYR G 274 -5.96 15.56 54.73
C TYR G 274 -6.82 16.78 54.42
N LEU G 275 -8.04 16.81 54.94
CA LEU G 275 -8.95 17.90 54.65
C LEU G 275 -8.46 19.22 55.20
N GLU G 276 -7.75 19.18 56.32
CA GLU G 276 -7.15 20.41 56.86
C GLU G 276 -6.29 21.06 55.80
N LYS G 277 -5.53 20.26 55.05
CA LYS G 277 -4.73 20.80 53.95
C LYS G 277 -5.58 21.16 52.75
N GLU G 278 -6.55 20.31 52.38
CA GLU G 278 -7.36 20.63 51.21
C GLU G 278 -8.08 21.96 51.41
N LEU G 279 -8.53 22.23 52.62
CA LEU G 279 -9.37 23.39 52.88
C LEU G 279 -8.59 24.56 53.44
N SER G 280 -7.27 24.47 53.48
CA SER G 280 -6.50 25.60 53.97
C SER G 280 -6.50 26.70 52.92
N MSE G 281 -6.53 27.94 53.39
CA MSE G 281 -6.73 29.08 52.53
C MSE G 281 -5.68 30.15 52.83
O MSE G 281 -5.74 30.80 53.88
CB MSE G 281 -8.14 29.65 52.68
CG MSE G 281 -9.25 28.89 51.96
SE MSE G 281 -11.04 29.51 52.48
CE MSE G 281 -11.25 28.57 54.20
N PRO G 282 -4.73 30.35 51.93
CA PRO G 282 -3.77 31.44 52.13
C PRO G 282 -4.47 32.80 52.16
N ASN G 283 -3.94 33.67 53.01
CA ASN G 283 -4.35 35.05 53.11
C ASN G 283 -5.82 35.20 53.48
N LEU G 284 -6.33 34.30 54.32
CA LEU G 284 -7.70 34.39 54.80
C LEU G 284 -7.85 35.59 55.74
N PRO G 285 -8.89 36.42 55.61
CA PRO G 285 -8.95 37.66 56.43
C PRO G 285 -9.23 37.42 57.92
N PHE G 286 -9.79 36.26 58.28
CA PHE G 286 -10.15 35.93 59.65
C PHE G 286 -9.47 34.63 60.07
N LYS G 287 -9.44 34.41 61.38
CA LYS G 287 -8.72 33.25 61.92
C LYS G 287 -9.31 31.96 61.36
N PHE G 288 -8.43 31.15 60.79
CA PHE G 288 -8.88 29.92 60.15
C PHE G 288 -9.23 28.87 61.22
N ASP G 289 -10.48 28.42 61.19
CA ASP G 289 -10.99 27.42 62.13
C ASP G 289 -11.13 26.13 61.35
N VAL G 290 -10.20 25.21 61.57
CA VAL G 290 -10.27 23.92 60.89
C VAL G 290 -11.62 23.27 61.15
N GLU G 291 -11.96 23.08 62.43
CA GLU G 291 -13.19 22.40 62.77
C GLU G 291 -14.42 23.09 62.17
N ARG G 292 -14.32 24.38 61.90
CA ARG G 292 -15.43 25.02 61.22
C ARG G 292 -15.37 24.82 59.72
N ALA G 293 -14.17 24.65 59.16
CA ALA G 293 -14.04 24.37 57.73
C ALA G 293 -14.48 22.96 57.41
N LEU G 294 -14.20 22.01 58.30
CA LEU G 294 -14.68 20.67 58.10
C LEU G 294 -16.20 20.63 58.03
N ASP G 295 -16.89 21.33 58.95
CA ASP G 295 -18.35 21.31 58.91
C ASP G 295 -18.85 21.77 57.57
N ASP G 296 -18.16 22.75 56.96
CA ASP G 296 -18.54 23.22 55.64
C ASP G 296 -18.28 22.15 54.59
N TRP G 297 -17.20 21.40 54.75
CA TRP G 297 -16.93 20.32 53.81
C TRP G 297 -18.05 19.27 53.88
N VAL G 298 -18.49 18.95 55.09
CA VAL G 298 -19.58 17.99 55.26
C VAL G 298 -20.82 18.43 54.49
N PHE G 299 -21.18 19.70 54.62
CA PHE G 299 -22.35 20.22 53.93
C PHE G 299 -22.18 20.14 52.42
N LEU G 300 -20.99 20.48 51.92
CA LEU G 300 -20.77 20.42 50.48
C LEU G 300 -20.91 19.00 49.99
N CYS G 301 -20.51 18.02 50.79
CA CYS G 301 -20.75 16.65 50.38
C CYS G 301 -22.24 16.38 50.26
N PHE G 302 -23.02 16.77 51.28
CA PHE G 302 -24.46 16.56 51.17
C PHE G 302 -25.04 17.30 49.97
N PHE G 303 -24.45 18.43 49.60
CA PHE G 303 -24.87 19.11 48.39
C PHE G 303 -24.73 18.19 47.17
N VAL G 304 -23.65 17.41 47.12
CA VAL G 304 -23.46 16.59 45.94
C VAL G 304 -24.45 15.45 45.92
N GLY G 305 -24.66 14.83 47.07
CA GLY G 305 -25.58 13.71 47.21
C GLY G 305 -26.00 13.41 48.64
N ASN G 306 -27.27 13.06 48.82
CA ASN G 306 -27.77 12.64 50.12
C ASN G 306 -29.09 11.91 49.90
N ASP G 307 -29.57 11.22 50.93
CA ASP G 307 -30.74 10.36 50.74
C ASP G 307 -32.01 11.13 50.43
N PHE G 308 -32.07 12.40 50.78
CA PHE G 308 -33.36 13.06 50.85
C PHE G 308 -33.65 13.98 49.69
N LEU G 309 -32.65 14.31 48.89
CA LEU G 309 -32.92 15.09 47.70
C LEU G 309 -32.32 14.39 46.51
N PRO G 310 -32.87 14.57 45.32
CA PRO G 310 -32.21 14.05 44.14
C PRO G 310 -30.98 14.89 43.85
N HIS G 311 -29.92 14.25 43.37
N HIS G 311 -29.93 14.23 43.37
CA HIS G 311 -28.69 14.99 43.14
CA HIS G 311 -28.70 14.92 43.01
C HIS G 311 -28.90 15.93 41.96
C HIS G 311 -29.01 16.01 42.00
N LEU G 312 -28.22 17.09 42.03
CA LEU G 312 -28.40 18.10 40.99
C LEU G 312 -27.80 17.58 39.68
N PRO G 313 -28.46 17.82 38.56
CA PRO G 313 -28.00 17.22 37.30
C PRO G 313 -26.56 17.51 36.93
N SER G 314 -25.97 18.57 37.45
CA SER G 314 -24.58 18.87 37.11
C SER G 314 -23.56 18.31 38.10
N LEU G 315 -23.97 17.64 39.18
CA LEU G 315 -23.05 17.18 40.22
C LEU G 315 -23.03 15.65 40.31
N GLU G 316 -21.99 15.07 39.72
CA GLU G 316 -21.69 13.65 39.83
C GLU G 316 -20.33 13.51 40.47
N ILE G 317 -20.22 12.63 41.48
CA ILE G 317 -18.92 12.44 42.13
C ILE G 317 -17.86 12.01 41.12
N ARG G 318 -18.18 11.04 40.24
CA ARG G 318 -17.29 10.59 39.16
C ARG G 318 -16.63 11.74 38.41
N GLU G 319 -17.26 12.92 38.39
CA GLU G 319 -16.72 14.06 37.65
C GLU G 319 -16.02 15.06 38.56
N GLY G 320 -15.64 14.65 39.76
CA GLY G 320 -15.01 15.56 40.71
C GLY G 320 -15.92 16.70 41.13
N ALA G 321 -17.19 16.39 41.34
CA ALA G 321 -18.12 17.44 41.72
C ALA G 321 -17.78 18.00 43.09
N ILE G 322 -17.23 17.17 43.98
CA ILE G 322 -16.81 17.69 45.27
C ILE G 322 -15.64 18.65 45.10
N ASP G 323 -14.63 18.23 44.33
CA ASP G 323 -13.51 19.10 44.00
C ASP G 323 -14.02 20.42 43.45
N ARG G 324 -15.03 20.35 42.58
CA ARG G 324 -15.55 21.55 41.93
C ARG G 324 -16.22 22.48 42.93
N LEU G 325 -17.01 21.90 43.85
CA LEU G 325 -17.65 22.72 44.87
C LEU G 325 -16.63 23.34 45.81
N ILE G 326 -15.63 22.56 46.24
CA ILE G 326 -14.62 23.09 47.15
C ILE G 326 -14.02 24.37 46.57
N LYS G 327 -13.59 24.31 45.31
CA LYS G 327 -13.10 25.51 44.64
C LYS G 327 -14.09 26.66 44.73
N LEU G 328 -15.38 26.41 44.49
CA LEU G 328 -16.31 27.52 44.59
C LEU G 328 -16.42 28.02 46.03
N TYR G 329 -16.43 27.10 46.98
CA TYR G 329 -16.53 27.49 48.37
C TYR G 329 -15.42 28.44 48.75
N LYS G 330 -14.19 28.09 48.41
CA LYS G 330 -13.08 28.97 48.76
C LYS G 330 -13.27 30.38 48.22
N GLU G 331 -13.80 30.49 47.00
CA GLU G 331 -14.09 31.82 46.46
C GLU G 331 -15.15 32.53 47.27
N MSE G 332 -16.14 31.81 47.79
CA MSE G 332 -17.17 32.48 48.55
C MSE G 332 -16.60 33.01 49.87
O MSE G 332 -16.95 34.11 50.32
CB MSE G 332 -18.36 31.56 48.81
CG MSE G 332 -19.36 32.11 49.80
SE MSE G 332 -18.83 31.83 51.66
CE MSE G 332 -19.13 29.92 51.83
N VAL G 333 -15.73 32.21 50.49
CA VAL G 333 -15.18 32.61 51.79
C VAL G 333 -14.34 33.86 51.66
N TYR G 334 -13.56 33.96 50.58
CA TYR G 334 -12.80 35.16 50.35
C TYR G 334 -13.71 36.34 50.07
N GLN G 335 -14.80 36.11 49.33
CA GLN G 335 -15.62 37.24 48.92
C GLN G 335 -16.50 37.71 50.07
N MSE G 336 -16.93 36.81 50.94
CA MSE G 336 -17.95 37.18 51.91
C MSE G 336 -17.50 37.01 53.34
O MSE G 336 -18.25 37.25 54.29
CB MSE G 336 -19.22 36.39 51.64
CG MSE G 336 -19.76 36.69 50.26
SE MSE G 336 -21.42 35.77 49.89
CE MSE G 336 -22.49 36.51 51.36
N LYS G 337 -16.25 36.60 53.52
CA LYS G 337 -15.60 36.76 54.80
C LYS G 337 -16.25 35.89 55.89
N GLY G 338 -16.77 34.73 55.55
CA GLY G 338 -17.35 33.87 56.59
C GLY G 338 -17.69 32.49 56.10
N TYR G 339 -17.95 31.61 57.07
CA TYR G 339 -18.14 30.21 56.77
C TYR G 339 -19.52 29.92 56.19
N LEU G 340 -19.63 28.78 55.51
CA LEU G 340 -20.87 28.44 54.81
C LEU G 340 -21.97 27.98 55.77
N THR G 341 -21.58 27.39 56.90
CA THR G 341 -22.55 26.89 57.89
C THR G 341 -22.07 27.28 59.27
N LYS G 342 -23.03 27.47 60.19
CA LYS G 342 -22.73 27.71 61.60
C LYS G 342 -23.51 26.69 62.42
N ASP G 343 -22.80 25.71 62.96
CA ASP G 343 -23.35 24.59 63.72
C ASP G 343 -24.67 24.09 63.15
N GLY G 344 -24.62 23.40 62.02
CA GLY G 344 -25.80 22.84 61.42
C GLY G 344 -26.75 23.84 60.77
N ILE G 345 -26.46 25.13 60.79
CA ILE G 345 -27.35 26.05 60.08
C ILE G 345 -26.63 26.73 58.93
N PRO G 346 -27.02 26.47 57.67
CA PRO G 346 -26.35 27.08 56.53
C PRO G 346 -26.77 28.50 56.33
N GLU G 347 -25.81 29.36 55.98
CA GLU G 347 -26.07 30.76 55.65
C GLU G 347 -26.51 30.85 54.20
N LEU G 348 -27.74 31.29 53.97
CA LEU G 348 -28.29 31.06 52.65
C LEU G 348 -27.79 32.04 51.60
N ASP G 349 -27.35 33.24 51.99
CA ASP G 349 -26.76 34.14 51.01
C ASP G 349 -25.47 33.57 50.48
N ARG G 350 -24.72 32.88 51.33
CA ARG G 350 -23.51 32.22 50.88
C ARG G 350 -23.82 30.96 50.04
N VAL G 351 -24.89 30.23 50.37
CA VAL G 351 -25.36 29.20 49.43
C VAL G 351 -25.66 29.83 48.09
N GLU G 352 -26.34 30.98 48.09
CA GLU G 352 -26.77 31.59 46.83
C GLU G 352 -25.60 31.89 45.92
N MSE G 353 -24.48 32.26 46.50
CA MSE G 353 -23.32 32.58 45.70
C MSE G 353 -22.75 31.31 45.14
O MSE G 353 -22.58 31.22 43.94
CB MSE G 353 -22.29 33.33 46.48
CG MSE G 353 -21.16 33.77 45.62
SE MSE G 353 -19.88 34.68 46.74
CE MSE G 353 -18.47 34.93 45.40
N ILE G 354 -22.47 30.32 46.01
CA ILE G 354 -21.94 29.06 45.51
C ILE G 354 -22.80 28.54 44.38
N MSE G 355 -24.10 28.70 44.50
CA MSE G 355 -24.98 28.21 43.47
C MSE G 355 -24.87 29.08 42.24
O MSE G 355 -24.79 28.55 41.14
CB MSE G 355 -26.41 28.14 43.97
CG MSE G 355 -26.61 27.06 45.01
SE MSE G 355 -26.60 25.25 44.28
CE MSE G 355 -24.70 24.81 44.21
N LYS G 356 -24.86 30.40 42.44
CA LYS G 356 -24.72 31.30 41.30
C LYS G 356 -23.50 30.92 40.48
N GLY G 357 -22.44 30.47 41.16
CA GLY G 357 -21.21 30.14 40.46
C GLY G 357 -21.30 28.86 39.68
N LEU G 358 -21.79 27.80 40.34
CA LEU G 358 -21.97 26.52 39.65
C LEU G 358 -22.90 26.66 38.45
N GLY G 359 -23.83 27.61 38.51
CA GLY G 359 -24.69 27.80 37.36
C GLY G 359 -23.93 28.40 36.19
N ARG G 360 -22.94 29.24 36.49
CA ARG G 360 -22.20 29.83 35.39
C ARG G 360 -21.29 28.79 34.69
N VAL G 361 -21.44 27.51 35.02
CA VAL G 361 -20.54 26.49 34.52
C VAL G 361 -21.30 25.21 34.19
N GLU G 362 -22.62 25.22 34.41
CA GLU G 362 -23.40 24.02 34.11
C GLU G 362 -23.37 23.70 32.64
N ASP G 363 -23.54 24.70 31.78
CA ASP G 363 -23.58 24.43 30.36
C ASP G 363 -22.31 23.71 29.92
N GLU G 364 -21.15 24.16 30.42
CA GLU G 364 -19.88 23.48 30.15
C GLU G 364 -19.86 22.05 30.68
N ILE G 365 -20.33 21.84 31.90
CA ILE G 365 -20.23 20.54 32.56
C ILE G 365 -20.97 19.47 31.76
N PHE G 366 -22.11 19.82 31.17
CA PHE G 366 -22.87 18.89 30.36
C PHE G 366 -22.16 18.56 29.06
N LYS G 367 -21.59 19.57 28.38
CA LYS G 367 -20.88 19.28 27.14
C LYS G 367 -19.65 18.42 27.39
N ARG G 368 -18.89 18.68 28.48
CA ARG G 368 -17.79 17.77 28.78
C ARG G 368 -18.31 16.35 29.01
N ARG G 369 -19.52 16.22 29.59
CA ARG G 369 -20.08 14.90 29.83
C ARG G 369 -20.52 14.18 28.56
N GLN G 370 -21.00 14.92 27.56
CA GLN G 370 -21.49 14.28 26.34
C GLN G 370 -20.34 13.77 25.48
N GLN G 371 -19.23 14.50 25.44
CA GLN G 371 -18.04 14.08 24.72
C GLN G 371 -17.31 12.95 25.43
N ASP G 372 -17.76 12.57 26.63
CA ASP G 372 -17.08 11.57 27.43
C ASP G 372 -17.49 10.15 27.03
N GLU G 373 -18.79 9.82 27.14
CA GLU G 373 -19.24 8.43 27.03
C GLU G 373 -18.97 7.81 25.66
N ASP G 382 -32.82 9.65 22.98
CA ASP G 382 -32.55 10.81 23.82
C ASP G 382 -33.38 12.03 23.43
N ASP G 383 -34.11 12.61 24.40
CA ASP G 383 -35.02 13.73 24.13
C ASP G 383 -34.67 15.02 24.86
N ILE G 384 -34.27 14.95 26.14
CA ILE G 384 -33.59 16.08 26.79
C ILE G 384 -32.15 16.09 26.33
N ARG G 385 -31.72 17.18 25.76
CA ARG G 385 -30.37 17.26 25.23
C ARG G 385 -29.68 18.29 26.09
N LEU G 386 -29.02 17.83 27.16
CA LEU G 386 -28.34 18.78 28.03
C LEU G 386 -27.10 19.37 27.37
N TYR G 387 -26.60 18.73 26.31
CA TYR G 387 -25.33 19.09 25.72
C TYR G 387 -25.42 20.14 24.61
N GLU G 388 -26.62 20.60 24.21
CA GLU G 388 -26.70 21.83 23.41
C GLU G 388 -27.98 22.59 23.78
N SER G 389 -28.17 23.72 23.11
CA SER G 389 -28.75 24.93 23.68
C SER G 389 -30.20 24.75 24.04
N GLY G 390 -30.64 25.53 25.02
CA GLY G 390 -32.03 25.49 25.38
C GLY G 390 -32.41 24.31 26.24
N TRP G 391 -31.43 23.62 26.82
CA TRP G 391 -31.76 22.40 27.54
C TRP G 391 -32.68 22.69 28.70
N LYS G 392 -32.51 23.82 29.37
CA LYS G 392 -33.28 24.08 30.58
C LYS G 392 -34.77 24.11 30.29
N ASP G 393 -35.17 24.65 29.14
CA ASP G 393 -36.59 24.69 28.84
C ASP G 393 -37.11 23.31 28.46
N ARG G 394 -36.30 22.53 27.74
CA ARG G 394 -36.67 21.15 27.48
C ARG G 394 -36.78 20.34 28.76
N TYR G 395 -35.77 20.45 29.63
CA TYR G 395 -35.80 19.67 30.88
C TYR G 395 -37.07 19.96 31.67
N TYR G 396 -37.41 21.23 31.87
CA TYR G 396 -38.58 21.53 32.69
C TYR G 396 -39.88 21.18 31.98
N ARG G 397 -39.92 21.23 30.64
CA ARG G 397 -41.11 20.79 29.93
C ARG G 397 -41.25 19.28 29.98
N ALA G 398 -40.12 18.56 29.98
CA ALA G 398 -40.16 17.11 30.03
C ALA G 398 -40.39 16.60 31.45
N LYS G 399 -39.59 17.05 32.40
CA LYS G 399 -39.63 16.42 33.72
C LYS G 399 -40.75 16.97 34.59
N PHE G 400 -41.12 18.24 34.43
CA PHE G 400 -42.19 18.83 35.23
C PHE G 400 -43.39 19.27 34.42
N ASP G 401 -43.27 19.34 33.10
CA ASP G 401 -44.32 19.85 32.22
C ASP G 401 -44.71 21.27 32.63
N VAL G 402 -43.72 22.16 32.52
CA VAL G 402 -43.88 23.60 32.70
C VAL G 402 -43.03 24.28 31.65
N GLY G 403 -43.39 25.51 31.31
CA GLY G 403 -42.82 26.08 30.11
C GLY G 403 -41.80 27.14 30.38
N SER G 404 -40.92 27.40 29.39
CA SER G 404 -40.11 28.62 29.28
C SER G 404 -40.64 29.77 30.16
N ASP G 405 -41.94 29.99 30.04
CA ASP G 405 -42.61 31.08 30.75
C ASP G 405 -42.47 30.94 32.26
N ASP G 406 -42.71 29.74 32.78
CA ASP G 406 -42.90 29.54 34.21
C ASP G 406 -41.55 29.52 34.91
N ILE G 407 -41.21 30.64 35.55
CA ILE G 407 -40.00 30.76 36.37
C ILE G 407 -40.33 30.65 37.86
N GLU G 408 -41.52 31.12 38.26
CA GLU G 408 -41.97 30.92 39.63
C GLU G 408 -41.88 29.45 40.02
N PHE G 409 -42.11 28.55 39.06
CA PHE G 409 -42.02 27.12 39.36
C PHE G 409 -40.57 26.69 39.55
N ARG G 410 -39.67 27.15 38.66
CA ARG G 410 -38.26 26.86 38.81
C ARG G 410 -37.75 27.32 40.17
N HIS G 411 -38.13 28.54 40.57
CA HIS G 411 -37.74 29.03 41.88
C HIS G 411 -38.47 28.31 43.01
N ARG G 412 -39.63 27.72 42.71
CA ARG G 412 -40.34 26.96 43.74
C ARG G 412 -39.57 25.69 44.11
N VAL G 413 -39.06 24.94 43.13
CA VAL G 413 -38.35 23.71 43.45
C VAL G 413 -37.00 24.03 44.12
N ALA G 414 -36.34 25.10 43.66
CA ALA G 414 -35.04 25.45 44.23
C ALA G 414 -35.17 25.78 45.71
N TRP G 415 -36.20 26.53 46.09
CA TRP G 415 -36.39 26.81 47.52
C TRP G 415 -36.71 25.54 48.28
N ALA G 416 -37.55 24.68 47.72
CA ALA G 416 -37.79 23.37 48.34
C ALA G 416 -36.49 22.61 48.51
N TYR G 417 -35.57 22.78 47.56
CA TYR G 417 -34.29 22.09 47.66
C TYR G 417 -33.41 22.69 48.76
N VAL G 418 -33.31 24.03 48.85
CA VAL G 418 -32.49 24.59 49.92
C VAL G 418 -33.11 24.27 51.26
N GLU G 419 -34.44 24.31 51.35
CA GLU G 419 -35.10 23.86 52.58
C GLU G 419 -34.64 22.46 52.93
N GLY G 420 -34.61 21.57 51.95
CA GLY G 420 -34.07 20.24 52.18
C GLY G 420 -32.65 20.30 52.72
N LEU G 421 -31.81 21.10 52.08
CA LEU G 421 -30.43 21.16 52.52
C LEU G 421 -30.33 21.63 53.96
N CYS G 422 -31.10 22.66 54.32
CA CYS G 422 -31.15 23.08 55.72
C CYS G 422 -31.62 21.94 56.60
N TRP G 423 -32.61 21.20 56.12
CA TRP G 423 -33.14 20.08 56.88
C TRP G 423 -32.07 18.99 57.06
N VAL G 424 -31.40 18.59 55.97
CA VAL G 424 -30.41 17.52 56.05
C VAL G 424 -29.33 17.88 57.04
N LEU G 425 -28.72 19.07 56.85
CA LEU G 425 -27.61 19.47 57.71
C LEU G 425 -28.04 19.50 59.15
N ARG G 426 -29.26 19.97 59.41
CA ARG G 426 -29.77 20.01 60.78
C ARG G 426 -29.95 18.61 61.34
N TYR G 427 -30.37 17.64 60.51
CA TYR G 427 -30.53 16.29 61.02
C TYR G 427 -29.26 15.80 61.69
N TYR G 428 -28.12 15.96 61.02
CA TYR G 428 -26.89 15.43 61.61
C TYR G 428 -26.44 16.27 62.78
N TYR G 429 -26.40 17.60 62.60
CA TYR G 429 -25.73 18.40 63.59
C TYR G 429 -26.58 18.71 64.82
N GLN G 430 -27.91 18.58 64.71
CA GLN G 430 -28.80 19.01 65.77
C GLN G 430 -29.99 18.09 65.98
N GLY G 431 -30.07 16.98 65.27
CA GLY G 431 -31.24 16.15 65.48
C GLY G 431 -32.37 16.56 64.55
N CYS G 432 -33.24 15.59 64.27
CA CYS G 432 -34.32 15.78 63.31
C CYS G 432 -35.07 17.09 63.54
N ALA G 433 -35.20 17.86 62.48
CA ALA G 433 -35.84 19.16 62.64
C ALA G 433 -37.33 19.10 62.34
N SER G 434 -37.78 18.10 61.60
CA SER G 434 -39.18 17.97 61.25
C SER G 434 -39.44 16.55 60.79
N TRP G 435 -40.36 15.88 61.46
CA TRP G 435 -40.73 14.56 61.01
C TRP G 435 -41.66 14.61 59.80
N ASP G 436 -42.19 15.76 59.44
CA ASP G 436 -43.16 15.83 58.35
C ASP G 436 -42.60 16.38 57.05
N TRP G 437 -41.49 17.11 57.10
CA TRP G 437 -40.96 17.73 55.90
C TRP G 437 -40.55 16.68 54.88
N TYR G 438 -40.80 16.97 53.60
CA TYR G 438 -40.25 16.18 52.51
C TYR G 438 -40.12 17.01 51.25
N PHE G 439 -39.24 16.58 50.34
CA PHE G 439 -39.07 17.26 49.06
C PHE G 439 -40.08 16.73 48.07
N PRO G 440 -41.02 17.55 47.57
CA PRO G 440 -42.15 17.02 46.81
C PRO G 440 -41.93 17.03 45.31
N TYR G 441 -40.75 16.64 44.85
CA TYR G 441 -40.55 16.58 43.41
C TYR G 441 -39.70 15.36 43.09
N HIS G 442 -39.83 14.88 41.85
CA HIS G 442 -39.09 13.68 41.45
C HIS G 442 -37.76 13.99 40.82
N TYR G 443 -37.54 15.23 40.42
CA TYR G 443 -36.30 15.62 39.78
C TYR G 443 -35.82 16.88 40.45
N ALA G 444 -34.54 17.16 40.29
CA ALA G 444 -33.90 18.29 40.93
C ALA G 444 -33.91 19.48 39.99
N PRO G 445 -33.75 20.68 40.52
CA PRO G 445 -33.55 21.86 39.67
C PRO G 445 -32.09 21.95 39.31
N PHE G 446 -31.74 22.99 38.56
CA PHE G 446 -30.34 23.29 38.26
C PHE G 446 -29.84 24.38 39.19
N ALA G 447 -28.53 24.42 39.37
CA ALA G 447 -27.93 25.42 40.24
C ALA G 447 -28.27 26.84 39.80
N SER G 448 -28.43 27.06 38.49
CA SER G 448 -28.79 28.40 38.06
C SER G 448 -30.16 28.82 38.55
N ASP G 449 -30.97 27.88 39.03
CA ASP G 449 -32.29 28.21 39.55
C ASP G 449 -32.26 28.66 41.00
N PHE G 450 -31.10 28.54 41.65
CA PHE G 450 -30.98 28.88 43.06
C PHE G 450 -30.69 30.33 43.30
N GLU G 451 -30.72 31.19 42.29
CA GLU G 451 -30.74 32.61 42.62
C GLU G 451 -31.93 32.86 43.54
N THR G 452 -31.88 33.98 44.26
CA THR G 452 -32.90 34.31 45.26
C THR G 452 -33.08 33.33 46.42
N VAL G 453 -32.39 32.18 46.46
CA VAL G 453 -32.55 31.34 47.64
C VAL G 453 -32.05 32.01 48.91
N GLY G 454 -31.29 33.10 48.79
CA GLY G 454 -30.83 33.81 49.98
C GLY G 454 -31.98 34.43 50.77
N GLU G 455 -33.06 34.77 50.09
CA GLU G 455 -34.22 35.38 50.73
C GLU G 455 -35.06 34.39 51.52
N PHE G 456 -34.92 33.09 51.25
CA PHE G 456 -35.68 32.08 51.96
C PHE G 456 -35.29 32.03 53.44
N GLN G 457 -36.29 31.89 54.31
CA GLN G 457 -36.04 31.86 55.75
C GLN G 457 -36.58 30.53 56.27
N PRO G 458 -35.73 29.65 56.80
CA PRO G 458 -36.20 28.30 57.16
C PRO G 458 -37.08 28.33 58.40
N ASP G 459 -38.08 27.46 58.42
CA ASP G 459 -39.06 27.43 59.50
C ASP G 459 -39.35 25.97 59.85
N PHE G 460 -38.57 25.43 60.80
CA PHE G 460 -38.77 24.08 61.30
C PHE G 460 -39.27 24.06 62.74
N THR G 461 -39.96 25.12 63.17
CA THR G 461 -40.44 25.21 64.54
C THR G 461 -41.77 24.50 64.75
N ARG G 462 -42.51 24.24 63.68
CA ARG G 462 -43.72 23.46 63.76
C ARG G 462 -43.42 22.14 64.47
N PRO G 463 -44.21 21.78 65.48
CA PRO G 463 -43.94 20.56 66.25
C PRO G 463 -44.33 19.31 65.48
N THR G 464 -43.46 18.30 65.49
CA THR G 464 -43.68 17.10 64.70
C THR G 464 -43.42 15.85 65.53
N LYS G 465 -44.11 14.76 65.17
CA LYS G 465 -44.03 13.45 65.80
C LYS G 465 -43.78 12.42 64.70
N PRO G 466 -43.06 11.36 65.02
CA PRO G 466 -42.85 10.27 64.05
C PRO G 466 -44.15 9.52 63.81
N PHE G 467 -44.25 8.91 62.64
CA PHE G 467 -45.38 8.04 62.39
C PHE G 467 -45.34 6.83 63.33
N ASN G 468 -46.48 6.22 63.53
CA ASN G 468 -46.50 4.95 64.21
C ASN G 468 -46.14 3.83 63.24
N PRO G 469 -45.46 2.79 63.73
CA PRO G 469 -44.88 1.78 62.83
C PRO G 469 -45.84 1.29 61.78
N LEU G 470 -47.07 0.94 62.14
CA LEU G 470 -47.98 0.43 61.14
C LEU G 470 -48.40 1.52 60.14
N GLU G 471 -48.52 2.77 60.58
CA GLU G 471 -48.84 3.85 59.65
C GLU G 471 -47.76 4.00 58.58
N GLN G 472 -46.48 3.89 58.97
CA GLN G 472 -45.43 4.02 57.96
C GLN G 472 -45.37 2.79 57.05
N LEU G 473 -45.62 1.59 57.61
CA LEU G 473 -45.73 0.40 56.76
C LEU G 473 -46.71 0.62 55.62
N MSE G 474 -47.88 1.16 55.93
CA MSE G 474 -48.80 1.60 54.89
C MSE G 474 -48.12 2.57 53.93
O MSE G 474 -48.28 2.49 52.72
CB MSE G 474 -50.05 2.24 55.51
CG MSE G 474 -50.87 1.27 56.37
SE MSE G 474 -51.69 -0.26 55.40
CE MSE G 474 -53.40 0.56 54.96
N SER G 475 -47.30 3.49 54.46
CA SER G 475 -46.82 4.53 53.57
C SER G 475 -45.59 4.11 52.80
N VAL G 476 -45.03 2.91 53.06
CA VAL G 476 -43.82 2.49 52.35
C VAL G 476 -44.00 1.10 51.76
N PHE G 477 -45.15 0.36 52.15
CA PHE G 477 -45.09 -0.93 51.47
C PHE G 477 -45.85 -0.89 50.16
N PRO G 478 -45.47 -1.72 49.21
CA PRO G 478 -46.32 -1.96 48.04
C PRO G 478 -47.37 -2.99 48.41
N ALA G 479 -48.39 -3.12 47.55
CA ALA G 479 -49.46 -4.06 47.87
C ALA G 479 -48.94 -5.48 47.91
N ALA G 480 -47.86 -5.75 47.18
CA ALA G 480 -47.24 -7.07 47.15
C ALA G 480 -46.75 -7.55 48.51
N SER G 481 -46.59 -6.67 49.50
CA SER G 481 -46.09 -7.07 50.81
C SER G 481 -47.14 -6.93 51.90
N LYS G 482 -48.41 -7.14 51.57
CA LYS G 482 -49.51 -6.94 52.51
C LYS G 482 -49.55 -7.98 53.63
N GLN G 483 -48.82 -9.09 53.52
CA GLN G 483 -48.80 -10.07 54.61
C GLN G 483 -48.53 -9.42 55.97
N HIS G 484 -47.57 -8.48 55.99
CA HIS G 484 -47.03 -7.91 57.21
C HIS G 484 -47.95 -6.94 57.92
N LEU G 485 -49.15 -6.74 57.41
CA LEU G 485 -50.10 -5.80 58.00
C LEU G 485 -51.31 -6.53 58.55
N PRO G 486 -52.07 -5.89 59.43
CA PRO G 486 -53.32 -6.48 59.91
C PRO G 486 -54.32 -6.74 58.79
N VAL G 487 -55.10 -7.83 58.93
CA VAL G 487 -55.95 -8.29 57.82
C VAL G 487 -56.95 -7.23 57.40
N GLU G 488 -57.50 -6.47 58.37
CA GLU G 488 -58.44 -5.42 57.99
C GLU G 488 -57.73 -4.25 57.31
N TRP G 489 -56.46 -4.00 57.64
CA TRP G 489 -55.72 -2.95 56.96
C TRP G 489 -55.27 -3.40 55.58
N GLN G 490 -54.99 -4.70 55.43
CA GLN G 490 -54.58 -5.22 54.13
C GLN G 490 -55.64 -4.92 53.07
N LYS G 491 -56.93 -5.04 53.43
CA LYS G 491 -58.03 -4.73 52.51
C LYS G 491 -57.80 -3.36 51.87
N LEU G 492 -57.39 -2.39 52.68
CA LEU G 492 -57.21 -1.03 52.20
C LEU G 492 -56.19 -0.94 51.09
N MSE G 493 -55.35 -1.96 50.88
CA MSE G 493 -54.28 -1.85 49.88
C MSE G 493 -54.63 -2.54 48.57
O MSE G 493 -53.94 -2.36 47.55
CB MSE G 493 -52.95 -2.42 50.42
CG MSE G 493 -52.49 -1.92 51.80
SE MSE G 493 -51.05 -2.98 52.62
CE MSE G 493 -49.61 -2.43 51.43
N ILE G 494 -55.68 -3.36 48.58
CA ILE G 494 -55.90 -4.33 47.53
C ILE G 494 -57.25 -4.14 46.83
N GLN G 495 -58.30 -3.76 47.57
CA GLN G 495 -59.62 -3.71 46.96
C GLN G 495 -59.90 -2.36 46.31
N ASP G 496 -60.71 -2.41 45.25
CA ASP G 496 -60.94 -1.28 44.36
C ASP G 496 -61.70 -0.16 45.05
N ASP G 497 -62.45 -0.50 46.11
CA ASP G 497 -63.28 0.47 46.82
C ASP G 497 -62.50 1.30 47.85
N SER G 498 -61.30 0.85 48.24
CA SER G 498 -60.59 1.51 49.35
C SER G 498 -60.21 2.93 48.99
N PRO G 499 -60.42 3.90 49.89
CA PRO G 499 -60.10 5.30 49.57
C PRO G 499 -58.62 5.67 49.66
N ILE G 500 -57.71 4.70 49.81
CA ILE G 500 -56.26 4.95 49.68
C ILE G 500 -55.68 3.96 48.68
N ILE G 501 -56.54 3.32 47.89
CA ILE G 501 -56.09 2.34 46.91
C ILE G 501 -55.15 2.96 45.89
N ASP G 502 -55.26 4.27 45.68
CA ASP G 502 -54.44 4.98 44.70
C ASP G 502 -52.97 4.99 45.09
N LEU G 503 -52.67 4.69 46.34
CA LEU G 503 -51.29 4.69 46.79
C LEU G 503 -50.53 3.42 46.42
N TYR G 504 -51.19 2.40 45.89
CA TYR G 504 -50.55 1.09 45.71
C TYR G 504 -50.72 0.65 44.26
N PRO G 505 -50.03 1.30 43.34
CA PRO G 505 -50.11 0.86 41.95
C PRO G 505 -49.41 -0.48 41.74
N ALA G 506 -50.02 -1.29 40.87
CA ALA G 506 -49.45 -2.59 40.54
C ALA G 506 -48.17 -2.46 39.71
N ASP G 507 -48.13 -1.49 38.81
CA ASP G 507 -46.91 -1.24 38.07
C ASP G 507 -46.75 0.26 37.93
N PHE G 508 -45.50 0.69 37.70
CA PHE G 508 -45.15 2.10 37.64
C PHE G 508 -43.98 2.24 36.69
N ARG G 509 -43.85 3.44 36.12
CA ARG G 509 -42.76 3.71 35.21
C ARG G 509 -41.50 4.11 35.98
N ILE G 510 -40.36 3.58 35.55
CA ILE G 510 -39.07 4.02 36.07
C ILE G 510 -38.38 4.81 34.98
N ASP G 511 -38.11 6.09 35.27
CA ASP G 511 -37.45 6.97 34.32
C ASP G 511 -35.94 6.80 34.44
N LEU G 512 -35.31 6.29 33.37
CA LEU G 512 -33.88 6.03 33.40
C LEU G 512 -33.09 7.31 33.62
N ASN G 513 -33.59 8.44 33.13
CA ASN G 513 -32.97 9.72 33.41
C ASN G 513 -31.54 9.77 32.89
N GLY G 514 -31.32 9.25 31.69
CA GLY G 514 -29.98 9.24 31.12
C GLY G 514 -29.08 8.12 31.60
N LYS G 515 -29.22 7.71 32.85
CA LYS G 515 -28.42 6.62 33.39
C LYS G 515 -28.67 5.32 32.62
N LYS G 516 -27.82 4.32 32.86
CA LYS G 516 -27.86 3.08 32.08
C LYS G 516 -28.89 2.09 32.60
N TYR G 517 -28.83 1.78 33.90
CA TYR G 517 -29.60 0.70 34.50
C TYR G 517 -30.85 1.23 35.18
N ALA G 518 -31.86 0.36 35.28
CA ALA G 518 -33.13 0.77 35.85
C ALA G 518 -33.00 1.15 37.32
N TRP G 519 -32.04 0.59 38.04
CA TRP G 519 -31.92 0.95 39.46
C TRP G 519 -31.30 2.32 39.67
N GLN G 520 -30.75 2.94 38.62
CA GLN G 520 -30.27 4.31 38.69
C GLN G 520 -31.33 5.34 38.33
N GLY G 521 -32.48 4.91 37.79
CA GLY G 521 -33.51 5.84 37.40
C GLY G 521 -34.43 6.18 38.54
N VAL G 522 -35.42 7.03 38.26
CA VAL G 522 -36.33 7.51 39.29
C VAL G 522 -37.61 6.70 39.21
N ALA G 523 -38.09 6.20 40.35
CA ALA G 523 -39.36 5.48 40.37
C ALA G 523 -40.49 6.50 40.43
N LEU G 524 -41.33 6.54 39.40
CA LEU G 524 -42.35 7.57 39.34
C LEU G 524 -43.54 7.10 40.17
N LEU G 525 -43.38 7.22 41.41
CA LEU G 525 -44.45 6.83 42.31
C LEU G 525 -45.17 8.04 42.85
N PRO G 526 -46.49 7.96 42.96
CA PRO G 526 -47.24 9.10 43.50
C PRO G 526 -46.95 9.24 44.99
N PHE G 527 -46.87 10.49 45.44
CA PHE G 527 -46.60 10.76 46.85
C PHE G 527 -47.79 10.41 47.73
N VAL G 528 -47.49 9.97 48.95
CA VAL G 528 -48.55 9.59 49.87
C VAL G 528 -49.15 10.84 50.49
N ASP G 529 -50.47 10.93 50.44
CA ASP G 529 -51.29 11.95 51.09
C ASP G 529 -51.37 11.57 52.56
N GLU G 530 -50.46 12.12 53.38
CA GLU G 530 -50.47 11.80 54.81
C GLU G 530 -51.86 11.99 55.41
N THR G 531 -52.44 13.18 55.26
CA THR G 531 -53.71 13.50 55.93
C THR G 531 -54.80 12.54 55.51
N ARG G 532 -54.89 12.21 54.21
CA ARG G 532 -55.91 11.26 53.78
C ARG G 532 -55.64 9.88 54.35
N LEU G 533 -54.37 9.47 54.42
CA LEU G 533 -54.05 8.14 54.92
C LEU G 533 -54.51 7.99 56.37
N LEU G 534 -54.11 8.92 57.23
CA LEU G 534 -54.45 8.82 58.64
C LEU G 534 -55.94 8.84 58.88
N ALA G 535 -56.67 9.66 58.10
CA ALA G 535 -58.12 9.66 58.21
C ALA G 535 -58.70 8.30 57.83
N THR G 536 -58.22 7.69 56.75
CA THR G 536 -58.72 6.39 56.33
C THR G 536 -58.44 5.32 57.39
N LEU G 537 -57.27 5.38 58.03
CA LEU G 537 -56.94 4.34 58.99
C LEU G 537 -57.81 4.38 60.23
N GLN G 538 -58.53 5.50 60.46
CA GLN G 538 -59.37 5.60 61.65
C GLN G 538 -60.43 4.52 61.66
N SER G 539 -60.95 4.16 60.48
CA SER G 539 -62.03 3.18 60.40
C SER G 539 -61.57 1.76 60.76
N VAL G 540 -60.30 1.44 60.64
CA VAL G 540 -59.81 0.10 60.91
C VAL G 540 -58.90 0.04 62.12
N TYR G 541 -58.61 1.18 62.75
CA TYR G 541 -57.71 1.16 63.90
C TYR G 541 -58.21 0.32 65.05
N PRO G 542 -59.49 0.31 65.42
CA PRO G 542 -59.91 -0.55 66.55
C PRO G 542 -59.87 -2.04 66.23
N THR G 543 -59.51 -2.42 65.02
CA THR G 543 -59.41 -3.84 64.65
C THR G 543 -58.06 -4.46 65.01
N LEU G 544 -57.14 -3.72 65.64
CA LEU G 544 -55.84 -4.29 65.95
C LEU G 544 -55.89 -5.32 67.07
N THR G 545 -55.21 -6.44 66.88
CA THR G 545 -55.03 -7.41 67.96
C THR G 545 -54.09 -6.86 69.02
N ALA G 546 -53.96 -7.59 70.12
CA ALA G 546 -53.05 -7.19 71.18
C ALA G 546 -51.65 -7.02 70.65
N GLU G 547 -51.12 -8.06 70.00
CA GLU G 547 -49.75 -8.00 69.47
C GLU G 547 -49.63 -6.86 68.48
N GLU G 548 -50.67 -6.63 67.67
CA GLU G 548 -50.57 -5.59 66.66
C GLU G 548 -50.43 -4.22 67.33
N LYS G 549 -51.24 -3.92 68.35
CA LYS G 549 -51.03 -2.70 69.12
C LYS G 549 -49.60 -2.61 69.66
N GLN G 550 -49.02 -3.75 70.04
CA GLN G 550 -47.68 -3.75 70.62
C GLN G 550 -46.64 -3.33 69.57
N ARG G 551 -46.72 -3.89 68.36
CA ARG G 551 -45.84 -3.48 67.28
C ARG G 551 -46.03 -2.01 66.93
N ASN G 552 -47.18 -1.42 67.24
CA ASN G 552 -47.48 -0.06 66.83
C ASN G 552 -47.15 0.99 67.88
N THR G 553 -46.40 0.64 68.93
CA THR G 553 -46.16 1.56 70.04
C THR G 553 -44.72 2.05 70.01
N ARG G 554 -44.53 3.33 70.30
CA ARG G 554 -43.18 3.86 70.48
C ARG G 554 -42.55 3.23 71.70
N GLY G 555 -41.45 2.53 71.49
CA GLY G 555 -40.81 1.79 72.56
C GLY G 555 -39.48 2.38 72.95
N PRO G 556 -38.84 1.75 73.91
CA PRO G 556 -37.68 2.39 74.53
C PRO G 556 -36.37 1.80 74.05
N ASN G 557 -35.28 2.47 74.41
CA ASN G 557 -33.96 1.90 74.31
C ASN G 557 -33.74 1.00 75.52
N ARG G 558 -32.82 0.06 75.39
CA ARG G 558 -32.47 -0.79 76.51
C ARG G 558 -30.97 -0.83 76.70
N ILE G 559 -30.55 -0.97 77.96
CA ILE G 559 -29.13 -1.05 78.29
C ILE G 559 -28.91 -2.24 79.23
N PHE G 560 -27.81 -2.96 79.02
CA PHE G 560 -27.48 -4.23 79.65
C PHE G 560 -26.08 -4.17 80.26
N ILE G 561 -25.92 -4.74 81.47
CA ILE G 561 -24.60 -4.95 82.03
C ILE G 561 -24.56 -6.28 82.76
N GLY G 562 -23.34 -6.82 82.90
CA GLY G 562 -23.14 -8.08 83.57
C GLY G 562 -22.88 -7.92 85.03
N ARG G 563 -22.89 -9.05 85.74
CA ARG G 563 -22.84 -9.00 87.19
C ARG G 563 -21.55 -8.40 87.71
N ASN G 564 -20.43 -8.49 86.96
CA ASN G 564 -19.16 -7.94 87.41
C ASN G 564 -19.08 -6.44 87.22
N HIS G 565 -19.98 -5.85 86.43
CA HIS G 565 -19.87 -4.45 86.03
C HIS G 565 -19.95 -3.53 87.23
N LYS G 566 -19.15 -2.46 87.22
CA LYS G 566 -19.12 -1.75 88.47
C LYS G 566 -20.41 -0.99 88.71
N SER G 567 -21.30 -0.94 87.73
CA SER G 567 -22.58 -0.27 87.83
C SER G 567 -23.73 -1.22 88.06
N PHE G 568 -23.45 -2.51 88.28
CA PHE G 568 -24.51 -3.52 88.37
C PHE G 568 -25.42 -3.27 89.56
N GLU G 569 -24.84 -3.16 90.75
CA GLU G 569 -25.61 -2.84 91.95
C GLU G 569 -26.54 -1.65 91.71
N PHE G 570 -26.06 -0.65 90.99
CA PHE G 570 -26.89 0.51 90.64
C PHE G 570 -28.07 0.10 89.76
N PHE G 571 -27.81 -0.62 88.67
CA PHE G 571 -28.91 -1.07 87.83
C PHE G 571 -29.88 -1.92 88.61
N GLN G 572 -29.37 -2.77 89.49
CA GLN G 572 -30.24 -3.71 90.18
C GLN G 572 -31.22 -2.98 91.07
N GLN G 573 -30.80 -1.89 91.71
CA GLN G 573 -31.74 -1.11 92.51
C GLN G 573 -32.88 -0.55 91.66
N VAL G 574 -32.56 -0.10 90.44
CA VAL G 574 -33.60 0.43 89.58
C VAL G 574 -34.53 -0.68 89.10
N ALA G 575 -33.98 -1.80 88.65
CA ALA G 575 -34.82 -2.89 88.13
C ALA G 575 -35.69 -3.48 89.23
N GLU G 576 -35.19 -3.50 90.47
CA GLU G 576 -35.96 -4.04 91.59
C GLU G 576 -36.98 -3.04 92.09
N SER G 577 -36.84 -1.76 91.75
CA SER G 577 -37.77 -0.71 92.18
C SER G 577 -39.19 -0.89 91.64
N LYS G 578 -39.34 -1.57 90.51
CA LYS G 578 -40.62 -1.75 89.82
C LYS G 578 -41.31 -0.41 89.57
N SER G 579 -40.53 0.67 89.51
CA SER G 579 -41.02 2.04 89.36
C SER G 579 -40.74 2.58 87.97
N ASP G 580 -41.57 3.52 87.54
CA ASP G 580 -41.41 4.17 86.25
C ASP G 580 -40.61 5.48 86.28
N ASP G 581 -40.18 5.93 87.46
CA ASP G 581 -39.36 7.14 87.53
C ASP G 581 -38.07 6.96 86.74
N LEU G 582 -37.70 7.97 85.97
CA LEU G 582 -36.44 7.88 85.24
C LEU G 582 -35.28 8.32 86.13
N VAL G 583 -34.38 7.39 86.42
CA VAL G 583 -33.27 7.63 87.34
C VAL G 583 -32.03 8.00 86.54
N PRO G 584 -31.39 9.12 86.84
CA PRO G 584 -30.17 9.48 86.12
C PRO G 584 -29.04 8.53 86.48
N LEU G 585 -28.32 8.10 85.45
CA LEU G 585 -27.16 7.25 85.69
C LEU G 585 -26.08 8.04 86.41
N ASP G 586 -25.27 7.29 87.17
CA ASP G 586 -24.02 7.79 87.75
C ASP G 586 -22.89 7.54 86.76
N PRO G 587 -22.39 8.56 86.07
CA PRO G 587 -21.37 8.31 85.05
C PRO G 587 -20.05 7.84 85.63
N THR G 588 -19.81 8.04 86.93
CA THR G 588 -18.65 7.44 87.58
C THR G 588 -18.56 5.92 87.39
N LEU G 589 -19.68 5.23 87.29
CA LEU G 589 -19.66 3.79 87.09
C LEU G 589 -19.67 3.39 85.61
N LEU G 590 -19.47 4.34 84.69
CA LEU G 590 -19.64 4.03 83.27
C LEU G 590 -18.62 4.71 82.36
N ASN G 591 -17.49 5.18 82.91
CA ASN G 591 -16.50 5.96 82.17
C ASN G 591 -17.17 7.14 81.47
N GLY G 592 -18.10 7.78 82.20
CA GLY G 592 -18.64 9.05 81.78
C GLY G 592 -19.90 8.98 80.96
N VAL G 593 -20.44 7.78 80.71
CA VAL G 593 -21.72 7.67 80.05
C VAL G 593 -22.77 8.25 80.98
N SER G 594 -23.52 9.22 80.48
CA SER G 594 -24.62 9.81 81.21
C SER G 594 -25.92 9.36 80.59
N GLY G 595 -26.99 9.57 81.32
CA GLY G 595 -28.30 9.23 80.80
C GLY G 595 -29.21 8.91 81.96
N LYS G 596 -30.37 8.37 81.60
CA LYS G 596 -31.33 7.96 82.60
C LYS G 596 -31.77 6.52 82.31
N ILE G 597 -32.06 5.77 83.38
CA ILE G 597 -32.56 4.39 83.28
C ILE G 597 -33.83 4.24 84.09
N ALA G 598 -34.58 3.18 83.80
CA ALA G 598 -35.81 2.86 84.52
C ALA G 598 -36.15 1.39 84.38
N TYR G 599 -36.97 0.91 85.32
CA TYR G 599 -37.39 -0.49 85.40
C TYR G 599 -38.01 -0.97 84.12
N ASP G 600 -37.58 -2.15 83.67
CA ASP G 600 -38.11 -2.78 82.47
C ASP G 600 -38.93 -3.98 82.90
N SER G 601 -40.25 -3.86 82.75
CA SER G 601 -41.12 -4.98 83.07
C SER G 601 -40.90 -6.18 82.15
N THR G 602 -40.38 -5.99 80.92
CA THR G 602 -40.18 -7.16 80.08
C THR G 602 -38.87 -7.86 80.36
N ALA G 603 -38.03 -7.33 81.25
CA ALA G 603 -36.67 -7.84 81.40
C ALA G 603 -36.62 -9.16 82.15
N THR G 604 -35.70 -10.01 81.70
CA THR G 604 -35.40 -11.26 82.36
C THR G 604 -34.41 -11.04 83.50
N ALA G 605 -34.78 -11.38 84.71
CA ALA G 605 -33.96 -10.95 85.83
C ALA G 605 -32.72 -11.80 85.97
N PRO G 606 -31.68 -11.27 86.60
CA PRO G 606 -30.52 -12.08 86.95
C PRO G 606 -30.94 -13.25 87.80
N GLY G 607 -30.26 -14.37 87.60
CA GLY G 607 -30.52 -15.60 88.32
C GLY G 607 -31.54 -16.54 87.71
N LEU G 608 -32.30 -16.09 86.72
CA LEU G 608 -33.26 -16.95 86.04
C LEU G 608 -32.72 -17.44 84.71
N PRO G 609 -33.24 -18.54 84.21
CA PRO G 609 -32.85 -18.98 82.87
C PRO G 609 -33.44 -18.08 81.81
N PHE G 610 -32.78 -18.07 80.67
CA PHE G 610 -33.21 -17.28 79.52
C PHE G 610 -33.27 -18.23 78.34
N VAL G 611 -34.45 -18.62 77.98
CA VAL G 611 -34.58 -19.63 76.95
C VAL G 611 -34.48 -18.97 75.59
N SER G 612 -33.74 -19.63 74.69
CA SER G 612 -33.45 -19.11 73.37
C SER G 612 -34.71 -19.16 72.52
N PRO G 613 -35.08 -18.06 71.88
CA PRO G 613 -36.13 -18.06 70.87
C PRO G 613 -35.64 -18.48 69.50
N VAL G 614 -34.40 -18.89 69.36
CA VAL G 614 -33.82 -19.17 68.07
C VAL G 614 -33.58 -20.66 68.02
N ASN G 615 -34.31 -21.36 67.17
CA ASN G 615 -34.19 -22.81 67.14
C ASN G 615 -32.98 -23.15 66.27
N HIS G 616 -31.81 -23.24 66.90
CA HIS G 616 -30.57 -23.45 66.19
C HIS G 616 -29.55 -24.04 67.16
N ASP G 617 -28.61 -24.83 66.61
CA ASP G 617 -27.64 -25.53 67.45
C ASP G 617 -26.72 -24.55 68.17
N GLU G 618 -26.40 -23.43 67.53
CA GLU G 618 -25.52 -22.44 68.12
C GLU G 618 -26.19 -21.59 69.20
N CYS G 619 -27.50 -21.62 69.33
CA CYS G 619 -28.22 -20.76 70.27
C CYS G 619 -28.89 -21.62 71.33
N GLN G 620 -28.10 -22.25 72.19
CA GLN G 620 -28.64 -23.01 73.29
C GLN G 620 -29.31 -22.08 74.29
N ASP G 621 -30.24 -22.64 75.08
CA ASP G 621 -30.83 -21.89 76.18
C ASP G 621 -29.73 -21.49 77.18
N LEU G 622 -29.93 -20.35 77.79
CA LEU G 622 -29.02 -19.81 78.78
C LEU G 622 -29.45 -20.37 80.14
N PRO G 623 -28.63 -21.20 80.79
CA PRO G 623 -29.08 -21.83 82.03
C PRO G 623 -29.32 -20.87 83.14
N THR G 624 -28.43 -19.90 83.32
CA THR G 624 -28.59 -18.90 84.37
C THR G 624 -28.14 -17.55 83.83
N ASN G 625 -29.08 -16.62 83.74
CA ASN G 625 -28.78 -15.30 83.22
C ASN G 625 -28.05 -14.50 84.29
N CYS G 626 -26.98 -13.82 83.88
CA CYS G 626 -26.23 -12.97 84.79
C CYS G 626 -26.23 -11.51 84.36
N GLY G 627 -26.95 -11.16 83.32
CA GLY G 627 -27.06 -9.78 82.86
C GLY G 627 -28.38 -9.18 83.28
N ILE G 628 -28.36 -7.89 83.56
CA ILE G 628 -29.55 -7.17 83.96
C ILE G 628 -29.91 -6.18 82.86
N CYS G 629 -31.20 -5.95 82.63
CA CYS G 629 -31.67 -5.09 81.54
C CYS G 629 -32.58 -4.00 82.08
N VAL G 630 -32.23 -2.76 81.84
CA VAL G 630 -33.11 -1.66 82.20
C VAL G 630 -33.32 -0.80 80.96
N LEU G 631 -34.35 0.03 81.02
CA LEU G 631 -34.59 1.01 79.97
C LEU G 631 -33.58 2.14 80.02
N TYR G 632 -33.23 2.68 78.86
CA TYR G 632 -32.24 3.74 78.76
C TYR G 632 -32.77 4.92 77.98
N GLU G 633 -32.34 6.11 78.42
CA GLU G 633 -32.71 7.36 77.77
C GLU G 633 -31.47 8.24 77.61
N ASP G 634 -31.23 8.70 76.37
CA ASP G 634 -30.13 9.64 76.14
C ASP G 634 -30.29 10.86 77.03
N PRO G 635 -29.18 11.47 77.46
CA PRO G 635 -29.27 12.71 78.23
C PRO G 635 -29.84 13.88 77.43
N GLU G 636 -30.37 14.86 78.16
CA GLU G 636 -31.11 15.96 77.52
C GLU G 636 -30.34 17.27 77.47
N LYS H 6 -68.69 25.18 48.63
CA LYS H 6 -69.14 24.70 47.32
C LYS H 6 -67.94 24.58 46.39
N LEU H 7 -67.98 25.30 45.27
CA LEU H 7 -66.90 25.25 44.30
C LEU H 7 -65.58 25.73 44.88
N GLU H 8 -65.62 26.62 45.87
CA GLU H 8 -64.40 27.13 46.50
C GLU H 8 -63.72 26.09 47.37
N ASP H 9 -64.46 25.08 47.83
CA ASP H 9 -63.85 23.92 48.46
C ASP H 9 -62.72 23.36 47.60
N VAL H 10 -62.97 23.20 46.30
CA VAL H 10 -62.01 22.56 45.40
C VAL H 10 -60.70 23.35 45.32
N GLU H 11 -60.77 24.68 45.35
CA GLU H 11 -59.54 25.48 45.22
C GLU H 11 -58.60 25.22 46.38
N ALA H 12 -59.12 24.89 47.56
CA ALA H 12 -58.25 24.63 48.69
C ALA H 12 -57.56 23.27 48.60
N GLU H 13 -57.84 22.47 47.56
CA GLU H 13 -57.21 21.15 47.46
C GLU H 13 -55.84 21.21 46.79
N LYS H 14 -55.50 22.34 46.15
CA LYS H 14 -54.21 22.47 45.48
C LYS H 14 -53.08 22.37 46.49
N LYS H 15 -52.04 21.65 46.10
CA LYS H 15 -50.79 21.65 46.84
C LYS H 15 -49.83 22.64 46.18
N LEU H 16 -48.96 23.25 47.00
CA LEU H 16 -48.03 24.27 46.49
C LEU H 16 -47.11 23.72 45.41
N TRP H 17 -46.86 22.40 45.42
CA TRP H 17 -45.90 21.76 44.53
C TRP H 17 -46.46 21.36 43.17
N GLU H 18 -47.78 21.36 43.00
CA GLU H 18 -48.40 20.89 41.76
C GLU H 18 -48.18 21.97 40.73
N SER H 19 -47.69 21.61 39.55
CA SER H 19 -47.55 22.65 38.54
C SER H 19 -48.92 23.19 38.15
N ASP H 20 -48.92 24.35 37.50
CA ASP H 20 -50.19 24.98 37.16
C ASP H 20 -50.98 24.10 36.19
N ASP H 21 -50.27 23.48 35.24
CA ASP H 21 -50.89 22.57 34.30
C ASP H 21 -51.45 21.34 35.01
N ALA H 22 -50.67 20.75 35.92
CA ALA H 22 -51.12 19.57 36.65
C ALA H 22 -52.26 19.88 37.61
N TRP H 23 -52.34 21.11 38.11
CA TRP H 23 -53.41 21.44 39.05
C TRP H 23 -54.75 21.55 38.36
N GLU H 24 -54.78 22.23 37.22
CA GLU H 24 -56.03 22.45 36.54
C GLU H 24 -56.64 21.13 36.07
N LEU H 25 -55.81 20.17 35.68
CA LEU H 25 -56.37 18.87 35.28
C LEU H 25 -57.00 18.16 36.48
N ARG H 26 -56.35 18.22 37.65
CA ARG H 26 -56.98 17.70 38.87
C ARG H 26 -58.20 18.52 39.26
N LYS H 27 -58.13 19.85 39.12
CA LYS H 27 -59.30 20.69 39.41
C LYS H 27 -60.50 20.28 38.58
N ALA H 28 -60.31 20.20 37.26
CA ALA H 28 -61.43 19.93 36.35
C ALA H 28 -62.00 18.55 36.61
N PHE H 29 -61.14 17.57 36.92
CA PHE H 29 -61.65 16.26 37.26
C PHE H 29 -62.42 16.30 38.56
N MSE H 30 -61.98 17.12 39.52
CA MSE H 30 -62.63 17.24 40.83
C MSE H 30 -63.96 17.98 40.76
O MSE H 30 -64.77 17.89 41.68
CB MSE H 30 -61.72 17.97 41.83
CG MSE H 30 -60.54 17.15 42.34
SE MSE H 30 -59.64 17.99 43.86
CE MSE H 30 -60.57 17.04 45.30
N LEU H 31 -64.16 18.74 39.68
CA LEU H 31 -65.44 19.43 39.50
C LEU H 31 -66.46 18.57 38.76
N ALA H 32 -66.01 17.73 37.82
CA ALA H 32 -66.93 16.91 37.02
C ALA H 32 -67.64 15.85 37.84
N HIS H 33 -67.13 15.51 39.04
CA HIS H 33 -67.71 14.46 39.86
C HIS H 33 -67.97 14.89 41.30
N TYR H 34 -67.80 16.19 41.61
CA TYR H 34 -68.01 16.69 42.97
C TYR H 34 -69.30 16.17 43.59
N ASP H 35 -70.39 16.23 42.84
CA ASP H 35 -71.73 15.84 43.29
C ASP H 35 -72.01 14.35 43.17
N ASP H 36 -70.97 13.51 43.06
CA ASP H 36 -71.18 12.07 42.91
C ASP H 36 -70.43 11.25 43.97
N TYR H 37 -69.53 11.86 44.73
CA TYR H 37 -68.71 11.13 45.68
C TYR H 37 -68.47 12.00 46.91
N PRO H 38 -68.36 11.38 48.09
CA PRO H 38 -68.02 12.16 49.29
C PRO H 38 -66.63 12.76 49.19
N LYS H 39 -66.35 13.70 50.09
CA LYS H 39 -65.12 14.47 50.08
C LYS H 39 -63.89 13.58 49.88
N ILE H 40 -63.69 12.58 50.75
CA ILE H 40 -62.46 11.78 50.76
C ILE H 40 -62.37 10.87 49.54
N GLN H 41 -63.50 10.37 49.06
CA GLN H 41 -63.50 9.51 47.88
C GLN H 41 -63.14 10.33 46.65
N LEU H 42 -63.60 11.57 46.60
CA LEU H 42 -63.24 12.45 45.50
C LEU H 42 -61.75 12.68 45.49
N GLN H 43 -61.16 12.92 46.65
CA GLN H 43 -59.72 13.05 46.75
C GLN H 43 -59.01 11.86 46.11
N CYS H 44 -59.46 10.64 46.41
CA CYS H 44 -58.79 9.44 45.90
C CYS H 44 -58.87 9.34 44.38
N LEU H 45 -60.07 9.39 43.82
CA LEU H 45 -60.20 9.20 42.38
C LEU H 45 -59.47 10.27 41.57
N SER H 46 -59.43 11.50 42.06
CA SER H 46 -58.75 12.59 41.34
C SER H 46 -57.23 12.43 41.38
N GLN H 47 -56.68 12.04 42.53
CA GLN H 47 -55.26 11.70 42.58
C GLN H 47 -55.00 10.48 41.72
N LEU H 48 -55.95 9.55 41.72
CA LEU H 48 -55.88 8.34 40.89
C LEU H 48 -55.82 8.70 39.41
N PHE H 49 -56.66 9.63 38.98
CA PHE H 49 -56.73 10.01 37.58
C PHE H 49 -55.39 10.53 37.09
N ILE H 50 -54.79 11.49 37.80
CA ILE H 50 -53.53 12.03 37.33
C ILE H 50 -52.38 11.05 37.56
N ASN H 51 -52.54 10.09 38.46
CA ASN H 51 -51.50 9.07 38.60
C ASN H 51 -51.45 8.18 37.36
N VAL H 52 -52.59 7.97 36.70
CA VAL H 52 -52.63 7.12 35.50
C VAL H 52 -52.21 7.91 34.26
N THR H 53 -52.79 9.08 34.05
CA THR H 53 -52.56 9.86 32.83
C THR H 53 -51.20 10.56 32.82
N LEU H 54 -50.76 11.10 33.96
CA LEU H 54 -49.52 11.86 33.98
C LEU H 54 -48.31 11.00 34.32
N LEU H 55 -48.40 10.22 35.41
CA LEU H 55 -47.29 9.45 35.93
C LEU H 55 -47.10 8.10 35.28
N GLY H 56 -48.13 7.56 34.64
CA GLY H 56 -48.01 6.29 33.96
C GLY H 56 -48.17 5.07 34.83
N CYS H 57 -48.94 5.17 35.91
CA CYS H 57 -49.11 4.03 36.79
C CYS H 57 -50.19 3.11 36.26
N GLU H 58 -50.05 1.83 36.58
CA GLU H 58 -51.07 0.82 36.29
C GLU H 58 -51.69 0.32 37.59
N TYR H 59 -53.01 0.21 37.57
CA TYR H 59 -53.74 -0.35 38.70
C TYR H 59 -54.53 -1.57 38.22
N SER H 60 -55.48 -2.04 39.01
CA SER H 60 -56.25 -3.23 38.64
C SER H 60 -57.01 -3.01 37.33
N GLN H 61 -57.22 -4.11 36.60
CA GLN H 61 -58.02 -4.18 35.37
C GLN H 61 -59.27 -3.33 35.49
N THR H 62 -59.94 -3.45 36.64
CA THR H 62 -61.22 -2.78 36.87
C THR H 62 -61.07 -1.26 36.91
N LEU H 63 -60.10 -0.77 37.69
CA LEU H 63 -59.97 0.67 37.87
C LEU H 63 -59.51 1.38 36.60
N MSE H 64 -58.85 0.65 35.70
CA MSE H 64 -58.35 1.24 34.46
C MSE H 64 -59.49 1.65 33.57
O MSE H 64 -59.45 2.70 32.92
CB MSE H 64 -57.43 0.25 33.73
CG MSE H 64 -56.15 -0.09 34.51
SE MSE H 64 -54.91 1.40 34.71
CE MSE H 64 -53.56 0.82 33.43
N GLN H 65 -60.54 0.83 33.55
CA GLN H 65 -61.75 1.20 32.83
C GLN H 65 -62.50 2.29 33.57
N LYS H 66 -62.69 2.13 34.89
CA LYS H 66 -63.38 3.16 35.67
C LYS H 66 -62.69 4.51 35.52
N ILE H 67 -61.36 4.53 35.63
CA ILE H 67 -60.66 5.79 35.49
C ILE H 67 -60.66 6.25 34.04
N ARG H 68 -60.64 5.31 33.09
CA ARG H 68 -60.82 5.67 31.68
C ARG H 68 -62.15 6.39 31.46
N THR H 69 -63.25 5.81 31.97
CA THR H 69 -64.58 6.39 31.81
C THR H 69 -64.62 7.81 32.37
N MSE H 70 -64.29 7.96 33.65
CA MSE H 70 -64.45 9.23 34.34
C MSE H 70 -63.56 10.30 33.76
O MSE H 70 -63.85 11.49 33.85
CB MSE H 70 -64.17 9.06 35.83
CG MSE H 70 -65.02 7.99 36.50
SE MSE H 70 -64.65 7.74 38.40
CE MSE H 70 -65.23 9.48 39.06
N GLY H 71 -62.46 9.86 33.13
CA GLY H 71 -61.48 10.74 32.56
C GLY H 71 -61.82 11.27 31.19
N ALA H 72 -62.82 10.68 30.54
CA ALA H 72 -63.18 11.08 29.18
C ALA H 72 -63.57 12.56 29.14
N GLY H 73 -62.88 13.31 28.29
CA GLY H 73 -63.20 14.71 28.07
C GLY H 73 -62.47 15.68 28.97
N ILE H 74 -61.67 15.21 29.91
CA ILE H 74 -60.97 16.13 30.80
C ILE H 74 -59.58 16.44 30.24
N PRO I 4 20.81 -48.34 -16.38
CA PRO I 4 21.23 -49.71 -16.05
C PRO I 4 20.24 -50.40 -15.09
N ALA I 5 18.95 -50.35 -15.41
CA ALA I 5 17.90 -50.46 -14.39
C ALA I 5 18.06 -51.71 -13.50
N PHE I 6 18.03 -52.89 -14.12
CA PHE I 6 18.16 -54.14 -13.38
C PHE I 6 19.61 -54.39 -12.96
N PHE I 7 20.57 -54.10 -13.84
CA PHE I 7 21.97 -54.28 -13.49
C PHE I 7 22.40 -53.35 -12.36
N ARG I 8 21.84 -52.14 -12.30
CA ARG I 8 22.09 -51.24 -11.17
C ARG I 8 21.75 -51.93 -9.85
N TRP I 9 20.62 -52.63 -9.81
CA TRP I 9 20.18 -53.25 -8.56
C TRP I 9 21.10 -54.41 -8.15
N LEU I 10 21.39 -55.31 -9.11
CA LEU I 10 22.20 -56.50 -8.84
C LEU I 10 23.61 -56.15 -8.42
N THR I 11 24.24 -55.23 -9.16
CA THR I 11 25.61 -54.81 -8.89
C THR I 11 25.76 -54.23 -7.48
N LYS I 12 24.84 -53.34 -7.09
CA LYS I 12 24.87 -52.75 -5.75
C LYS I 12 24.59 -53.79 -4.67
N LYS I 13 23.68 -54.73 -4.93
CA LYS I 13 23.24 -55.63 -3.88
C LYS I 13 24.22 -56.78 -3.65
N TYR I 14 24.79 -57.32 -4.72
CA TYR I 14 25.66 -58.50 -4.68
C TYR I 14 26.96 -58.16 -5.41
N PRO I 15 27.82 -57.35 -4.82
CA PRO I 15 28.89 -56.72 -5.62
C PRO I 15 29.90 -57.71 -6.16
N ALA I 16 30.19 -58.79 -5.42
CA ALA I 16 31.18 -59.79 -5.84
C ALA I 16 30.80 -60.52 -7.12
N THR I 17 29.57 -60.42 -7.61
CA THR I 17 29.27 -61.11 -8.85
C THR I 17 29.90 -60.43 -10.05
N VAL I 18 30.44 -59.22 -9.89
CA VAL I 18 31.07 -58.49 -10.99
C VAL I 18 32.59 -58.53 -10.86
N VAL I 19 33.27 -58.91 -11.94
CA VAL I 19 34.73 -59.03 -11.98
C VAL I 19 35.26 -58.48 -13.30
N ASN I 20 36.22 -57.55 -13.24
CA ASN I 20 36.72 -56.94 -14.46
C ASN I 20 37.53 -57.93 -15.29
N ALA I 21 37.46 -57.75 -16.60
CA ALA I 21 38.22 -58.58 -17.51
C ALA I 21 39.62 -58.04 -17.64
N ASN I 22 40.58 -58.95 -17.68
CA ASN I 22 41.96 -58.61 -17.98
C ASN I 22 42.11 -58.75 -19.47
N GLU I 23 42.74 -57.78 -20.09
CA GLU I 23 42.78 -57.79 -21.53
C GLU I 23 44.13 -57.26 -21.97
N ASP I 24 44.61 -57.85 -23.06
CA ASP I 24 45.92 -57.53 -23.62
C ASP I 24 45.80 -56.31 -24.51
N ARG I 25 46.42 -55.21 -24.09
CA ARG I 25 46.55 -54.02 -24.90
C ARG I 25 48.02 -53.90 -25.35
N PRO I 35 48.74 -57.63 -30.91
CA PRO I 35 49.51 -58.88 -31.07
C PRO I 35 49.23 -59.92 -29.96
N VAL I 36 48.08 -60.59 -29.99
CA VAL I 36 47.61 -61.40 -28.86
C VAL I 36 47.58 -62.87 -29.24
N ASP I 37 48.27 -63.70 -28.46
CA ASP I 37 48.35 -65.14 -28.75
C ASP I 37 47.38 -65.94 -27.86
N CYS I 38 46.19 -66.29 -28.40
CA CYS I 38 45.13 -66.85 -27.55
C CYS I 38 45.36 -68.29 -27.10
N THR I 39 46.44 -68.91 -27.54
CA THR I 39 46.77 -70.21 -27.02
C THR I 39 47.31 -70.16 -25.60
N GLN I 40 47.77 -69.01 -25.16
CA GLN I 40 48.40 -68.91 -23.86
C GLN I 40 47.34 -68.90 -22.75
N PRO I 41 47.68 -69.32 -21.53
CA PRO I 41 46.66 -69.40 -20.47
C PRO I 41 45.92 -68.07 -20.33
N ASN I 42 44.65 -68.16 -20.02
CA ASN I 42 43.78 -66.99 -20.01
C ASN I 42 44.17 -66.09 -18.86
N PRO I 43 44.49 -64.83 -19.11
CA PRO I 43 44.84 -63.93 -18.02
C PRO I 43 43.67 -63.59 -17.11
N ASN I 44 42.50 -64.16 -17.34
CA ASN I 44 41.34 -63.85 -16.51
C ASN I 44 41.26 -64.83 -15.34
N PHE I 45 40.22 -64.66 -14.52
CA PHE I 45 40.18 -65.37 -13.24
C PHE I 45 40.06 -66.88 -13.39
N GLN I 46 39.77 -67.38 -14.58
CA GLN I 46 39.68 -68.80 -14.85
C GLN I 46 39.68 -68.96 -16.36
N GLU I 47 39.77 -70.22 -16.81
CA GLU I 47 39.66 -70.52 -18.24
C GLU I 47 38.20 -70.83 -18.57
N PHE I 48 37.86 -70.68 -19.85
CA PHE I 48 36.49 -70.85 -20.32
C PHE I 48 36.44 -71.94 -21.40
N ASP I 49 35.38 -72.75 -21.38
CA ASP I 49 35.23 -73.77 -22.41
C ASP I 49 34.31 -73.30 -23.54
N ASN I 50 33.14 -72.79 -23.19
CA ASN I 50 32.12 -72.43 -24.18
C ASN I 50 31.90 -70.92 -24.22
N LEU I 51 31.94 -70.34 -25.42
CA LEU I 51 31.57 -68.95 -25.57
C LEU I 51 30.34 -68.87 -26.48
N TYR I 52 29.24 -68.31 -25.97
CA TYR I 52 28.02 -68.10 -26.75
C TYR I 52 27.89 -66.61 -27.07
N LEU I 53 27.67 -66.29 -28.35
CA LEU I 53 27.51 -64.90 -28.76
C LEU I 53 26.08 -64.62 -29.21
N ASP I 54 25.42 -63.70 -28.50
CA ASP I 54 24.14 -63.18 -28.95
C ASP I 54 24.39 -62.11 -30.00
N MSE I 55 24.40 -62.52 -31.26
CA MSE I 55 24.74 -61.63 -32.35
C MSE I 55 24.01 -60.31 -32.39
O MSE I 55 24.57 -59.34 -32.87
CB MSE I 55 24.55 -62.32 -33.68
CG MSE I 55 25.57 -63.43 -33.88
SE MSE I 55 27.42 -62.81 -33.65
CE MSE I 55 27.39 -61.76 -35.29
N ASN I 56 22.79 -60.22 -31.86
CA ASN I 56 22.09 -58.95 -31.94
C ASN I 56 22.74 -57.91 -31.02
N GLY I 57 23.24 -58.35 -29.86
CA GLY I 57 23.95 -57.43 -28.98
C GLY I 57 25.27 -56.96 -29.54
N ILE I 58 25.83 -57.70 -30.49
CA ILE I 58 27.04 -57.28 -31.19
C ILE I 58 26.75 -56.51 -32.48
N ILE I 59 25.72 -56.89 -33.24
CA ILE I 59 25.48 -56.22 -34.52
C ILE I 59 25.08 -54.76 -34.29
N HIS I 60 24.15 -54.51 -33.36
CA HIS I 60 23.63 -53.14 -33.18
C HIS I 60 24.75 -52.13 -32.92
N PRO I 61 25.66 -52.33 -31.95
CA PRO I 61 26.79 -51.38 -31.82
C PRO I 61 27.61 -51.22 -33.09
N CYS I 62 27.82 -52.30 -33.85
CA CYS I 62 28.74 -52.24 -34.98
C CYS I 62 28.16 -51.60 -36.23
N THR I 63 26.84 -51.53 -36.39
CA THR I 63 26.29 -50.97 -37.61
C THR I 63 25.67 -49.59 -37.46
N HIS I 64 24.97 -49.29 -36.37
CA HIS I 64 24.48 -47.93 -36.13
C HIS I 64 24.87 -47.50 -34.72
N PRO I 65 26.18 -47.41 -34.46
CA PRO I 65 26.61 -46.90 -33.16
C PRO I 65 26.08 -45.49 -32.99
N GLU I 66 25.57 -45.20 -31.79
CA GLU I 66 25.09 -43.86 -31.45
C GLU I 66 26.16 -42.97 -30.83
N ASP I 67 27.36 -43.50 -30.54
CA ASP I 67 28.41 -42.74 -29.88
C ASP I 67 29.59 -42.43 -30.79
N ARG I 68 29.84 -43.25 -31.80
CA ARG I 68 30.91 -43.09 -32.78
C ARG I 68 30.33 -42.77 -34.14
N PRO I 69 31.15 -42.46 -35.14
CA PRO I 69 30.62 -42.30 -36.50
C PRO I 69 30.28 -43.65 -37.13
N ALA I 70 29.13 -43.71 -37.80
CA ALA I 70 28.65 -44.96 -38.35
C ALA I 70 29.59 -45.45 -39.46
N PRO I 71 29.65 -46.76 -39.69
CA PRO I 71 30.52 -47.28 -40.75
C PRO I 71 30.03 -46.84 -42.12
N LYS I 72 30.99 -46.69 -43.04
CA LYS I 72 30.67 -46.20 -44.38
C LYS I 72 29.66 -47.11 -45.10
N ASN I 73 29.97 -48.40 -45.22
CA ASN I 73 29.16 -49.30 -46.02
C ASN I 73 29.02 -50.62 -45.29
N GLU I 74 28.31 -51.56 -45.93
CA GLU I 74 28.09 -52.86 -45.29
C GLU I 74 29.40 -53.60 -45.09
N ASP I 75 30.30 -53.50 -46.08
CA ASP I 75 31.57 -54.17 -45.96
C ASP I 75 32.30 -53.70 -44.72
N GLU I 76 32.21 -52.40 -44.43
CA GLU I 76 32.79 -51.88 -43.21
C GLU I 76 32.09 -52.46 -41.98
N MSE I 77 30.78 -52.68 -42.05
CA MSE I 77 30.11 -53.16 -40.87
C MSE I 77 30.53 -54.58 -40.62
O MSE I 77 30.88 -54.97 -39.51
CB MSE I 77 28.59 -53.07 -40.99
CG MSE I 77 28.08 -51.64 -40.99
SE MSE I 77 26.30 -51.46 -41.78
CE MSE I 77 26.25 -49.52 -42.04
N PHE I 78 30.52 -55.38 -41.68
CA PHE I 78 30.91 -56.77 -41.52
C PHE I 78 32.34 -56.90 -41.00
N ALA I 79 33.26 -56.07 -41.50
CA ALA I 79 34.61 -56.13 -40.99
C ALA I 79 34.67 -55.77 -39.50
N LEU I 80 33.87 -54.79 -39.08
CA LEU I 80 33.78 -54.42 -37.66
C LEU I 80 33.20 -55.55 -36.83
N ILE I 81 32.12 -56.18 -37.29
CA ILE I 81 31.57 -57.30 -36.54
C ILE I 81 32.63 -58.36 -36.35
N PHE I 82 33.38 -58.66 -37.44
CA PHE I 82 34.51 -59.59 -37.34
C PHE I 82 35.48 -59.15 -36.26
N GLU I 83 35.85 -57.88 -36.30
CA GLU I 83 36.80 -57.38 -35.32
C GLU I 83 36.29 -57.61 -33.91
N TYR I 84 35.01 -57.39 -33.68
CA TYR I 84 34.48 -57.51 -32.33
C TYR I 84 34.41 -58.98 -31.88
N ILE I 85 34.06 -59.90 -32.78
CA ILE I 85 34.08 -61.30 -32.38
C ILE I 85 35.48 -61.69 -31.97
N ASP I 86 36.47 -61.35 -32.80
CA ASP I 86 37.87 -61.55 -32.45
C ASP I 86 38.16 -61.03 -31.05
N ARG I 87 37.66 -59.84 -30.74
CA ARG I 87 38.01 -59.21 -29.46
C ARG I 87 37.43 -59.98 -28.29
N ILE I 88 36.11 -60.24 -28.32
CA ILE I 88 35.48 -61.05 -27.26
C ILE I 88 36.17 -62.39 -27.18
N TYR I 89 36.42 -63.00 -28.34
CA TYR I 89 37.11 -64.28 -28.36
C TYR I 89 38.49 -64.17 -27.67
N SER I 90 39.23 -63.09 -27.92
CA SER I 90 40.56 -62.99 -27.34
C SER I 90 40.53 -62.79 -25.83
N ILE I 91 39.41 -62.28 -25.29
CA ILE I 91 39.25 -62.17 -23.84
C ILE I 91 38.85 -63.51 -23.25
N VAL I 92 37.83 -64.15 -23.82
CA VAL I 92 37.29 -65.37 -23.21
C VAL I 92 38.13 -66.61 -23.51
N ARG I 93 38.72 -66.67 -24.69
CA ARG I 93 39.53 -67.82 -25.10
C ARG I 93 38.81 -69.14 -24.82
N PRO I 94 37.68 -69.36 -25.47
CA PRO I 94 36.95 -70.61 -25.26
C PRO I 94 37.81 -71.77 -25.73
N ARG I 95 37.96 -72.77 -24.87
CA ARG I 95 38.78 -73.88 -25.27
C ARG I 95 38.01 -74.94 -26.03
N ARG I 96 36.69 -74.85 -26.06
CA ARG I 96 35.91 -75.94 -26.63
C ARG I 96 34.96 -75.51 -27.73
N LEU I 97 34.09 -74.55 -27.46
CA LEU I 97 33.00 -74.25 -28.38
C LEU I 97 32.84 -72.76 -28.52
N LEU I 98 32.50 -72.33 -29.72
CA LEU I 98 32.09 -70.96 -29.99
C LEU I 98 30.75 -71.02 -30.70
N TYR I 99 29.71 -70.46 -30.07
CA TYR I 99 28.33 -70.54 -30.57
C TYR I 99 27.90 -69.15 -30.98
N MSE I 100 27.67 -68.99 -32.27
CA MSE I 100 27.17 -67.75 -32.82
C MSE I 100 25.73 -67.93 -33.18
O MSE I 100 25.39 -68.75 -34.03
CB MSE I 100 27.98 -67.33 -34.01
CG MSE I 100 29.41 -67.01 -33.59
SE MSE I 100 30.58 -66.78 -35.11
CE MSE I 100 29.62 -65.35 -35.99
N ALA I 101 24.88 -67.16 -32.51
CA ALA I 101 23.44 -67.24 -32.63
C ALA I 101 22.92 -65.88 -33.10
N ILE I 102 22.36 -65.83 -34.30
CA ILE I 102 21.63 -64.66 -34.80
C ILE I 102 20.14 -64.85 -34.58
N ASP I 103 19.44 -63.77 -34.24
CA ASP I 103 18.01 -63.85 -33.99
C ASP I 103 17.26 -64.39 -35.20
N GLY I 104 16.53 -65.50 -34.99
CA GLY I 104 15.58 -66.01 -35.97
C GLY I 104 14.18 -65.48 -35.70
N VAL I 105 13.20 -66.06 -36.38
CA VAL I 105 11.83 -65.59 -36.27
C VAL I 105 11.33 -65.83 -34.86
N ALA I 106 10.80 -64.81 -34.22
CA ALA I 106 10.42 -64.95 -32.82
C ALA I 106 8.96 -65.42 -32.68
N PRO I 107 8.59 -65.93 -31.51
CA PRO I 107 7.17 -66.24 -31.26
C PRO I 107 6.32 -64.99 -31.37
N ARG I 108 5.00 -65.20 -31.34
CA ARG I 108 4.10 -64.06 -31.46
C ARG I 108 4.25 -63.11 -30.28
N ALA I 109 4.51 -63.66 -29.10
CA ALA I 109 4.66 -62.81 -27.91
C ALA I 109 5.77 -61.78 -28.08
N LYS I 110 6.92 -62.19 -28.61
CA LYS I 110 8.03 -61.25 -28.78
C LYS I 110 7.76 -60.30 -29.93
N MSE I 111 7.15 -60.81 -31.00
CA MSE I 111 6.94 -60.05 -32.21
C MSE I 111 6.18 -58.76 -31.96
O MSE I 111 6.54 -57.73 -32.50
CB MSE I 111 6.21 -60.89 -33.25
CG MSE I 111 7.04 -61.98 -33.88
SE MSE I 111 6.19 -62.58 -35.52
CE MSE I 111 4.91 -63.88 -34.85
N ASN I 112 5.11 -58.82 -31.14
CA ASN I 112 4.45 -57.58 -30.77
C ASN I 112 5.43 -56.58 -30.20
N GLN I 113 6.27 -57.01 -29.27
CA GLN I 113 7.25 -56.08 -28.74
C GLN I 113 8.28 -55.67 -29.80
N GLN I 114 8.63 -56.57 -30.71
CA GLN I 114 9.60 -56.22 -31.76
C GLN I 114 9.04 -55.12 -32.64
N ARG I 115 7.80 -55.27 -33.06
CA ARG I 115 7.12 -54.28 -33.86
C ARG I 115 7.05 -52.92 -33.16
N SER I 116 6.73 -52.93 -31.86
CA SER I 116 6.75 -51.68 -31.11
C SER I 116 8.12 -51.03 -31.20
N ARG I 117 9.21 -51.82 -31.26
CA ARG I 117 10.54 -51.23 -31.37
C ARG I 117 10.81 -50.68 -32.76
N ARG I 118 10.49 -51.43 -33.83
CA ARG I 118 10.75 -50.93 -35.18
C ARG I 118 9.87 -49.74 -35.53
N PHE I 119 8.60 -49.78 -35.16
CA PHE I 119 7.78 -48.60 -35.42
C PHE I 119 8.32 -47.39 -34.67
N ARG I 120 8.73 -47.59 -33.41
CA ARG I 120 9.27 -46.49 -32.64
C ARG I 120 10.60 -46.01 -33.20
N ALA I 121 11.45 -46.96 -33.59
CA ALA I 121 12.74 -46.60 -34.19
C ALA I 121 12.54 -45.78 -35.46
N SER I 122 11.66 -46.23 -36.35
CA SER I 122 11.43 -45.50 -37.59
C SER I 122 10.92 -44.10 -37.32
N LYS I 123 10.16 -43.93 -36.22
CA LYS I 123 9.65 -42.63 -35.80
C LYS I 123 10.78 -41.67 -35.43
N GLU I 124 11.83 -42.17 -34.76
CA GLU I 124 12.97 -41.31 -34.44
C GLU I 124 13.75 -40.92 -35.69
N MSE I 125 14.01 -41.87 -36.55
CA MSE I 125 14.71 -41.62 -37.82
C MSE I 125 14.03 -40.55 -38.66
O MSE I 125 14.62 -40.04 -39.60
CB MSE I 125 14.81 -42.90 -38.64
CG MSE I 125 16.18 -43.53 -38.70
SE MSE I 125 16.11 -45.11 -39.86
CE MSE I 125 16.27 -44.22 -41.60
N ALA I 126 12.79 -40.23 -38.33
CA ALA I 126 12.08 -39.10 -38.94
C ALA I 126 12.16 -37.83 -38.09
N GLU I 127 12.16 -37.98 -36.76
CA GLU I 127 12.40 -36.85 -35.86
C GLU I 127 13.85 -36.40 -35.89
N LYS I 128 14.80 -37.32 -36.10
CA LYS I 128 16.16 -36.93 -36.42
C LYS I 128 16.12 -35.91 -37.56
N GLU I 129 15.73 -36.40 -38.75
CA GLU I 129 15.70 -35.55 -39.93
C GLU I 129 14.79 -34.34 -39.76
N ALA I 130 13.77 -34.42 -38.89
CA ALA I 130 12.93 -33.25 -38.70
C ALA I 130 13.64 -32.15 -37.96
N SER I 131 14.60 -32.48 -37.10
CA SER I 131 15.38 -31.44 -36.44
C SER I 131 16.56 -31.00 -37.30
N ILE I 132 17.16 -31.93 -38.03
CA ILE I 132 18.20 -31.58 -39.00
C ILE I 132 17.69 -30.47 -39.92
N GLU I 133 16.55 -30.69 -40.56
CA GLU I 133 15.97 -29.66 -41.39
C GLU I 133 15.60 -28.42 -40.57
N GLU I 134 15.24 -28.61 -39.30
CA GLU I 134 14.88 -27.46 -38.47
C GLU I 134 16.10 -26.64 -38.12
N GLN I 135 17.25 -27.30 -37.88
CA GLN I 135 18.47 -26.56 -37.57
C GLN I 135 18.98 -25.79 -38.79
N ARG I 136 19.19 -26.48 -39.90
CA ARG I 136 19.67 -25.83 -41.13
C ARG I 136 18.87 -24.56 -41.40
N ASN I 137 17.54 -24.66 -41.38
CA ASN I 137 16.71 -23.48 -41.62
C ASN I 137 16.85 -22.45 -40.51
N ARG I 138 17.20 -22.88 -39.30
CA ARG I 138 17.43 -21.92 -38.23
C ARG I 138 18.71 -21.14 -38.47
N LEU I 139 19.80 -21.83 -38.81
CA LEU I 139 21.07 -21.17 -39.10
C LEU I 139 20.94 -20.20 -40.27
N MSE I 140 20.31 -20.64 -41.36
CA MSE I 140 20.12 -19.81 -42.56
C MSE I 140 19.52 -18.44 -42.25
O MSE I 140 19.88 -17.45 -42.88
CB MSE I 140 19.23 -20.54 -43.58
CG MSE I 140 19.83 -21.82 -44.19
SE MSE I 140 19.03 -22.42 -45.88
CE MSE I 140 17.16 -21.93 -45.58
N ALA I 141 18.63 -18.37 -41.27
CA ALA I 141 18.03 -17.10 -40.88
C ALA I 141 18.94 -16.27 -39.97
N GLU I 142 19.90 -16.91 -39.28
CA GLU I 142 20.92 -16.17 -38.53
C GLU I 142 22.02 -15.68 -39.46
N GLY I 143 22.22 -16.35 -40.59
CA GLY I 143 23.29 -16.08 -41.51
C GLY I 143 24.44 -17.05 -41.43
N ILE I 144 24.49 -17.88 -40.39
CA ILE I 144 25.60 -18.81 -40.21
C ILE I 144 25.59 -19.83 -41.36
N ALA I 145 26.78 -20.34 -41.70
CA ALA I 145 26.98 -21.13 -42.90
C ALA I 145 26.45 -22.54 -42.73
N VAL I 146 26.02 -23.14 -43.85
CA VAL I 146 25.24 -24.36 -43.85
C VAL I 146 25.79 -25.30 -44.92
N PRO I 147 26.32 -26.49 -44.55
CA PRO I 147 26.98 -27.36 -45.54
C PRO I 147 26.11 -27.73 -46.75
N HIS I 155 21.74 -43.90 -46.02
CA HIS I 155 21.62 -44.03 -44.58
C HIS I 155 21.02 -45.39 -44.14
N PHE I 156 21.50 -45.89 -43.00
CA PHE I 156 21.30 -47.28 -42.56
C PHE I 156 20.04 -47.46 -41.74
N ASP I 157 19.25 -48.48 -42.09
CA ASP I 157 18.00 -48.80 -41.39
C ASP I 157 18.23 -49.94 -40.38
N SER I 158 18.39 -49.57 -39.11
CA SER I 158 18.60 -50.57 -38.07
C SER I 158 17.48 -51.61 -38.02
N ASN I 159 16.34 -51.33 -38.62
CA ASN I 159 15.31 -52.36 -38.68
C ASN I 159 15.72 -53.52 -39.58
N CYS I 160 16.69 -53.34 -40.48
CA CYS I 160 17.14 -54.45 -41.29
C CYS I 160 17.80 -55.54 -40.46
N ILE I 161 18.12 -55.27 -39.20
CA ILE I 161 18.57 -56.31 -38.29
C ILE I 161 17.32 -57.03 -37.81
N THR I 162 16.76 -57.86 -38.69
CA THR I 162 15.54 -58.63 -38.50
C THR I 162 15.54 -59.84 -39.41
N PRO I 163 15.15 -61.03 -38.92
CA PRO I 163 15.22 -62.22 -39.78
C PRO I 163 14.38 -62.04 -41.04
N GLY I 164 14.95 -62.49 -42.15
CA GLY I 164 14.30 -62.46 -43.44
C GLY I 164 14.78 -61.40 -44.39
N THR I 165 15.43 -60.34 -43.91
CA THR I 165 15.87 -59.27 -44.78
C THR I 165 17.08 -59.70 -45.61
N PRO I 166 17.37 -58.98 -46.69
CA PRO I 166 18.63 -59.18 -47.40
C PRO I 166 19.84 -59.09 -46.52
N PHE I 167 19.91 -58.08 -45.64
CA PHE I 167 21.10 -57.84 -44.82
C PHE I 167 21.47 -59.07 -44.01
N MSE I 168 20.51 -59.62 -43.27
CA MSE I 168 20.75 -60.84 -42.52
C MSE I 168 21.21 -61.98 -43.41
O MSE I 168 22.01 -62.82 -42.99
CB MSE I 168 19.49 -61.25 -41.77
CG MSE I 168 19.09 -60.22 -40.74
SE MSE I 168 20.37 -59.95 -39.30
CE MSE I 168 19.22 -60.34 -37.79
N ALA I 169 20.72 -62.02 -44.64
CA ALA I 169 21.16 -63.08 -45.53
C ALA I 169 22.64 -62.91 -45.87
N ARG I 170 23.06 -61.67 -46.05
CA ARG I 170 24.46 -61.39 -46.33
C ARG I 170 25.31 -61.55 -45.08
N LEU I 171 24.76 -61.20 -43.92
CA LEU I 171 25.53 -61.38 -42.69
C LEU I 171 25.83 -62.85 -42.46
N ALA I 172 24.89 -63.73 -42.81
CA ALA I 172 25.16 -65.14 -42.60
C ALA I 172 26.28 -65.59 -43.51
N ASP I 173 26.27 -65.13 -44.75
CA ASP I 173 27.33 -65.52 -45.66
C ASP I 173 28.67 -64.97 -45.21
N ALA I 174 28.68 -63.78 -44.60
CA ALA I 174 29.92 -63.20 -44.10
C ALA I 174 30.45 -63.99 -42.92
N LEU I 175 29.58 -64.35 -41.99
CA LEU I 175 30.04 -65.12 -40.83
C LEU I 175 30.52 -66.49 -41.24
N ARG I 176 29.99 -67.03 -42.34
CA ARG I 176 30.47 -68.30 -42.82
C ARG I 176 31.93 -68.18 -43.24
N TYR I 177 32.23 -67.18 -44.07
CA TYR I 177 33.62 -66.92 -44.43
C TYR I 177 34.46 -66.67 -43.20
N TYR I 178 33.96 -65.90 -42.26
CA TYR I 178 34.69 -65.62 -41.04
C TYR I 178 35.13 -66.92 -40.37
N ILE I 179 34.19 -67.84 -40.16
CA ILE I 179 34.52 -69.05 -39.42
C ILE I 179 35.52 -69.91 -40.18
N HIS I 180 35.33 -70.05 -41.49
CA HIS I 180 36.30 -70.83 -42.25
C HIS I 180 37.67 -70.17 -42.18
N ASP I 181 37.70 -68.85 -42.32
CA ASP I 181 38.96 -68.14 -42.25
C ASP I 181 39.66 -68.37 -40.90
N ARG I 182 38.94 -68.18 -39.80
CA ARG I 182 39.62 -68.26 -38.50
C ARG I 182 39.98 -69.70 -38.18
N VAL I 183 39.10 -70.65 -38.51
CA VAL I 183 39.42 -72.04 -38.20
C VAL I 183 40.55 -72.54 -39.10
N THR I 184 40.76 -71.89 -40.24
CA THR I 184 41.86 -72.27 -41.09
C THR I 184 43.18 -71.65 -40.62
N ASN I 185 43.16 -70.38 -40.19
CA ASN I 185 44.39 -69.61 -39.98
C ASN I 185 44.74 -69.27 -38.52
N ASP I 186 43.78 -69.23 -37.58
CA ASP I 186 44.03 -68.82 -36.20
C ASP I 186 44.40 -70.02 -35.33
N ALA I 187 45.63 -70.04 -34.82
CA ALA I 187 46.13 -71.24 -34.16
C ALA I 187 45.29 -71.67 -32.95
N SER I 188 44.65 -70.71 -32.28
CA SER I 188 43.86 -71.05 -31.09
C SER I 188 42.54 -71.71 -31.45
N TRP I 189 42.02 -71.46 -32.64
CA TRP I 189 40.79 -72.10 -33.09
C TRP I 189 40.98 -73.55 -33.53
N ALA I 190 42.24 -74.04 -33.53
CA ALA I 190 42.59 -75.28 -34.21
C ALA I 190 41.81 -76.50 -33.70
N ASN I 191 41.38 -76.49 -32.42
CA ASN I 191 40.73 -77.63 -31.78
C ASN I 191 39.35 -77.34 -31.17
N ILE I 192 38.66 -76.27 -31.59
CA ILE I 192 37.33 -75.97 -31.06
C ILE I 192 36.31 -76.30 -32.10
N GLU I 193 35.07 -76.49 -31.63
CA GLU I 193 33.87 -76.65 -32.45
C GLU I 193 33.22 -75.27 -32.52
N ILE I 194 32.69 -74.90 -33.68
CA ILE I 194 31.96 -73.65 -33.84
C ILE I 194 30.60 -73.94 -34.43
N ILE I 195 29.56 -73.45 -33.79
CA ILE I 195 28.19 -73.55 -34.29
C ILE I 195 27.69 -72.18 -34.71
N LEU I 196 27.04 -72.12 -35.87
CA LEU I 196 26.42 -70.90 -36.36
C LEU I 196 24.92 -71.15 -36.49
N SER I 197 24.15 -70.33 -35.83
CA SER I 197 22.70 -70.37 -35.89
C SER I 197 22.23 -69.08 -36.54
N ASP I 198 22.08 -69.08 -37.87
CA ASP I 198 21.74 -67.82 -38.52
C ASP I 198 20.23 -67.52 -38.46
N ALA I 199 19.85 -66.37 -39.03
CA ALA I 199 18.50 -65.86 -38.86
C ALA I 199 17.43 -66.75 -39.46
N ASN I 200 17.79 -67.73 -40.27
CA ASN I 200 16.79 -68.63 -40.82
C ASN I 200 16.47 -69.82 -39.91
N VAL I 201 17.12 -69.90 -38.75
CA VAL I 201 16.75 -70.86 -37.71
C VAL I 201 15.80 -70.14 -36.75
N PRO I 202 14.53 -70.51 -36.68
CA PRO I 202 13.61 -69.75 -35.84
C PRO I 202 14.04 -69.74 -34.39
N GLY I 203 13.76 -68.61 -33.73
CA GLY I 203 14.02 -68.40 -32.31
C GLY I 203 14.94 -67.23 -32.05
N GLU I 204 14.73 -66.51 -30.95
CA GLU I 204 15.70 -65.50 -30.54
C GLU I 204 17.03 -66.15 -30.24
N GLY I 205 18.10 -65.41 -30.53
CA GLY I 205 19.44 -65.91 -30.27
C GLY I 205 19.60 -66.36 -28.83
N GLU I 206 19.21 -65.50 -27.88
CA GLU I 206 19.40 -65.88 -26.49
C GLU I 206 18.68 -67.18 -26.17
N HIS I 207 17.53 -67.46 -26.81
CA HIS I 207 16.85 -68.70 -26.51
C HIS I 207 17.36 -69.88 -27.28
N LYS I 208 17.85 -69.66 -28.49
CA LYS I 208 18.53 -70.77 -29.14
C LYS I 208 19.74 -71.19 -28.31
N ILE I 209 20.45 -70.22 -27.72
CA ILE I 209 21.58 -70.52 -26.84
C ILE I 209 21.11 -71.26 -25.60
N MSE I 210 20.15 -70.67 -24.88
CA MSE I 210 19.49 -71.36 -23.76
C MSE I 210 19.08 -72.81 -24.13
O MSE I 210 19.27 -73.75 -23.34
CB MSE I 210 18.28 -70.53 -23.30
CG MSE I 210 17.40 -71.18 -22.25
SE MSE I 210 18.25 -71.45 -20.53
CE MSE I 210 17.63 -73.26 -20.10
N ASP I 211 18.58 -73.00 -25.36
CA ASP I 211 18.14 -74.33 -25.77
C ASP I 211 19.30 -75.26 -26.02
N TYR I 212 20.40 -74.76 -26.60
CA TYR I 212 21.59 -75.58 -26.79
C TYR I 212 22.08 -76.10 -25.45
N VAL I 213 22.27 -75.20 -24.49
CA VAL I 213 22.74 -75.58 -23.16
C VAL I 213 21.80 -76.60 -22.54
N ARG I 214 20.50 -76.32 -22.58
CA ARG I 214 19.53 -77.18 -21.90
C ARG I 214 19.54 -78.59 -22.47
N LYS I 215 19.40 -78.71 -23.79
CA LYS I 215 19.37 -80.02 -24.41
C LYS I 215 20.71 -80.74 -24.24
N GLN I 216 21.80 -79.99 -24.20
CA GLN I 216 23.07 -80.59 -23.87
C GLN I 216 23.05 -81.11 -22.45
N ARG I 217 22.61 -80.27 -21.51
CA ARG I 217 22.62 -80.63 -20.10
C ARG I 217 21.97 -81.97 -19.84
N GLY I 218 20.94 -82.32 -20.60
CA GLY I 218 20.22 -83.56 -20.38
C GLY I 218 20.84 -84.78 -21.01
N ASN I 219 21.86 -84.61 -21.74
CA ASN I 219 22.46 -85.79 -22.33
C ASN I 219 23.56 -86.29 -21.41
N PRO I 220 23.65 -87.59 -21.22
CA PRO I 220 24.58 -88.11 -20.22
C PRO I 220 26.04 -87.83 -20.55
N ALA I 221 26.37 -87.55 -21.82
CA ALA I 221 27.76 -87.28 -22.18
C ALA I 221 28.23 -85.89 -21.75
N HIS I 222 27.31 -84.94 -21.61
CA HIS I 222 27.69 -83.58 -21.27
C HIS I 222 28.63 -83.57 -20.09
N ASP I 223 29.67 -82.73 -20.18
CA ASP I 223 30.63 -82.49 -19.12
C ASP I 223 30.00 -81.45 -18.21
N PRO I 224 29.55 -81.86 -17.02
CA PRO I 224 28.85 -80.92 -16.13
C PRO I 224 29.73 -79.82 -15.63
N ASN I 225 31.02 -79.87 -15.94
CA ASN I 225 31.97 -78.86 -15.53
C ASN I 225 32.38 -77.94 -16.65
N THR I 226 31.73 -77.97 -17.82
CA THR I 226 32.16 -77.01 -18.83
C THR I 226 31.93 -75.62 -18.27
N VAL I 227 32.85 -74.73 -18.55
CA VAL I 227 32.75 -73.37 -18.06
C VAL I 227 32.17 -72.53 -19.18
N HIS I 228 30.97 -72.03 -18.95
CA HIS I 228 30.21 -71.31 -19.96
C HIS I 228 30.43 -69.82 -19.82
N CYS I 229 30.44 -69.15 -20.96
CA CYS I 229 30.41 -67.72 -21.00
C CYS I 229 29.48 -67.28 -22.11
N LEU I 230 28.56 -66.40 -21.76
CA LEU I 230 27.57 -65.85 -22.66
C LEU I 230 27.80 -64.37 -22.76
N CYS I 231 27.86 -63.87 -23.99
CA CYS I 231 28.15 -62.47 -24.26
C CYS I 231 26.89 -61.77 -24.75
N GLY I 232 26.50 -60.72 -24.05
CA GLY I 232 25.29 -59.96 -24.33
C GLY I 232 25.00 -58.97 -23.22
N ALA I 233 24.22 -57.93 -23.51
CA ALA I 233 23.93 -56.94 -22.50
C ALA I 233 22.54 -57.10 -21.85
N ASP I 234 21.65 -57.96 -22.37
CA ASP I 234 20.31 -58.04 -21.79
C ASP I 234 20.33 -58.51 -20.34
N ALA I 235 19.47 -57.92 -19.52
CA ALA I 235 19.44 -58.27 -18.10
C ALA I 235 18.95 -59.68 -17.88
N ASP I 236 18.07 -60.16 -18.76
CA ASP I 236 17.53 -61.52 -18.71
C ASP I 236 18.62 -62.58 -18.66
N LEU I 237 19.82 -62.25 -19.17
CA LEU I 237 20.90 -63.22 -19.24
C LEU I 237 21.29 -63.74 -17.87
N ILE I 238 21.19 -62.90 -16.83
CA ILE I 238 21.42 -63.39 -15.48
C ILE I 238 20.45 -64.52 -15.14
N MSE I 239 19.15 -64.32 -15.42
CA MSE I 239 18.15 -65.35 -15.11
C MSE I 239 18.41 -66.54 -15.95
O MSE I 239 18.49 -67.64 -15.42
CB MSE I 239 16.70 -64.91 -15.32
CG MSE I 239 16.52 -63.47 -15.66
SE MSE I 239 16.50 -62.39 -14.06
CE MSE I 239 15.94 -60.71 -14.94
N LEU I 240 18.53 -66.32 -17.28
CA LEU I 240 18.92 -67.40 -18.18
C LEU I 240 20.01 -68.25 -17.55
N GLY I 241 21.08 -67.60 -17.07
CA GLY I 241 22.19 -68.33 -16.46
C GLY I 241 21.81 -69.14 -15.23
N ILE I 242 20.99 -68.57 -14.34
CA ILE I 242 20.48 -69.33 -13.20
C ILE I 242 19.66 -70.52 -13.65
N ALA I 243 18.83 -70.32 -14.68
CA ALA I 243 17.90 -71.36 -15.09
C ALA I 243 18.60 -72.53 -15.77
N THR I 244 19.78 -72.30 -16.36
CA THR I 244 20.54 -73.38 -16.98
C THR I 244 20.88 -74.45 -15.97
N HIS I 245 20.92 -74.09 -14.69
CA HIS I 245 21.38 -74.95 -13.60
C HIS I 245 22.81 -75.43 -13.81
N GLU I 246 23.55 -74.81 -14.73
CA GLU I 246 24.93 -75.18 -14.96
C GLU I 246 25.78 -74.56 -13.87
N ALA I 247 26.70 -75.36 -13.35
CA ALA I 247 27.50 -74.93 -12.21
C ALA I 247 28.25 -73.63 -12.51
N ASN I 248 29.01 -73.59 -13.61
CA ASN I 248 29.92 -72.47 -13.84
C ASN I 248 29.46 -71.69 -15.08
N PHE I 249 28.45 -70.85 -14.90
CA PHE I 249 27.90 -70.04 -15.97
C PHE I 249 28.23 -68.58 -15.72
N ASN I 250 28.61 -67.88 -16.79
CA ASN I 250 29.08 -66.51 -16.66
C ASN I 250 28.59 -65.69 -17.84
N ILE I 251 28.45 -64.38 -17.61
CA ILE I 251 28.12 -63.42 -18.65
C ILE I 251 29.31 -62.48 -18.81
N ILE I 252 29.62 -62.13 -20.04
CA ILE I 252 30.56 -61.06 -20.36
C ILE I 252 29.79 -59.96 -21.09
N ARG I 253 30.03 -58.72 -20.70
CA ARG I 253 29.44 -57.55 -21.33
C ARG I 253 30.36 -56.37 -21.12
N GLU I 254 30.06 -55.29 -21.82
CA GLU I 254 30.85 -54.09 -21.67
C GLU I 254 30.43 -53.35 -20.40
N GLU I 255 31.38 -52.66 -19.80
CA GLU I 255 31.09 -51.85 -18.63
C GLU I 255 29.94 -50.90 -18.96
N PHE I 256 29.12 -50.60 -17.96
CA PHE I 256 27.93 -49.78 -18.19
C PHE I 256 28.31 -48.37 -18.66
N VAL I 257 29.25 -47.74 -17.97
CA VAL I 257 29.81 -46.45 -18.37
C VAL I 257 31.33 -46.58 -18.42
N GLN I 258 31.94 -46.30 -19.57
CA GLN I 258 33.39 -46.11 -19.57
C GLN I 258 33.81 -45.31 -20.80
N ARG I 259 34.95 -44.60 -20.64
CA ARG I 259 35.58 -43.77 -21.68
C ARG I 259 36.23 -44.58 -22.79
N GLU I 260 36.57 -45.85 -22.53
CA GLU I 260 37.05 -46.79 -23.55
C GLU I 260 36.36 -48.12 -23.32
N LYS I 261 36.30 -48.95 -24.36
CA LYS I 261 35.63 -50.24 -24.19
C LYS I 261 36.35 -51.06 -23.12
N ASN I 262 35.59 -51.50 -22.13
CA ASN I 262 36.07 -52.34 -21.03
C ASN I 262 35.00 -53.37 -20.73
N PHE I 263 35.42 -54.59 -20.46
CA PHE I 263 34.51 -55.70 -20.24
C PHE I 263 34.51 -56.16 -18.79
N ILE I 264 33.39 -56.75 -18.36
CA ILE I 264 33.23 -57.31 -17.03
C ILE I 264 32.56 -58.67 -17.14
N PHE I 265 32.81 -59.53 -16.16
CA PHE I 265 32.19 -60.85 -16.10
C PHE I 265 31.18 -60.84 -14.99
N LEU I 266 29.99 -61.35 -15.29
CA LEU I 266 28.99 -61.66 -14.28
C LEU I 266 29.16 -63.14 -13.92
N ARG I 267 29.43 -63.43 -12.64
CA ARG I 267 29.73 -64.81 -12.23
C ARG I 267 28.51 -65.45 -11.59
N ILE I 268 27.78 -66.22 -12.37
CA ILE I 268 26.60 -66.88 -11.81
C ILE I 268 26.95 -67.69 -10.57
N PRO I 269 28.05 -68.44 -10.53
CA PRO I 269 28.32 -69.23 -9.31
C PRO I 269 28.37 -68.38 -8.06
N VAL I 270 28.92 -67.18 -8.17
CA VAL I 270 28.97 -66.25 -7.05
C VAL I 270 27.56 -65.76 -6.69
N LEU I 271 26.75 -65.43 -7.71
CA LEU I 271 25.38 -65.02 -7.46
C LEU I 271 24.56 -66.13 -6.78
N ARG I 272 24.78 -67.38 -7.17
CA ARG I 272 24.16 -68.49 -6.44
C ARG I 272 24.51 -68.44 -4.96
N GLU I 273 25.79 -68.25 -4.63
CA GLU I 273 26.19 -68.13 -3.23
C GLU I 273 25.43 -67.02 -2.52
N TYR I 274 25.26 -65.88 -3.20
CA TYR I 274 24.50 -64.78 -2.60
C TYR I 274 23.05 -65.20 -2.36
N LEU I 275 22.38 -65.69 -3.40
CA LEU I 275 20.98 -66.06 -3.30
C LEU I 275 20.77 -67.28 -2.41
N GLU I 276 21.73 -68.19 -2.41
CA GLU I 276 21.67 -69.34 -1.50
C GLU I 276 21.60 -68.88 -0.05
N LYS I 277 22.34 -67.82 0.32
CA LYS I 277 22.20 -67.23 1.65
C LYS I 277 20.88 -66.49 1.77
N GLU I 278 20.50 -65.75 0.73
CA GLU I 278 19.26 -64.98 0.75
C GLU I 278 18.06 -65.88 0.98
N LEU I 279 18.01 -67.03 0.31
CA LEU I 279 16.83 -67.89 0.25
C LEU I 279 16.94 -69.15 1.12
N SER I 280 17.79 -69.16 2.13
CA SER I 280 17.85 -70.32 3.02
C SER I 280 16.61 -70.34 3.92
N MSE I 281 16.02 -71.52 4.09
CA MSE I 281 14.75 -71.60 4.78
C MSE I 281 14.68 -72.65 5.88
O MSE I 281 14.98 -73.83 5.68
CB MSE I 281 13.63 -71.81 3.76
CG MSE I 281 13.45 -70.55 2.94
SE MSE I 281 12.23 -70.61 1.44
CE MSE I 281 12.91 -72.17 0.47
N PRO I 282 14.28 -72.16 7.07
CA PRO I 282 14.34 -72.99 8.29
C PRO I 282 13.00 -73.61 8.64
N ASN I 283 13.03 -74.85 9.14
CA ASN I 283 11.82 -75.53 9.62
C ASN I 283 10.76 -75.52 8.54
N LEU I 284 11.22 -75.59 7.29
CA LEU I 284 10.31 -75.52 6.15
C LEU I 284 9.42 -76.75 6.16
N PRO I 285 8.10 -76.60 6.00
CA PRO I 285 7.20 -77.76 6.24
C PRO I 285 7.34 -78.86 5.20
N PHE I 286 8.07 -78.62 4.13
CA PHE I 286 8.38 -79.65 3.16
C PHE I 286 9.91 -79.76 3.01
N LYS I 287 10.32 -80.74 2.21
CA LYS I 287 11.74 -80.98 1.98
C LYS I 287 12.39 -79.78 1.32
N PHE I 288 13.55 -79.39 1.82
CA PHE I 288 14.20 -78.17 1.32
C PHE I 288 15.15 -78.51 0.18
N ASP I 289 14.86 -77.97 -1.00
CA ASP I 289 15.69 -78.11 -2.18
C ASP I 289 16.18 -76.71 -2.55
N VAL I 290 17.46 -76.43 -2.27
CA VAL I 290 18.01 -75.11 -2.54
C VAL I 290 17.82 -74.72 -4.00
N GLU I 291 17.95 -75.68 -4.92
CA GLU I 291 17.90 -75.30 -6.32
C GLU I 291 16.49 -74.97 -6.79
N ARG I 292 15.45 -75.51 -6.15
CA ARG I 292 14.10 -75.12 -6.53
C ARG I 292 13.74 -73.75 -6.00
N ALA I 293 14.37 -73.33 -4.90
CA ALA I 293 14.22 -71.96 -4.44
C ALA I 293 14.91 -71.00 -5.40
N LEU I 294 16.01 -71.41 -6.02
CA LEU I 294 16.58 -70.61 -7.08
C LEU I 294 15.59 -70.44 -8.24
N ASP I 295 14.97 -71.55 -8.67
CA ASP I 295 14.01 -71.49 -9.77
C ASP I 295 12.84 -70.59 -9.42
N ASP I 296 12.42 -70.60 -8.17
CA ASP I 296 11.38 -69.68 -7.78
C ASP I 296 11.88 -68.24 -7.86
N TRP I 297 13.14 -68.04 -7.43
CA TRP I 297 13.72 -66.70 -7.49
C TRP I 297 13.71 -66.20 -8.93
N VAL I 298 14.10 -67.08 -9.86
CA VAL I 298 14.04 -66.74 -11.28
C VAL I 298 12.62 -66.33 -11.66
N PHE I 299 11.63 -67.14 -11.29
CA PHE I 299 10.24 -66.84 -11.68
C PHE I 299 9.80 -65.51 -11.11
N LEU I 300 10.11 -65.25 -9.85
CA LEU I 300 9.69 -63.99 -9.24
C LEU I 300 10.30 -62.80 -9.96
N CYS I 301 11.54 -62.93 -10.45
CA CYS I 301 12.16 -61.85 -11.22
C CYS I 301 11.38 -61.57 -12.50
N PHE I 302 10.96 -62.62 -13.20
CA PHE I 302 10.15 -62.43 -14.40
C PHE I 302 8.84 -61.73 -14.08
N PHE I 303 8.34 -61.86 -12.85
CA PHE I 303 7.16 -61.11 -12.44
C PHE I 303 7.39 -59.61 -12.62
N VAL I 304 8.58 -59.15 -12.20
CA VAL I 304 8.92 -57.73 -12.14
C VAL I 304 9.12 -57.14 -13.52
N GLY I 305 9.76 -57.89 -14.40
CA GLY I 305 9.94 -57.41 -15.74
C GLY I 305 10.34 -58.53 -16.67
N ASN I 306 9.77 -58.50 -17.86
CA ASN I 306 10.15 -59.38 -18.95
C ASN I 306 9.55 -58.84 -20.24
N ASP I 307 10.00 -59.41 -21.34
CA ASP I 307 9.75 -58.84 -22.67
C ASP I 307 8.29 -58.94 -23.13
N PHE I 308 7.49 -59.86 -22.55
CA PHE I 308 6.22 -60.25 -23.16
C PHE I 308 4.96 -59.71 -22.47
N LEU I 309 5.08 -59.20 -21.25
CA LEU I 309 3.98 -58.58 -20.55
C LEU I 309 4.43 -57.22 -20.04
N PRO I 310 3.53 -56.27 -19.90
CA PRO I 310 3.89 -55.00 -19.26
C PRO I 310 3.99 -55.12 -17.74
N HIS I 311 4.73 -54.18 -17.19
CA HIS I 311 5.07 -54.19 -15.77
C HIS I 311 3.83 -53.89 -14.95
N LEU I 312 3.60 -54.68 -13.88
CA LEU I 312 2.51 -54.37 -12.96
C LEU I 312 2.75 -52.98 -12.36
N PRO I 313 1.72 -52.14 -12.27
CA PRO I 313 1.93 -50.76 -11.85
C PRO I 313 2.59 -50.62 -10.49
N SER I 314 2.52 -51.61 -9.62
CA SER I 314 3.15 -51.47 -8.32
C SER I 314 4.58 -52.00 -8.29
N LEU I 315 5.09 -52.49 -9.42
CA LEU I 315 6.41 -53.12 -9.45
C LEU I 315 7.38 -52.35 -10.35
N GLU I 316 8.26 -51.55 -9.74
CA GLU I 316 9.38 -50.92 -10.42
C GLU I 316 10.66 -51.33 -9.70
N ILE I 317 11.65 -51.81 -10.46
CA ILE I 317 12.89 -52.31 -9.87
C ILE I 317 13.55 -51.24 -9.02
N ARG I 318 13.56 -50.00 -9.51
CA ARG I 318 14.23 -48.92 -8.80
C ARG I 318 13.70 -48.76 -7.38
N GLU I 319 12.43 -49.06 -7.15
CA GLU I 319 11.86 -49.05 -5.81
C GLU I 319 12.17 -50.32 -5.02
N GLY I 320 13.15 -51.12 -5.44
CA GLY I 320 13.45 -52.35 -4.73
C GLY I 320 12.31 -53.35 -4.68
N ALA I 321 11.56 -53.48 -5.78
CA ALA I 321 10.43 -54.39 -5.79
C ALA I 321 10.87 -55.84 -5.69
N ILE I 322 12.05 -56.18 -6.21
CA ILE I 322 12.53 -57.55 -6.10
C ILE I 322 12.81 -57.89 -4.65
N ASP I 323 13.51 -57.01 -3.94
CA ASP I 323 13.71 -57.21 -2.51
C ASP I 323 12.38 -57.45 -1.82
N ARG I 324 11.37 -56.66 -2.20
CA ARG I 324 10.06 -56.74 -1.56
C ARG I 324 9.37 -58.05 -1.88
N LEU I 325 9.45 -58.47 -3.14
CA LEU I 325 8.83 -59.72 -3.50
C LEU I 325 9.52 -60.91 -2.84
N ILE I 326 10.84 -60.92 -2.81
CA ILE I 326 11.58 -62.02 -2.15
C ILE I 326 11.18 -62.14 -0.69
N LYS I 327 11.29 -61.04 0.06
CA LYS I 327 10.86 -61.05 1.45
C LYS I 327 9.43 -61.52 1.57
N LEU I 328 8.59 -61.09 0.64
CA LEU I 328 7.21 -61.54 0.59
C LEU I 328 7.16 -63.04 0.30
N TYR I 329 7.98 -63.50 -0.65
CA TYR I 329 8.02 -64.93 -0.97
C TYR I 329 8.47 -65.76 0.23
N LYS I 330 9.57 -65.37 0.88
CA LYS I 330 10.05 -66.15 2.02
C LYS I 330 9.01 -66.29 3.12
N GLU I 331 8.23 -65.24 3.39
CA GLU I 331 7.19 -65.37 4.41
C GLU I 331 6.11 -66.36 3.99
N MSE I 332 5.69 -66.34 2.73
CA MSE I 332 4.54 -67.11 2.27
C MSE I 332 4.81 -68.60 2.15
O MSE I 332 3.94 -69.41 2.43
CB MSE I 332 4.03 -66.54 0.96
CG MSE I 332 3.64 -65.08 1.09
SE MSE I 332 1.88 -64.58 0.40
CE MSE I 332 0.70 -65.81 1.35
N VAL I 333 6.04 -68.95 1.73
CA VAL I 333 6.44 -70.34 1.54
C VAL I 333 6.02 -71.23 2.71
N TYR I 334 6.07 -70.71 3.94
CA TYR I 334 5.72 -71.50 5.10
C TYR I 334 4.24 -71.86 5.15
N GLN I 335 3.41 -71.30 4.29
CA GLN I 335 2.00 -71.66 4.24
C GLN I 335 1.62 -72.38 2.96
N MSE I 336 2.53 -72.58 2.03
CA MSE I 336 2.14 -73.03 0.71
C MSE I 336 1.87 -74.53 0.60
O MSE I 336 0.83 -74.93 0.04
CB MSE I 336 3.20 -72.60 -0.31
CG MSE I 336 3.47 -71.09 -0.28
SE MSE I 336 4.03 -70.28 -1.96
CE MSE I 336 5.72 -71.20 -2.20
N LYS I 337 2.78 -75.32 1.16
CA LYS I 337 2.93 -76.80 1.08
C LYS I 337 3.81 -77.23 -0.10
N GLY I 338 4.31 -76.30 -0.90
CA GLY I 338 5.15 -76.67 -2.02
C GLY I 338 5.77 -75.41 -2.57
N TYR I 339 6.70 -75.60 -3.50
CA TYR I 339 7.41 -74.47 -4.08
C TYR I 339 6.51 -73.75 -5.08
N LEU I 340 6.91 -72.52 -5.41
CA LEU I 340 6.10 -71.69 -6.29
C LEU I 340 6.09 -72.19 -7.73
N THR I 341 7.17 -72.86 -8.16
CA THR I 341 7.28 -73.38 -9.52
C THR I 341 7.95 -74.74 -9.45
N LYS I 342 7.56 -75.63 -10.37
CA LYS I 342 8.22 -76.91 -10.53
C LYS I 342 8.49 -77.12 -12.01
N ASP I 343 9.75 -77.35 -12.36
CA ASP I 343 10.13 -77.71 -13.72
C ASP I 343 9.91 -76.58 -14.71
N GLY I 344 9.59 -75.39 -14.26
CA GLY I 344 9.19 -74.37 -15.18
C GLY I 344 7.69 -74.26 -15.32
N ILE I 345 6.94 -75.02 -14.55
CA ILE I 345 5.49 -74.95 -14.56
C ILE I 345 5.09 -74.32 -13.23
N PRO I 346 4.56 -73.10 -13.22
CA PRO I 346 4.23 -72.46 -11.95
C PRO I 346 2.93 -73.02 -11.40
N GLU I 347 2.86 -73.15 -10.06
CA GLU I 347 1.61 -73.54 -9.41
C GLU I 347 0.74 -72.31 -9.16
N LEU I 348 -0.44 -72.28 -9.77
CA LEU I 348 -1.19 -71.04 -9.82
C LEU I 348 -1.86 -70.70 -8.51
N ASP I 349 -2.16 -71.68 -7.65
CA ASP I 349 -2.70 -71.34 -6.35
C ASP I 349 -1.65 -70.63 -5.49
N ARG I 350 -0.41 -71.07 -5.58
CA ARG I 350 0.64 -70.39 -4.87
C ARG I 350 0.96 -69.05 -5.53
N VAL I 351 0.84 -68.97 -6.87
CA VAL I 351 0.88 -67.68 -7.52
C VAL I 351 -0.17 -66.74 -6.94
N GLU I 352 -1.40 -67.24 -6.76
CA GLU I 352 -2.47 -66.38 -6.28
C GLU I 352 -2.17 -65.82 -4.89
N MSE I 353 -1.54 -66.63 -4.03
CA MSE I 353 -1.18 -66.17 -2.68
C MSE I 353 -0.27 -64.96 -2.77
O MSE I 353 -0.54 -63.95 -2.11
CB MSE I 353 -0.46 -67.26 -1.90
CG MSE I 353 -1.29 -68.13 -0.98
SE MSE I 353 -0.27 -69.78 -0.59
CE MSE I 353 0.47 -69.30 1.16
N ILE I 354 0.81 -65.10 -3.56
CA ILE I 354 1.82 -64.04 -3.74
C ILE I 354 1.17 -62.78 -4.29
N MSE I 355 0.16 -62.92 -5.13
CA MSE I 355 -0.52 -61.75 -5.64
C MSE I 355 -1.40 -61.15 -4.56
O MSE I 355 -1.50 -59.94 -4.43
CB MSE I 355 -1.33 -62.08 -6.90
CG MSE I 355 -0.49 -62.52 -8.10
SE MSE I 355 0.65 -61.14 -8.91
CE MSE I 355 2.20 -61.28 -7.70
N LYS I 356 -2.05 -62.02 -3.77
CA LYS I 356 -2.91 -61.51 -2.70
C LYS I 356 -2.08 -60.77 -1.65
N GLY I 357 -0.88 -61.27 -1.37
CA GLY I 357 0.01 -60.58 -0.43
C GLY I 357 0.63 -59.32 -1.00
N LEU I 358 1.07 -59.38 -2.25
CA LEU I 358 1.57 -58.21 -2.97
C LEU I 358 0.50 -57.14 -3.16
N GLY I 359 -0.79 -57.54 -3.16
CA GLY I 359 -1.89 -56.59 -3.22
C GLY I 359 -2.13 -55.86 -1.91
N ARG I 360 -1.73 -56.48 -0.80
CA ARG I 360 -1.91 -55.84 0.50
C ARG I 360 -0.95 -54.68 0.68
N VAL I 361 0.00 -54.53 -0.22
CA VAL I 361 1.06 -53.52 -0.11
C VAL I 361 1.08 -52.56 -1.29
N GLU I 362 0.25 -52.77 -2.32
CA GLU I 362 0.28 -51.89 -3.47
C GLU I 362 -0.18 -50.48 -3.12
N ASP I 363 -1.25 -50.36 -2.32
CA ASP I 363 -1.72 -49.02 -1.95
C ASP I 363 -0.61 -48.23 -1.24
N GLU I 364 0.11 -48.90 -0.33
CA GLU I 364 1.25 -48.29 0.32
C GLU I 364 2.32 -47.84 -0.68
N ILE I 365 2.63 -48.68 -1.67
CA ILE I 365 3.67 -48.38 -2.65
C ILE I 365 3.29 -47.17 -3.50
N PHE I 366 2.00 -47.02 -3.82
CA PHE I 366 1.56 -45.91 -4.65
C PHE I 366 1.75 -44.59 -3.90
N LYS I 367 1.44 -44.57 -2.61
CA LYS I 367 1.60 -43.37 -1.80
C LYS I 367 3.07 -43.00 -1.62
N ARG I 368 3.94 -43.98 -1.34
CA ARG I 368 5.37 -43.66 -1.22
C ARG I 368 5.92 -43.10 -2.51
N ARG I 369 5.35 -43.52 -3.65
CA ARG I 369 5.80 -43.02 -4.94
C ARG I 369 5.46 -41.55 -5.14
N GLN I 370 4.45 -41.02 -4.44
CA GLN I 370 4.06 -39.62 -4.57
C GLN I 370 5.12 -38.65 -3.94
N GLN I 371 6.29 -39.19 -3.64
CA GLN I 371 7.49 -38.42 -3.30
C GLN I 371 8.47 -38.61 -4.46
N ASP I 372 8.44 -37.69 -5.42
CA ASP I 372 9.23 -37.79 -6.64
C ASP I 372 8.93 -39.11 -7.36
N ILE I 384 -6.01 -40.37 -13.08
CA ILE I 384 -4.64 -39.88 -13.19
C ILE I 384 -3.96 -40.01 -11.81
N ARG I 385 -4.69 -40.59 -10.86
CA ARG I 385 -4.35 -40.54 -9.44
C ARG I 385 -4.23 -41.93 -8.81
N LEU I 386 -3.01 -42.48 -8.81
CA LEU I 386 -2.71 -43.71 -8.07
C LEU I 386 -2.56 -43.47 -6.56
N TYR I 387 -2.33 -42.23 -6.13
CA TYR I 387 -1.89 -42.03 -4.75
C TYR I 387 -3.04 -42.02 -3.75
N GLU I 388 -4.26 -41.74 -4.20
CA GLU I 388 -5.40 -41.51 -3.32
C GLU I 388 -6.53 -42.48 -3.67
N SER I 389 -7.52 -42.55 -2.78
CA SER I 389 -8.56 -43.59 -2.81
C SER I 389 -9.37 -43.57 -4.11
N GLY I 390 -9.84 -44.76 -4.49
CA GLY I 390 -10.58 -44.98 -5.72
C GLY I 390 -9.73 -45.17 -6.95
N TRP I 391 -8.42 -45.35 -6.79
CA TRP I 391 -7.51 -45.38 -7.93
C TRP I 391 -7.79 -46.56 -8.87
N LYS I 392 -8.19 -47.70 -8.31
CA LYS I 392 -8.30 -48.90 -9.13
C LYS I 392 -9.31 -48.70 -10.24
N ASP I 393 -10.44 -48.07 -9.93
CA ASP I 393 -11.50 -47.85 -10.89
C ASP I 393 -11.16 -46.70 -11.83
N ARG I 394 -10.49 -45.67 -11.32
CA ARG I 394 -10.01 -44.60 -12.20
C ARG I 394 -9.13 -45.16 -13.28
N TYR I 395 -8.21 -46.04 -12.88
CA TYR I 395 -7.21 -46.60 -13.79
C TYR I 395 -7.83 -47.29 -15.00
N TYR I 396 -8.83 -48.12 -14.78
CA TYR I 396 -9.35 -48.94 -15.87
C TYR I 396 -10.17 -48.12 -16.86
N ARG I 397 -10.85 -47.06 -16.42
CA ARG I 397 -11.55 -46.20 -17.35
C ARG I 397 -10.57 -45.58 -18.34
N ALA I 398 -9.44 -45.11 -17.83
CA ALA I 398 -8.48 -44.41 -18.67
C ALA I 398 -7.82 -45.35 -19.67
N LYS I 399 -7.28 -46.47 -19.20
CA LYS I 399 -6.44 -47.33 -20.04
C LYS I 399 -7.20 -48.33 -20.90
N PHE I 400 -8.35 -48.84 -20.44
CA PHE I 400 -9.10 -49.84 -21.19
C PHE I 400 -10.49 -49.40 -21.64
N ASP I 401 -11.00 -48.27 -21.15
CA ASP I 401 -12.37 -47.85 -21.44
C ASP I 401 -13.38 -48.88 -20.94
N VAL I 402 -13.37 -49.11 -19.63
CA VAL I 402 -14.37 -49.93 -18.95
C VAL I 402 -14.67 -49.29 -17.60
N GLY I 403 -15.84 -49.57 -17.06
CA GLY I 403 -16.35 -48.81 -15.94
C GLY I 403 -16.25 -49.58 -14.63
N SER I 404 -16.22 -48.82 -13.54
CA SER I 404 -16.41 -49.29 -12.17
C SER I 404 -17.13 -50.64 -12.03
N ASP I 405 -18.27 -50.80 -12.70
CA ASP I 405 -19.05 -52.03 -12.58
C ASP I 405 -18.27 -53.26 -13.03
N ASP I 406 -17.48 -53.11 -14.10
CA ASP I 406 -16.88 -54.24 -14.82
C ASP I 406 -15.71 -54.78 -14.03
N ILE I 407 -15.93 -55.89 -13.33
CA ILE I 407 -14.88 -56.63 -12.64
C ILE I 407 -14.52 -57.84 -13.48
N GLU I 408 -15.47 -58.32 -14.28
CA GLU I 408 -15.18 -59.43 -15.19
C GLU I 408 -14.03 -59.09 -16.13
N PHE I 409 -13.92 -57.83 -16.55
CA PHE I 409 -12.80 -57.42 -17.39
C PHE I 409 -11.49 -57.41 -16.60
N ARG I 410 -11.52 -56.90 -15.37
CA ARG I 410 -10.34 -56.93 -14.52
C ARG I 410 -9.80 -58.35 -14.39
N HIS I 411 -10.68 -59.33 -14.20
CA HIS I 411 -10.19 -60.70 -14.16
C HIS I 411 -9.81 -61.21 -15.53
N ARG I 412 -10.34 -60.61 -16.59
CA ARG I 412 -9.98 -61.07 -17.93
C ARG I 412 -8.49 -60.79 -18.24
N VAL I 413 -8.01 -59.59 -17.91
CA VAL I 413 -6.60 -59.29 -18.16
C VAL I 413 -5.71 -60.10 -17.23
N ALA I 414 -6.13 -60.29 -15.98
CA ALA I 414 -5.30 -61.05 -15.05
C ALA I 414 -5.11 -62.48 -15.54
N TRP I 415 -6.17 -63.13 -16.02
CA TRP I 415 -6.01 -64.48 -16.54
C TRP I 415 -5.15 -64.50 -17.79
N ALA I 416 -5.32 -63.51 -18.68
CA ALA I 416 -4.39 -63.40 -19.80
C ALA I 416 -2.97 -63.27 -19.28
N TYR I 417 -2.81 -62.55 -18.16
CA TYR I 417 -1.50 -62.24 -17.61
C TYR I 417 -0.82 -63.47 -17.01
N VAL I 418 -1.53 -64.27 -16.20
CA VAL I 418 -0.91 -65.49 -15.68
C VAL I 418 -0.62 -66.46 -16.81
N GLU I 419 -1.49 -66.51 -17.83
CA GLU I 419 -1.12 -67.28 -19.01
C GLU I 419 0.24 -66.80 -19.52
N GLY I 420 0.45 -65.48 -19.52
CA GLY I 420 1.74 -64.93 -19.88
C GLY I 420 2.87 -65.49 -19.03
N LEU I 421 2.74 -65.41 -17.71
CA LEU I 421 3.82 -65.88 -16.84
C LEU I 421 4.10 -67.35 -17.06
N CYS I 422 3.05 -68.17 -17.17
CA CYS I 422 3.24 -69.57 -17.51
C CYS I 422 4.00 -69.68 -18.83
N TRP I 423 3.66 -68.84 -19.79
CA TRP I 423 4.35 -68.91 -21.08
C TRP I 423 5.82 -68.54 -20.93
N VAL I 424 6.12 -67.45 -20.24
CA VAL I 424 7.51 -67.02 -20.03
C VAL I 424 8.27 -68.07 -19.23
N LEU I 425 7.74 -68.48 -18.08
CA LEU I 425 8.45 -69.47 -17.28
C LEU I 425 8.69 -70.75 -18.09
N ARG I 426 7.71 -71.17 -18.91
CA ARG I 426 7.90 -72.35 -19.75
C ARG I 426 8.95 -72.09 -20.84
N TYR I 427 8.98 -70.89 -21.40
CA TYR I 427 9.95 -70.59 -22.45
C TYR I 427 11.38 -70.89 -22.01
N TYR I 428 11.75 -70.46 -20.80
CA TYR I 428 13.12 -70.62 -20.32
C TYR I 428 13.43 -72.04 -19.85
N TYR I 429 12.55 -72.64 -19.04
CA TYR I 429 12.90 -73.94 -18.45
C TYR I 429 12.60 -75.12 -19.35
N GLN I 430 11.74 -74.94 -20.34
CA GLN I 430 11.25 -76.06 -21.13
C GLN I 430 11.16 -75.77 -22.62
N GLY I 431 11.60 -74.60 -23.10
CA GLY I 431 11.49 -74.32 -24.52
C GLY I 431 10.13 -73.76 -24.88
N CYS I 432 10.01 -73.01 -25.97
CA CYS I 432 8.76 -72.33 -26.35
C CYS I 432 7.54 -73.24 -26.27
N ALA I 433 6.51 -72.76 -25.57
CA ALA I 433 5.27 -73.48 -25.43
C ALA I 433 4.22 -73.06 -26.47
N SER I 434 4.38 -71.89 -27.08
CA SER I 434 3.38 -71.48 -28.05
C SER I 434 3.94 -70.36 -28.91
N TRP I 435 4.02 -70.61 -30.21
CA TRP I 435 4.41 -69.62 -31.17
C TRP I 435 3.30 -68.61 -31.47
N ASP I 436 2.06 -68.88 -31.04
CA ASP I 436 0.94 -68.01 -31.37
C ASP I 436 0.49 -67.14 -30.22
N TRP I 437 0.75 -67.55 -28.99
CA TRP I 437 0.24 -66.81 -27.84
C TRP I 437 0.84 -65.42 -27.76
N TYR I 438 0.01 -64.47 -27.34
CA TYR I 438 0.47 -63.14 -27.02
C TYR I 438 -0.48 -62.52 -26.01
N PHE I 439 0.01 -61.51 -25.30
CA PHE I 439 -0.83 -60.80 -24.34
C PHE I 439 -1.60 -59.71 -25.07
N PRO I 440 -2.92 -59.78 -25.12
CA PRO I 440 -3.65 -58.88 -26.00
C PRO I 440 -4.18 -57.61 -25.33
N TYR I 441 -3.36 -57.00 -24.49
CA TYR I 441 -3.70 -55.72 -23.87
C TYR I 441 -2.45 -54.87 -23.84
N HIS I 442 -2.66 -53.55 -23.76
CA HIS I 442 -1.54 -52.61 -23.73
C HIS I 442 -1.06 -52.28 -22.32
N TYR I 443 -1.86 -52.61 -21.31
CA TYR I 443 -1.52 -52.25 -19.95
C TYR I 443 -1.72 -53.45 -19.03
N ALA I 444 -1.11 -53.37 -17.87
CA ALA I 444 -1.17 -54.47 -16.93
C ALA I 444 -2.30 -54.26 -15.93
N PRO I 445 -2.77 -55.33 -15.30
CA PRO I 445 -3.67 -55.21 -14.14
C PRO I 445 -2.86 -55.01 -12.87
N PHE I 446 -3.56 -54.91 -11.75
CA PHE I 446 -2.90 -54.82 -10.45
C PHE I 446 -2.82 -56.19 -9.80
N ALA I 447 -1.90 -56.31 -8.85
CA ALA I 447 -1.78 -57.57 -8.12
C ALA I 447 -3.10 -57.98 -7.46
N SER I 448 -3.94 -57.01 -7.09
CA SER I 448 -5.24 -57.31 -6.46
C SER I 448 -6.21 -57.99 -7.41
N ASP I 449 -5.98 -57.99 -8.71
CA ASP I 449 -6.95 -58.55 -9.64
C ASP I 449 -6.78 -60.04 -9.88
N PHE I 450 -5.69 -60.63 -9.38
CA PHE I 450 -5.39 -62.03 -9.63
C PHE I 450 -6.07 -62.96 -8.63
N GLU I 451 -7.00 -62.46 -7.83
CA GLU I 451 -7.88 -63.38 -7.14
C GLU I 451 -8.56 -64.28 -8.18
N THR I 452 -9.01 -65.44 -7.72
CA THR I 452 -9.61 -66.45 -8.59
C THR I 452 -8.66 -66.93 -9.69
N VAL I 453 -7.46 -66.34 -9.81
CA VAL I 453 -6.54 -66.82 -10.82
C VAL I 453 -6.13 -68.26 -10.58
N GLY I 454 -6.35 -68.76 -9.36
CA GLY I 454 -6.04 -70.15 -9.07
C GLY I 454 -6.87 -71.12 -9.89
N GLU I 455 -8.07 -70.70 -10.34
CA GLU I 455 -8.90 -71.59 -11.14
C GLU I 455 -8.39 -71.74 -12.56
N PHE I 456 -7.58 -70.80 -13.04
CA PHE I 456 -7.09 -70.84 -14.42
C PHE I 456 -6.22 -72.04 -14.66
N GLN I 457 -6.43 -72.71 -15.78
CA GLN I 457 -5.62 -73.87 -16.12
C GLN I 457 -5.00 -73.64 -17.49
N PRO I 458 -3.69 -73.63 -17.60
CA PRO I 458 -3.03 -73.24 -18.86
C PRO I 458 -3.17 -74.32 -19.92
N ASP I 459 -3.27 -73.85 -21.18
CA ASP I 459 -3.51 -74.74 -22.33
C ASP I 459 -2.59 -74.34 -23.47
N PHE I 460 -1.39 -74.93 -23.47
CA PHE I 460 -0.41 -74.72 -24.53
C PHE I 460 -0.23 -76.01 -25.33
N THR I 461 -1.29 -76.79 -25.41
CA THR I 461 -1.26 -78.06 -26.14
C THR I 461 -1.55 -77.87 -27.63
N ARG I 462 -2.22 -76.78 -28.01
CA ARG I 462 -2.46 -76.45 -29.40
C ARG I 462 -1.16 -76.51 -30.21
N PRO I 463 -1.14 -77.20 -31.36
CA PRO I 463 0.11 -77.28 -32.13
C PRO I 463 0.35 -75.96 -32.87
N THR I 464 1.58 -75.45 -32.78
CA THR I 464 1.96 -74.17 -33.36
C THR I 464 3.30 -74.29 -34.07
N LYS I 465 3.50 -73.46 -35.08
CA LYS I 465 4.75 -73.37 -35.83
C LYS I 465 5.15 -71.90 -35.96
N PRO I 466 6.44 -71.63 -36.11
CA PRO I 466 6.89 -70.25 -36.27
C PRO I 466 6.46 -69.67 -37.59
N PHE I 467 6.36 -68.35 -37.64
CA PHE I 467 6.01 -67.68 -38.89
C PHE I 467 7.09 -67.91 -39.96
N ASN I 468 6.71 -67.74 -41.22
CA ASN I 468 7.79 -67.67 -42.19
C ASN I 468 8.44 -66.29 -42.15
N PRO I 469 9.77 -66.23 -42.34
CA PRO I 469 10.47 -64.96 -42.10
C PRO I 469 9.82 -63.77 -42.78
N LEU I 470 9.44 -63.88 -44.05
CA LEU I 470 8.83 -62.73 -44.68
C LEU I 470 7.49 -62.36 -44.05
N GLU I 471 6.74 -63.35 -43.57
CA GLU I 471 5.51 -63.02 -42.87
C GLU I 471 5.78 -62.25 -41.60
N GLN I 472 6.83 -62.62 -40.85
CA GLN I 472 7.12 -61.87 -39.64
C GLN I 472 7.57 -60.46 -39.95
N LEU I 473 8.29 -60.25 -41.07
CA LEU I 473 8.66 -58.90 -41.47
C LEU I 473 7.44 -58.00 -41.55
N MSE I 474 6.39 -58.49 -42.16
CA MSE I 474 5.15 -57.72 -42.32
C MSE I 474 4.59 -57.38 -40.96
O MSE I 474 4.22 -56.24 -40.69
CB MSE I 474 4.14 -58.50 -43.14
CG MSE I 474 4.66 -58.93 -44.49
SE MSE I 474 4.92 -57.43 -45.69
CE MSE I 474 3.07 -56.86 -45.87
N SER I 475 4.53 -58.38 -40.10
CA SER I 475 3.89 -58.13 -38.82
C SER I 475 4.77 -57.36 -37.83
N VAL I 476 6.02 -57.01 -38.20
CA VAL I 476 6.87 -56.26 -37.27
C VAL I 476 7.44 -55.00 -37.94
N PHE I 477 7.32 -54.88 -39.29
CA PHE I 477 7.91 -53.69 -39.88
C PHE I 477 6.87 -52.58 -40.03
N PRO I 478 7.31 -51.33 -39.97
CA PRO I 478 6.49 -50.20 -40.43
C PRO I 478 6.71 -49.98 -41.91
N ALA I 479 5.86 -49.13 -42.50
CA ALA I 479 5.97 -48.87 -43.93
C ALA I 479 7.32 -48.25 -44.28
N ALA I 480 7.92 -47.49 -43.35
CA ALA I 480 9.21 -46.83 -43.56
C ALA I 480 10.35 -47.82 -43.83
N SER I 481 10.17 -49.10 -43.54
CA SER I 481 11.21 -50.08 -43.80
C SER I 481 10.79 -51.05 -44.89
N LYS I 482 9.95 -50.59 -45.83
CA LYS I 482 9.39 -51.49 -46.83
C LYS I 482 10.40 -51.91 -47.88
N GLN I 483 11.54 -51.23 -47.98
CA GLN I 483 12.55 -51.62 -48.98
C GLN I 483 12.84 -53.09 -48.90
N HIS I 484 12.97 -53.61 -47.70
CA HIS I 484 13.45 -54.94 -47.43
C HIS I 484 12.47 -56.01 -47.78
N LEU I 485 11.33 -55.70 -48.40
CA LEU I 485 10.34 -56.71 -48.73
C LEU I 485 10.16 -56.87 -50.22
N PRO I 486 9.61 -58.00 -50.67
CA PRO I 486 9.36 -58.19 -52.11
C PRO I 486 8.45 -57.10 -52.65
N VAL I 487 8.70 -56.70 -53.91
CA VAL I 487 8.09 -55.48 -54.45
C VAL I 487 6.57 -55.56 -54.39
N GLU I 488 6.00 -56.72 -54.66
CA GLU I 488 4.55 -56.85 -54.63
C GLU I 488 4.03 -56.81 -53.20
N TRP I 489 4.87 -57.15 -52.22
CA TRP I 489 4.47 -57.07 -50.83
C TRP I 489 4.49 -55.63 -50.32
N GLN I 490 5.38 -54.80 -50.86
CA GLN I 490 5.45 -53.40 -50.44
C GLN I 490 4.13 -52.67 -50.71
N LYS I 491 3.54 -52.91 -51.88
CA LYS I 491 2.26 -52.31 -52.24
C LYS I 491 1.24 -52.55 -51.13
N LEU I 492 1.25 -53.75 -50.54
CA LEU I 492 0.35 -54.06 -49.46
C LEU I 492 0.59 -53.22 -48.21
N MSE I 493 1.68 -52.46 -48.15
CA MSE I 493 1.99 -51.66 -46.96
C MSE I 493 1.74 -50.16 -47.18
O MSE I 493 1.64 -49.39 -46.22
CB MSE I 493 3.44 -51.83 -46.52
CG MSE I 493 3.92 -53.27 -46.35
SE MSE I 493 5.87 -53.40 -46.04
CE MSE I 493 5.93 -52.95 -44.14
N ILE I 494 1.64 -49.75 -48.44
CA ILE I 494 1.75 -48.32 -48.75
C ILE I 494 0.52 -47.82 -49.55
N GLN I 495 -0.09 -48.69 -50.36
CA GLN I 495 -1.20 -48.29 -51.23
C GLN I 495 -2.54 -48.30 -50.49
N ASP I 496 -3.42 -47.37 -50.86
CA ASP I 496 -4.67 -47.23 -50.12
C ASP I 496 -5.62 -48.39 -50.39
N ASP I 497 -5.49 -49.04 -51.55
CA ASP I 497 -6.37 -50.15 -51.93
C ASP I 497 -6.00 -51.49 -51.28
N SER I 498 -4.87 -51.58 -50.57
CA SER I 498 -4.45 -52.84 -49.96
C SER I 498 -5.30 -53.20 -48.74
N PRO I 499 -5.81 -54.43 -48.64
CA PRO I 499 -6.69 -54.81 -47.53
C PRO I 499 -6.01 -55.10 -46.19
N ILE I 500 -4.73 -54.76 -46.01
CA ILE I 500 -4.10 -54.83 -44.69
C ILE I 500 -3.44 -53.50 -44.34
N ILE I 501 -3.83 -52.43 -45.05
CA ILE I 501 -3.25 -51.10 -44.83
C ILE I 501 -3.45 -50.63 -43.39
N ASP I 502 -4.47 -51.16 -42.69
CA ASP I 502 -4.72 -50.75 -41.32
C ASP I 502 -3.60 -51.13 -40.37
N LEU I 503 -2.74 -52.08 -40.76
CA LEU I 503 -1.65 -52.52 -39.90
C LEU I 503 -0.45 -51.59 -39.92
N TYR I 504 -0.43 -50.58 -40.77
CA TYR I 504 0.75 -49.74 -40.97
C TYR I 504 0.44 -48.26 -40.88
N PRO I 505 0.18 -47.77 -39.67
CA PRO I 505 -0.10 -46.33 -39.52
C PRO I 505 1.13 -45.48 -39.80
N ALA I 506 0.89 -44.30 -40.38
CA ALA I 506 1.99 -43.37 -40.63
C ALA I 506 2.51 -42.80 -39.32
N ASP I 507 1.62 -42.56 -38.35
CA ASP I 507 1.97 -42.09 -37.01
C ASP I 507 1.05 -42.74 -35.98
N PHE I 508 1.49 -42.67 -34.72
CA PHE I 508 0.75 -43.28 -33.62
C PHE I 508 1.08 -42.51 -32.34
N ARG I 509 0.19 -42.57 -31.37
CA ARG I 509 0.44 -41.91 -30.09
C ARG I 509 1.23 -42.82 -29.17
N ILE I 510 2.09 -42.22 -28.34
CA ILE I 510 2.81 -42.94 -27.31
C ILE I 510 2.38 -42.38 -25.96
N ASP I 511 1.84 -43.26 -25.11
CA ASP I 511 1.41 -42.92 -23.76
C ASP I 511 2.59 -43.03 -22.80
N LEU I 512 2.99 -41.91 -22.21
CA LEU I 512 4.12 -41.95 -21.28
C LEU I 512 3.82 -42.85 -20.11
N ASN I 513 2.55 -42.96 -19.72
CA ASN I 513 2.13 -43.91 -18.69
C ASN I 513 2.86 -43.66 -17.38
N GLY I 514 3.00 -42.39 -17.01
CA GLY I 514 3.71 -42.01 -15.80
C GLY I 514 5.21 -41.98 -15.92
N LYS I 515 5.78 -42.91 -16.71
CA LYS I 515 7.22 -42.96 -16.91
C LYS I 515 7.73 -41.64 -17.50
N LYS I 516 9.06 -41.47 -17.46
CA LYS I 516 9.63 -40.18 -17.87
C LYS I 516 9.78 -40.07 -19.38
N TYR I 517 10.45 -41.04 -20.00
CA TYR I 517 10.86 -40.92 -21.39
C TYR I 517 9.90 -41.68 -22.31
N ALA I 518 9.83 -41.22 -23.57
CA ALA I 518 8.90 -41.82 -24.53
C ALA I 518 9.24 -43.28 -24.83
N TRP I 519 10.51 -43.66 -24.71
CA TRP I 519 10.82 -45.05 -25.01
C TRP I 519 10.45 -45.98 -23.86
N GLN I 520 10.11 -45.43 -22.69
CA GLN I 520 9.58 -46.26 -21.61
C GLN I 520 8.07 -46.40 -21.66
N GLY I 521 7.39 -45.60 -22.49
CA GLY I 521 5.95 -45.59 -22.53
C GLY I 521 5.40 -46.66 -23.45
N VAL I 522 4.10 -46.62 -23.62
CA VAL I 522 3.35 -47.59 -24.38
C VAL I 522 3.07 -47.02 -25.77
N ALA I 523 3.43 -47.76 -26.82
CA ALA I 523 3.10 -47.38 -28.19
C ALA I 523 1.67 -47.84 -28.49
N LEU I 524 0.75 -46.91 -28.67
CA LEU I 524 -0.63 -47.31 -28.90
C LEU I 524 -0.80 -47.65 -30.38
N LEU I 525 -0.28 -48.83 -30.74
CA LEU I 525 -0.30 -49.44 -32.04
C LEU I 525 -1.30 -50.59 -32.11
N PRO I 526 -2.01 -50.75 -33.22
CA PRO I 526 -2.98 -51.84 -33.33
C PRO I 526 -2.31 -53.20 -33.46
N PHE I 527 -2.90 -54.21 -32.81
CA PHE I 527 -2.39 -55.57 -32.90
C PHE I 527 -2.65 -56.15 -34.29
N VAL I 528 -1.74 -57.03 -34.71
CA VAL I 528 -1.79 -57.57 -36.08
C VAL I 528 -2.91 -58.59 -36.19
N ASP I 529 -3.76 -58.45 -37.20
CA ASP I 529 -4.73 -59.51 -37.48
C ASP I 529 -3.95 -60.60 -38.21
N GLU I 530 -3.47 -61.59 -37.45
CA GLU I 530 -2.60 -62.59 -38.05
C GLU I 530 -3.32 -63.31 -39.19
N THR I 531 -4.59 -63.67 -38.98
CA THR I 531 -5.32 -64.46 -39.96
C THR I 531 -5.61 -63.66 -41.24
N ARG I 532 -6.02 -62.39 -41.09
CA ARG I 532 -6.29 -61.55 -42.24
C ARG I 532 -5.01 -61.24 -43.01
N LEU I 533 -3.89 -61.08 -42.32
CA LEU I 533 -2.62 -60.85 -43.00
C LEU I 533 -2.27 -62.01 -43.91
N LEU I 534 -2.26 -63.24 -43.35
CA LEU I 534 -1.89 -64.43 -44.12
C LEU I 534 -2.82 -64.62 -45.32
N ALA I 535 -4.12 -64.33 -45.14
CA ALA I 535 -5.05 -64.40 -46.26
C ALA I 535 -4.68 -63.37 -47.34
N THR I 536 -4.34 -62.14 -46.93
CA THR I 536 -3.99 -61.13 -47.92
C THR I 536 -2.73 -61.52 -48.68
N LEU I 537 -1.78 -62.15 -48.01
CA LEU I 537 -0.51 -62.51 -48.61
C LEU I 537 -0.63 -63.63 -49.64
N GLN I 538 -1.75 -64.37 -49.65
CA GLN I 538 -1.88 -65.46 -50.61
C GLN I 538 -1.83 -64.95 -52.05
N SER I 539 -2.38 -63.75 -52.29
CA SER I 539 -2.38 -63.20 -53.64
C SER I 539 -0.99 -62.80 -54.12
N VAL I 540 -0.04 -62.57 -53.22
CA VAL I 540 1.31 -62.14 -53.63
C VAL I 540 2.37 -63.19 -53.37
N TYR I 541 2.03 -64.31 -52.72
CA TYR I 541 3.03 -65.33 -52.47
C TYR I 541 3.66 -65.91 -53.73
N PRO I 542 2.94 -66.18 -54.82
CA PRO I 542 3.58 -66.72 -56.03
C PRO I 542 4.46 -65.73 -56.78
N THR I 543 4.54 -64.47 -56.36
CA THR I 543 5.39 -63.46 -57.00
C THR I 543 6.83 -63.46 -56.49
N LEU I 544 7.18 -64.34 -55.55
CA LEU I 544 8.51 -64.36 -54.99
C LEU I 544 9.55 -64.75 -56.01
N THR I 545 10.69 -64.05 -55.99
CA THR I 545 11.86 -64.44 -56.76
C THR I 545 12.56 -65.64 -56.13
N ALA I 546 13.53 -66.19 -56.85
CA ALA I 546 14.30 -67.31 -56.31
C ALA I 546 14.93 -66.95 -54.98
N GLU I 547 15.70 -65.84 -54.93
CA GLU I 547 16.35 -65.43 -53.67
C GLU I 547 15.33 -65.19 -52.57
N GLU I 548 14.19 -64.60 -52.90
CA GLU I 548 13.21 -64.27 -51.89
C GLU I 548 12.62 -65.52 -51.26
N LYS I 549 12.29 -66.54 -52.07
CA LYS I 549 11.90 -67.83 -51.53
C LYS I 549 12.96 -68.37 -50.60
N GLN I 550 14.23 -68.07 -50.89
CA GLN I 550 15.34 -68.57 -50.08
C GLN I 550 15.32 -67.95 -48.69
N ARG I 551 15.22 -66.63 -48.61
CA ARG I 551 15.13 -65.94 -47.34
C ARG I 551 13.92 -66.35 -46.53
N ASN I 552 12.89 -66.91 -47.17
CA ASN I 552 11.64 -67.27 -46.51
C ASN I 552 11.60 -68.74 -46.05
N THR I 553 12.75 -69.42 -45.97
CA THR I 553 12.78 -70.84 -45.64
C THR I 553 13.39 -71.09 -44.26
N ARG I 554 12.80 -72.05 -43.54
CA ARG I 554 13.41 -72.55 -42.31
C ARG I 554 14.68 -73.31 -42.66
N GLY I 555 15.82 -72.87 -42.14
CA GLY I 555 17.10 -73.50 -42.41
C GLY I 555 17.69 -74.11 -41.16
N PRO I 556 18.89 -74.68 -41.29
CA PRO I 556 19.50 -75.46 -40.20
C PRO I 556 20.60 -74.72 -39.46
N ASN I 557 21.07 -75.35 -38.37
CA ASN I 557 22.30 -74.92 -37.71
C ASN I 557 23.48 -75.57 -38.42
N ARG I 558 24.65 -74.95 -38.28
CA ARG I 558 25.88 -75.47 -38.85
C ARG I 558 26.93 -75.56 -37.76
N ILE I 559 27.78 -76.56 -37.89
CA ILE I 559 28.89 -76.78 -36.97
C ILE I 559 30.15 -76.97 -37.80
N PHE I 560 31.25 -76.38 -37.33
CA PHE I 560 32.49 -76.31 -38.07
C PHE I 560 33.63 -76.75 -37.17
N ILE I 561 34.57 -77.51 -37.73
CA ILE I 561 35.84 -77.82 -37.07
C ILE I 561 36.98 -77.76 -38.05
N GLY I 562 38.17 -77.52 -37.51
CA GLY I 562 39.36 -77.48 -38.36
C GLY I 562 40.00 -78.85 -38.48
N ARG I 563 40.99 -78.95 -39.37
CA ARG I 563 41.54 -80.26 -39.72
C ARG I 563 42.29 -80.93 -38.57
N ASN I 564 42.78 -80.21 -37.56
CA ASN I 564 43.40 -80.92 -36.44
C ASN I 564 42.41 -81.47 -35.45
N HIS I 565 41.15 -81.05 -35.52
CA HIS I 565 40.20 -81.40 -34.50
C HIS I 565 40.06 -82.91 -34.46
N LYS I 566 39.97 -83.49 -33.25
CA LYS I 566 40.04 -84.95 -33.19
C LYS I 566 38.80 -85.60 -33.76
N SER I 567 37.79 -84.80 -34.10
CA SER I 567 36.58 -85.26 -34.74
C SER I 567 36.54 -84.95 -36.22
N PHE I 568 37.67 -84.51 -36.80
CA PHE I 568 37.65 -84.06 -38.19
C PHE I 568 37.32 -85.19 -39.15
N GLU I 569 38.01 -86.33 -39.01
CA GLU I 569 37.72 -87.47 -39.89
C GLU I 569 36.25 -87.88 -39.75
N PHE I 570 35.72 -87.86 -38.52
CA PHE I 570 34.30 -88.17 -38.33
C PHE I 570 33.40 -87.27 -39.17
N PHE I 571 33.58 -85.95 -39.09
CA PHE I 571 32.74 -85.06 -39.91
C PHE I 571 32.94 -85.33 -41.40
N GLN I 572 34.14 -85.69 -41.80
CA GLN I 572 34.40 -85.83 -43.22
C GLN I 572 33.62 -86.97 -43.80
N GLN I 573 33.51 -88.08 -43.04
CA GLN I 573 32.72 -89.20 -43.52
C GLN I 573 31.27 -88.78 -43.72
N VAL I 574 30.74 -87.96 -42.81
CA VAL I 574 29.37 -87.47 -43.03
C VAL I 574 29.34 -86.53 -44.22
N ALA I 575 30.31 -85.61 -44.30
CA ALA I 575 30.29 -84.64 -45.39
C ALA I 575 30.44 -85.29 -46.75
N GLU I 576 31.22 -86.38 -46.86
CA GLU I 576 31.44 -87.02 -48.16
C GLU I 576 30.31 -87.94 -48.55
N SER I 577 29.49 -88.38 -47.59
CA SER I 577 28.37 -89.26 -47.87
C SER I 577 27.32 -88.64 -48.79
N LYS I 578 27.23 -87.32 -48.86
CA LYS I 578 26.25 -86.62 -49.70
C LYS I 578 24.82 -87.10 -49.44
N SER I 579 24.58 -87.55 -48.22
CA SER I 579 23.31 -88.09 -47.74
C SER I 579 22.57 -87.11 -46.82
N ASP I 580 21.25 -87.26 -46.77
CA ASP I 580 20.45 -86.46 -45.86
C ASP I 580 20.28 -87.12 -44.49
N ASP I 581 20.76 -88.35 -44.30
CA ASP I 581 20.67 -88.99 -43.00
C ASP I 581 21.37 -88.15 -41.94
N LEU I 582 20.69 -87.97 -40.82
CA LEU I 582 21.24 -87.25 -39.69
C LEU I 582 22.04 -88.28 -38.89
N VAL I 583 23.34 -88.03 -38.73
CA VAL I 583 24.23 -88.98 -38.08
C VAL I 583 24.49 -88.51 -36.65
N PRO I 584 24.31 -89.36 -35.65
CA PRO I 584 24.63 -88.94 -34.29
C PRO I 584 26.13 -88.76 -34.08
N LEU I 585 26.48 -87.65 -33.43
CA LEU I 585 27.85 -87.37 -33.06
C LEU I 585 28.37 -88.39 -32.04
N ASP I 586 29.67 -88.63 -32.08
CA ASP I 586 30.44 -89.36 -31.10
C ASP I 586 30.98 -88.36 -30.09
N PRO I 587 30.33 -88.21 -28.95
CA PRO I 587 30.74 -87.17 -27.99
C PRO I 587 32.14 -87.39 -27.41
N THR I 588 32.68 -88.59 -27.53
CA THR I 588 34.07 -88.86 -27.20
C THR I 588 35.05 -87.94 -27.93
N LEU I 589 34.70 -87.52 -29.14
CA LEU I 589 35.57 -86.65 -29.91
C LEU I 589 35.25 -85.18 -29.73
N LEU I 590 34.43 -84.84 -28.73
CA LEU I 590 33.95 -83.47 -28.63
C LEU I 590 33.81 -83.01 -27.18
N ASN I 591 34.48 -83.67 -26.24
CA ASN I 591 34.31 -83.34 -24.82
C ASN I 591 32.85 -83.42 -24.43
N GLY I 592 32.14 -84.38 -25.00
CA GLY I 592 30.81 -84.65 -24.57
C GLY I 592 29.70 -83.94 -25.33
N VAL I 593 30.02 -83.18 -26.38
CA VAL I 593 28.95 -82.58 -27.17
C VAL I 593 28.15 -83.66 -27.90
N SER I 594 26.84 -83.65 -27.69
CA SER I 594 25.92 -84.54 -28.34
C SER I 594 25.15 -83.78 -29.39
N GLY I 595 24.57 -84.52 -30.30
CA GLY I 595 23.74 -83.94 -31.33
C GLY I 595 23.84 -84.76 -32.59
N LYS I 596 23.29 -84.22 -33.65
CA LYS I 596 23.36 -84.90 -34.94
C LYS I 596 23.91 -83.93 -35.98
N ILE I 597 24.67 -84.49 -36.92
CA ILE I 597 25.21 -83.74 -38.03
C ILE I 597 24.74 -84.38 -39.33
N ALA I 598 24.85 -83.61 -40.41
CA ALA I 598 24.49 -84.09 -41.73
C ALA I 598 25.19 -83.26 -42.80
N TYR I 599 25.29 -83.87 -43.98
CA TYR I 599 25.93 -83.28 -45.15
C TYR I 599 25.30 -81.95 -45.52
N ASP I 600 26.14 -80.93 -45.70
CA ASP I 600 25.70 -79.60 -46.10
C ASP I 600 26.15 -79.34 -47.54
N SER I 601 25.20 -79.39 -48.47
CA SER I 601 25.48 -79.16 -49.88
C SER I 601 25.97 -77.76 -50.17
N THR I 602 25.68 -76.79 -49.32
CA THR I 602 26.21 -75.47 -49.58
C THR I 602 27.60 -75.30 -49.00
N ALA I 603 28.13 -76.30 -48.31
CA ALA I 603 29.38 -76.10 -47.61
C ALA I 603 30.55 -76.08 -48.58
N THR I 604 31.54 -75.26 -48.27
CA THR I 604 32.80 -75.25 -48.99
C THR I 604 33.72 -76.34 -48.46
N ALA I 605 34.16 -77.22 -49.36
CA ALA I 605 34.93 -78.36 -48.92
C ALA I 605 36.34 -77.98 -48.52
N PRO I 606 36.96 -78.75 -47.63
CA PRO I 606 38.38 -78.54 -47.32
C PRO I 606 39.23 -78.64 -48.58
N GLY I 607 40.27 -77.81 -48.65
CA GLY I 607 41.19 -77.86 -49.77
C GLY I 607 40.85 -76.97 -50.95
N LEU I 608 39.68 -76.34 -50.94
CA LEU I 608 39.25 -75.38 -51.96
C LEU I 608 39.43 -73.96 -51.46
N PRO I 609 39.48 -72.99 -52.36
CA PRO I 609 39.42 -71.57 -51.95
C PRO I 609 38.04 -71.21 -51.44
N PHE I 610 38.03 -70.14 -50.67
CA PHE I 610 36.82 -69.56 -50.11
C PHE I 610 36.95 -68.05 -50.35
N VAL I 611 36.28 -67.56 -51.37
CA VAL I 611 36.45 -66.16 -51.76
C VAL I 611 35.65 -65.29 -50.78
N SER I 612 36.22 -64.17 -50.40
CA SER I 612 35.61 -63.34 -49.36
C SER I 612 34.40 -62.58 -49.90
N PRO I 613 33.24 -62.70 -49.27
CA PRO I 613 32.10 -61.86 -49.65
C PRO I 613 32.13 -60.47 -49.05
N VAL I 614 33.17 -60.14 -48.29
CA VAL I 614 33.33 -58.84 -47.66
C VAL I 614 34.49 -58.17 -48.38
N ASN I 615 34.21 -57.13 -49.15
CA ASN I 615 35.21 -56.43 -49.93
C ASN I 615 35.92 -55.43 -49.01
N HIS I 616 37.02 -55.86 -48.39
CA HIS I 616 37.71 -55.08 -47.36
C HIS I 616 39.12 -55.62 -47.13
N ASP I 617 40.03 -54.72 -46.75
CA ASP I 617 41.43 -55.13 -46.59
C ASP I 617 41.58 -56.20 -45.52
N GLU I 618 40.75 -56.16 -44.49
CA GLU I 618 40.85 -57.15 -43.43
C GLU I 618 40.25 -58.50 -43.83
N CYS I 619 39.53 -58.57 -44.94
CA CYS I 619 38.83 -59.79 -45.35
C CYS I 619 39.34 -60.24 -46.71
N GLN I 620 40.57 -60.76 -46.74
CA GLN I 620 41.17 -61.34 -47.94
C GLN I 620 40.54 -62.69 -48.25
N ASP I 621 40.55 -63.08 -49.53
CA ASP I 621 40.11 -64.42 -49.89
C ASP I 621 40.90 -65.48 -49.15
N LEU I 622 40.25 -66.59 -48.88
CA LEU I 622 40.88 -67.69 -48.17
C LEU I 622 41.49 -68.58 -49.22
N PRO I 623 42.81 -68.69 -49.31
CA PRO I 623 43.37 -69.47 -50.44
C PRO I 623 43.04 -70.95 -50.38
N THR I 624 43.09 -71.55 -49.20
CA THR I 624 42.76 -72.96 -49.04
C THR I 624 42.06 -73.15 -47.71
N ASN I 625 40.79 -73.56 -47.79
CA ASN I 625 39.99 -73.74 -46.61
C ASN I 625 40.37 -75.05 -45.94
N CYS I 626 40.56 -75.02 -44.63
CA CYS I 626 40.88 -76.25 -43.91
C CYS I 626 39.79 -76.64 -42.95
N GLY I 627 38.66 -75.94 -42.99
CA GLY I 627 37.55 -76.22 -42.09
C GLY I 627 36.44 -76.96 -42.82
N ILE I 628 35.82 -77.90 -42.11
CA ILE I 628 34.72 -78.65 -42.67
C ILE I 628 33.41 -78.21 -42.00
N CYS I 629 32.36 -78.11 -42.81
CA CYS I 629 31.08 -77.54 -42.36
C CYS I 629 29.96 -78.53 -42.59
N VAL I 630 29.25 -78.91 -41.52
CA VAL I 630 28.08 -79.77 -41.67
C VAL I 630 26.89 -79.18 -40.94
N LEU I 631 25.70 -79.70 -41.27
CA LEU I 631 24.48 -79.30 -40.56
C LEU I 631 24.48 -79.88 -39.17
N TYR I 632 23.88 -79.15 -38.26
CA TYR I 632 23.88 -79.54 -36.86
C TYR I 632 22.47 -79.53 -36.31
N GLU I 633 22.24 -80.46 -35.40
CA GLU I 633 20.95 -80.55 -34.73
C GLU I 633 21.20 -80.79 -33.26
N ASP I 634 20.58 -79.97 -32.42
CA ASP I 634 20.66 -80.21 -31.00
C ASP I 634 20.16 -81.62 -30.68
N PRO I 635 20.72 -82.28 -29.67
CA PRO I 635 20.23 -83.60 -29.30
C PRO I 635 18.78 -83.52 -28.87
N GLU I 636 18.05 -84.63 -29.09
CA GLU I 636 16.60 -84.66 -28.87
C GLU I 636 16.24 -85.25 -27.53
N ASP J 9 -23.12 -64.06 -39.25
CA ASP J 9 -21.96 -63.68 -40.04
C ASP J 9 -21.14 -62.58 -39.36
N VAL J 10 -21.81 -61.50 -38.99
CA VAL J 10 -21.15 -60.32 -38.42
C VAL J 10 -20.57 -60.59 -37.04
N GLU J 11 -21.28 -61.36 -36.22
CA GLU J 11 -20.87 -61.55 -34.82
C GLU J 11 -19.54 -62.29 -34.68
N ALA J 12 -19.22 -63.20 -35.61
CA ALA J 12 -18.03 -64.05 -35.54
C ALA J 12 -16.74 -63.30 -35.89
N GLU J 13 -16.82 -62.01 -36.23
CA GLU J 13 -15.65 -61.25 -36.60
C GLU J 13 -14.86 -60.72 -35.40
N LYS J 14 -15.35 -60.89 -34.18
CA LYS J 14 -14.69 -60.32 -33.00
C LYS J 14 -13.26 -60.82 -32.87
N LYS J 15 -12.40 -59.96 -32.35
CA LYS J 15 -10.98 -60.27 -32.28
C LYS J 15 -10.58 -60.51 -30.84
N LEU J 16 -9.32 -60.93 -30.70
CA LEU J 16 -8.82 -61.39 -29.41
C LEU J 16 -8.42 -60.20 -28.52
N TRP J 17 -8.21 -59.03 -29.08
CA TRP J 17 -7.79 -57.91 -28.24
C TRP J 17 -8.95 -57.02 -27.83
N GLU J 18 -10.12 -57.20 -28.41
CA GLU J 18 -11.21 -56.25 -28.26
C GLU J 18 -11.97 -56.42 -26.95
N SER J 19 -12.08 -55.32 -26.20
CA SER J 19 -13.02 -55.20 -25.10
C SER J 19 -14.43 -55.14 -25.68
N ASP J 20 -15.45 -55.27 -24.83
CA ASP J 20 -16.82 -55.27 -25.34
C ASP J 20 -17.23 -53.92 -25.92
N ASP J 21 -16.89 -52.82 -25.23
CA ASP J 21 -17.27 -51.51 -25.73
C ASP J 21 -16.60 -51.21 -27.06
N ALA J 22 -15.31 -51.51 -27.16
CA ALA J 22 -14.61 -51.31 -28.42
C ALA J 22 -15.18 -52.21 -29.50
N TRP J 23 -15.72 -53.36 -29.09
CA TRP J 23 -16.22 -54.35 -30.03
C TRP J 23 -17.52 -53.89 -30.68
N GLU J 24 -18.46 -53.39 -29.87
CA GLU J 24 -19.72 -52.93 -30.42
C GLU J 24 -19.53 -51.77 -31.39
N LEU J 25 -18.52 -50.93 -31.15
CA LEU J 25 -18.26 -49.81 -32.05
C LEU J 25 -17.80 -50.31 -33.42
N ARG J 26 -16.95 -51.34 -33.47
CA ARG J 26 -16.59 -51.94 -34.75
C ARG J 26 -17.79 -52.62 -35.42
N LYS J 27 -18.52 -53.42 -34.64
CA LYS J 27 -19.67 -54.14 -35.17
C LYS J 27 -20.69 -53.14 -35.74
N ALA J 28 -21.02 -52.08 -34.99
CA ALA J 28 -21.97 -51.08 -35.48
C ALA J 28 -21.45 -50.43 -36.76
N PHE J 29 -20.12 -50.25 -36.86
CA PHE J 29 -19.55 -49.73 -38.09
C PHE J 29 -19.78 -50.71 -39.24
N MSE J 30 -19.35 -51.95 -39.07
CA MSE J 30 -19.49 -52.97 -40.10
C MSE J 30 -20.93 -53.13 -40.60
O MSE J 30 -21.18 -53.11 -41.81
CB MSE J 30 -18.96 -54.31 -39.57
CG MSE J 30 -17.50 -54.29 -39.13
SE MSE J 30 -16.72 -56.04 -38.66
CE MSE J 30 -16.24 -56.68 -40.43
N LEU J 31 -21.89 -53.27 -39.67
CA LEU J 31 -23.28 -53.40 -40.08
C LEU J 31 -23.70 -52.24 -40.97
N ALA J 32 -23.19 -51.04 -40.70
CA ALA J 32 -23.55 -49.87 -41.49
C ALA J 32 -23.01 -49.94 -42.92
N HIS J 33 -22.02 -50.81 -43.18
CA HIS J 33 -21.43 -50.87 -44.51
C HIS J 33 -21.32 -52.30 -45.06
N TYR J 34 -21.86 -53.30 -44.34
CA TYR J 34 -21.80 -54.71 -44.75
C TYR J 34 -22.18 -54.90 -46.22
N ASP J 35 -23.26 -54.28 -46.67
CA ASP J 35 -23.71 -54.43 -48.05
C ASP J 35 -22.98 -53.51 -49.03
N ASP J 36 -21.81 -52.97 -48.68
CA ASP J 36 -21.12 -52.05 -49.58
C ASP J 36 -19.69 -52.46 -49.90
N TYR J 37 -19.14 -53.45 -49.19
CA TYR J 37 -17.74 -53.85 -49.31
C TYR J 37 -17.66 -55.35 -49.09
N PRO J 38 -16.75 -56.03 -49.75
CA PRO J 38 -16.56 -57.47 -49.51
C PRO J 38 -16.06 -57.74 -48.09
N LYS J 39 -16.17 -59.02 -47.71
CA LYS J 39 -15.87 -59.45 -46.35
C LYS J 39 -14.54 -58.90 -45.84
N ILE J 40 -13.45 -59.17 -46.58
CA ILE J 40 -12.12 -58.82 -46.09
C ILE J 40 -11.88 -57.31 -46.14
N GLN J 41 -12.48 -56.62 -47.13
CA GLN J 41 -12.33 -55.17 -47.24
C GLN J 41 -13.02 -54.45 -46.08
N LEU J 42 -14.19 -54.96 -45.66
CA LEU J 42 -14.88 -54.39 -44.52
C LEU J 42 -14.08 -54.59 -43.24
N GLN J 43 -13.51 -55.79 -43.06
CA GLN J 43 -12.65 -56.07 -41.91
C GLN J 43 -11.59 -54.98 -41.76
N CYS J 44 -10.93 -54.64 -42.87
CA CYS J 44 -9.86 -53.65 -42.84
C CYS J 44 -10.39 -52.27 -42.47
N LEU J 45 -11.35 -51.77 -43.24
CA LEU J 45 -11.82 -50.42 -43.04
C LEU J 45 -12.42 -50.25 -41.66
N SER J 46 -13.07 -51.29 -41.12
CA SER J 46 -13.63 -51.20 -39.77
C SER J 46 -12.52 -51.22 -38.74
N GLN J 47 -11.50 -52.05 -38.96
CA GLN J 47 -10.33 -51.98 -38.09
C GLN J 47 -9.60 -50.66 -38.27
N LEU J 48 -9.55 -50.17 -39.50
CA LEU J 48 -8.99 -48.85 -39.75
C LEU J 48 -9.75 -47.79 -38.97
N PHE J 49 -11.08 -47.92 -38.93
CA PHE J 49 -11.92 -46.96 -38.25
C PHE J 49 -11.57 -46.87 -36.77
N ILE J 50 -11.65 -47.99 -36.04
CA ILE J 50 -11.45 -47.89 -34.60
C ILE J 50 -9.99 -47.73 -34.23
N ASN J 51 -9.05 -48.06 -35.14
CA ASN J 51 -7.66 -47.75 -34.85
C ASN J 51 -7.44 -46.24 -34.82
N VAL J 52 -8.18 -45.50 -35.64
CA VAL J 52 -8.04 -44.06 -35.64
C VAL J 52 -8.79 -43.45 -34.47
N THR J 53 -10.05 -43.83 -34.30
CA THR J 53 -10.88 -43.17 -33.29
C THR J 53 -10.48 -43.61 -31.88
N LEU J 54 -10.14 -44.89 -31.70
CA LEU J 54 -9.84 -45.33 -30.34
C LEU J 54 -8.36 -45.21 -30.03
N LEU J 55 -7.50 -45.70 -30.92
CA LEU J 55 -6.07 -45.76 -30.66
C LEU J 55 -5.35 -44.46 -31.00
N GLY J 56 -5.91 -43.64 -31.88
CA GLY J 56 -5.29 -42.37 -32.20
C GLY J 56 -4.22 -42.41 -33.27
N CYS J 57 -4.31 -43.35 -34.21
CA CYS J 57 -3.34 -43.51 -35.28
C CYS J 57 -3.70 -42.61 -36.45
N GLU J 58 -2.69 -42.23 -37.22
CA GLU J 58 -2.88 -41.48 -38.45
C GLU J 58 -2.55 -42.36 -39.64
N TYR J 59 -3.27 -42.16 -40.73
CA TYR J 59 -2.99 -42.82 -42.00
C TYR J 59 -2.82 -41.75 -43.08
N SER J 60 -2.83 -42.18 -44.34
CA SER J 60 -2.61 -41.27 -45.45
C SER J 60 -3.70 -40.22 -45.49
N GLN J 61 -3.34 -39.05 -46.02
CA GLN J 61 -4.28 -37.97 -46.30
C GLN J 61 -5.63 -38.44 -46.87
N THR J 62 -5.61 -39.36 -47.85
CA THR J 62 -6.84 -39.84 -48.47
C THR J 62 -7.65 -40.70 -47.52
N LEU J 63 -7.00 -41.64 -46.83
CA LEU J 63 -7.72 -42.60 -46.00
C LEU J 63 -8.40 -41.94 -44.80
N MSE J 64 -7.86 -40.83 -44.32
CA MSE J 64 -8.49 -40.10 -43.22
C MSE J 64 -9.84 -39.50 -43.66
O MSE J 64 -10.83 -39.59 -42.95
CB MSE J 64 -7.56 -39.01 -42.72
CG MSE J 64 -6.23 -39.56 -42.21
SE MSE J 64 -6.37 -40.48 -40.49
CE MSE J 64 -5.49 -39.12 -39.35
N GLN J 65 -9.84 -38.91 -44.85
CA GLN J 65 -11.07 -38.34 -45.39
C GLN J 65 -12.16 -39.40 -45.54
N LYS J 66 -11.79 -40.63 -45.86
CA LYS J 66 -12.78 -41.70 -46.04
C LYS J 66 -13.26 -42.26 -44.70
N ILE J 67 -12.34 -42.47 -43.75
CA ILE J 67 -12.73 -42.99 -42.43
C ILE J 67 -13.57 -41.95 -41.70
N ARG J 68 -13.26 -40.67 -41.87
CA ARG J 68 -14.13 -39.61 -41.36
C ARG J 68 -15.52 -39.70 -41.98
N THR J 69 -15.58 -39.94 -43.31
CA THR J 69 -16.85 -39.92 -44.04
C THR J 69 -17.73 -41.09 -43.64
N MSE J 70 -17.19 -42.32 -43.66
CA MSE J 70 -17.91 -43.51 -43.22
C MSE J 70 -18.18 -43.49 -41.73
O MSE J 70 -19.12 -44.13 -41.25
CB MSE J 70 -17.13 -44.78 -43.57
CG MSE J 70 -17.08 -45.19 -45.03
SE MSE J 70 -15.84 -46.69 -45.33
CE MSE J 70 -16.87 -48.19 -44.64
N GLY J 71 -17.34 -42.78 -40.98
CA GLY J 71 -17.40 -42.85 -39.53
C GLY J 71 -18.42 -41.93 -38.90
N ALA J 72 -18.92 -40.96 -39.66
CA ALA J 72 -19.87 -39.98 -39.12
C ALA J 72 -21.12 -40.68 -38.61
N GLY J 73 -21.45 -40.42 -37.34
CA GLY J 73 -22.70 -40.85 -36.75
C GLY J 73 -22.72 -42.20 -36.07
N ILE J 74 -21.64 -42.97 -36.11
CA ILE J 74 -21.62 -44.26 -35.45
C ILE J 74 -21.03 -44.07 -34.06
N ALA J 75 -21.84 -44.32 -33.03
CA ALA J 75 -21.42 -44.16 -31.64
C ALA J 75 -21.76 -45.40 -30.81
N PRO K 4 32.23 37.30 -12.92
CA PRO K 4 33.58 37.33 -13.46
C PRO K 4 33.78 36.44 -14.71
N ALA K 5 32.95 36.59 -15.75
CA ALA K 5 32.78 35.54 -16.76
C ALA K 5 34.10 35.10 -17.41
N PHE K 6 34.80 36.02 -18.07
CA PHE K 6 36.02 35.66 -18.79
C PHE K 6 37.21 35.43 -17.85
N PHE K 7 37.35 36.29 -16.82
CA PHE K 7 38.40 36.17 -15.81
C PHE K 7 38.31 34.86 -15.01
N ARG K 8 37.12 34.50 -14.54
CA ARG K 8 36.98 33.23 -13.84
C ARG K 8 37.54 32.09 -14.68
N TRP K 9 37.21 32.08 -15.97
CA TRP K 9 37.66 31.00 -16.83
C TRP K 9 39.17 31.00 -16.95
N LEU K 10 39.75 32.18 -17.18
CA LEU K 10 41.19 32.34 -17.34
C LEU K 10 41.92 31.97 -16.07
N THR K 11 41.50 32.55 -14.95
CA THR K 11 42.12 32.27 -13.67
C THR K 11 42.09 30.78 -13.36
N LYS K 12 40.94 30.14 -13.55
CA LYS K 12 40.84 28.70 -13.30
C LYS K 12 41.67 27.90 -14.29
N LYS K 13 41.65 28.27 -15.57
CA LYS K 13 42.27 27.43 -16.58
C LYS K 13 43.79 27.53 -16.54
N TYR K 14 44.31 28.71 -16.25
CA TYR K 14 45.75 28.97 -16.26
C TYR K 14 46.15 29.66 -14.96
N PRO K 15 46.08 28.93 -13.85
CA PRO K 15 46.12 29.61 -12.53
C PRO K 15 47.40 30.35 -12.26
N ALA K 16 48.54 29.89 -12.76
CA ALA K 16 49.82 30.56 -12.49
C ALA K 16 49.88 31.98 -13.04
N THR K 17 48.94 32.41 -13.88
CA THR K 17 49.03 33.77 -14.38
C THR K 17 48.66 34.81 -13.34
N VAL K 18 48.06 34.42 -12.22
CA VAL K 18 47.65 35.37 -11.19
C VAL K 18 48.60 35.31 -10.02
N VAL K 19 49.10 36.47 -9.62
CA VAL K 19 50.05 36.59 -8.52
C VAL K 19 49.60 37.74 -7.64
N ASN K 20 49.49 37.48 -6.35
CA ASN K 20 49.00 38.51 -5.46
C ASN K 20 50.01 39.63 -5.31
N ALA K 21 49.50 40.83 -5.11
CA ALA K 21 50.37 41.96 -4.85
C ALA K 21 50.78 41.97 -3.39
N ASN K 22 52.05 42.35 -3.15
CA ASN K 22 52.58 42.56 -1.81
C ASN K 22 52.41 44.03 -1.48
N GLU K 23 51.91 44.31 -0.27
CA GLU K 23 51.59 45.69 0.08
C GLU K 23 51.72 45.89 1.58
N ASP K 24 52.12 47.09 1.98
CA ASP K 24 52.29 47.42 3.40
C ASP K 24 50.97 47.85 4.04
N ARG K 25 50.73 47.38 5.26
CA ARG K 25 49.59 47.83 6.07
C ARG K 25 50.03 48.34 7.44
N PRO K 35 51.80 54.90 5.35
CA PRO K 35 53.08 55.61 5.29
C PRO K 35 54.10 54.90 4.36
N VAL K 36 54.01 55.08 3.04
CA VAL K 36 54.73 54.23 2.07
C VAL K 36 55.79 55.04 1.31
N ASP K 37 57.04 54.54 1.30
CA ASP K 37 58.14 55.21 0.61
C ASP K 37 58.36 54.56 -0.74
N CYS K 38 57.77 55.13 -1.78
CA CYS K 38 57.78 54.42 -3.06
C CYS K 38 59.12 54.43 -3.75
N THR K 39 60.12 55.12 -3.21
CA THR K 39 61.42 55.09 -3.87
C THR K 39 62.17 53.80 -3.65
N GLN K 40 61.77 53.02 -2.65
CA GLN K 40 62.42 51.77 -2.29
C GLN K 40 62.07 50.65 -3.28
N PRO K 41 62.94 49.64 -3.40
CA PRO K 41 62.70 48.61 -4.40
C PRO K 41 61.31 47.99 -4.22
N ASN K 42 60.70 47.64 -5.34
CA ASN K 42 59.31 47.16 -5.38
C ASN K 42 59.24 45.81 -4.70
N PRO K 43 58.40 45.64 -3.67
CA PRO K 43 58.30 44.34 -2.99
C PRO K 43 57.55 43.29 -3.78
N ASN K 44 57.09 43.62 -4.98
CA ASN K 44 56.35 42.69 -5.81
C ASN K 44 57.30 41.85 -6.63
N PHE K 45 56.74 41.00 -7.50
CA PHE K 45 57.62 40.03 -8.13
C PHE K 45 58.62 40.67 -9.07
N GLN K 46 58.45 41.92 -9.44
CA GLN K 46 59.38 42.57 -10.36
C GLN K 46 59.21 44.08 -10.28
N GLU K 47 60.10 44.79 -10.96
CA GLU K 47 59.93 46.24 -11.03
C GLU K 47 59.15 46.59 -12.29
N PHE K 48 58.47 47.71 -12.25
CA PHE K 48 57.63 48.15 -13.36
C PHE K 48 58.13 49.50 -13.88
N ASP K 49 58.06 49.69 -15.19
CA ASP K 49 58.45 50.98 -15.76
C ASP K 49 57.26 51.87 -16.08
N ASN K 50 56.26 51.36 -16.79
CA ASN K 50 55.11 52.14 -17.22
C ASN K 50 53.87 51.64 -16.50
N LEU K 51 53.09 52.57 -15.93
CA LEU K 51 51.77 52.29 -15.36
C LEU K 51 50.70 53.07 -16.12
N TYR K 52 49.74 52.36 -16.71
CA TYR K 52 48.61 52.96 -17.42
C TYR K 52 47.34 52.77 -16.61
N LEU K 53 46.62 53.85 -16.41
CA LEU K 53 45.35 53.80 -15.70
C LEU K 53 44.18 54.03 -16.66
N ASP K 54 43.29 53.04 -16.77
CA ASP K 54 42.00 53.26 -17.41
C ASP K 54 41.14 53.95 -16.36
N MSE K 55 40.90 55.24 -16.58
CA MSE K 55 40.41 56.06 -15.50
C MSE K 55 38.96 55.73 -15.15
O MSE K 55 38.58 55.81 -14.00
CB MSE K 55 40.59 57.52 -15.83
CG MSE K 55 42.01 58.04 -15.57
SE MSE K 55 42.53 57.90 -13.68
CE MSE K 55 41.07 58.89 -12.84
N ASN K 56 38.18 55.32 -16.17
CA ASN K 56 36.76 55.09 -15.91
C ASN K 56 36.55 53.98 -14.90
N GLY K 57 37.41 52.95 -14.91
CA GLY K 57 37.33 51.90 -13.91
C GLY K 57 37.68 52.34 -12.49
N ILE K 58 38.36 53.47 -12.35
CA ILE K 58 38.62 54.06 -11.05
C ILE K 58 37.55 55.07 -10.68
N ILE K 59 37.03 55.81 -11.66
CA ILE K 59 36.04 56.82 -11.34
C ILE K 59 34.76 56.17 -10.82
N HIS K 60 34.28 55.11 -11.48
CA HIS K 60 32.99 54.54 -11.09
C HIS K 60 32.95 54.08 -9.63
N PRO K 61 33.89 53.26 -9.13
CA PRO K 61 33.89 52.93 -7.69
C PRO K 61 33.96 54.14 -6.78
N CYS K 62 34.67 55.19 -7.16
CA CYS K 62 34.94 56.29 -6.25
C CYS K 62 33.81 57.31 -6.12
N THR K 63 32.91 57.39 -7.09
CA THR K 63 31.86 58.40 -7.04
C THR K 63 30.49 57.84 -6.71
N HIS K 64 30.14 56.63 -7.18
CA HIS K 64 28.92 55.96 -6.75
C HIS K 64 29.21 54.52 -6.40
N PRO K 65 30.03 54.27 -5.37
CA PRO K 65 30.25 52.88 -4.94
C PRO K 65 28.93 52.28 -4.48
N GLU K 66 28.66 51.06 -4.92
CA GLU K 66 27.45 50.36 -4.53
C GLU K 66 27.59 49.62 -3.20
N ASP K 67 28.81 49.57 -2.62
CA ASP K 67 29.06 48.83 -1.38
C ASP K 67 29.29 49.73 -0.17
N ARG K 68 29.85 50.93 -0.34
CA ARG K 68 30.23 51.84 0.73
C ARG K 68 29.15 52.92 0.86
N PRO K 69 29.26 53.86 1.82
CA PRO K 69 28.39 55.05 1.75
C PRO K 69 28.92 56.02 0.71
N ALA K 70 28.02 56.55 -0.12
CA ALA K 70 28.46 57.40 -1.22
C ALA K 70 29.12 58.66 -0.69
N PRO K 71 30.06 59.24 -1.43
CA PRO K 71 30.70 60.47 -0.96
C PRO K 71 29.71 61.62 -0.93
N LYS K 72 29.91 62.53 0.03
CA LYS K 72 28.99 63.66 0.22
C LYS K 72 28.86 64.49 -1.07
N ASN K 73 30.00 64.96 -1.59
CA ASN K 73 30.01 65.89 -2.71
C ASN K 73 31.15 65.52 -3.65
N GLU K 74 31.21 66.26 -4.76
CA GLU K 74 32.22 66.01 -5.79
C GLU K 74 33.64 66.18 -5.27
N ASP K 75 33.85 67.10 -4.33
CA ASP K 75 35.17 67.27 -3.76
C ASP K 75 35.60 66.01 -3.02
N GLU K 76 34.71 65.41 -2.25
CA GLU K 76 35.08 64.17 -1.59
C GLU K 76 35.36 63.08 -2.60
N MSE K 77 34.66 63.08 -3.74
CA MSE K 77 34.91 62.10 -4.81
C MSE K 77 36.33 62.25 -5.36
O MSE K 77 37.11 61.29 -5.39
CB MSE K 77 33.87 62.28 -5.93
CG MSE K 77 32.43 62.00 -5.47
SE MSE K 77 30.95 62.57 -6.66
CE MSE K 77 29.42 62.12 -5.50
N PHE K 78 36.67 63.46 -5.77
CA PHE K 78 37.99 63.69 -6.33
C PHE K 78 39.09 63.30 -5.35
N ALA K 79 38.90 63.59 -4.06
CA ALA K 79 39.94 63.22 -3.09
C ALA K 79 40.08 61.71 -3.05
N LEU K 80 38.95 60.98 -3.14
CA LEU K 80 39.01 59.52 -3.15
C LEU K 80 39.72 59.00 -4.38
N ILE K 81 39.45 59.59 -5.55
CA ILE K 81 40.17 59.22 -6.77
C ILE K 81 41.68 59.46 -6.61
N PHE K 82 42.06 60.62 -6.07
CA PHE K 82 43.47 60.87 -5.81
C PHE K 82 44.05 59.77 -4.95
N GLU K 83 43.34 59.44 -3.87
CA GLU K 83 43.77 58.40 -2.93
C GLU K 83 43.95 57.07 -3.63
N TYR K 84 43.08 56.78 -4.61
CA TYR K 84 43.17 55.49 -5.27
C TYR K 84 44.34 55.43 -6.24
N ILE K 85 44.55 56.50 -7.00
CA ILE K 85 45.75 56.57 -7.84
C ILE K 85 47.00 56.46 -6.98
N ASP K 86 47.02 57.16 -5.85
CA ASP K 86 48.13 56.99 -4.92
C ASP K 86 48.34 55.51 -4.60
N ARG K 87 47.26 54.80 -4.31
CA ARG K 87 47.41 53.40 -3.91
C ARG K 87 47.95 52.54 -5.03
N ILE K 88 47.35 52.61 -6.22
CA ILE K 88 47.89 51.82 -7.33
C ILE K 88 49.36 52.18 -7.54
N TYR K 89 49.66 53.47 -7.56
CA TYR K 89 51.03 53.91 -7.77
C TYR K 89 51.95 53.30 -6.72
N SER K 90 51.53 53.27 -5.45
CA SER K 90 52.41 52.72 -4.44
C SER K 90 52.64 51.25 -4.62
N ILE K 91 51.71 50.53 -5.26
CA ILE K 91 51.90 49.11 -5.49
C ILE K 91 52.81 48.88 -6.68
N VAL K 92 52.49 49.49 -7.82
CA VAL K 92 53.26 49.26 -9.05
C VAL K 92 54.61 49.95 -9.00
N ARG K 93 54.66 51.15 -8.41
CA ARG K 93 55.87 51.97 -8.35
C ARG K 93 56.53 52.05 -9.75
N PRO K 94 55.83 52.62 -10.73
CA PRO K 94 56.39 52.73 -12.09
C PRO K 94 57.60 53.66 -12.10
N ARG K 95 58.67 53.18 -12.71
CA ARG K 95 59.92 53.92 -12.70
C ARG K 95 60.06 54.88 -13.87
N ARG K 96 59.19 54.81 -14.90
CA ARG K 96 59.39 55.64 -16.09
C ARG K 96 58.20 56.50 -16.51
N LEU K 97 57.01 55.93 -16.66
CA LEU K 97 55.85 56.64 -17.20
C LEU K 97 54.57 56.29 -16.44
N LEU K 98 53.73 57.29 -16.22
CA LEU K 98 52.40 57.10 -15.69
C LEU K 98 51.42 57.72 -16.69
N TYR K 99 50.53 56.89 -17.26
CA TYR K 99 49.60 57.31 -18.32
C TYR K 99 48.20 57.25 -17.72
N MSE K 100 47.52 58.39 -17.71
CA MSE K 100 46.17 58.47 -17.21
C MSE K 100 45.19 58.71 -18.36
O MSE K 100 45.20 59.78 -18.97
CB MSE K 100 46.09 59.58 -16.16
CG MSE K 100 46.76 59.20 -14.85
SE MSE K 100 46.90 60.64 -13.48
CE MSE K 100 45.09 61.25 -13.62
N ALA K 101 44.36 57.71 -18.68
CA ALA K 101 43.45 57.75 -19.82
C ALA K 101 42.02 57.87 -19.32
N ILE K 102 41.41 59.00 -19.58
CA ILE K 102 39.99 59.22 -19.35
C ILE K 102 39.30 58.92 -20.67
N ASP K 103 38.09 58.36 -20.61
CA ASP K 103 37.36 58.06 -21.84
C ASP K 103 37.00 59.33 -22.61
N GLY K 104 37.41 59.38 -23.87
CA GLY K 104 36.90 60.36 -24.80
C GLY K 104 35.72 59.86 -25.61
N VAL K 105 35.38 60.64 -26.64
CA VAL K 105 34.27 60.27 -27.52
C VAL K 105 34.56 58.95 -28.20
N ALA K 106 33.64 58.01 -28.09
CA ALA K 106 33.89 56.68 -28.61
C ALA K 106 33.45 56.58 -30.06
N PRO K 107 33.92 55.55 -30.76
CA PRO K 107 33.41 55.30 -32.12
C PRO K 107 31.94 54.93 -32.08
N ARG K 108 31.28 55.09 -33.23
CA ARG K 108 29.84 54.83 -33.29
C ARG K 108 29.49 53.43 -32.77
N ALA K 109 30.40 52.46 -32.93
CA ALA K 109 30.11 51.10 -32.49
C ALA K 109 29.99 51.01 -30.98
N LYS K 110 30.92 51.64 -30.24
CA LYS K 110 30.81 51.63 -28.79
C LYS K 110 29.65 52.50 -28.36
N MSE K 111 29.35 53.52 -29.17
CA MSE K 111 28.34 54.49 -28.85
C MSE K 111 27.01 53.77 -28.65
O MSE K 111 26.45 53.89 -27.57
CB MSE K 111 28.26 55.56 -29.95
CG MSE K 111 29.40 56.61 -29.84
SE MSE K 111 29.01 58.44 -30.45
CE MSE K 111 28.87 58.20 -32.37
N ASN K 112 26.55 52.99 -29.64
CA ASN K 112 25.29 52.29 -29.44
C ASN K 112 25.27 51.54 -28.11
N GLN K 113 26.38 50.92 -27.72
CA GLN K 113 26.38 50.16 -26.48
C GLN K 113 26.31 51.10 -25.29
N GLN K 114 27.00 52.23 -25.37
CA GLN K 114 26.99 53.20 -24.27
C GLN K 114 25.60 53.78 -24.09
N ARG K 115 24.95 54.14 -25.20
CA ARG K 115 23.56 54.62 -25.18
C ARG K 115 22.66 53.63 -24.45
N SER K 116 22.81 52.34 -24.77
CA SER K 116 22.10 51.28 -24.07
C SER K 116 22.36 51.28 -22.57
N ARG K 117 23.60 51.54 -22.16
CA ARG K 117 23.93 51.46 -20.75
C ARG K 117 23.32 52.62 -19.97
N ARG K 118 23.38 53.84 -20.52
CA ARG K 118 22.82 54.99 -19.81
C ARG K 118 21.30 54.93 -19.74
N PHE K 119 20.65 54.52 -20.83
CA PHE K 119 19.19 54.36 -20.81
C PHE K 119 18.78 53.32 -19.78
N ARG K 120 19.54 52.22 -19.69
CA ARG K 120 19.27 51.19 -18.68
C ARG K 120 19.50 51.74 -17.28
N ALA K 121 20.56 52.53 -17.10
CA ALA K 121 20.83 53.15 -15.80
C ALA K 121 19.67 54.05 -15.37
N SER K 122 19.23 54.93 -16.26
CA SER K 122 18.14 55.83 -15.90
C SER K 122 16.87 55.05 -15.61
N LYS K 123 16.61 53.98 -16.36
CA LYS K 123 15.50 53.07 -16.05
C LYS K 123 15.75 52.35 -14.73
N GLU K 124 16.99 51.93 -14.48
CA GLU K 124 17.32 51.21 -13.25
C GLU K 124 17.13 52.10 -12.02
N MSE K 125 17.47 53.38 -12.14
CA MSE K 125 17.32 54.35 -11.07
C MSE K 125 15.86 54.43 -10.66
O MSE K 125 15.53 54.34 -9.48
CB MSE K 125 17.78 55.71 -11.55
CG MSE K 125 18.36 56.59 -10.49
SE MSE K 125 19.59 57.79 -11.38
CE MSE K 125 18.34 58.63 -12.64
N ALA K 126 15.00 54.56 -11.66
CA ALA K 126 13.58 54.79 -11.40
C ALA K 126 12.91 53.56 -10.82
N GLU K 127 13.32 52.36 -11.22
CA GLU K 127 12.73 51.16 -10.64
C GLU K 127 13.08 51.04 -9.17
N LYS K 128 14.33 51.36 -8.81
CA LYS K 128 14.69 51.44 -7.41
C LYS K 128 13.84 52.49 -6.70
N GLU K 129 13.96 53.76 -7.12
CA GLU K 129 13.24 54.86 -6.46
C GLU K 129 11.74 54.60 -6.41
N ALA K 130 11.20 53.85 -7.38
CA ALA K 130 9.79 53.48 -7.29
C ALA K 130 9.57 52.43 -6.21
N SER K 131 10.58 51.61 -5.92
CA SER K 131 10.45 50.63 -4.86
C SER K 131 10.76 51.23 -3.49
N ILE K 132 11.70 52.17 -3.41
CA ILE K 132 11.94 52.90 -2.15
C ILE K 132 10.61 53.43 -1.62
N GLU K 133 9.88 54.15 -2.47
CA GLU K 133 8.57 54.67 -2.08
C GLU K 133 7.55 53.56 -1.90
N GLU K 134 7.66 52.44 -2.62
CA GLU K 134 6.70 51.37 -2.39
C GLU K 134 6.92 50.74 -1.02
N GLN K 135 8.18 50.54 -0.62
CA GLN K 135 8.42 50.03 0.71
C GLN K 135 8.04 51.06 1.76
N ARG K 136 8.53 52.29 1.60
CA ARG K 136 8.21 53.38 2.51
C ARG K 136 6.71 53.45 2.80
N ASN K 137 5.89 53.49 1.74
CA ASN K 137 4.44 53.54 1.91
C ASN K 137 3.88 52.26 2.53
N ARG K 138 4.54 51.12 2.31
CA ARG K 138 4.06 49.90 2.93
C ARG K 138 4.33 49.92 4.43
N LEU K 139 5.57 50.26 4.83
CA LEU K 139 5.91 50.31 6.25
C LEU K 139 5.08 51.32 7.01
N MSE K 140 4.84 52.49 6.41
CA MSE K 140 4.03 53.50 7.08
C MSE K 140 2.63 53.02 7.38
O MSE K 140 2.10 53.30 8.45
CB MSE K 140 3.99 54.79 6.27
CG MSE K 140 4.84 55.89 6.85
SE MSE K 140 5.32 57.25 5.55
CE MSE K 140 3.51 57.67 4.90
N ALA K 141 2.02 52.30 6.43
CA ALA K 141 0.68 51.76 6.66
C ALA K 141 0.71 50.66 7.72
N GLU K 142 1.83 49.95 7.84
CA GLU K 142 2.00 48.99 8.94
C GLU K 142 2.10 49.71 10.27
N GLY K 143 3.08 50.62 10.41
CA GLY K 143 3.16 51.48 11.58
C GLY K 143 4.58 51.87 11.94
N ILE K 144 5.53 51.12 11.38
CA ILE K 144 6.94 51.37 11.64
C ILE K 144 7.32 52.76 11.14
N ALA K 145 8.00 53.53 11.99
CA ALA K 145 8.55 54.80 11.55
C ALA K 145 9.56 54.60 10.44
N VAL K 146 9.95 55.70 9.80
CA VAL K 146 10.63 55.61 8.51
C VAL K 146 11.42 56.88 8.22
N PRO K 147 12.58 56.81 7.55
CA PRO K 147 13.39 58.02 7.30
C PRO K 147 12.92 58.78 6.07
N PRO K 148 13.13 60.12 6.03
CA PRO K 148 12.77 60.93 4.86
C PRO K 148 13.94 61.15 3.88
N ALA K 154 19.61 65.04 -3.25
CA ALA K 154 20.98 65.40 -3.62
C ALA K 154 21.72 64.14 -4.07
N HIS K 155 21.31 63.62 -5.22
CA HIS K 155 21.84 62.37 -5.76
C HIS K 155 23.12 62.61 -6.57
N PHE K 156 23.64 61.53 -7.15
CA PHE K 156 24.74 61.58 -8.10
C PHE K 156 24.34 60.83 -9.36
N ASP K 157 24.50 61.48 -10.51
CA ASP K 157 24.13 60.88 -11.78
C ASP K 157 25.36 60.23 -12.42
N SER K 158 25.50 58.91 -12.24
CA SER K 158 26.65 58.21 -12.79
C SER K 158 26.77 58.36 -14.29
N ASN K 159 25.71 58.77 -14.98
CA ASN K 159 25.82 59.03 -16.41
C ASN K 159 26.74 60.20 -16.72
N CYS K 160 27.01 61.08 -15.75
CA CYS K 160 27.90 62.21 -15.97
C CYS K 160 29.32 61.77 -16.25
N ILE K 161 29.64 60.50 -16.03
CA ILE K 161 30.92 59.95 -16.41
C ILE K 161 30.86 59.59 -17.89
N THR K 162 30.88 60.61 -18.74
CA THR K 162 30.72 60.49 -20.19
C THR K 162 31.37 61.71 -20.82
N PRO K 163 32.13 61.57 -21.89
CA PRO K 163 32.82 62.74 -22.45
C PRO K 163 31.85 63.85 -22.85
N GLY K 164 32.22 65.06 -22.51
CA GLY K 164 31.46 66.25 -22.82
C GLY K 164 30.77 66.90 -21.63
N THR K 165 30.58 66.19 -20.53
CA THR K 165 29.86 66.76 -19.39
C THR K 165 30.72 67.68 -18.54
N PRO K 166 30.07 68.57 -17.77
CA PRO K 166 30.80 69.35 -16.78
C PRO K 166 31.65 68.52 -15.87
N PHE K 167 31.11 67.41 -15.34
CA PHE K 167 31.89 66.63 -14.40
C PHE K 167 33.22 66.22 -15.01
N MSE K 168 33.20 65.69 -16.21
CA MSE K 168 34.44 65.24 -16.84
C MSE K 168 35.45 66.37 -16.95
O MSE K 168 36.66 66.17 -16.76
CB MSE K 168 34.17 64.65 -18.21
CG MSE K 168 33.62 63.25 -18.18
SE MSE K 168 34.45 62.07 -16.87
CE MSE K 168 34.75 60.61 -18.12
N ALA K 169 34.93 67.58 -17.24
CA ALA K 169 35.79 68.74 -17.42
C ALA K 169 36.35 69.20 -16.08
N ARG K 170 35.56 69.10 -15.01
CA ARG K 170 36.07 69.43 -13.68
C ARG K 170 37.06 68.39 -13.20
N LEU K 171 36.86 67.12 -13.57
CA LEU K 171 37.81 66.09 -13.21
C LEU K 171 39.16 66.32 -13.90
N ALA K 172 39.15 66.76 -15.16
CA ALA K 172 40.41 66.97 -15.87
C ALA K 172 41.21 68.06 -15.20
N ASP K 173 40.54 69.06 -14.69
CA ASP K 173 41.23 70.08 -13.92
C ASP K 173 41.75 69.50 -12.60
N ALA K 174 40.99 68.61 -11.97
CA ALA K 174 41.47 68.03 -10.72
C ALA K 174 42.67 67.13 -10.94
N LEU K 175 42.64 66.30 -11.98
CA LEU K 175 43.78 65.42 -12.20
C LEU K 175 45.01 66.23 -12.55
N ARG K 176 44.81 67.38 -13.21
CA ARG K 176 45.92 68.27 -13.54
C ARG K 176 46.58 68.78 -12.27
N TYR K 177 45.78 69.26 -11.32
CA TYR K 177 46.32 69.65 -10.03
C TYR K 177 47.01 68.48 -9.34
N TYR K 178 46.40 67.30 -9.42
CA TYR K 178 47.01 66.12 -8.82
C TYR K 178 48.43 65.91 -9.36
N ILE K 179 48.60 65.96 -10.68
CA ILE K 179 49.88 65.67 -11.32
C ILE K 179 50.96 66.67 -10.91
N HIS K 180 50.62 67.97 -10.95
CA HIS K 180 51.56 68.99 -10.49
C HIS K 180 51.85 68.82 -9.02
N ASP K 181 50.85 68.50 -8.22
CA ASP K 181 51.12 68.30 -6.80
C ASP K 181 52.13 67.19 -6.59
N ARG K 182 51.89 65.99 -7.18
CA ARG K 182 52.73 64.84 -6.83
C ARG K 182 54.12 64.97 -7.43
N VAL K 183 54.23 65.43 -8.68
CA VAL K 183 55.55 65.52 -9.31
C VAL K 183 56.41 66.57 -8.61
N THR K 184 55.79 67.51 -7.89
CA THR K 184 56.54 68.48 -7.09
C THR K 184 56.90 67.91 -5.71
N ASN K 185 55.98 67.17 -5.09
CA ASN K 185 56.07 66.82 -3.68
C ASN K 185 56.42 65.37 -3.38
N ASP K 186 56.11 64.44 -4.27
CA ASP K 186 56.39 63.03 -4.03
C ASP K 186 57.79 62.70 -4.54
N ALA K 187 58.63 62.20 -3.64
CA ALA K 187 60.00 61.98 -4.06
C ALA K 187 60.09 60.97 -5.19
N SER K 188 59.21 59.96 -5.23
CA SER K 188 59.29 58.93 -6.27
C SER K 188 58.83 59.42 -7.62
N TRP K 189 58.02 60.49 -7.67
CA TRP K 189 57.62 61.03 -8.97
C TRP K 189 58.71 61.83 -9.66
N ALA K 190 59.85 62.03 -9.01
CA ALA K 190 60.85 62.98 -9.47
C ALA K 190 61.39 62.67 -10.86
N ASN K 191 61.46 61.41 -11.26
CA ASN K 191 62.04 61.18 -12.58
C ASN K 191 61.10 60.52 -13.56
N ILE K 192 59.78 60.58 -13.31
CA ILE K 192 58.84 59.98 -14.22
C ILE K 192 58.26 61.07 -15.10
N GLU K 193 57.76 60.66 -16.25
CA GLU K 193 56.90 61.44 -17.13
C GLU K 193 55.44 61.05 -16.82
N ILE K 194 54.54 62.01 -16.94
CA ILE K 194 53.12 61.72 -16.79
C ILE K 194 52.40 62.22 -18.02
N ILE K 195 51.65 61.34 -18.68
CA ILE K 195 50.79 61.69 -19.81
C ILE K 195 49.34 61.65 -19.35
N LEU K 196 48.55 62.66 -19.71
CA LEU K 196 47.14 62.71 -19.35
C LEU K 196 46.32 62.88 -20.61
N SER K 197 45.42 61.94 -20.87
CA SER K 197 44.54 61.97 -22.04
C SER K 197 43.11 62.18 -21.52
N ASP K 198 42.68 63.43 -21.45
CA ASP K 198 41.39 63.77 -20.84
C ASP K 198 40.26 63.52 -21.83
N ALA K 199 39.03 63.77 -21.36
CA ALA K 199 37.83 63.38 -22.08
C ALA K 199 37.65 64.14 -23.36
N ASN K 200 38.40 65.20 -23.58
CA ASN K 200 38.30 65.91 -24.83
C ASN K 200 39.21 65.34 -25.91
N VAL K 201 39.99 64.31 -25.57
CA VAL K 201 40.77 63.57 -26.55
C VAL K 201 39.93 62.37 -26.99
N PRO K 202 39.48 62.31 -28.24
CA PRO K 202 38.55 61.25 -28.64
C PRO K 202 39.17 59.87 -28.48
N GLY K 203 38.31 58.90 -28.14
CA GLY K 203 38.72 57.52 -27.97
C GLY K 203 38.47 56.95 -26.58
N GLU K 204 38.13 55.67 -26.50
CA GLU K 204 38.01 55.01 -25.21
C GLU K 204 39.35 55.04 -24.50
N GLY K 205 39.31 55.09 -23.17
CA GLY K 205 40.55 55.13 -22.41
C GLY K 205 41.50 54.03 -22.81
N GLU K 206 41.00 52.79 -22.80
CA GLU K 206 41.85 51.65 -23.09
C GLU K 206 42.45 51.70 -24.49
N HIS K 207 41.77 52.33 -25.46
CA HIS K 207 42.34 52.35 -26.80
C HIS K 207 43.35 53.46 -26.96
N LYS K 208 43.20 54.54 -26.20
CA LYS K 208 44.27 55.52 -26.12
C LYS K 208 45.51 54.85 -25.59
N ILE K 209 45.33 53.97 -24.62
CA ILE K 209 46.46 53.24 -24.07
C ILE K 209 47.05 52.32 -25.11
N MSE K 210 46.20 51.48 -25.71
CA MSE K 210 46.61 50.57 -26.78
C MSE K 210 47.34 51.34 -27.86
O MSE K 210 48.42 50.95 -28.30
CB MSE K 210 45.38 49.82 -27.34
CG MSE K 210 45.65 48.96 -28.59
SE MSE K 210 46.67 47.35 -28.14
CE MSE K 210 47.89 47.28 -29.66
N ASP K 211 46.78 52.49 -28.25
CA ASP K 211 47.38 53.27 -29.33
C ASP K 211 48.73 53.85 -28.92
N TYR K 212 48.86 54.30 -27.66
CA TYR K 212 50.16 54.79 -27.20
C TYR K 212 51.20 53.69 -27.31
N VAL K 213 50.94 52.55 -26.67
CA VAL K 213 51.89 51.44 -26.71
C VAL K 213 52.19 51.06 -28.16
N ARG K 214 51.14 50.95 -28.99
CA ARG K 214 51.36 50.50 -30.36
C ARG K 214 52.26 51.47 -31.13
N LYS K 215 51.90 52.75 -31.11
CA LYS K 215 52.70 53.71 -31.86
C LYS K 215 54.10 53.82 -31.27
N GLN K 216 54.25 53.61 -29.96
CA GLN K 216 55.57 53.60 -29.34
C GLN K 216 56.37 52.43 -29.86
N ARG K 217 55.80 51.23 -29.75
CA ARG K 217 56.47 50.01 -30.17
C ARG K 217 57.05 50.12 -31.57
N GLY K 218 56.41 50.88 -32.43
CA GLY K 218 56.78 51.04 -33.81
C GLY K 218 57.85 52.02 -34.05
N ASN K 219 58.31 52.66 -33.02
CA ASN K 219 59.38 53.63 -33.10
C ASN K 219 60.68 53.02 -32.64
N PRO K 220 61.77 53.25 -33.37
CA PRO K 220 63.03 52.56 -33.04
C PRO K 220 63.64 52.97 -31.71
N ALA K 221 63.30 54.13 -31.15
CA ALA K 221 63.87 54.51 -29.87
C ALA K 221 63.24 53.73 -28.72
N HIS K 222 62.02 53.21 -28.92
CA HIS K 222 61.31 52.48 -27.89
C HIS K 222 62.17 51.37 -27.31
N ASP K 223 62.16 51.26 -25.98
CA ASP K 223 62.89 50.24 -25.24
C ASP K 223 62.04 48.99 -25.22
N PRO K 224 62.48 47.96 -25.93
CA PRO K 224 61.69 46.71 -26.01
C PRO K 224 61.62 45.96 -24.72
N ASN K 225 62.32 46.38 -23.68
CA ASN K 225 62.23 45.67 -22.43
C ASN K 225 61.46 46.42 -21.36
N THR K 226 60.77 47.52 -21.69
CA THR K 226 60.04 48.24 -20.65
C THR K 226 58.97 47.34 -20.06
N VAL K 227 58.78 47.43 -18.76
CA VAL K 227 57.81 46.59 -18.08
C VAL K 227 56.53 47.37 -17.93
N HIS K 228 55.46 46.91 -18.56
CA HIS K 228 54.19 47.61 -18.56
C HIS K 228 53.26 47.06 -17.50
N CYS K 229 52.45 47.94 -16.89
CA CYS K 229 51.37 47.49 -16.03
C CYS K 229 50.13 48.33 -16.32
N LEU K 230 49.01 47.68 -16.60
CA LEU K 230 47.76 48.34 -16.95
C LEU K 230 46.70 48.03 -15.91
N CYS K 231 46.08 49.04 -15.37
CA CYS K 231 45.15 48.87 -14.26
C CYS K 231 43.74 49.01 -14.77
N GLY K 232 42.93 47.97 -14.54
CA GLY K 232 41.56 47.97 -15.00
C GLY K 232 40.88 46.62 -14.84
N ALA K 233 39.54 46.63 -14.76
CA ALA K 233 38.88 45.36 -14.52
C ALA K 233 38.29 44.75 -15.78
N ASP K 234 38.22 45.47 -16.89
CA ASP K 234 37.60 44.89 -18.08
C ASP K 234 38.40 43.67 -18.52
N ALA K 235 37.68 42.64 -18.99
CA ALA K 235 38.38 41.44 -19.42
C ALA K 235 39.16 41.68 -20.70
N ASP K 236 38.67 42.55 -21.59
CA ASP K 236 39.36 42.82 -22.85
C ASP K 236 40.84 43.17 -22.60
N LEU K 237 41.14 43.70 -21.41
CA LEU K 237 42.48 44.15 -21.12
C LEU K 237 43.49 43.02 -21.29
N ILE K 238 43.10 41.77 -21.00
CA ILE K 238 43.99 40.64 -21.29
C ILE K 238 44.36 40.58 -22.77
N MSE K 239 43.38 40.64 -23.67
CA MSE K 239 43.77 40.60 -25.08
C MSE K 239 44.55 41.85 -25.47
O MSE K 239 45.46 41.79 -26.29
CB MSE K 239 42.59 40.46 -26.03
CG MSE K 239 41.27 40.33 -25.38
SE MSE K 239 40.94 38.51 -24.86
CE MSE K 239 39.17 38.89 -24.12
N LEU K 240 44.19 43.00 -24.89
CA LEU K 240 44.97 44.20 -25.16
C LEU K 240 46.45 43.90 -24.95
N GLY K 241 46.79 43.37 -23.77
CA GLY K 241 48.18 43.06 -23.50
C GLY K 241 48.77 42.07 -24.48
N ILE K 242 48.00 41.04 -24.87
CA ILE K 242 48.49 40.11 -25.88
C ILE K 242 48.74 40.85 -27.19
N ALA K 243 47.80 41.70 -27.57
CA ALA K 243 47.86 42.32 -28.88
C ALA K 243 48.97 43.37 -28.97
N THR K 244 49.42 43.95 -27.84
CA THR K 244 50.53 44.89 -27.91
C THR K 244 51.77 44.19 -28.41
N HIS K 245 51.83 42.88 -28.22
CA HIS K 245 53.00 42.06 -28.52
C HIS K 245 54.22 42.42 -27.70
N GLU K 246 54.01 43.17 -26.61
CA GLU K 246 55.11 43.51 -25.74
C GLU K 246 55.46 42.35 -24.81
N ALA K 247 56.76 42.11 -24.64
CA ALA K 247 57.25 40.98 -23.87
C ALA K 247 56.73 40.96 -22.44
N ASN K 248 56.80 42.08 -21.72
CA ASN K 248 56.44 42.07 -20.29
C ASN K 248 55.25 42.99 -20.01
N PHE K 249 54.05 42.48 -20.27
CA PHE K 249 52.83 43.23 -20.06
C PHE K 249 52.02 42.64 -18.92
N ASN K 250 51.40 43.48 -18.10
CA ASN K 250 50.74 43.02 -16.89
C ASN K 250 49.50 43.85 -16.60
N ILE K 251 48.52 43.21 -15.98
CA ILE K 251 47.31 43.87 -15.51
C ILE K 251 47.32 43.81 -14.00
N ILE K 252 46.85 44.89 -13.37
CA ILE K 252 46.56 44.94 -11.95
C ILE K 252 45.10 45.31 -11.77
N ARG K 253 44.40 44.58 -10.90
CA ARG K 253 42.98 44.79 -10.63
C ARG K 253 42.68 44.35 -9.22
N GLU K 254 41.47 44.68 -8.77
CA GLU K 254 41.05 44.24 -7.45
C GLU K 254 40.61 42.78 -7.49
N GLU K 255 40.80 42.07 -6.38
CA GLU K 255 40.38 40.68 -6.31
C GLU K 255 38.89 40.58 -6.60
N PHE K 256 38.48 39.47 -7.23
CA PHE K 256 37.10 39.30 -7.73
C PHE K 256 36.09 39.37 -6.59
N VAL K 257 36.34 38.61 -5.51
CA VAL K 257 35.55 38.65 -4.28
C VAL K 257 36.51 38.90 -3.13
N GLN K 258 36.24 39.93 -2.30
CA GLN K 258 37.26 40.35 -1.38
C GLN K 258 36.66 41.08 -0.19
N ARG K 259 37.11 40.69 1.01
CA ARG K 259 36.65 41.28 2.27
C ARG K 259 37.13 42.72 2.43
N GLU K 260 38.21 43.08 1.76
CA GLU K 260 38.65 44.45 1.59
C GLU K 260 39.58 44.45 0.38
N LYS K 261 40.05 45.63 -0.01
CA LYS K 261 40.80 45.75 -1.25
C LYS K 261 42.07 44.92 -1.20
N ASN K 262 42.19 44.02 -2.18
CA ASN K 262 43.37 43.18 -2.42
C ASN K 262 43.69 43.28 -3.90
N PHE K 263 44.96 43.43 -4.24
CA PHE K 263 45.30 43.53 -5.64
C PHE K 263 46.03 42.29 -6.13
N ILE K 264 45.85 42.05 -7.43
CA ILE K 264 46.46 40.92 -8.09
C ILE K 264 47.00 41.38 -9.42
N PHE K 265 48.01 40.66 -9.89
CA PHE K 265 48.62 40.90 -11.18
C PHE K 265 48.23 39.77 -12.13
N LEU K 266 47.85 40.13 -13.35
CA LEU K 266 47.76 39.20 -14.46
C LEU K 266 49.07 39.29 -15.25
N ARG K 267 49.78 38.17 -15.36
CA ARG K 267 51.09 38.21 -16.01
C ARG K 267 50.94 37.68 -17.42
N ILE K 268 50.79 38.58 -18.37
CA ILE K 268 50.67 38.20 -19.77
C ILE K 268 51.80 37.25 -20.18
N PRO K 269 53.04 37.41 -19.72
CA PRO K 269 54.07 36.42 -20.12
C PRO K 269 53.76 35.00 -19.69
N VAL K 270 53.29 34.80 -18.46
CA VAL K 270 52.87 33.47 -18.04
C VAL K 270 51.69 33.00 -18.88
N LEU K 271 50.72 33.89 -19.14
CA LEU K 271 49.63 33.55 -20.02
C LEU K 271 50.16 33.15 -21.38
N ARG K 272 51.23 33.80 -21.85
CA ARG K 272 51.78 33.42 -23.14
C ARG K 272 52.34 32.02 -23.07
N GLU K 273 53.03 31.69 -21.99
CA GLU K 273 53.59 30.35 -21.86
C GLU K 273 52.51 29.30 -21.97
N TYR K 274 51.39 29.52 -21.27
CA TYR K 274 50.27 28.61 -21.32
C TYR K 274 49.69 28.54 -22.74
N LEU K 275 49.39 29.70 -23.33
CA LEU K 275 48.78 29.70 -24.64
C LEU K 275 49.70 29.07 -25.67
N GLU K 276 51.00 29.18 -25.46
CA GLU K 276 51.93 28.49 -26.35
C GLU K 276 51.67 26.99 -26.35
N LYS K 277 51.41 26.39 -25.19
CA LYS K 277 51.07 24.98 -25.17
C LYS K 277 49.67 24.73 -25.70
N GLU K 278 48.69 25.55 -25.33
CA GLU K 278 47.34 25.30 -25.80
C GLU K 278 47.26 25.32 -27.31
N LEU K 279 47.98 26.23 -27.95
CA LEU K 279 47.81 26.43 -29.38
C LEU K 279 48.87 25.71 -30.21
N SER K 280 49.79 25.00 -29.58
CA SER K 280 50.69 24.18 -30.37
C SER K 280 49.99 22.86 -30.70
N MSE K 281 50.18 22.39 -31.90
CA MSE K 281 49.53 21.20 -32.32
C MSE K 281 50.56 20.32 -32.99
O MSE K 281 51.51 20.84 -33.60
CB MSE K 281 48.36 21.53 -33.23
CG MSE K 281 48.73 21.88 -34.65
SE MSE K 281 47.41 23.05 -35.44
CE MSE K 281 47.60 24.51 -34.21
N PRO K 282 50.42 19.01 -32.85
CA PRO K 282 51.31 18.11 -33.59
C PRO K 282 51.13 18.29 -35.09
N ASN K 283 52.24 18.13 -35.81
CA ASN K 283 52.29 18.19 -37.27
C ASN K 283 51.76 19.50 -37.83
N LEU K 284 52.13 20.60 -37.16
CA LEU K 284 51.77 21.93 -37.66
C LEU K 284 52.43 22.09 -39.02
N PRO K 285 51.71 22.60 -40.01
CA PRO K 285 52.24 22.60 -41.38
C PRO K 285 53.39 23.60 -41.57
N PHE K 286 53.15 24.87 -41.31
CA PHE K 286 54.17 25.89 -41.46
C PHE K 286 55.02 25.99 -40.20
N LYS K 287 56.00 26.90 -40.24
CA LYS K 287 56.87 27.15 -39.10
C LYS K 287 56.07 27.81 -37.98
N PHE K 288 56.31 27.37 -36.75
CA PHE K 288 55.48 27.80 -35.63
C PHE K 288 55.86 29.21 -35.21
N ASP K 289 54.90 30.13 -35.27
CA ASP K 289 55.11 31.50 -34.86
C ASP K 289 54.20 31.73 -33.66
N VAL K 290 54.78 31.70 -32.46
CA VAL K 290 53.99 31.89 -31.24
C VAL K 290 53.26 33.23 -31.28
N GLU K 291 53.92 34.26 -31.80
CA GLU K 291 53.31 35.57 -31.86
C GLU K 291 52.09 35.55 -32.75
N ARG K 292 52.19 34.85 -33.87
CA ARG K 292 51.11 34.90 -34.84
C ARG K 292 49.94 34.02 -34.43
N ALA K 293 50.19 33.00 -33.62
CA ALA K 293 49.12 32.17 -33.06
C ALA K 293 48.38 32.89 -31.93
N LEU K 294 49.09 33.67 -31.12
CA LEU K 294 48.40 34.48 -30.13
C LEU K 294 47.43 35.44 -30.80
N ASP K 295 47.84 36.04 -31.92
CA ASP K 295 46.93 36.94 -32.61
C ASP K 295 45.65 36.23 -33.01
N ASP K 296 45.77 34.96 -33.45
CA ASP K 296 44.56 34.20 -33.77
C ASP K 296 43.76 33.91 -32.51
N TRP K 297 44.43 33.54 -31.41
CA TRP K 297 43.68 33.28 -30.20
C TRP K 297 42.92 34.53 -29.75
N VAL K 298 43.55 35.71 -29.88
CA VAL K 298 42.87 36.95 -29.58
C VAL K 298 41.64 37.12 -30.47
N PHE K 299 41.77 36.91 -31.78
CA PHE K 299 40.60 37.05 -32.65
C PHE K 299 39.50 36.08 -32.24
N LEU K 300 39.84 34.83 -31.88
CA LEU K 300 38.82 33.87 -31.46
C LEU K 300 38.15 34.31 -30.17
N CYS K 301 38.90 34.90 -29.26
CA CYS K 301 38.25 35.33 -28.02
C CYS K 301 37.19 36.38 -28.32
N PHE K 302 37.48 37.31 -29.22
CA PHE K 302 36.49 38.31 -29.60
C PHE K 302 35.27 37.67 -30.27
N PHE K 303 35.49 36.58 -30.98
CA PHE K 303 34.36 35.86 -31.57
C PHE K 303 33.38 35.45 -30.48
N VAL K 304 33.91 35.02 -29.34
CA VAL K 304 33.07 34.56 -28.25
C VAL K 304 32.31 35.73 -27.64
N GLY K 305 32.96 36.88 -27.49
CA GLY K 305 32.35 38.05 -26.94
C GLY K 305 33.17 39.32 -27.16
N ASN K 306 32.50 40.44 -27.41
CA ASN K 306 33.16 41.72 -27.49
C ASN K 306 32.10 42.81 -27.36
N ASP K 307 32.55 44.02 -27.08
CA ASP K 307 31.60 45.07 -26.76
C ASP K 307 30.72 45.47 -27.93
N PHE K 308 31.12 45.16 -29.15
CA PHE K 308 30.54 45.79 -30.33
C PHE K 308 29.51 44.95 -31.07
N LEU K 309 29.46 43.64 -30.81
CA LEU K 309 28.47 42.74 -31.37
C LEU K 309 27.83 41.93 -30.26
N PRO K 310 26.60 41.48 -30.45
CA PRO K 310 26.04 40.50 -29.52
C PRO K 310 26.62 39.14 -29.84
N HIS K 311 26.94 38.38 -28.79
CA HIS K 311 27.54 37.08 -28.99
C HIS K 311 26.61 36.18 -29.78
N LEU K 312 27.22 35.29 -30.57
CA LEU K 312 26.44 34.24 -31.19
C LEU K 312 25.75 33.42 -30.10
N PRO K 313 24.47 33.09 -30.30
CA PRO K 313 23.71 32.32 -29.28
C PRO K 313 24.33 30.98 -28.88
N SER K 314 25.23 30.41 -29.69
CA SER K 314 25.86 29.13 -29.43
C SER K 314 27.18 29.21 -28.67
N LEU K 315 27.65 30.41 -28.34
CA LEU K 315 28.96 30.57 -27.73
C LEU K 315 28.83 31.18 -26.35
N GLU K 316 29.00 30.36 -25.31
CA GLU K 316 29.10 30.85 -23.94
C GLU K 316 30.43 30.43 -23.33
N ILE K 317 31.12 31.39 -22.72
CA ILE K 317 32.42 31.11 -22.12
C ILE K 317 32.31 30.00 -21.10
N ARG K 318 31.26 30.04 -20.28
CA ARG K 318 31.08 29.02 -19.26
C ARG K 318 30.88 27.64 -19.86
N GLU K 319 30.44 27.55 -21.12
CA GLU K 319 30.26 26.29 -21.84
C GLU K 319 31.52 25.89 -22.63
N GLY K 320 32.68 26.36 -22.20
CA GLY K 320 33.92 26.02 -22.90
C GLY K 320 33.93 26.46 -24.34
N ALA K 321 33.37 27.61 -24.66
CA ALA K 321 33.34 28.05 -26.04
C ALA K 321 34.72 28.41 -26.57
N ILE K 322 35.61 28.98 -25.74
CA ILE K 322 36.94 29.27 -26.25
C ILE K 322 37.67 27.98 -26.56
N ASP K 323 37.71 27.08 -25.59
CA ASP K 323 38.28 25.76 -25.83
C ASP K 323 37.73 25.15 -27.13
N ARG K 324 36.43 25.35 -27.39
CA ARG K 324 35.76 24.78 -28.57
C ARG K 324 36.22 25.43 -29.87
N LEU K 325 36.33 26.75 -29.89
CA LEU K 325 36.82 27.44 -31.07
C LEU K 325 38.26 27.05 -31.37
N ILE K 326 39.11 26.92 -30.33
CA ILE K 326 40.48 26.46 -30.55
C ILE K 326 40.51 25.17 -31.34
N LYS K 327 39.76 24.16 -30.87
CA LYS K 327 39.73 22.88 -31.59
C LYS K 327 39.28 23.05 -33.03
N LEU K 328 38.25 23.87 -33.27
CA LEU K 328 37.82 24.08 -34.65
C LEU K 328 38.92 24.76 -35.45
N TYR K 329 39.60 25.74 -34.83
CA TYR K 329 40.71 26.42 -35.47
C TYR K 329 41.80 25.43 -35.89
N LYS K 330 42.22 24.56 -34.97
CA LYS K 330 43.24 23.56 -35.32
C LYS K 330 42.80 22.72 -36.51
N GLU K 331 41.52 22.36 -36.58
CA GLU K 331 41.08 21.63 -37.76
C GLU K 331 41.19 22.48 -39.01
N MSE K 332 40.95 23.78 -38.88
CA MSE K 332 40.99 24.64 -40.04
C MSE K 332 42.43 24.75 -40.52
O MSE K 332 42.70 24.88 -41.72
CB MSE K 332 40.41 26.02 -39.70
CG MSE K 332 40.60 27.09 -40.77
SE MSE K 332 42.38 27.91 -40.83
CE MSE K 332 42.46 28.63 -39.05
N VAL K 333 43.37 24.70 -39.56
CA VAL K 333 44.78 24.84 -39.93
C VAL K 333 45.29 23.58 -40.64
N TYR K 334 44.85 22.40 -40.19
CA TYR K 334 45.35 21.22 -40.88
C TYR K 334 44.77 21.11 -42.29
N GLN K 335 43.58 21.67 -42.53
CA GLN K 335 42.95 21.56 -43.84
C GLN K 335 43.36 22.68 -44.78
N MSE K 336 43.52 23.89 -44.25
CA MSE K 336 43.71 25.05 -45.07
C MSE K 336 45.13 25.59 -44.93
O MSE K 336 45.57 26.42 -45.72
CB MSE K 336 42.67 26.11 -44.72
CG MSE K 336 41.40 25.96 -45.53
SE MSE K 336 39.94 27.11 -44.95
CE MSE K 336 38.55 26.55 -46.22
N LYS K 337 45.84 25.10 -43.93
CA LYS K 337 47.29 25.26 -43.86
C LYS K 337 47.72 26.73 -43.71
N GLY K 338 46.93 27.51 -42.98
CA GLY K 338 47.32 28.89 -42.77
C GLY K 338 46.66 29.56 -41.58
N TYR K 339 47.17 30.75 -41.27
CA TYR K 339 46.71 31.46 -40.09
C TYR K 339 45.32 32.05 -40.35
N LEU K 340 44.60 32.31 -39.27
CA LEU K 340 43.27 32.88 -39.41
C LEU K 340 43.33 34.39 -39.63
N THR K 341 44.33 35.07 -39.06
CA THR K 341 44.45 36.52 -39.17
C THR K 341 45.90 36.95 -39.40
N LYS K 342 46.06 38.06 -40.12
CA LYS K 342 47.36 38.69 -40.34
C LYS K 342 47.27 40.17 -39.98
N ASP K 343 48.00 40.59 -38.94
CA ASP K 343 48.13 42.00 -38.59
C ASP K 343 46.85 42.66 -38.13
N GLY K 344 45.76 41.91 -38.02
CA GLY K 344 44.52 42.51 -37.62
C GLY K 344 43.45 42.49 -38.69
N ILE K 345 43.71 41.91 -39.86
CA ILE K 345 42.65 41.73 -40.83
C ILE K 345 42.44 40.22 -41.01
N PRO K 346 41.26 39.68 -40.68
CA PRO K 346 41.04 38.24 -40.77
C PRO K 346 40.83 37.75 -42.19
N GLU K 347 41.34 36.54 -42.45
CA GLU K 347 41.12 35.88 -43.73
C GLU K 347 39.73 35.23 -43.74
N LEU K 348 38.85 35.75 -44.58
CA LEU K 348 37.42 35.49 -44.39
C LEU K 348 36.99 34.10 -44.84
N ASP K 349 37.75 33.45 -45.74
CA ASP K 349 37.44 32.06 -46.08
C ASP K 349 37.74 31.14 -44.91
N ARG K 350 38.81 31.41 -44.18
CA ARG K 350 39.15 30.59 -43.02
C ARG K 350 38.18 30.85 -41.87
N VAL K 351 37.73 32.09 -41.71
CA VAL K 351 36.60 32.34 -40.82
C VAL K 351 35.41 31.49 -41.24
N GLU K 352 35.11 31.44 -42.55
CA GLU K 352 33.93 30.73 -43.02
C GLU K 352 33.98 29.26 -42.64
N MSE K 353 35.16 28.66 -42.67
CA MSE K 353 35.27 27.22 -42.39
C MSE K 353 34.98 26.96 -40.95
O MSE K 353 34.25 26.04 -40.62
CB MSE K 353 36.64 26.67 -42.73
CG MSE K 353 36.97 25.40 -41.94
SE MSE K 353 38.19 24.16 -42.82
CE MSE K 353 37.14 23.73 -44.42
N ILE K 354 35.55 27.77 -40.08
CA ILE K 354 35.30 27.61 -38.66
C ILE K 354 33.82 27.79 -38.34
N MSE K 355 33.18 28.78 -38.95
CA MSE K 355 31.77 29.00 -38.71
C MSE K 355 30.91 27.83 -39.17
O MSE K 355 30.05 27.36 -38.43
CB MSE K 355 31.31 30.29 -39.39
CG MSE K 355 31.81 31.54 -38.68
SE MSE K 355 31.25 31.68 -36.81
CE MSE K 355 32.80 30.93 -35.88
N LYS K 356 31.18 27.36 -40.40
CA LYS K 356 30.52 26.16 -40.91
C LYS K 356 30.72 24.98 -39.94
N GLY K 357 31.89 24.87 -39.34
CA GLY K 357 32.10 23.80 -38.38
C GLY K 357 31.31 24.02 -37.09
N LEU K 358 31.33 25.25 -36.56
CA LEU K 358 30.52 25.56 -35.38
C LEU K 358 29.04 25.32 -35.65
N GLY K 359 28.61 25.44 -36.90
CA GLY K 359 27.20 25.25 -37.21
C GLY K 359 26.76 23.82 -37.08
N ARG K 360 27.57 22.87 -37.59
CA ARG K 360 27.25 21.44 -37.53
C ARG K 360 26.90 21.00 -36.12
N VAL K 361 27.37 21.73 -35.13
CA VAL K 361 27.28 21.31 -33.74
C VAL K 361 26.44 22.27 -32.90
N GLU K 362 25.88 23.34 -33.49
CA GLU K 362 25.06 24.27 -32.71
C GLU K 362 23.86 23.57 -32.12
N ASP K 363 23.21 22.71 -32.91
CA ASP K 363 22.00 22.04 -32.46
C ASP K 363 22.26 21.27 -31.19
N GLU K 364 23.37 20.54 -31.12
CA GLU K 364 23.69 19.85 -29.87
C GLU K 364 24.02 20.82 -28.75
N ILE K 365 24.67 21.95 -29.05
CA ILE K 365 25.04 22.86 -27.97
C ILE K 365 23.79 23.34 -27.25
N PHE K 366 22.71 23.62 -28.00
CA PHE K 366 21.46 24.08 -27.41
C PHE K 366 20.79 22.95 -26.62
N LYS K 367 20.84 21.73 -27.14
CA LYS K 367 20.23 20.63 -26.42
C LYS K 367 20.95 20.39 -25.10
N ARG K 368 22.29 20.39 -25.10
CA ARG K 368 23.02 20.21 -23.84
C ARG K 368 22.67 21.29 -22.84
N ARG K 369 22.41 22.51 -23.36
CA ARG K 369 22.08 23.65 -22.51
C ARG K 369 20.74 23.47 -21.85
N GLN K 370 19.86 22.65 -22.41
CA GLN K 370 18.60 22.42 -21.75
C GLN K 370 18.70 21.47 -20.55
N GLN K 371 19.85 20.86 -20.29
CA GLN K 371 20.12 20.22 -19.01
C GLN K 371 21.15 21.09 -18.28
N ASP K 372 20.65 21.98 -17.43
CA ASP K 372 21.40 23.13 -16.97
C ASP K 372 20.48 23.92 -16.03
N ASP K 382 8.61 30.47 -22.74
CA ASP K 382 9.71 30.47 -23.71
C ASP K 382 9.24 30.19 -25.13
N ASP K 383 9.38 31.19 -26.01
CA ASP K 383 8.81 31.16 -27.35
C ASP K 383 9.70 30.45 -28.37
N ILE K 384 11.01 30.66 -28.29
CA ILE K 384 11.98 30.02 -29.17
C ILE K 384 12.60 28.90 -28.36
N ARG K 385 12.22 27.67 -28.65
CA ARG K 385 12.81 26.56 -27.93
C ARG K 385 14.02 26.14 -28.76
N LEU K 386 15.21 26.60 -28.34
CA LEU K 386 16.46 26.31 -29.05
C LEU K 386 16.84 24.83 -29.00
N TYR K 387 16.29 24.07 -28.07
CA TYR K 387 16.60 22.66 -27.85
C TYR K 387 15.70 21.70 -28.64
N GLU K 388 14.76 22.21 -29.46
CA GLU K 388 14.04 21.33 -30.38
C GLU K 388 13.92 21.98 -31.76
N SER K 389 13.93 21.10 -32.77
CA SER K 389 14.12 21.39 -34.20
C SER K 389 13.28 22.53 -34.72
N GLY K 390 13.79 23.16 -35.77
CA GLY K 390 13.16 24.31 -36.37
C GLY K 390 13.46 25.60 -35.64
N TRP K 391 14.42 25.59 -34.71
CA TRP K 391 14.65 26.77 -33.88
C TRP K 391 15.11 27.95 -34.72
N LYS K 392 15.92 27.70 -35.76
CA LYS K 392 16.42 28.81 -36.55
C LYS K 392 15.26 29.61 -37.13
N ASP K 393 14.20 28.92 -37.50
CA ASP K 393 13.07 29.56 -38.12
C ASP K 393 12.21 30.30 -37.10
N ARG K 394 12.03 29.74 -35.90
CA ARG K 394 11.37 30.49 -34.84
C ARG K 394 12.17 31.72 -34.48
N TYR K 395 13.48 31.55 -34.27
CA TYR K 395 14.32 32.64 -33.82
C TYR K 395 14.23 33.83 -34.76
N TYR K 396 14.32 33.58 -36.06
CA TYR K 396 14.30 34.70 -36.99
C TYR K 396 12.92 35.32 -37.08
N ARG K 397 11.88 34.49 -37.21
CA ARG K 397 10.52 35.02 -37.11
C ARG K 397 10.30 35.73 -35.79
N ALA K 398 10.93 35.26 -34.72
CA ALA K 398 10.70 35.89 -33.42
C ALA K 398 11.44 37.22 -33.28
N LYS K 399 12.77 37.21 -33.48
CA LYS K 399 13.62 38.35 -33.15
C LYS K 399 13.74 39.38 -34.25
N PHE K 400 13.65 38.97 -35.51
CA PHE K 400 13.72 39.91 -36.63
C PHE K 400 12.40 39.97 -37.40
N ASP K 401 11.48 39.04 -37.16
CA ASP K 401 10.24 38.91 -37.91
C ASP K 401 10.51 38.77 -39.40
N VAL K 402 11.22 37.70 -39.74
CA VAL K 402 11.43 37.29 -41.11
C VAL K 402 11.31 35.76 -41.13
N GLY K 403 11.00 35.24 -42.28
CA GLY K 403 10.51 33.89 -42.34
C GLY K 403 11.60 32.90 -42.69
N SER K 404 11.29 31.65 -42.37
CA SER K 404 12.00 30.48 -42.90
C SER K 404 12.44 30.73 -44.33
N ASP K 405 11.51 31.23 -45.14
CA ASP K 405 11.75 31.45 -46.55
C ASP K 405 12.89 32.43 -46.78
N ASP K 406 12.93 33.53 -46.02
CA ASP K 406 13.88 34.62 -46.26
C ASP K 406 15.24 34.22 -45.70
N ILE K 407 16.12 33.69 -46.56
CA ILE K 407 17.47 33.39 -46.15
C ILE K 407 18.48 34.38 -46.67
N GLU K 408 18.04 35.42 -47.38
CA GLU K 408 18.98 36.48 -47.72
C GLU K 408 19.08 37.52 -46.60
N PHE K 409 18.05 37.60 -45.75
CA PHE K 409 18.17 38.34 -44.49
C PHE K 409 19.14 37.65 -43.55
N ARG K 410 19.04 36.32 -43.45
CA ARG K 410 19.97 35.57 -42.62
C ARG K 410 21.41 35.85 -43.02
N HIS K 411 21.70 35.89 -44.32
CA HIS K 411 23.04 36.25 -44.77
C HIS K 411 23.33 37.73 -44.63
N ARG K 412 22.30 38.58 -44.62
CA ARG K 412 22.55 40.00 -44.44
C ARG K 412 23.10 40.28 -43.03
N VAL K 413 22.56 39.65 -41.99
CA VAL K 413 23.10 39.86 -40.65
C VAL K 413 24.46 39.22 -40.50
N ALA K 414 24.67 38.04 -41.10
CA ALA K 414 25.97 37.39 -40.96
C ALA K 414 27.08 38.24 -41.58
N TRP K 415 26.83 38.78 -42.79
CA TRP K 415 27.82 39.66 -43.38
C TRP K 415 27.97 40.92 -42.54
N ALA K 416 26.87 41.44 -42.00
CA ALA K 416 26.97 42.54 -41.04
C ALA K 416 27.86 42.18 -39.87
N TYR K 417 27.77 40.93 -39.40
CA TYR K 417 28.52 40.49 -38.23
C TYR K 417 30.01 40.33 -38.53
N VAL K 418 30.37 39.70 -39.66
CA VAL K 418 31.79 39.57 -39.96
C VAL K 418 32.40 40.94 -40.14
N GLU K 419 31.66 41.85 -40.78
CA GLU K 419 32.11 43.23 -40.86
C GLU K 419 32.48 43.76 -39.47
N GLY K 420 31.64 43.46 -38.47
CA GLY K 420 31.99 43.82 -37.11
C GLY K 420 33.29 43.18 -36.66
N LEU K 421 33.42 41.88 -36.88
CA LEU K 421 34.65 41.22 -36.47
C LEU K 421 35.86 41.79 -37.20
N CYS K 422 35.75 42.03 -38.51
CA CYS K 422 36.84 42.77 -39.16
C CYS K 422 37.08 44.12 -38.49
N TRP K 423 36.01 44.83 -38.11
CA TRP K 423 36.17 46.15 -37.49
C TRP K 423 36.86 46.03 -36.14
N VAL K 424 36.39 45.12 -35.29
CA VAL K 424 36.96 44.95 -33.95
C VAL K 424 38.45 44.60 -34.03
N LEU K 425 38.78 43.58 -34.79
CA LEU K 425 40.17 43.15 -34.85
C LEU K 425 41.07 44.27 -35.36
N ARG K 426 40.58 45.06 -36.32
CA ARG K 426 41.34 46.19 -36.82
C ARG K 426 41.49 47.27 -35.75
N TYR K 427 40.46 47.43 -34.90
CA TYR K 427 40.55 48.44 -33.85
C TYR K 427 41.79 48.23 -33.00
N TYR K 428 42.04 46.99 -32.56
CA TYR K 428 43.16 46.74 -31.65
C TYR K 428 44.50 46.77 -32.39
N TYR K 429 44.59 46.08 -33.52
CA TYR K 429 45.90 45.88 -34.11
C TYR K 429 46.38 47.05 -34.95
N GLN K 430 45.49 47.98 -35.28
CA GLN K 430 45.88 49.06 -36.18
C GLN K 430 45.19 50.38 -35.85
N GLY K 431 44.43 50.49 -34.78
CA GLY K 431 43.77 51.74 -34.48
C GLY K 431 42.47 51.83 -35.24
N CYS K 432 41.50 52.58 -34.72
CA CYS K 432 40.15 52.63 -35.27
C CYS K 432 40.10 52.69 -36.79
N ALA K 433 39.31 51.80 -37.38
CA ALA K 433 39.18 51.76 -38.82
C ALA K 433 38.01 52.57 -39.33
N SER K 434 37.02 52.84 -38.48
CA SER K 434 35.85 53.62 -38.90
C SER K 434 35.04 54.10 -37.70
N TRP K 435 34.92 55.43 -37.58
CA TRP K 435 34.14 56.05 -36.52
C TRP K 435 32.63 55.96 -36.73
N ASP K 436 32.16 55.61 -37.94
CA ASP K 436 30.72 55.57 -38.18
C ASP K 436 30.12 54.16 -38.21
N TRP K 437 30.95 53.12 -38.38
CA TRP K 437 30.42 51.76 -38.46
C TRP K 437 29.77 51.35 -37.13
N TYR K 438 28.66 50.62 -37.25
CA TYR K 438 27.96 49.98 -36.14
C TYR K 438 27.22 48.78 -36.66
N PHE K 439 26.92 47.86 -35.77
CA PHE K 439 26.15 46.67 -36.14
C PHE K 439 24.67 47.02 -36.03
N PRO K 440 23.92 46.98 -37.11
CA PRO K 440 22.58 47.58 -37.08
C PRO K 440 21.49 46.61 -36.71
N TYR K 441 21.77 45.73 -35.75
CA TYR K 441 20.78 44.75 -35.32
C TYR K 441 20.87 44.54 -33.81
N HIS K 442 19.78 44.02 -33.25
CA HIS K 442 19.65 43.75 -31.83
C HIS K 442 20.02 42.33 -31.42
N TYR K 443 20.10 41.40 -32.37
CA TYR K 443 20.36 40.01 -32.08
C TYR K 443 21.43 39.47 -33.01
N ALA K 444 22.12 38.43 -32.57
CA ALA K 444 23.16 37.90 -33.42
C ALA K 444 22.61 36.81 -34.32
N PRO K 445 23.26 36.49 -35.43
CA PRO K 445 22.86 35.33 -36.24
C PRO K 445 23.51 34.09 -35.66
N PHE K 446 23.28 32.95 -36.30
CA PHE K 446 23.93 31.72 -35.88
C PHE K 446 25.14 31.40 -36.75
N ALA K 447 26.02 30.56 -36.19
CA ALA K 447 27.19 30.15 -36.96
C ALA K 447 26.79 29.48 -38.26
N SER K 448 25.65 28.79 -38.27
CA SER K 448 25.20 28.13 -39.49
C SER K 448 24.90 29.15 -40.58
N ASP K 449 24.74 30.42 -40.22
CA ASP K 449 24.39 31.47 -41.18
C ASP K 449 25.61 32.12 -41.85
N PHE K 450 26.82 31.82 -41.40
CA PHE K 450 28.03 32.41 -41.94
C PHE K 450 28.57 31.68 -43.17
N GLU K 451 27.82 30.78 -43.79
CA GLU K 451 28.18 30.39 -45.15
C GLU K 451 28.23 31.66 -46.00
N THR K 452 28.92 31.56 -47.13
CA THR K 452 29.14 32.67 -48.07
C THR K 452 29.87 33.91 -47.50
N VAL K 453 30.20 33.98 -46.21
CA VAL K 453 30.95 35.16 -45.74
C VAL K 453 32.34 35.25 -46.34
N GLY K 454 32.85 34.16 -46.94
CA GLY K 454 34.15 34.26 -47.57
C GLY K 454 34.19 35.22 -48.74
N GLU K 455 33.06 35.40 -49.44
CA GLU K 455 33.03 36.30 -50.59
C GLU K 455 33.05 37.77 -50.15
N PHE K 456 32.72 38.05 -48.89
CA PHE K 456 32.67 39.43 -48.41
C PHE K 456 34.06 40.06 -48.43
N GLN K 457 34.11 41.33 -48.88
CA GLN K 457 35.36 42.07 -49.03
C GLN K 457 35.26 43.35 -48.21
N PRO K 458 36.06 43.50 -47.15
CA PRO K 458 35.86 44.64 -46.24
C PRO K 458 36.31 45.95 -46.86
N ASP K 459 35.57 47.02 -46.55
CA ASP K 459 35.80 48.34 -47.15
C ASP K 459 35.71 49.42 -46.06
N PHE K 460 36.85 49.72 -45.45
CA PHE K 460 36.95 50.76 -44.42
C PHE K 460 37.77 51.95 -44.87
N THR K 461 37.79 52.23 -46.16
CA THR K 461 38.58 53.33 -46.69
C THR K 461 37.88 54.68 -46.67
N ARG K 462 36.55 54.70 -46.57
CA ARG K 462 35.79 55.94 -46.44
C ARG K 462 36.32 56.76 -45.24
N PRO K 463 36.59 58.05 -45.42
CA PRO K 463 37.15 58.84 -44.33
C PRO K 463 36.10 59.21 -43.29
N THR K 464 36.48 59.06 -42.02
CA THR K 464 35.60 59.27 -40.88
C THR K 464 36.30 60.09 -39.81
N LYS K 465 35.50 60.83 -39.04
CA LYS K 465 35.98 61.62 -37.92
C LYS K 465 35.07 61.40 -36.71
N PRO K 466 35.61 61.50 -35.50
CA PRO K 466 34.79 61.30 -34.31
C PRO K 466 33.73 62.38 -34.15
N PHE K 467 32.67 62.02 -33.43
CA PHE K 467 31.65 62.97 -33.00
C PHE K 467 32.22 63.99 -32.02
N ASN K 468 31.54 65.15 -31.97
CA ASN K 468 31.83 66.15 -30.96
C ASN K 468 31.20 65.77 -29.63
N PRO K 469 31.87 66.07 -28.52
CA PRO K 469 31.37 65.58 -27.22
C PRO K 469 29.90 65.87 -27.01
N LEU K 470 29.42 67.08 -27.31
CA LEU K 470 28.01 67.40 -27.10
C LEU K 470 27.10 66.62 -28.04
N GLU K 471 27.54 66.38 -29.28
CA GLU K 471 26.76 65.54 -30.18
C GLU K 471 26.69 64.10 -29.66
N GLN K 472 27.79 63.56 -29.16
CA GLN K 472 27.72 62.20 -28.63
C GLN K 472 26.86 62.14 -27.37
N LEU K 473 26.85 63.20 -26.56
CA LEU K 473 25.91 63.26 -25.45
C LEU K 473 24.47 63.09 -25.93
N MSE K 474 24.12 63.75 -27.03
CA MSE K 474 22.77 63.67 -27.54
C MSE K 474 22.40 62.24 -27.96
O MSE K 474 21.30 61.76 -27.70
CB MSE K 474 22.59 64.63 -28.72
CG MSE K 474 22.77 66.08 -28.35
SE MSE K 474 21.35 66.66 -27.18
CE MSE K 474 20.08 67.23 -28.54
N SER K 475 23.35 61.54 -28.58
CA SER K 475 23.12 60.21 -29.08
C SER K 475 23.43 59.12 -28.05
N VAL K 476 23.80 59.49 -26.82
CA VAL K 476 24.15 58.52 -25.79
C VAL K 476 23.37 58.70 -24.50
N PHE K 477 22.75 59.82 -24.25
CA PHE K 477 22.02 60.10 -23.03
C PHE K 477 20.52 59.83 -23.22
N PRO K 478 19.85 59.42 -22.15
CA PRO K 478 18.39 59.47 -22.11
C PRO K 478 17.98 60.85 -21.64
N ALA K 479 16.68 61.13 -21.78
CA ALA K 479 16.20 62.44 -21.36
C ALA K 479 16.40 62.67 -19.86
N ALA K 480 16.39 61.58 -19.08
CA ALA K 480 16.55 61.68 -17.64
C ALA K 480 17.85 62.36 -17.22
N SER K 481 18.80 62.49 -18.13
CA SER K 481 20.10 63.09 -17.87
C SER K 481 20.29 64.39 -18.67
N LYS K 482 19.20 65.12 -18.89
CA LYS K 482 19.27 66.30 -19.73
C LYS K 482 20.00 67.47 -19.06
N GLN K 483 20.20 67.44 -17.74
CA GLN K 483 20.91 68.54 -17.07
C GLN K 483 22.24 68.84 -17.73
N HIS K 484 23.01 67.79 -18.04
CA HIS K 484 24.39 67.97 -18.44
C HIS K 484 24.53 68.54 -19.84
N LEU K 485 23.45 68.90 -20.47
CA LEU K 485 23.45 69.41 -21.82
C LEU K 485 23.05 70.86 -21.82
N PRO K 486 23.35 71.59 -22.89
CA PRO K 486 22.89 72.98 -22.98
C PRO K 486 21.37 73.05 -22.89
N VAL K 487 20.88 74.14 -22.27
CA VAL K 487 19.46 74.26 -21.97
C VAL K 487 18.63 74.20 -23.24
N GLU K 488 19.13 74.82 -24.32
CA GLU K 488 18.41 74.79 -25.59
C GLU K 488 18.53 73.42 -26.26
N TRP K 489 19.60 72.68 -25.97
CA TRP K 489 19.67 71.33 -26.50
C TRP K 489 18.76 70.40 -25.72
N GLN K 490 18.57 70.67 -24.42
CA GLN K 490 17.69 69.83 -23.60
C GLN K 490 16.29 69.75 -24.19
N LYS K 491 15.77 70.86 -24.69
CA LYS K 491 14.44 70.88 -25.27
C LYS K 491 14.28 69.79 -26.33
N LEU K 492 15.29 69.63 -27.18
CA LEU K 492 15.20 68.64 -28.25
C LEU K 492 15.11 67.22 -27.73
N MSE K 493 15.30 66.98 -26.44
CA MSE K 493 15.22 65.63 -25.92
C MSE K 493 13.87 65.40 -25.25
O MSE K 493 13.40 64.25 -25.13
CB MSE K 493 16.35 65.34 -24.92
CG MSE K 493 17.73 65.82 -25.36
SE MSE K 493 19.08 65.73 -23.95
CE MSE K 493 19.50 63.84 -23.98
N ILE K 494 13.23 66.46 -24.82
CA ILE K 494 12.13 66.30 -23.89
C ILE K 494 10.77 66.78 -24.46
N GLN K 495 10.76 67.81 -25.30
CA GLN K 495 9.48 68.33 -25.78
C GLN K 495 8.99 67.58 -27.04
N ASP K 496 7.65 67.52 -27.17
CA ASP K 496 6.96 66.71 -28.19
C ASP K 496 7.13 67.26 -29.61
N ASP K 497 7.39 68.56 -29.73
CA ASP K 497 7.51 69.23 -31.02
C ASP K 497 8.88 69.06 -31.67
N SER K 498 9.89 68.64 -30.89
CA SER K 498 11.26 68.48 -31.39
C SER K 498 11.35 67.36 -32.43
N PRO K 499 12.01 67.59 -33.57
CA PRO K 499 12.10 66.57 -34.62
C PRO K 499 13.04 65.41 -34.33
N ILE K 500 13.56 65.29 -33.10
CA ILE K 500 14.32 64.10 -32.72
C ILE K 500 13.76 63.54 -31.43
N ILE K 501 12.53 63.92 -31.07
CA ILE K 501 11.91 63.43 -29.84
C ILE K 501 11.82 61.91 -29.83
N ASP K 502 11.80 61.30 -31.02
CA ASP K 502 11.69 59.84 -31.14
C ASP K 502 12.91 59.10 -30.61
N LEU K 503 14.05 59.78 -30.47
CA LEU K 503 15.27 59.15 -29.99
C LEU K 503 15.37 59.06 -28.47
N TYR K 504 14.46 59.67 -27.73
CA TYR K 504 14.53 59.71 -26.26
C TYR K 504 13.22 59.20 -25.69
N PRO K 505 12.94 57.91 -25.85
CA PRO K 505 11.69 57.36 -25.27
C PRO K 505 11.79 57.31 -23.76
N ALA K 506 10.66 57.58 -23.10
CA ALA K 506 10.65 57.53 -21.65
C ALA K 506 10.80 56.12 -21.13
N ASP K 507 10.26 55.13 -21.84
CA ASP K 507 10.49 53.75 -21.49
C ASP K 507 10.61 52.91 -22.76
N PHE K 508 11.16 51.71 -22.58
CA PHE K 508 11.38 50.77 -23.66
C PHE K 508 11.35 49.35 -23.10
N ARG K 509 11.12 48.39 -23.99
CA ARG K 509 11.06 46.98 -23.59
C ARG K 509 12.44 46.34 -23.64
N ILE K 510 12.73 45.48 -22.65
CA ILE K 510 14.00 44.78 -22.56
C ILE K 510 13.72 43.29 -22.75
N ASP K 511 14.33 42.71 -23.76
CA ASP K 511 14.20 41.27 -24.04
C ASP K 511 15.26 40.53 -23.24
N LEU K 512 14.80 39.64 -22.34
CA LEU K 512 15.73 38.84 -21.55
C LEU K 512 16.56 37.93 -22.44
N ASN K 513 15.98 37.47 -23.55
CA ASN K 513 16.64 36.57 -24.50
C ASN K 513 17.05 35.27 -23.82
N GLY K 514 16.16 34.76 -22.96
CA GLY K 514 16.41 33.53 -22.23
C GLY K 514 17.26 33.71 -20.97
N LYS K 515 18.22 34.64 -21.02
CA LYS K 515 19.11 34.90 -19.90
C LYS K 515 18.34 35.23 -18.62
N LYS K 516 19.03 35.22 -17.48
CA LYS K 516 18.32 35.33 -16.21
C LYS K 516 17.94 36.77 -15.87
N TYR K 517 18.93 37.66 -15.81
CA TYR K 517 18.74 39.00 -15.26
C TYR K 517 18.52 40.04 -16.36
N ALA K 518 17.79 41.10 -16.00
CA ALA K 518 17.39 42.09 -17.00
C ALA K 518 18.59 42.78 -17.62
N TRP K 519 19.68 42.91 -16.88
CA TRP K 519 20.89 43.53 -17.39
C TRP K 519 21.70 42.62 -18.32
N GLN K 520 21.33 41.33 -18.43
CA GLN K 520 21.93 40.43 -19.43
C GLN K 520 21.20 40.39 -20.76
N GLY K 521 20.00 40.96 -20.85
CA GLY K 521 19.19 40.94 -22.05
C GLY K 521 19.46 42.10 -22.99
N VAL K 522 18.63 42.16 -24.04
CA VAL K 522 18.75 43.16 -25.10
C VAL K 522 17.75 44.27 -24.83
N ALA K 523 18.22 45.53 -24.84
CA ALA K 523 17.37 46.71 -24.73
C ALA K 523 16.91 47.17 -26.12
N LEU K 524 15.60 47.15 -26.37
CA LEU K 524 15.12 47.50 -27.71
C LEU K 524 14.98 49.01 -27.88
N LEU K 525 16.10 49.67 -28.05
CA LEU K 525 16.06 51.12 -28.27
C LEU K 525 16.31 51.45 -29.73
N PRO K 526 15.63 52.45 -30.30
CA PRO K 526 15.85 52.76 -31.72
C PRO K 526 17.23 53.36 -31.93
N PHE K 527 17.88 52.94 -33.03
CA PHE K 527 19.19 53.46 -33.40
C PHE K 527 19.10 54.96 -33.72
N VAL K 528 20.19 55.67 -33.46
CA VAL K 528 20.18 57.10 -33.70
C VAL K 528 20.29 57.38 -35.20
N ASP K 529 19.37 58.22 -35.69
CA ASP K 529 19.39 58.74 -37.06
C ASP K 529 20.45 59.82 -37.11
N GLU K 530 21.68 59.42 -37.45
CA GLU K 530 22.82 60.32 -37.35
C GLU K 530 22.64 61.58 -38.18
N THR K 531 22.16 61.44 -39.42
CA THR K 531 21.97 62.60 -40.27
C THR K 531 20.98 63.58 -39.66
N ARG K 532 19.84 63.06 -39.20
CA ARG K 532 18.78 63.92 -38.68
C ARG K 532 19.19 64.61 -37.39
N LEU K 533 19.94 63.93 -36.53
CA LEU K 533 20.37 64.55 -35.28
C LEU K 533 21.27 65.75 -35.54
N LEU K 534 22.32 65.56 -36.33
CA LEU K 534 23.24 66.67 -36.63
C LEU K 534 22.51 67.79 -37.36
N ALA K 535 21.58 67.43 -38.24
CA ALA K 535 20.77 68.43 -38.94
C ALA K 535 19.93 69.23 -37.95
N THR K 536 19.31 68.55 -36.98
CA THR K 536 18.49 69.24 -36.00
C THR K 536 19.34 70.20 -35.16
N LEU K 537 20.56 69.78 -34.81
CA LEU K 537 21.41 70.57 -33.94
C LEU K 537 21.92 71.87 -34.57
N GLN K 538 21.87 72.00 -35.91
CA GLN K 538 22.39 73.21 -36.53
C GLN K 538 21.65 74.44 -36.01
N SER K 539 20.35 74.30 -35.75
CA SER K 539 19.56 75.41 -35.27
C SER K 539 19.94 75.81 -33.85
N VAL K 540 20.58 74.92 -33.08
CA VAL K 540 20.95 75.22 -31.71
C VAL K 540 22.46 75.36 -31.51
N TYR K 541 23.26 75.14 -32.55
CA TYR K 541 24.71 75.22 -32.37
C TYR K 541 25.20 76.60 -31.92
N PRO K 542 24.70 77.72 -32.45
CA PRO K 542 25.17 79.03 -31.97
C PRO K 542 24.70 79.44 -30.58
N THR K 543 23.87 78.64 -29.90
CA THR K 543 23.43 78.93 -28.53
C THR K 543 24.41 78.42 -27.47
N LEU K 544 25.50 77.80 -27.88
CA LEU K 544 26.46 77.32 -26.92
C LEU K 544 27.13 78.51 -26.24
N THR K 545 27.33 78.42 -24.93
CA THR K 545 28.13 79.38 -24.18
C THR K 545 29.61 79.24 -24.54
N ALA K 546 30.42 80.16 -24.02
CA ALA K 546 31.86 80.03 -24.19
C ALA K 546 32.35 78.70 -23.64
N GLU K 547 31.95 78.39 -22.41
CA GLU K 547 32.34 77.12 -21.79
C GLU K 547 31.86 75.93 -22.61
N GLU K 548 30.64 76.02 -23.16
CA GLU K 548 30.08 74.90 -23.90
C GLU K 548 30.86 74.62 -25.18
N LYS K 549 31.20 75.66 -25.95
CA LYS K 549 32.10 75.47 -27.09
C LYS K 549 33.40 74.81 -26.66
N GLN K 550 33.87 75.11 -25.44
CA GLN K 550 35.14 74.56 -24.96
C GLN K 550 35.04 73.06 -24.75
N ARG K 551 34.02 72.60 -24.02
CA ARG K 551 33.85 71.17 -23.81
C ARG K 551 33.61 70.43 -25.11
N ASN K 552 33.15 71.12 -26.15
CA ASN K 552 32.75 70.49 -27.40
C ASN K 552 33.89 70.45 -28.44
N THR K 553 35.12 70.69 -28.04
CA THR K 553 36.26 70.78 -28.96
C THR K 553 37.23 69.62 -28.77
N ARG K 554 37.74 69.11 -29.88
CA ARG K 554 38.78 68.09 -29.84
C ARG K 554 40.00 68.66 -29.16
N GLY K 555 40.41 68.07 -28.05
CA GLY K 555 41.53 68.58 -27.28
C GLY K 555 42.77 67.71 -27.36
N PRO K 556 43.82 68.12 -26.65
CA PRO K 556 45.12 67.47 -26.83
C PRO K 556 45.56 66.58 -25.68
N ASN K 557 46.64 65.84 -25.88
CA ASN K 557 47.26 65.17 -24.74
C ASN K 557 48.25 66.11 -24.06
N ARG K 558 48.55 65.82 -22.81
CA ARG K 558 49.49 66.65 -22.08
C ARG K 558 50.51 65.73 -21.44
N ILE K 559 51.74 66.20 -21.32
CA ILE K 559 52.80 65.44 -20.68
C ILE K 559 53.48 66.33 -19.67
N PHE K 560 53.83 65.75 -18.51
CA PHE K 560 54.36 66.47 -17.37
C PHE K 560 55.62 65.77 -16.91
N ILE K 561 56.63 66.56 -16.54
CA ILE K 561 57.81 66.07 -15.82
C ILE K 561 58.13 67.12 -14.81
N GLY K 562 58.83 66.69 -13.75
CA GLY K 562 59.27 67.59 -12.68
C GLY K 562 60.66 68.12 -12.91
N ARG K 563 61.06 69.07 -12.06
CA ARG K 563 62.26 69.86 -12.34
C ARG K 563 63.55 69.02 -12.36
N ASN K 564 63.59 67.88 -11.67
CA ASN K 564 64.78 67.04 -11.71
C ASN K 564 64.89 66.20 -12.97
N HIS K 565 63.82 66.09 -13.76
CA HIS K 565 63.83 65.15 -14.87
C HIS K 565 64.90 65.52 -15.88
N LYS K 566 65.57 64.51 -16.43
CA LYS K 566 66.68 64.93 -17.26
C LYS K 566 66.20 65.58 -18.54
N SER K 567 64.90 65.55 -18.81
CA SER K 567 64.35 66.19 -20.00
C SER K 567 63.65 67.52 -19.68
N PHE K 568 63.82 68.04 -18.46
CA PHE K 568 63.13 69.26 -18.06
C PHE K 568 63.55 70.43 -18.90
N GLU K 569 64.86 70.69 -18.95
CA GLU K 569 65.38 71.78 -19.75
C GLU K 569 64.82 71.73 -21.16
N PHE K 570 64.67 70.52 -21.69
CA PHE K 570 64.16 70.38 -23.05
C PHE K 570 62.70 70.84 -23.15
N PHE K 571 61.83 70.39 -22.23
CA PHE K 571 60.44 70.83 -22.26
C PHE K 571 60.34 72.33 -22.06
N GLN K 572 61.17 72.89 -21.19
CA GLN K 572 61.07 74.31 -20.87
C GLN K 572 61.36 75.17 -22.09
N GLN K 573 62.36 74.79 -22.92
CA GLN K 573 62.59 75.51 -24.16
C GLN K 573 61.38 75.46 -25.07
N VAL K 574 60.69 74.32 -25.11
CA VAL K 574 59.47 74.24 -25.88
C VAL K 574 58.37 75.09 -25.25
N ALA K 575 58.21 74.97 -23.92
CA ALA K 575 57.16 75.70 -23.24
C ALA K 575 57.39 77.20 -23.30
N GLU K 576 58.65 77.64 -23.24
CA GLU K 576 58.94 79.07 -23.26
C GLU K 576 58.87 79.66 -24.67
N SER K 577 58.95 78.81 -25.69
CA SER K 577 58.85 79.27 -27.07
C SER K 577 57.50 79.90 -27.38
N LYS K 578 56.47 79.57 -26.61
CA LYS K 578 55.10 80.03 -26.84
C LYS K 578 54.64 79.76 -28.27
N SER K 579 55.23 78.74 -28.91
CA SER K 579 54.91 78.40 -30.29
C SER K 579 54.06 77.13 -30.33
N ASP K 580 53.17 77.06 -31.32
CA ASP K 580 52.30 75.90 -31.51
C ASP K 580 52.95 74.81 -32.35
N ASP K 581 54.13 75.08 -32.87
CA ASP K 581 54.86 74.09 -33.65
C ASP K 581 55.09 72.85 -32.78
N LEU K 582 54.83 71.67 -33.36
CA LEU K 582 55.06 70.41 -32.64
C LEU K 582 56.51 70.01 -32.79
N VAL K 583 57.23 69.99 -31.68
CA VAL K 583 58.67 69.74 -31.65
C VAL K 583 58.90 68.27 -31.29
N PRO K 584 59.70 67.54 -32.06
CA PRO K 584 59.99 66.15 -31.69
C PRO K 584 60.81 66.06 -30.41
N LEU K 585 60.39 65.14 -29.54
CA LEU K 585 61.08 64.84 -28.31
C LEU K 585 62.43 64.21 -28.57
N ASP K 586 63.33 64.36 -27.60
CA ASP K 586 64.58 63.63 -27.62
C ASP K 586 64.40 62.36 -26.81
N PRO K 587 64.31 61.19 -27.44
CA PRO K 587 64.08 59.97 -26.67
C PRO K 587 65.24 59.61 -25.76
N THR K 588 66.43 60.16 -26.01
CA THR K 588 67.57 59.99 -25.10
C THR K 588 67.30 60.51 -23.70
N LEU K 589 66.44 61.51 -23.55
CA LEU K 589 66.12 62.00 -22.23
C LEU K 589 64.89 61.33 -21.62
N LEU K 590 64.38 60.25 -22.24
CA LEU K 590 63.11 59.69 -21.80
C LEU K 590 63.12 58.17 -21.83
N ASN K 591 64.28 57.53 -21.81
CA ASN K 591 64.37 56.07 -21.96
C ASN K 591 63.61 55.64 -23.19
N GLY K 592 63.69 56.43 -24.24
CA GLY K 592 63.19 56.05 -25.53
C GLY K 592 61.79 56.50 -25.86
N VAL K 593 61.10 57.23 -24.98
CA VAL K 593 59.78 57.71 -25.37
C VAL K 593 59.95 58.67 -26.53
N SER K 594 59.22 58.41 -27.62
CA SER K 594 59.19 59.31 -28.76
C SER K 594 57.86 60.04 -28.82
N GLY K 595 57.84 61.10 -29.62
CA GLY K 595 56.66 61.90 -29.83
C GLY K 595 57.05 63.31 -30.22
N LYS K 596 56.06 64.18 -30.15
CA LYS K 596 56.24 65.61 -30.36
C LYS K 596 55.57 66.34 -29.22
N ILE K 597 56.12 67.48 -28.84
CA ILE K 597 55.49 68.26 -27.79
C ILE K 597 55.26 69.65 -28.33
N ALA K 598 54.38 70.39 -27.66
CA ALA K 598 54.12 71.77 -28.09
C ALA K 598 53.65 72.60 -26.90
N TYR K 599 53.84 73.91 -27.04
CA TYR K 599 53.50 74.88 -26.01
C TYR K 599 52.04 74.78 -25.60
N ASP K 600 51.81 74.76 -24.29
CA ASP K 600 50.45 74.67 -23.74
C ASP K 600 50.10 75.98 -23.04
N SER K 601 49.21 76.76 -23.66
CA SER K 601 48.83 78.03 -23.04
C SER K 601 48.11 77.84 -21.71
N THR K 602 47.46 76.70 -21.49
CA THR K 602 46.74 76.53 -20.23
C THR K 602 47.62 76.05 -19.10
N ALA K 603 48.91 75.82 -19.38
CA ALA K 603 49.80 75.23 -18.39
C ALA K 603 50.20 76.23 -17.32
N THR K 604 50.30 75.74 -16.08
CA THR K 604 50.86 76.49 -14.97
C THR K 604 52.38 76.32 -14.96
N ALA K 605 53.10 77.44 -15.03
CA ALA K 605 54.53 77.41 -15.19
C ALA K 605 55.19 77.06 -13.88
N PRO K 606 56.38 76.47 -13.93
CA PRO K 606 57.16 76.24 -12.71
C PRO K 606 57.47 77.55 -12.01
N GLY K 607 57.60 77.46 -10.68
CA GLY K 607 57.90 78.62 -9.87
C GLY K 607 56.68 79.37 -9.40
N LEU K 608 55.52 79.05 -9.95
CA LEU K 608 54.28 79.65 -9.51
C LEU K 608 53.51 78.72 -8.59
N PRO K 609 52.59 79.28 -7.81
CA PRO K 609 51.64 78.44 -7.07
C PRO K 609 50.64 77.81 -8.01
N PHE K 610 50.03 76.73 -7.54
CA PHE K 610 48.98 76.02 -8.25
C PHE K 610 47.88 75.80 -7.21
N VAL K 611 46.86 76.61 -7.29
CA VAL K 611 45.81 76.55 -6.30
C VAL K 611 44.87 75.37 -6.58
N SER K 612 44.50 74.65 -5.53
CA SER K 612 43.75 73.41 -5.68
C SER K 612 42.32 73.69 -6.06
N PRO K 613 41.81 73.07 -7.11
CA PRO K 613 40.38 73.17 -7.43
C PRO K 613 39.49 72.21 -6.64
N VAL K 614 40.06 71.44 -5.72
CA VAL K 614 39.36 70.44 -4.93
C VAL K 614 39.31 70.96 -3.50
N ASN K 615 38.12 71.27 -3.02
CA ASN K 615 37.97 71.82 -1.68
C ASN K 615 38.04 70.68 -0.67
N HIS K 616 39.24 70.37 -0.18
CA HIS K 616 39.34 69.20 0.69
C HIS K 616 40.66 69.23 1.46
N ASP K 617 40.66 68.60 2.64
CA ASP K 617 41.84 68.61 3.50
C ASP K 617 43.02 67.86 2.90
N GLU K 618 42.78 66.81 2.15
CA GLU K 618 43.90 66.15 1.52
C GLU K 618 44.43 66.94 0.32
N CYS K 619 43.75 68.00 -0.09
CA CYS K 619 44.15 68.72 -1.30
C CYS K 619 44.47 70.17 -0.99
N GLN K 620 45.58 70.40 -0.30
CA GLN K 620 46.01 71.76 -0.05
C GLN K 620 46.54 72.39 -1.33
N ASP K 621 46.48 73.71 -1.38
CA ASP K 621 47.05 74.44 -2.51
C ASP K 621 48.55 74.14 -2.61
N LEU K 622 49.04 74.09 -3.84
CA LEU K 622 50.43 73.83 -4.11
C LEU K 622 51.19 75.14 -4.02
N PRO K 623 52.14 75.33 -3.02
CA PRO K 623 52.78 76.64 -2.83
C PRO K 623 53.69 77.05 -3.98
N THR K 624 54.55 76.15 -4.47
CA THR K 624 55.41 76.47 -5.59
C THR K 624 55.48 75.24 -6.48
N ASN K 625 54.93 75.35 -7.67
CA ASN K 625 54.93 74.24 -8.60
C ASN K 625 56.30 74.09 -9.27
N CYS K 626 56.80 72.85 -9.34
CA CYS K 626 58.10 72.54 -9.96
C CYS K 626 57.95 71.63 -11.17
N GLY K 627 56.71 71.37 -11.60
CA GLY K 627 56.44 70.50 -12.74
C GLY K 627 56.03 71.32 -13.95
N ILE K 628 56.46 70.89 -15.12
CA ILE K 628 56.15 71.61 -16.35
C ILE K 628 55.24 70.74 -17.21
N CYS K 629 54.33 71.40 -17.92
CA CYS K 629 53.30 70.73 -18.70
C CYS K 629 53.38 71.22 -20.15
N VAL K 630 53.56 70.30 -21.09
CA VAL K 630 53.48 70.64 -22.50
C VAL K 630 52.51 69.68 -23.16
N LEU K 631 52.02 70.08 -24.34
CA LEU K 631 51.16 69.20 -25.10
C LEU K 631 51.96 68.06 -25.70
N TYR K 632 51.33 66.89 -25.81
CA TYR K 632 51.98 65.69 -26.31
C TYR K 632 51.16 65.08 -27.43
N GLU K 633 51.86 64.56 -28.42
CA GLU K 633 51.22 63.90 -29.55
C GLU K 633 52.03 62.64 -29.82
N ASP K 634 51.33 61.51 -29.87
CA ASP K 634 51.93 60.21 -30.15
C ASP K 634 52.77 60.28 -31.43
N PRO K 635 53.86 59.53 -31.49
CA PRO K 635 54.68 59.51 -32.71
C PRO K 635 53.92 58.90 -33.86
N GLU K 636 54.10 59.47 -35.05
CA GLU K 636 53.41 58.99 -36.25
C GLU K 636 54.20 57.88 -36.95
N LYS L 6 7.37 62.28 -53.98
CA LYS L 6 6.43 61.16 -54.01
C LYS L 6 7.16 59.82 -53.83
N LEU L 7 6.87 58.85 -54.70
CA LEU L 7 7.41 57.49 -54.53
C LEU L 7 8.93 57.46 -54.57
N GLU L 8 9.55 58.36 -55.33
CA GLU L 8 11.01 58.41 -55.40
C GLU L 8 11.60 59.01 -54.12
N ASP L 9 10.98 60.06 -53.61
CA ASP L 9 11.39 60.68 -52.35
C ASP L 9 11.33 59.65 -51.21
N VAL L 10 10.19 58.96 -51.08
CA VAL L 10 9.98 58.03 -49.98
C VAL L 10 10.94 56.84 -50.06
N GLU L 11 11.20 56.35 -51.27
CA GLU L 11 11.97 55.11 -51.41
C GLU L 11 13.40 55.25 -50.93
N ALA L 12 13.97 56.47 -50.99
CA ALA L 12 15.35 56.72 -50.58
C ALA L 12 15.56 56.71 -49.07
N GLU L 13 14.52 56.49 -48.27
CA GLU L 13 14.61 56.50 -46.82
C GLU L 13 15.01 55.15 -46.22
N LYS L 14 15.08 54.08 -47.03
CA LYS L 14 15.34 52.74 -46.53
C LYS L 14 16.68 52.66 -45.79
N LYS L 15 16.80 51.61 -44.95
CA LYS L 15 18.05 51.16 -44.32
C LYS L 15 18.56 52.19 -43.29
N LEU L 16 19.49 51.84 -42.40
CA LEU L 16 20.23 50.57 -42.36
C LEU L 16 19.57 49.45 -41.55
N TRP L 17 18.95 49.81 -40.43
CA TRP L 17 18.52 48.78 -39.49
C TRP L 17 17.23 48.08 -39.87
N GLU L 18 16.45 48.61 -40.82
CA GLU L 18 15.11 48.11 -41.09
C GLU L 18 15.08 46.84 -41.93
N SER L 19 14.42 45.81 -41.40
CA SER L 19 14.10 44.62 -42.19
C SER L 19 13.09 45.02 -43.25
N ASP L 20 12.85 44.10 -44.20
CA ASP L 20 11.97 44.45 -45.31
C ASP L 20 10.53 44.70 -44.84
N ASP L 21 10.03 43.88 -43.92
CA ASP L 21 8.67 44.08 -43.41
C ASP L 21 8.56 45.37 -42.60
N ALA L 22 9.53 45.65 -41.74
CA ALA L 22 9.50 46.89 -40.97
C ALA L 22 9.61 48.10 -41.88
N TRP L 23 10.25 47.93 -43.05
CA TRP L 23 10.41 49.01 -44.00
C TRP L 23 9.10 49.36 -44.70
N GLU L 24 8.32 48.34 -45.08
CA GLU L 24 7.05 48.58 -45.77
C GLU L 24 6.09 49.39 -44.90
N LEU L 25 6.09 49.14 -43.59
CA LEU L 25 5.24 49.91 -42.69
C LEU L 25 5.69 51.37 -42.61
N ARG L 26 7.00 51.62 -42.53
CA ARG L 26 7.50 52.99 -42.58
C ARG L 26 7.16 53.63 -43.93
N LYS L 27 7.26 52.85 -45.00
CA LYS L 27 6.86 53.31 -46.32
C LYS L 27 5.42 53.81 -46.31
N ALA L 28 4.50 52.99 -45.78
CA ALA L 28 3.07 53.32 -45.80
C ALA L 28 2.73 54.50 -44.88
N PHE L 29 3.31 54.55 -43.70
CA PHE L 29 3.05 55.68 -42.80
C PHE L 29 3.63 56.98 -43.37
N MSE L 30 4.67 56.89 -44.19
CA MSE L 30 5.31 58.05 -44.77
C MSE L 30 4.50 58.61 -45.94
O MSE L 30 4.38 59.83 -46.08
CB MSE L 30 6.73 57.74 -45.23
CG MSE L 30 7.78 57.80 -44.11
SE MSE L 30 9.63 57.84 -44.72
CE MSE L 30 10.12 59.62 -44.10
N LEU L 31 3.93 57.73 -46.76
CA LEU L 31 3.09 58.20 -47.87
C LEU L 31 1.74 58.74 -47.38
N ALA L 32 1.19 58.17 -46.31
CA ALA L 32 -0.12 58.58 -45.81
C ALA L 32 -0.12 59.98 -45.23
N HIS L 33 1.04 60.50 -44.85
CA HIS L 33 1.12 61.83 -44.26
C HIS L 33 2.15 62.71 -44.97
N TYR L 34 2.68 62.24 -46.11
CA TYR L 34 3.61 63.01 -46.92
C TYR L 34 3.16 64.45 -47.13
N ASP L 35 1.88 64.63 -47.47
CA ASP L 35 1.33 65.95 -47.79
C ASP L 35 0.93 66.75 -46.56
N ASP L 36 1.45 66.44 -45.38
CA ASP L 36 1.07 67.17 -44.17
C ASP L 36 2.26 67.66 -43.35
N TYR L 37 3.48 67.25 -43.65
CA TYR L 37 4.63 67.58 -42.82
C TYR L 37 5.87 67.78 -43.68
N PRO L 38 6.78 68.66 -43.26
CA PRO L 38 8.07 68.81 -43.98
C PRO L 38 8.91 67.55 -43.88
N LYS L 39 9.92 67.48 -44.76
CA LYS L 39 10.74 66.28 -44.93
C LYS L 39 11.20 65.70 -43.60
N ILE L 40 11.89 66.50 -42.77
CA ILE L 40 12.50 65.98 -41.54
C ILE L 40 11.44 65.65 -40.50
N GLN L 41 10.31 66.37 -40.49
CA GLN L 41 9.22 66.05 -39.57
C GLN L 41 8.55 64.73 -39.91
N LEU L 42 8.42 64.43 -41.20
CA LEU L 42 7.87 63.14 -41.59
C LEU L 42 8.76 62.01 -41.14
N GLN L 43 10.08 62.16 -41.35
CA GLN L 43 11.06 61.19 -40.87
C GLN L 43 10.90 60.91 -39.39
N CYS L 44 10.73 61.96 -38.58
CA CYS L 44 10.59 61.77 -37.15
C CYS L 44 9.33 60.97 -36.81
N LEU L 45 8.18 61.43 -37.31
CA LEU L 45 6.91 60.79 -36.93
C LEU L 45 6.86 59.33 -37.38
N SER L 46 7.43 59.01 -38.54
CA SER L 46 7.39 57.64 -39.00
C SER L 46 8.27 56.74 -38.14
N GLN L 47 9.46 57.21 -37.77
CA GLN L 47 10.31 56.46 -36.85
C GLN L 47 9.64 56.35 -35.48
N LEU L 48 8.97 57.42 -35.06
CA LEU L 48 8.20 57.41 -33.81
C LEU L 48 7.11 56.36 -33.85
N PHE L 49 6.42 56.25 -34.99
CA PHE L 49 5.34 55.29 -35.15
C PHE L 49 5.85 53.86 -35.00
N ILE L 50 6.90 53.49 -35.73
CA ILE L 50 7.36 52.12 -35.69
C ILE L 50 8.08 51.81 -34.38
N ASN L 51 8.53 52.85 -33.66
CA ASN L 51 9.09 52.59 -32.33
C ASN L 51 8.02 52.17 -31.34
N VAL L 52 6.79 52.67 -31.51
CA VAL L 52 5.71 52.32 -30.60
C VAL L 52 5.17 50.94 -30.93
N THR L 53 4.87 50.69 -32.21
CA THR L 53 4.20 49.46 -32.60
C THR L 53 5.13 48.25 -32.61
N LEU L 54 6.34 48.39 -33.12
CA LEU L 54 7.21 47.22 -33.27
C LEU L 54 8.11 47.02 -32.07
N LEU L 55 8.81 48.07 -31.64
CA LEU L 55 9.80 47.93 -30.58
C LEU L 55 9.19 48.04 -29.18
N GLY L 56 8.01 48.64 -29.06
CA GLY L 56 7.33 48.75 -27.78
C GLY L 56 7.73 49.90 -26.91
N CYS L 57 8.14 51.02 -27.52
CA CYS L 57 8.61 52.18 -26.78
C CYS L 57 7.44 53.01 -26.30
N GLU L 58 7.66 53.69 -25.18
CA GLU L 58 6.69 54.63 -24.63
C GLU L 58 7.23 56.06 -24.69
N TYR L 59 6.36 56.99 -25.03
CA TYR L 59 6.71 58.39 -25.04
C TYR L 59 5.73 59.15 -24.15
N SER L 60 5.66 60.47 -24.30
CA SER L 60 4.80 61.29 -23.46
C SER L 60 3.35 60.87 -23.62
N GLN L 61 2.58 61.12 -22.56
CA GLN L 61 1.12 60.96 -22.53
C GLN L 61 0.46 61.36 -23.85
N THR L 62 0.84 62.53 -24.37
CA THR L 62 0.27 63.08 -25.60
C THR L 62 0.69 62.30 -26.84
N LEU L 63 1.98 61.97 -26.94
CA LEU L 63 2.51 61.35 -28.15
C LEU L 63 1.91 59.97 -28.39
N MSE L 64 1.60 59.25 -27.32
CA MSE L 64 0.95 57.94 -27.42
C MSE L 64 -0.40 58.07 -28.09
O MSE L 64 -0.87 57.13 -28.75
CB MSE L 64 0.81 57.34 -26.03
CG MSE L 64 2.16 57.12 -25.37
SE MSE L 64 3.28 55.94 -26.44
CE MSE L 64 2.99 54.29 -25.42
N GLN L 65 -1.04 59.21 -27.91
CA GLN L 65 -2.31 59.47 -28.58
C GLN L 65 -2.09 59.84 -30.04
N LYS L 66 -1.18 60.79 -30.30
CA LYS L 66 -1.00 61.27 -31.68
C LYS L 66 -0.54 60.15 -32.59
N ILE L 67 0.41 59.33 -32.13
CA ILE L 67 0.90 58.22 -32.93
C ILE L 67 -0.14 57.10 -33.07
N ARG L 68 -1.07 57.00 -32.12
CA ARG L 68 -2.15 56.02 -32.25
C ARG L 68 -3.16 56.45 -33.31
N THR L 69 -3.48 57.75 -33.38
CA THR L 69 -4.48 58.23 -34.32
C THR L 69 -4.01 58.12 -35.78
N MSE L 70 -2.74 58.39 -36.03
CA MSE L 70 -2.22 58.34 -37.40
C MSE L 70 -1.92 56.92 -37.89
O MSE L 70 -1.68 56.73 -39.08
CB MSE L 70 -0.95 59.19 -37.54
CG MSE L 70 -1.11 60.67 -37.22
SE MSE L 70 0.58 61.54 -36.70
CE MSE L 70 1.31 61.96 -38.47
N GLY L 71 -1.94 55.95 -36.99
CA GLY L 71 -1.47 54.60 -37.32
C GLY L 71 -2.53 53.53 -37.51
N ALA L 72 -3.75 53.78 -37.05
CA ALA L 72 -4.82 52.81 -37.19
C ALA L 72 -5.09 52.57 -38.67
N GLY L 73 -5.13 51.31 -39.08
CA GLY L 73 -5.40 50.98 -40.45
C GLY L 73 -4.18 50.80 -41.32
N ILE L 74 -2.98 50.93 -40.77
CA ILE L 74 -1.76 50.74 -41.55
C ILE L 74 -1.28 49.29 -41.39
S SO4 M . 22.02 -10.39 -30.29
O1 SO4 M . 21.51 -11.50 -29.49
O2 SO4 M . 21.41 -9.12 -29.91
O3 SO4 M . 23.47 -10.32 -30.07
O4 SO4 M . 21.63 -10.67 -31.68
S SO4 N . 9.43 16.78 -49.47
O1 SO4 N . 9.58 16.17 -50.80
O2 SO4 N . 8.03 17.14 -49.27
O3 SO4 N . 9.80 15.80 -48.45
O4 SO4 N . 10.29 17.96 -49.35
S SO4 O . 37.50 -5.43 -4.59
O1 SO4 O . 36.93 -6.67 -4.07
O2 SO4 O . 36.65 -4.27 -4.30
O3 SO4 O . 38.83 -5.20 -4.01
O4 SO4 O . 37.63 -5.55 -6.05
S SO4 P . 20.20 -12.47 1.47
O1 SO4 P . 19.96 -11.44 2.48
O2 SO4 P . 19.13 -13.45 1.45
O3 SO4 P . 20.25 -11.81 0.17
O4 SO4 P . 21.46 -13.15 1.78
S SO4 Q . 32.46 -1.83 -63.10
O1 SO4 Q . 32.87 -3.20 -63.45
O2 SO4 Q . 32.36 -1.02 -64.32
O3 SO4 Q . 31.15 -1.87 -62.47
O4 SO4 Q . 33.47 -1.24 -62.22
S SO4 R . 41.55 -0.42 -58.62
O1 SO4 R . 40.84 -0.35 -57.34
O2 SO4 R . 41.01 0.56 -59.55
O3 SO4 R . 42.98 -0.17 -58.41
O4 SO4 R . 41.38 -1.76 -59.19
S SO4 S . -16.33 -10.40 -28.44
O1 SO4 S . -16.35 -9.13 -27.70
O2 SO4 S . -17.27 -10.33 -29.55
O3 SO4 S . -14.99 -10.67 -28.98
O4 SO4 S . -16.67 -11.52 -27.56
S SO4 T . 8.49 -11.72 -36.18
O1 SO4 T . 8.97 -10.77 -35.18
O2 SO4 T . 7.06 -11.97 -35.93
O3 SO4 T . 8.72 -11.24 -37.55
O4 SO4 T . 9.24 -12.97 -36.02
S SO4 U . -28.61 -28.64 16.87
O1 SO4 U . -29.50 -29.38 17.77
O2 SO4 U . -28.66 -27.23 17.25
O3 SO4 U . -27.27 -29.20 17.06
O4 SO4 U . -29.00 -28.79 15.47
S SO4 V . -53.18 -46.93 -1.41
O1 SO4 V . -52.22 -45.87 -1.08
O2 SO4 V . -54.33 -46.69 -0.53
O3 SO4 V . -53.56 -46.75 -2.81
O4 SO4 V . -52.60 -48.28 -1.22
S SO4 W . -42.47 -22.75 14.92
O1 SO4 W . -42.70 -22.69 16.36
O2 SO4 W . -43.63 -22.22 14.21
O3 SO4 W . -41.29 -21.96 14.57
O4 SO4 W . -42.22 -24.15 14.56
S SO4 X . -0.24 39.81 12.76
O1 SO4 X . -1.56 39.24 12.93
O2 SO4 X . -0.37 41.22 12.48
O3 SO4 X . 0.47 39.55 14.00
O4 SO4 X . 0.47 39.20 11.67
S SO4 Y . -3.71 70.03 30.56
O1 SO4 Y . -4.99 69.67 29.92
O2 SO4 Y . -3.97 71.01 31.61
O3 SO4 Y . -3.09 68.87 31.18
O4 SO4 Y . -2.73 70.55 29.61
S SO4 Z . 10.53 13.60 23.67
O1 SO4 Z . 9.26 13.34 24.35
O2 SO4 Z . 10.43 13.15 22.29
O3 SO4 Z . 10.93 15.01 23.70
O4 SO4 Z . 11.58 12.88 24.37
S SO4 AA . -31.72 52.57 23.13
O1 SO4 AA . -32.20 51.22 22.85
O2 SO4 AA . -32.76 53.51 22.66
O3 SO4 AA . -31.48 52.78 24.57
O4 SO4 AA . -30.49 52.77 22.37
S SO4 BA . -36.14 52.66 15.78
O1 SO4 BA . -34.94 53.47 15.91
O2 SO4 BA . -37.15 53.44 15.08
O3 SO4 BA . -35.85 51.44 15.03
O4 SO4 BA . -36.61 52.31 17.12
S SO4 CA . -34.07 1.43 54.08
O1 SO4 CA . -34.78 2.17 55.12
O2 SO4 CA . -34.41 0.01 54.03
O3 SO4 CA . -34.30 2.07 52.79
O4 SO4 CA . -32.65 1.54 54.37
S SO4 DA . -30.77 10.64 42.55
O1 SO4 DA . -29.51 9.93 42.30
O2 SO4 DA . -30.70 11.96 41.91
O3 SO4 DA . -31.88 9.88 41.95
O4 SO4 DA . -30.97 10.77 43.99
S SO4 EA . -17.28 -15.43 53.34
O1 SO4 EA . -16.58 -16.08 52.23
O2 SO4 EA . -16.32 -15.15 54.42
O3 SO4 EA . -17.85 -14.20 52.80
O4 SO4 EA . -18.36 -16.27 53.85
S SO4 FA . -19.93 33.47 61.27
O1 SO4 FA . -20.67 34.67 60.91
O2 SO4 FA . -19.80 33.34 62.74
O3 SO4 FA . -20.68 32.35 60.68
O4 SO4 FA . -18.58 33.51 60.67
S SO4 GA . 14.71 -57.05 -31.14
O1 SO4 GA . 14.94 -57.83 -29.92
O2 SO4 GA . 15.46 -55.78 -31.02
O3 SO4 GA . 15.12 -57.80 -32.32
O4 SO4 GA . 13.30 -56.79 -31.28
S SO4 HA . 36.61 -68.02 -5.95
O1 SO4 HA . 37.80 -68.38 -5.16
O2 SO4 HA . 36.33 -66.59 -5.87
O3 SO4 HA . 36.86 -68.39 -7.34
O4 SO4 HA . 35.44 -68.75 -5.45
S SO4 IA . 5.82 -79.10 -5.37
O1 SO4 IA . 6.69 -78.55 -4.33
O2 SO4 IA . 5.51 -78.05 -6.33
O3 SO4 IA . 6.51 -80.22 -6.02
O4 SO4 IA . 4.58 -79.56 -4.77
S SO4 JA . 30.77 53.09 -20.61
O1 SO4 JA . 29.37 53.32 -20.92
O2 SO4 JA . 30.76 52.04 -19.59
O3 SO4 JA . 31.46 52.70 -21.84
O4 SO4 JA . 31.36 54.32 -20.08
S SO4 KA . 49.62 33.87 -44.28
O1 SO4 KA . 49.07 33.28 -45.49
O2 SO4 KA . 49.87 32.78 -43.34
O3 SO4 KA . 50.85 34.65 -44.50
O4 SO4 KA . 48.57 34.73 -43.73
S SO4 LA . 55.77 18.46 -35.12
O1 SO4 LA . 54.87 19.45 -34.53
O2 SO4 LA . 55.29 17.11 -34.84
O3 SO4 LA . 55.80 18.64 -36.57
O4 SO4 LA . 57.15 18.56 -34.60
S SO4 MA . 25.49 40.30 -25.32
O1 SO4 MA . 24.84 39.65 -26.47
O2 SO4 MA . 26.93 40.37 -25.53
O3 SO4 MA . 24.95 41.65 -25.19
O4 SO4 MA . 25.19 39.52 -24.12
#